data_1SUV
#
_entry.id   1SUV
#
_cell.length_a   1.0
_cell.length_b   1.0
_cell.length_c   1.0
_cell.angle_alpha   90.
_cell.angle_beta   90.
_cell.angle_gamma   90.
#
loop_
_entity.id
_entity.type
_entity.pdbx_description
1 polymer 'Transferrin receptor protein 1'
2 polymer 'Serotransferrin, N-lobe'
3 polymer 'Serotransferrin, C-lobe'
4 non-polymer 'CARBONATE ION'
5 non-polymer 'FE (III) ION'
#
loop_
_entity_poly.entity_id
_entity_poly.type
_entity_poly.pdbx_seq_one_letter_code
_entity_poly.pdbx_strand_id
1 'polypeptide(L)'
;LYWDDLKRKLSEKLDSTDFTSTIKLLNENSYVPREAGSQKDENLALYVENEFREFKLSKVWRDQHFVKIQVKDSAQNSVI
IVDKNGRLVYLVENPGGYVAYSKAATVTGKLVHANFGTKKDFEDLYTPVNGSIVIVRAGKITFAEKVANAESLNAIGVLI
YMDQTKFPIVNAELSFFGHAHLGTGDPYTPGFPSFNHTQFPPSRSSGLPNIPVQTISRAAAEKLFGNMEGDCPSDWKTDS
TCRMVTSESKNVKLTVSNVLKEIKILNIFGVIKGFVEPDHYVVVGAQRDAWGPGAAKSGVGTALLLKLAQMFSDMVLKDG
FQPSRSIIFASWSAGDFGSVGATEWLEGYLSSLHLKAFTYINLDKAVLGTSNFKVSASPLLYTLIEKTMQNVKHPVTGQF
LYQDSNWASKVEKLTLDNAAFPFLAYSGIPAVSFCFCEDTDYPYLGTTMDTYKELIERIPELNKVARAAAEVAGQFVIKL
THDVELNLDYEEYNSQLLSFVRDLNQYRADIKEMGLSLQWLYSARGDFFRATSRLTTDFGNAEKTDRFVMKKLNDRVMRV
EYHFLSPYVSPKESPFRHVFWGSGSHTLPALLENLKLRKQNNGAFNETLFRNQLALATWTIQGAANALSGDVWDIDNEF
;
A,B
2 'polypeptide(L)'
;DKTVRWCAVSEHEATKCQSFRDHMKSVIPSDGPSVACVKKASYLDCIRAIAANEADAVTLDAGLVYDAYLAPNNLKPVVA
EFYGSKEDPQTFYYAVAVVKKDSGFQMNQLRGKKSCHTGLGRSAGWNIPIGLLYCDLPEPRKPLEKAVANFFSGSCAPCA
DGTDFPQLCQLCPGCGCSTLNQYFGYSGAFKCLKDGAGDVAFVKHSTIFENLANKADRDQYELLCLDNTRKPVDEYKDCH
LAQVPSHTVVARSMGGKEDLIWELLNQAQEHFGKDKSKEFQLFSSPHGKDLLFKDSAHGFLKVPPRMDAKMYLGYEYVTA
IRNLREGTC
;
C,D
3 'polypeptide(L)'
;PDPLQDECKAVKWCALGHHERLKCDEWSVTSGGLIECESAETPEDCIAKIMNGEADAMSLDGGYVYIAGQCGLVPVLAEN
YESTDCKKAPEEGYLSVAVVKKSNPDINWNNLEGKKSCHTAVDRTAGWNIPMGLLYNRINHCRFDEFFRQGCAPGSQKNS
SLCELCVGPSVCAPNNREGYYGYTGAFRCLVEKGDVAFVKSQTVLQNTGGRNSEPWAKDLKEEDFELLCLDGTRKPVSEA
HNCHLAKAPNHAVVSRKDKAACVKQKLLDLQVEFGNTVADCSSKFCMFHSKTKDLLFRDDTKCLVDLRGKNTYEKYLGAD
YIKAVSNLRKCSTSRLLEACTFHKH
;
E,F
#
loop_
_chem_comp.id
_chem_comp.type
_chem_comp.name
_chem_comp.formula
CO3 non-polymer 'CARBONATE ION' 'C O3 -2'
FE non-polymer 'FE (III) ION' 'Fe 3'
#
# COMPACT_ATOMS: atom_id res chain seq x y z
N LEU A 1 11.52 24.98 -4.71
CA LEU A 1 11.64 25.59 -6.04
C LEU A 1 10.53 25.14 -6.98
N TYR A 2 10.28 25.92 -8.02
CA TYR A 2 9.25 25.57 -8.99
C TYR A 2 9.83 24.98 -10.26
N TRP A 3 8.98 24.34 -11.05
CA TRP A 3 9.41 23.69 -12.30
C TRP A 3 10.36 24.52 -13.13
N ASP A 4 9.98 25.75 -13.45
CA ASP A 4 10.84 26.63 -14.24
C ASP A 4 12.23 26.60 -13.67
N ASP A 5 12.33 26.78 -12.35
CA ASP A 5 13.62 26.77 -11.65
C ASP A 5 14.38 25.49 -11.96
N LEU A 6 13.77 24.36 -11.65
CA LEU A 6 14.39 23.08 -11.90
C LEU A 6 14.69 22.90 -13.36
N LYS A 7 13.78 23.35 -14.22
CA LYS A 7 14.00 23.20 -15.65
C LYS A 7 15.23 24.00 -16.05
N ARG A 8 15.23 25.28 -15.66
CA ARG A 8 16.32 26.19 -15.98
C ARG A 8 17.64 25.68 -15.43
N LYS A 9 17.64 25.30 -14.15
CA LYS A 9 18.86 24.79 -13.54
C LYS A 9 19.35 23.60 -14.33
N LEU A 10 18.57 22.53 -14.34
CA LEU A 10 18.91 21.32 -15.06
C LEU A 10 19.48 21.61 -16.44
N SER A 11 19.05 22.72 -17.05
CA SER A 11 19.54 23.04 -18.39
C SER A 11 20.97 23.53 -18.36
N GLU A 12 21.24 24.57 -17.59
CA GLU A 12 22.59 25.11 -17.52
C GLU A 12 23.58 24.03 -17.07
N LYS A 13 23.13 23.16 -16.17
CA LYS A 13 23.97 22.07 -15.69
C LYS A 13 24.26 21.20 -16.90
N LEU A 14 23.24 21.00 -17.74
CA LEU A 14 23.40 20.21 -18.95
C LEU A 14 24.23 21.01 -19.94
N ASP A 15 24.20 22.33 -19.81
CA ASP A 15 24.96 23.20 -20.69
C ASP A 15 26.45 23.11 -20.42
N SER A 16 26.81 22.63 -19.23
CA SER A 16 28.21 22.51 -18.84
C SER A 16 28.61 21.09 -18.42
N THR A 17 28.40 20.12 -19.30
CA THR A 17 28.76 18.74 -19.01
C THR A 17 29.26 18.06 -20.27
N ASP A 18 30.50 17.60 -20.22
CA ASP A 18 31.10 16.93 -21.38
C ASP A 18 30.71 15.46 -21.43
N PHE A 19 29.70 15.13 -22.22
CA PHE A 19 29.26 13.76 -22.35
C PHE A 19 30.19 12.98 -23.25
N THR A 20 30.69 13.67 -24.28
CA THR A 20 31.58 13.07 -25.26
C THR A 20 32.86 12.50 -24.62
N SER A 21 33.36 13.19 -23.61
CA SER A 21 34.57 12.76 -22.91
C SER A 21 34.36 11.41 -22.24
N THR A 22 33.27 11.32 -21.47
CA THR A 22 32.94 10.09 -20.75
C THR A 22 32.57 8.94 -21.69
N ILE A 23 32.02 9.27 -22.86
CA ILE A 23 31.67 8.24 -23.83
C ILE A 23 32.96 7.69 -24.39
N LYS A 24 33.99 8.52 -24.37
CA LYS A 24 35.31 8.13 -24.85
C LYS A 24 36.01 7.36 -23.72
N LEU A 25 36.07 7.98 -22.54
CA LEU A 25 36.70 7.36 -21.39
C LEU A 25 36.25 5.91 -21.30
N LEU A 26 34.96 5.69 -21.53
CA LEU A 26 34.41 4.35 -21.48
C LEU A 26 34.75 3.61 -22.75
N ASN A 27 35.95 3.87 -23.26
CA ASN A 27 36.43 3.21 -24.47
C ASN A 27 37.92 2.88 -24.36
N GLU A 28 38.58 3.49 -23.38
CA GLU A 28 40.00 3.23 -23.13
C GLU A 28 40.17 1.72 -22.95
N ASN A 29 41.35 1.20 -23.31
CA ASN A 29 41.55 -0.24 -23.17
C ASN A 29 41.31 -0.74 -21.74
N SER A 30 41.15 0.19 -20.81
CA SER A 30 40.88 -0.16 -19.41
C SER A 30 39.59 -0.97 -19.32
N TYR A 31 38.65 -0.66 -20.21
CA TYR A 31 37.38 -1.36 -20.26
C TYR A 31 36.80 -1.35 -21.67
N VAL A 32 37.45 -2.02 -22.60
CA VAL A 32 36.95 -2.04 -23.95
C VAL A 32 36.23 -3.33 -24.31
N PRO A 33 36.92 -4.48 -24.37
CA PRO A 33 36.04 -5.60 -24.70
C PRO A 33 35.34 -6.04 -23.41
N ARG A 34 34.52 -5.13 -22.88
CA ARG A 34 33.77 -5.36 -21.65
C ARG A 34 32.64 -6.37 -21.83
N GLU A 35 32.98 -7.58 -22.22
CA GLU A 35 31.97 -8.60 -22.39
C GLU A 35 31.28 -8.80 -21.06
N ALA A 36 30.17 -9.53 -21.07
CA ALA A 36 29.42 -9.78 -19.85
C ALA A 36 30.24 -10.66 -18.91
N GLY A 37 30.35 -10.20 -17.67
CA GLY A 37 31.08 -10.96 -16.68
C GLY A 37 32.56 -11.09 -16.96
N SER A 38 33.12 -10.14 -17.70
CA SER A 38 34.54 -10.16 -18.02
C SER A 38 35.27 -9.32 -16.98
N GLN A 39 36.58 -9.19 -17.14
CA GLN A 39 37.36 -8.38 -16.21
C GLN A 39 37.08 -6.92 -16.48
N LYS A 40 37.12 -6.54 -17.75
CA LYS A 40 36.86 -5.17 -18.16
C LYS A 40 35.50 -4.79 -17.58
N ASP A 41 34.53 -5.68 -17.80
CA ASP A 41 33.19 -5.50 -17.30
C ASP A 41 33.32 -5.03 -15.84
N GLU A 42 33.85 -5.94 -15.03
CA GLU A 42 34.06 -5.71 -13.60
C GLU A 42 34.82 -4.43 -13.34
N ASN A 43 35.66 -4.03 -14.28
CA ASN A 43 36.44 -2.81 -14.12
C ASN A 43 35.52 -1.61 -14.14
N LEU A 44 34.80 -1.44 -15.24
CA LEU A 44 33.88 -0.31 -15.37
C LEU A 44 32.87 -0.32 -14.25
N ALA A 45 32.45 -1.53 -13.87
CA ALA A 45 31.48 -1.69 -12.80
C ALA A 45 31.97 -0.93 -11.56
N LEU A 46 33.19 -1.25 -11.14
CA LEU A 46 33.76 -0.61 -9.97
C LEU A 46 33.97 0.87 -10.23
N TYR A 47 34.13 1.25 -11.49
CA TYR A 47 34.34 2.65 -11.83
C TYR A 47 33.06 3.40 -11.53
N VAL A 48 31.96 2.88 -12.06
CA VAL A 48 30.66 3.49 -11.84
C VAL A 48 30.39 3.54 -10.35
N GLU A 49 30.60 2.40 -9.69
CA GLU A 49 30.37 2.29 -8.25
C GLU A 49 31.07 3.38 -7.47
N ASN A 50 32.35 3.60 -7.80
CA ASN A 50 33.13 4.63 -7.12
C ASN A 50 32.66 6.02 -7.52
N GLU A 51 32.46 6.22 -8.82
CA GLU A 51 31.99 7.51 -9.30
C GLU A 51 30.76 7.92 -8.50
N PHE A 52 29.83 6.97 -8.32
CA PHE A 52 28.62 7.23 -7.54
C PHE A 52 29.01 7.70 -6.15
N ARG A 53 29.93 6.96 -5.52
CA ARG A 53 30.39 7.32 -4.19
C ARG A 53 30.98 8.71 -4.26
N GLU A 54 31.82 8.95 -5.28
CA GLU A 54 32.44 10.25 -5.45
C GLU A 54 31.37 11.32 -5.62
N PHE A 55 30.29 10.97 -6.32
CA PHE A 55 29.21 11.91 -6.53
C PHE A 55 28.59 12.30 -5.22
N LYS A 56 29.05 11.65 -4.16
CA LYS A 56 28.57 11.95 -2.82
C LYS A 56 27.08 11.67 -2.64
N LEU A 57 26.52 10.84 -3.51
CA LEU A 57 25.09 10.53 -3.38
C LEU A 57 24.91 9.60 -2.18
N SER A 58 23.68 9.44 -1.72
CA SER A 58 23.41 8.58 -0.57
C SER A 58 23.79 7.13 -0.84
N LYS A 59 23.26 6.20 -0.05
CA LYS A 59 23.56 4.79 -0.24
C LYS A 59 23.82 4.39 -1.68
N VAL A 60 24.78 3.49 -1.86
CA VAL A 60 25.16 2.96 -3.17
C VAL A 60 25.71 1.57 -2.90
N TRP A 61 25.18 0.57 -3.59
CA TRP A 61 25.62 -0.80 -3.34
C TRP A 61 25.89 -1.62 -4.60
N ARG A 62 26.11 -2.91 -4.42
CA ARG A 62 26.38 -3.82 -5.53
C ARG A 62 25.30 -4.89 -5.57
N ASP A 63 25.10 -5.50 -6.72
CA ASP A 63 24.13 -6.57 -6.83
C ASP A 63 24.80 -7.73 -7.55
N GLN A 64 25.10 -8.77 -6.79
CA GLN A 64 25.79 -9.95 -7.31
C GLN A 64 24.82 -10.97 -7.91
N HIS A 65 25.29 -11.72 -8.90
CA HIS A 65 24.45 -12.72 -9.56
C HIS A 65 25.29 -13.73 -10.33
N PHE A 66 24.83 -14.98 -10.37
CA PHE A 66 25.53 -16.03 -11.11
C PHE A 66 24.60 -16.65 -12.15
N VAL A 67 24.65 -16.14 -13.36
CA VAL A 67 23.78 -16.66 -14.41
C VAL A 67 24.61 -17.42 -15.43
N LYS A 68 23.97 -18.33 -16.14
CA LYS A 68 24.67 -19.09 -17.17
C LYS A 68 24.62 -18.38 -18.54
N ILE A 69 25.79 -17.97 -19.02
CA ILE A 69 25.92 -17.31 -20.31
C ILE A 69 26.51 -18.32 -21.27
N GLN A 70 26.37 -18.07 -22.57
CA GLN A 70 26.95 -18.99 -23.55
C GLN A 70 28.10 -18.31 -24.29
N VAL A 71 29.18 -19.04 -24.49
CA VAL A 71 30.34 -18.51 -25.16
C VAL A 71 30.88 -19.46 -26.22
N LYS A 72 31.69 -18.90 -27.11
CA LYS A 72 32.30 -19.62 -28.20
C LYS A 72 33.31 -20.64 -27.66
N ASP A 73 33.09 -21.91 -27.99
CA ASP A 73 33.97 -23.00 -27.55
C ASP A 73 35.30 -22.94 -28.31
N SER A 74 36.35 -23.49 -27.70
CA SER A 74 37.67 -23.52 -28.32
C SER A 74 37.58 -24.04 -29.76
N ALA A 75 36.64 -24.97 -29.98
CA ALA A 75 36.42 -25.53 -31.32
C ALA A 75 35.78 -24.45 -32.19
N GLN A 76 36.27 -24.31 -33.42
CA GLN A 76 35.74 -23.30 -34.32
C GLN A 76 34.39 -23.59 -34.97
N ASN A 77 33.52 -22.58 -34.93
CA ASN A 77 32.18 -22.64 -35.52
C ASN A 77 32.36 -22.30 -37.00
N SER A 78 31.64 -23.01 -37.87
CA SER A 78 31.78 -22.75 -39.29
C SER A 78 30.64 -23.19 -40.20
N VAL A 79 30.60 -22.54 -41.35
CA VAL A 79 29.61 -22.81 -42.40
C VAL A 79 30.42 -23.27 -43.60
N ILE A 80 30.02 -24.40 -44.18
CA ILE A 80 30.73 -24.94 -45.34
C ILE A 80 29.79 -25.57 -46.36
N ILE A 81 29.93 -25.15 -47.62
CA ILE A 81 29.10 -25.70 -48.69
C ILE A 81 29.60 -27.09 -49.01
N VAL A 82 28.67 -28.03 -49.12
CA VAL A 82 29.04 -29.41 -49.39
C VAL A 82 27.84 -30.20 -49.88
N ASP A 83 28.10 -31.26 -50.65
CA ASP A 83 27.05 -32.12 -51.19
C ASP A 83 26.65 -33.23 -50.22
N LYS A 84 26.08 -34.29 -50.77
CA LYS A 84 25.64 -35.44 -49.98
C LYS A 84 26.88 -36.18 -49.49
N ASN A 85 27.99 -35.45 -49.49
CA ASN A 85 29.31 -35.95 -49.08
C ASN A 85 30.32 -34.92 -49.61
N GLY A 86 31.58 -35.34 -49.76
CA GLY A 86 32.62 -34.47 -50.29
C GLY A 86 32.43 -32.97 -50.09
N ARG A 87 32.93 -32.47 -48.97
CA ARG A 87 32.81 -31.05 -48.63
C ARG A 87 33.51 -30.13 -49.63
N LEU A 88 32.88 -29.92 -50.78
CA LEU A 88 33.49 -29.07 -51.81
C LEU A 88 33.71 -27.65 -51.30
N VAL A 89 33.95 -26.73 -52.24
CA VAL A 89 34.19 -25.32 -51.96
C VAL A 89 35.22 -25.02 -50.87
N TYR A 90 35.59 -23.75 -50.80
CA TYR A 90 36.53 -23.24 -49.83
C TYR A 90 35.77 -23.14 -48.50
N LEU A 91 36.50 -23.04 -47.40
CA LEU A 91 35.87 -22.93 -46.09
C LEU A 91 35.16 -21.58 -46.09
N VAL A 92 33.93 -21.57 -46.60
CA VAL A 92 33.12 -20.34 -46.69
C VAL A 92 33.50 -19.35 -45.59
N GLU A 93 33.40 -19.79 -44.34
CA GLU A 93 33.76 -18.94 -43.22
C GLU A 93 33.63 -19.57 -41.83
N ASN A 94 34.60 -19.24 -40.99
CA ASN A 94 34.68 -19.64 -39.59
C ASN A 94 34.25 -18.36 -38.88
N PRO A 95 32.93 -18.12 -38.82
CA PRO A 95 32.37 -16.92 -38.18
C PRO A 95 33.17 -16.36 -36.99
N GLY A 96 33.35 -15.04 -36.98
CA GLY A 96 34.09 -14.39 -35.91
C GLY A 96 33.25 -14.15 -34.66
N GLY A 97 31.95 -14.04 -34.83
CA GLY A 97 31.04 -13.83 -33.71
C GLY A 97 30.12 -15.03 -33.55
N TYR A 98 29.09 -14.92 -32.72
CA TYR A 98 28.18 -16.03 -32.52
C TYR A 98 26.85 -15.59 -31.95
N VAL A 99 25.90 -16.51 -31.99
CA VAL A 99 24.55 -16.26 -31.46
C VAL A 99 24.45 -17.03 -30.13
N ALA A 100 24.42 -16.28 -29.02
CA ALA A 100 24.35 -16.92 -27.71
C ALA A 100 23.18 -17.89 -27.59
N TYR A 101 23.19 -18.67 -26.52
CA TYR A 101 22.13 -19.63 -26.27
C TYR A 101 21.72 -20.43 -27.49
N SER A 102 22.55 -20.44 -28.52
CA SER A 102 22.24 -21.21 -29.72
C SER A 102 22.38 -22.70 -29.43
N LYS A 103 21.57 -23.52 -30.10
CA LYS A 103 21.64 -24.96 -29.90
C LYS A 103 23.04 -25.41 -30.26
N ALA A 104 23.69 -26.13 -29.32
CA ALA A 104 25.04 -26.61 -29.57
C ALA A 104 24.95 -27.89 -30.39
N ALA A 105 25.14 -27.75 -31.70
CA ALA A 105 25.07 -28.89 -32.60
C ALA A 105 25.64 -28.55 -33.97
N THR A 106 25.50 -29.50 -34.89
CA THR A 106 25.99 -29.34 -36.25
C THR A 106 25.15 -30.18 -37.21
N VAL A 107 24.61 -29.52 -38.23
CA VAL A 107 23.79 -30.19 -39.24
C VAL A 107 23.98 -29.56 -40.61
N THR A 108 23.58 -30.30 -41.64
CA THR A 108 23.69 -29.84 -43.01
C THR A 108 22.46 -30.18 -43.84
N GLY A 109 22.22 -29.37 -44.88
CA GLY A 109 21.08 -29.59 -45.75
C GLY A 109 20.85 -28.39 -46.65
N LYS A 110 19.67 -28.33 -47.25
CA LYS A 110 19.31 -27.24 -48.16
C LYS A 110 19.40 -25.90 -47.43
N LEU A 111 19.50 -24.82 -48.19
CA LEU A 111 19.59 -23.49 -47.58
C LEU A 111 18.66 -22.43 -48.20
N VAL A 112 17.49 -22.27 -47.59
CA VAL A 112 16.50 -21.30 -48.05
C VAL A 112 16.84 -19.92 -47.50
N HIS A 113 16.34 -18.87 -48.14
CA HIS A 113 16.62 -17.50 -47.70
C HIS A 113 15.35 -16.71 -47.44
N ALA A 114 14.83 -16.81 -46.22
CA ALA A 114 13.61 -16.10 -45.83
C ALA A 114 13.90 -14.69 -45.34
N ASN A 115 13.83 -13.73 -46.25
CA ASN A 115 14.07 -12.32 -45.93
C ASN A 115 13.67 -11.96 -44.50
N PHE A 116 14.47 -11.09 -43.88
CA PHE A 116 14.22 -10.63 -42.52
C PHE A 116 13.67 -11.68 -41.57
N GLY A 117 14.59 -12.47 -41.02
CA GLY A 117 14.23 -13.51 -40.07
C GLY A 117 12.80 -14.02 -40.14
N THR A 118 12.36 -14.38 -41.34
CA THR A 118 11.02 -14.91 -41.55
C THR A 118 9.93 -13.95 -41.07
N LYS A 119 10.26 -13.13 -40.08
CA LYS A 119 9.31 -12.17 -39.55
C LYS A 119 8.05 -12.90 -39.10
N LYS A 120 8.07 -14.23 -39.20
CA LYS A 120 6.93 -15.07 -38.84
C LYS A 120 5.94 -14.92 -39.99
N ASP A 121 5.91 -13.70 -40.53
CA ASP A 121 5.04 -13.32 -41.63
C ASP A 121 5.64 -13.83 -42.94
N PHE A 122 6.87 -13.40 -43.20
CA PHE A 122 7.59 -13.77 -44.41
C PHE A 122 7.66 -15.27 -44.66
N GLU A 123 7.43 -16.09 -43.64
CA GLU A 123 7.47 -17.54 -43.82
C GLU A 123 6.42 -17.99 -44.82
N ASP A 124 5.43 -17.14 -45.05
CA ASP A 124 4.38 -17.45 -46.02
C ASP A 124 4.90 -17.12 -47.43
N LEU A 125 5.94 -17.83 -47.82
CA LEU A 125 6.57 -17.66 -49.13
C LEU A 125 6.51 -19.01 -49.86
N TYR A 126 6.86 -19.01 -51.15
CA TYR A 126 6.83 -20.21 -51.98
C TYR A 126 7.63 -21.43 -51.49
N THR A 127 8.96 -21.33 -51.56
CA THR A 127 9.85 -22.41 -51.15
C THR A 127 9.67 -22.80 -49.67
N PRO A 128 9.43 -24.09 -49.41
CA PRO A 128 9.25 -24.59 -48.04
C PRO A 128 10.57 -24.79 -47.31
N VAL A 129 10.55 -24.58 -45.99
CA VAL A 129 11.76 -24.75 -45.17
C VAL A 129 11.65 -26.03 -44.37
N ASN A 130 10.65 -26.83 -44.71
CA ASN A 130 10.39 -28.11 -44.06
C ASN A 130 11.65 -29.00 -44.09
N GLY A 131 12.50 -28.84 -43.09
CA GLY A 131 13.72 -29.62 -43.00
C GLY A 131 14.87 -29.10 -43.84
N SER A 132 15.33 -27.88 -43.54
CA SER A 132 16.44 -27.28 -44.29
C SER A 132 16.94 -26.01 -43.61
N ILE A 133 18.24 -25.78 -43.70
CA ILE A 133 18.84 -24.60 -43.09
C ILE A 133 18.27 -23.34 -43.72
N VAL A 134 18.26 -22.25 -42.98
CA VAL A 134 17.69 -20.99 -43.48
C VAL A 134 18.58 -19.76 -43.25
N ILE A 135 18.50 -18.83 -44.20
CA ILE A 135 19.25 -17.58 -44.12
C ILE A 135 18.25 -16.46 -43.88
N VAL A 136 18.64 -15.45 -43.12
CA VAL A 136 17.76 -14.32 -42.85
C VAL A 136 18.58 -13.06 -42.62
N ARG A 137 17.97 -11.91 -42.85
CA ARG A 137 18.64 -10.63 -42.68
C ARG A 137 18.42 -10.15 -41.25
N ALA A 138 19.36 -9.40 -40.72
CA ALA A 138 19.21 -8.87 -39.37
C ALA A 138 18.32 -7.65 -39.52
N GLY A 139 17.11 -7.70 -38.98
CA GLY A 139 16.25 -6.54 -39.11
C GLY A 139 14.99 -6.37 -38.29
N LYS A 140 13.86 -6.31 -38.99
CA LYS A 140 12.55 -6.11 -38.39
C LYS A 140 12.29 -6.79 -37.04
N ILE A 141 12.82 -7.99 -36.83
CA ILE A 141 12.60 -8.67 -35.57
C ILE A 141 13.91 -9.02 -34.87
N THR A 142 13.81 -9.80 -33.79
CA THR A 142 14.98 -10.20 -33.03
C THR A 142 15.39 -11.61 -33.42
N PHE A 143 16.70 -11.88 -33.37
CA PHE A 143 17.23 -13.20 -33.70
C PHE A 143 16.35 -14.24 -33.05
N ALA A 144 16.12 -14.06 -31.74
CA ALA A 144 15.30 -14.97 -30.97
C ALA A 144 14.06 -15.35 -31.77
N GLU A 145 13.32 -14.33 -32.20
CA GLU A 145 12.11 -14.53 -32.98
C GLU A 145 12.42 -15.15 -34.33
N LYS A 146 13.42 -14.61 -35.02
CA LYS A 146 13.80 -15.16 -36.33
C LYS A 146 13.96 -16.67 -36.22
N VAL A 147 14.81 -17.09 -35.29
CA VAL A 147 15.06 -18.52 -35.08
C VAL A 147 13.79 -19.25 -34.70
N ALA A 148 13.10 -18.73 -33.69
CA ALA A 148 11.85 -19.32 -33.20
C ALA A 148 10.92 -19.73 -34.34
N ASN A 149 10.65 -18.78 -35.23
CA ASN A 149 9.76 -19.03 -36.38
C ASN A 149 10.37 -20.11 -37.27
N ALA A 150 11.65 -19.94 -37.59
CA ALA A 150 12.33 -20.91 -38.44
C ALA A 150 12.05 -22.32 -37.94
N GLU A 151 12.24 -22.54 -36.64
CA GLU A 151 12.02 -23.83 -36.03
C GLU A 151 10.55 -24.23 -35.94
N SER A 152 9.67 -23.23 -35.84
CA SER A 152 8.25 -23.52 -35.77
C SER A 152 7.81 -24.13 -37.10
N LEU A 153 8.58 -23.87 -38.15
CA LEU A 153 8.30 -24.40 -39.47
C LEU A 153 9.14 -25.64 -39.76
N ASN A 154 9.72 -26.19 -38.70
CA ASN A 154 10.54 -27.40 -38.78
C ASN A 154 11.87 -27.29 -39.50
N ALA A 155 12.44 -26.09 -39.53
CA ALA A 155 13.73 -25.88 -40.17
C ALA A 155 14.81 -26.32 -39.19
N ILE A 156 16.08 -26.17 -39.60
CA ILE A 156 17.22 -26.50 -38.75
C ILE A 156 18.33 -25.56 -39.15
N GLY A 157 19.03 -25.02 -38.17
CA GLY A 157 20.10 -24.09 -38.48
C GLY A 157 19.57 -22.81 -39.12
N VAL A 158 20.12 -21.69 -38.68
CA VAL A 158 19.72 -20.39 -39.19
C VAL A 158 20.94 -19.49 -39.23
N LEU A 159 21.13 -18.81 -40.35
CA LEU A 159 22.26 -17.91 -40.49
C LEU A 159 21.70 -16.50 -40.56
N ILE A 160 22.37 -15.58 -39.87
CA ILE A 160 21.94 -14.18 -39.86
C ILE A 160 23.06 -13.29 -40.40
N TYR A 161 22.78 -12.51 -41.44
CA TYR A 161 23.79 -11.64 -42.02
C TYR A 161 23.28 -10.21 -42.18
N MET A 162 24.20 -9.26 -42.27
CA MET A 162 23.84 -7.86 -42.44
C MET A 162 23.99 -7.43 -43.90
N ASP A 163 22.92 -7.50 -44.67
CA ASP A 163 22.98 -7.11 -46.08
C ASP A 163 23.49 -5.68 -46.26
N GLN A 164 23.80 -5.32 -47.50
CA GLN A 164 24.35 -4.00 -47.82
C GLN A 164 23.35 -2.85 -47.76
N THR A 165 22.15 -3.06 -48.28
CA THR A 165 21.11 -2.03 -48.28
C THR A 165 20.74 -1.60 -46.85
N LYS A 166 20.39 -2.59 -46.03
CA LYS A 166 20.00 -2.37 -44.64
C LYS A 166 21.20 -1.95 -43.80
N PHE A 167 22.35 -2.56 -44.08
CA PHE A 167 23.57 -2.25 -43.34
C PHE A 167 24.70 -1.77 -44.26
N PRO A 168 24.71 -0.46 -44.55
CA PRO A 168 25.68 0.23 -45.41
C PRO A 168 27.08 0.28 -44.81
N ILE A 169 27.62 -0.88 -44.43
CA ILE A 169 28.96 -0.93 -43.86
C ILE A 169 29.94 -1.19 -45.00
N VAL A 170 30.95 -0.34 -45.12
CA VAL A 170 31.96 -0.50 -46.16
C VAL A 170 32.60 -1.89 -46.11
N ASN A 171 33.01 -2.30 -44.90
CA ASN A 171 33.64 -3.59 -44.69
C ASN A 171 32.59 -4.72 -44.72
N ALA A 172 32.83 -5.72 -45.57
CA ALA A 172 31.92 -6.85 -45.69
C ALA A 172 32.51 -8.09 -45.03
N GLU A 173 33.67 -7.91 -44.41
CA GLU A 173 34.36 -8.99 -43.70
C GLU A 173 34.09 -8.84 -42.21
N LEU A 174 33.06 -8.06 -41.90
CA LEU A 174 32.66 -7.80 -40.51
C LEU A 174 31.65 -8.78 -39.96
N SER A 175 31.89 -9.22 -38.71
CA SER A 175 31.02 -10.15 -38.01
C SER A 175 30.42 -9.55 -36.74
N PHE A 176 29.18 -9.95 -36.43
CA PHE A 176 28.46 -9.43 -35.28
C PHE A 176 28.00 -10.48 -34.26
N PHE A 177 27.66 -10.02 -33.06
CA PHE A 177 27.21 -10.85 -31.94
C PHE A 177 25.70 -11.01 -31.81
N GLY A 178 25.27 -12.23 -31.47
CA GLY A 178 23.85 -12.52 -31.34
C GLY A 178 23.32 -12.93 -29.98
N HIS A 179 22.00 -13.06 -29.90
CA HIS A 179 21.31 -13.41 -28.67
C HIS A 179 20.65 -14.79 -28.76
N ALA A 180 19.47 -14.86 -29.36
CA ALA A 180 18.74 -16.11 -29.57
C ALA A 180 17.76 -16.61 -28.50
N HIS A 181 17.70 -15.95 -27.35
CA HIS A 181 16.78 -16.36 -26.28
C HIS A 181 15.43 -15.67 -26.40
N LEU A 182 14.39 -16.47 -26.61
CA LEU A 182 13.05 -15.92 -26.73
C LEU A 182 12.53 -15.52 -25.36
N GLY A 183 13.28 -14.68 -24.67
CA GLY A 183 12.88 -14.26 -23.35
C GLY A 183 13.77 -13.17 -22.82
N THR A 184 13.82 -13.03 -21.50
CA THR A 184 14.64 -12.00 -20.89
C THR A 184 15.40 -12.52 -19.68
N GLY A 185 16.72 -12.38 -19.70
CA GLY A 185 17.53 -12.84 -18.58
C GLY A 185 17.94 -14.30 -18.67
N ASP A 186 18.66 -14.78 -17.66
CA ASP A 186 19.10 -16.17 -17.61
C ASP A 186 17.93 -17.08 -17.99
N PRO A 187 18.10 -17.92 -19.02
CA PRO A 187 17.06 -18.83 -19.49
C PRO A 187 16.82 -20.08 -18.66
N TYR A 188 17.19 -20.05 -17.39
CA TYR A 188 17.00 -21.20 -16.52
C TYR A 188 16.40 -20.80 -15.16
N THR A 189 16.20 -19.48 -14.98
CA THR A 189 15.65 -18.92 -13.75
C THR A 189 14.47 -18.02 -14.07
N PRO A 190 13.43 -18.55 -14.78
CA PRO A 190 12.19 -17.85 -15.20
C PRO A 190 11.19 -17.47 -14.09
N GLY A 191 11.27 -16.21 -13.66
CA GLY A 191 10.39 -15.72 -12.61
C GLY A 191 11.07 -15.68 -11.25
N PHE A 192 11.94 -16.65 -11.02
CA PHE A 192 12.67 -16.74 -9.76
C PHE A 192 14.16 -16.59 -10.00
N PRO A 193 14.89 -15.93 -9.09
CA PRO A 193 16.33 -15.71 -9.20
C PRO A 193 17.18 -16.99 -9.27
N SER A 194 18.40 -16.83 -9.78
CA SER A 194 19.34 -17.94 -9.94
C SER A 194 20.22 -18.14 -8.73
N PHE A 195 21.00 -19.22 -8.73
CA PHE A 195 21.90 -19.51 -7.62
C PHE A 195 23.31 -19.80 -8.13
N ASN A 196 23.85 -20.95 -7.74
CA ASN A 196 25.17 -21.42 -8.15
C ASN A 196 24.91 -22.36 -9.33
N HIS A 197 25.95 -22.96 -9.87
CA HIS A 197 25.75 -23.93 -10.92
C HIS A 197 25.69 -25.24 -10.15
N THR A 198 26.51 -25.28 -9.09
CA THR A 198 26.59 -26.44 -8.22
C THR A 198 25.19 -26.78 -7.75
N GLN A 199 24.38 -25.74 -7.56
CA GLN A 199 23.00 -25.89 -7.14
C GLN A 199 22.07 -25.46 -8.27
N PHE A 200 21.01 -26.22 -8.51
CA PHE A 200 20.05 -25.89 -9.56
C PHE A 200 20.80 -25.67 -10.89
N PRO A 201 21.27 -26.76 -11.54
CA PRO A 201 22.00 -26.60 -12.79
C PRO A 201 21.38 -27.14 -14.08
N PRO A 202 20.05 -27.00 -14.26
CA PRO A 202 19.50 -27.54 -15.52
C PRO A 202 20.29 -27.08 -16.75
N SER A 203 20.23 -27.87 -17.82
CA SER A 203 20.96 -27.57 -19.04
C SER A 203 20.38 -26.42 -19.88
N ARG A 204 19.20 -26.64 -20.48
CA ARG A 204 18.57 -25.59 -21.28
C ARG A 204 17.22 -25.98 -21.90
N SER A 205 16.97 -25.48 -23.11
CA SER A 205 15.73 -25.73 -23.85
C SER A 205 14.49 -25.15 -23.16
N SER A 206 14.74 -24.44 -22.05
CA SER A 206 13.69 -23.82 -21.27
C SER A 206 13.32 -22.49 -21.94
N GLY A 207 12.95 -22.57 -23.21
CA GLY A 207 12.61 -21.39 -23.98
C GLY A 207 13.78 -21.00 -24.87
N LEU A 208 14.65 -21.99 -25.12
CA LEU A 208 15.83 -21.77 -25.94
C LEU A 208 15.76 -22.56 -27.25
N PRO A 209 16.28 -21.96 -28.34
CA PRO A 209 16.34 -22.46 -29.72
C PRO A 209 16.16 -23.95 -30.00
N ASN A 210 17.19 -24.75 -29.73
CA ASN A 210 17.13 -26.19 -30.00
C ASN A 210 17.45 -26.38 -31.49
N ILE A 211 17.95 -25.30 -32.08
CA ILE A 211 18.33 -25.27 -33.49
C ILE A 211 19.54 -24.35 -33.59
N PRO A 212 20.64 -24.85 -34.17
CA PRO A 212 21.86 -24.03 -34.29
C PRO A 212 21.62 -22.70 -35.01
N VAL A 213 22.13 -21.64 -34.43
CA VAL A 213 21.98 -20.31 -35.01
C VAL A 213 23.35 -19.69 -35.11
N GLN A 214 23.74 -19.27 -36.31
CA GLN A 214 25.05 -18.65 -36.50
C GLN A 214 25.03 -17.34 -37.29
N THR A 215 25.73 -16.35 -36.76
CA THR A 215 25.82 -15.06 -37.43
C THR A 215 26.87 -15.24 -38.53
N ILE A 216 26.62 -14.66 -39.70
CA ILE A 216 27.53 -14.76 -40.84
C ILE A 216 27.88 -13.39 -41.42
N SER A 217 29.13 -13.24 -41.87
CA SER A 217 29.59 -11.98 -42.46
C SER A 217 29.03 -11.81 -43.87
N ARG A 218 28.73 -10.56 -44.25
CA ARG A 218 28.17 -10.27 -45.58
C ARG A 218 28.96 -11.01 -46.65
N ALA A 219 30.28 -10.92 -46.54
CA ALA A 219 31.17 -11.59 -47.47
C ALA A 219 30.75 -13.05 -47.61
N ALA A 220 30.61 -13.71 -46.46
CA ALA A 220 30.21 -15.12 -46.44
C ALA A 220 28.85 -15.30 -47.10
N ALA A 221 27.94 -14.37 -46.80
CA ALA A 221 26.60 -14.41 -47.38
C ALA A 221 26.76 -14.41 -48.90
N GLU A 222 27.58 -13.48 -49.40
CA GLU A 222 27.85 -13.34 -50.82
C GLU A 222 28.09 -14.72 -51.41
N LYS A 223 29.12 -15.39 -50.89
CA LYS A 223 29.49 -16.72 -51.34
C LYS A 223 28.35 -17.73 -51.32
N LEU A 224 27.57 -17.73 -50.24
CA LEU A 224 26.45 -18.66 -50.15
C LEU A 224 25.52 -18.49 -51.34
N PHE A 225 25.09 -17.25 -51.56
CA PHE A 225 24.22 -16.90 -52.67
C PHE A 225 24.88 -17.32 -53.97
N GLY A 226 26.20 -17.26 -53.99
CA GLY A 226 26.96 -17.66 -55.16
C GLY A 226 26.66 -19.09 -55.55
N ASN A 227 26.33 -19.91 -54.56
CA ASN A 227 26.00 -21.31 -54.80
C ASN A 227 24.51 -21.56 -54.63
N MET A 228 23.69 -20.66 -55.17
CA MET A 228 22.25 -20.79 -55.08
C MET A 228 21.59 -20.46 -56.41
N GLU A 229 20.65 -21.31 -56.82
CA GLU A 229 19.93 -21.14 -58.08
C GLU A 229 18.83 -20.08 -58.04
N GLY A 230 17.94 -20.16 -57.03
CA GLY A 230 16.86 -19.20 -56.90
C GLY A 230 17.26 -17.73 -57.06
N ASP A 231 16.27 -16.86 -57.25
CA ASP A 231 16.55 -15.44 -57.42
C ASP A 231 15.75 -14.56 -56.47
N CYS A 232 16.46 -13.70 -55.73
CA CYS A 232 15.86 -12.78 -54.76
C CYS A 232 14.85 -11.81 -55.36
N PRO A 233 13.63 -11.74 -54.76
CA PRO A 233 12.49 -10.89 -55.15
C PRO A 233 12.67 -9.38 -54.91
N SER A 234 11.82 -8.60 -55.56
CA SER A 234 11.84 -7.15 -55.42
C SER A 234 10.92 -6.77 -54.26
N ASP A 235 10.03 -7.71 -53.90
CA ASP A 235 9.11 -7.53 -52.78
C ASP A 235 10.03 -7.15 -51.61
N TRP A 236 11.12 -7.93 -51.46
CA TRP A 236 12.12 -7.68 -50.43
C TRP A 236 12.73 -6.32 -50.72
N LYS A 237 12.49 -5.33 -49.87
CA LYS A 237 13.06 -4.01 -50.06
C LYS A 237 14.56 -4.09 -49.84
N THR A 238 15.22 -4.83 -50.74
CA THR A 238 16.66 -5.06 -50.69
C THR A 238 17.25 -4.65 -52.04
N ASP A 239 18.38 -5.27 -52.38
CA ASP A 239 19.05 -5.00 -53.65
C ASP A 239 19.73 -6.30 -54.10
N SER A 240 19.88 -6.43 -55.42
CA SER A 240 20.50 -7.58 -56.09
C SER A 240 21.61 -8.33 -55.33
N THR A 241 21.94 -9.51 -55.87
CA THR A 241 22.99 -10.40 -55.34
C THR A 241 22.50 -11.67 -54.67
N CYS A 242 21.43 -11.59 -53.87
CA CYS A 242 20.95 -12.79 -53.20
C CYS A 242 20.04 -13.69 -54.01
N ARG A 243 20.02 -14.97 -53.63
CA ARG A 243 19.19 -15.96 -54.28
C ARG A 243 18.09 -16.30 -53.30
N MET A 244 17.43 -17.43 -53.53
CA MET A 244 16.36 -17.89 -52.65
C MET A 244 16.68 -19.28 -52.14
N VAL A 245 17.27 -20.10 -53.00
CA VAL A 245 17.63 -21.46 -52.61
C VAL A 245 18.98 -21.82 -53.22
N THR A 246 19.74 -22.65 -52.51
CA THR A 246 21.05 -23.07 -53.00
C THR A 246 20.82 -23.91 -54.25
N SER A 247 21.82 -23.94 -55.12
CA SER A 247 21.74 -24.74 -56.34
C SER A 247 21.68 -26.21 -55.94
N GLU A 248 20.58 -26.86 -56.34
CA GLU A 248 20.33 -28.27 -56.05
C GLU A 248 21.62 -29.10 -56.02
N SER A 249 22.46 -28.91 -57.04
CA SER A 249 23.72 -29.63 -57.16
C SER A 249 24.39 -29.90 -55.82
N LYS A 250 24.21 -29.01 -54.85
CA LYS A 250 24.82 -29.18 -53.54
C LYS A 250 24.17 -28.35 -52.44
N ASN A 251 24.48 -28.71 -51.19
CA ASN A 251 23.93 -28.03 -50.01
C ASN A 251 25.01 -27.46 -49.07
N VAL A 252 24.58 -26.99 -47.90
CA VAL A 252 25.47 -26.39 -46.92
C VAL A 252 25.37 -27.03 -45.52
N LYS A 253 26.48 -27.02 -44.80
CA LYS A 253 26.52 -27.59 -43.46
C LYS A 253 26.92 -26.56 -42.40
N LEU A 254 26.08 -26.44 -41.37
CA LEU A 254 26.32 -25.51 -40.27
C LEU A 254 26.80 -26.26 -39.03
N THR A 255 27.92 -25.80 -38.47
CA THR A 255 28.50 -26.42 -37.29
C THR A 255 28.83 -25.40 -36.21
N VAL A 256 28.02 -25.38 -35.15
CA VAL A 256 28.23 -24.47 -34.03
C VAL A 256 28.53 -25.18 -32.72
N SER A 257 29.70 -24.91 -32.18
CA SER A 257 30.13 -25.51 -30.93
C SER A 257 30.34 -24.39 -29.92
N ASN A 258 29.31 -24.13 -29.13
CA ASN A 258 29.38 -23.11 -28.10
C ASN A 258 29.17 -23.80 -26.77
N VAL A 259 29.67 -23.17 -25.71
CA VAL A 259 29.55 -23.75 -24.39
C VAL A 259 29.02 -22.76 -23.37
N LEU A 260 28.33 -23.27 -22.37
CA LEU A 260 27.79 -22.43 -21.31
C LEU A 260 28.94 -22.07 -20.37
N LYS A 261 28.85 -20.90 -19.74
CA LYS A 261 29.90 -20.45 -18.84
C LYS A 261 29.34 -19.59 -17.71
N GLU A 262 29.24 -20.17 -16.52
CA GLU A 262 28.71 -19.43 -15.37
C GLU A 262 29.59 -18.24 -15.09
N ILE A 263 29.00 -17.05 -15.12
CA ILE A 263 29.75 -15.83 -14.85
C ILE A 263 29.12 -15.11 -13.67
N LYS A 264 29.81 -14.09 -13.18
CA LYS A 264 29.27 -13.36 -12.05
C LYS A 264 28.91 -11.96 -12.48
N ILE A 265 27.62 -11.75 -12.71
CA ILE A 265 27.11 -10.44 -13.12
C ILE A 265 27.15 -9.47 -11.94
N LEU A 266 27.39 -8.20 -12.21
CA LEU A 266 27.48 -7.25 -11.13
C LEU A 266 26.68 -5.96 -11.38
N ASN A 267 25.48 -5.87 -10.83
CA ASN A 267 24.67 -4.67 -10.99
C ASN A 267 25.08 -3.64 -9.94
N ILE A 268 25.26 -2.40 -10.36
CA ILE A 268 25.66 -1.33 -9.43
C ILE A 268 24.58 -0.28 -9.25
N PHE A 269 24.14 -0.07 -8.01
CA PHE A 269 23.09 0.91 -7.73
C PHE A 269 23.59 2.20 -7.12
N GLY A 270 22.69 2.96 -6.53
CA GLY A 270 23.04 4.23 -5.93
C GLY A 270 21.80 5.11 -5.98
N VAL A 271 21.26 5.48 -4.82
CA VAL A 271 20.05 6.28 -4.76
C VAL A 271 20.22 7.69 -4.23
N ILE A 272 19.14 8.46 -4.30
CA ILE A 272 19.10 9.82 -3.80
C ILE A 272 17.81 9.93 -3.00
N LYS A 273 17.89 9.54 -1.72
CA LYS A 273 16.74 9.57 -0.82
C LYS A 273 15.82 10.78 -1.04
N GLY A 274 14.51 10.54 -1.05
CA GLY A 274 13.55 11.62 -1.23
C GLY A 274 13.29 12.34 0.08
N PHE A 275 12.39 13.32 0.08
CA PHE A 275 12.11 14.07 1.30
C PHE A 275 10.74 13.85 1.93
N VAL A 276 9.81 13.29 1.17
CA VAL A 276 8.46 13.04 1.69
C VAL A 276 8.00 11.60 1.51
N GLU A 277 8.33 11.00 0.37
CA GLU A 277 8.00 9.60 0.09
C GLU A 277 9.33 8.91 -0.20
N PRO A 278 10.32 9.07 0.69
CA PRO A 278 11.65 8.48 0.53
C PRO A 278 11.66 7.04 0.06
N ASP A 279 10.56 6.33 0.25
CA ASP A 279 10.53 4.92 -0.14
C ASP A 279 9.81 4.58 -1.45
N HIS A 280 9.61 5.60 -2.28
CA HIS A 280 9.00 5.41 -3.60
C HIS A 280 10.07 5.90 -4.57
N TYR A 281 10.62 4.96 -5.34
CA TYR A 281 11.70 5.28 -6.26
C TYR A 281 11.34 5.45 -7.73
N VAL A 282 12.32 5.94 -8.49
CA VAL A 282 12.22 6.15 -9.94
C VAL A 282 13.46 5.48 -10.51
N VAL A 283 13.37 4.19 -10.82
CA VAL A 283 14.53 3.49 -11.35
C VAL A 283 15.04 3.99 -12.71
N VAL A 284 16.29 4.46 -12.75
CA VAL A 284 16.93 4.95 -13.97
C VAL A 284 18.06 4.00 -14.32
N GLY A 285 17.84 3.14 -15.30
CA GLY A 285 18.86 2.16 -15.66
C GLY A 285 19.67 2.42 -16.91
N ALA A 286 20.69 1.56 -17.12
CA ALA A 286 21.58 1.67 -18.27
C ALA A 286 22.52 0.46 -18.41
N GLN A 287 22.35 -0.31 -19.47
CA GLN A 287 23.19 -1.48 -19.74
C GLN A 287 24.66 -1.05 -19.70
N ARG A 288 25.48 -1.86 -19.04
CA ARG A 288 26.89 -1.54 -18.90
C ARG A 288 27.83 -2.51 -19.61
N ASP A 289 27.35 -3.71 -19.94
CA ASP A 289 28.22 -4.66 -20.63
C ASP A 289 28.01 -4.55 -22.12
N ALA A 290 28.84 -5.24 -22.88
CA ALA A 290 28.77 -5.23 -24.34
C ALA A 290 29.73 -6.23 -24.95
N TRP A 291 29.43 -6.71 -26.16
CA TRP A 291 30.30 -7.67 -26.83
C TRP A 291 31.54 -6.94 -27.35
N GLY A 292 31.35 -6.03 -28.30
CA GLY A 292 32.47 -5.28 -28.81
C GLY A 292 32.74 -4.16 -27.83
N PRO A 293 33.21 -3.00 -28.30
CA PRO A 293 33.49 -1.89 -27.39
C PRO A 293 32.17 -1.22 -27.06
N GLY A 294 31.13 -1.58 -27.84
CA GLY A 294 29.79 -1.04 -27.66
C GLY A 294 29.68 0.39 -27.16
N ALA A 295 30.30 1.32 -27.89
CA ALA A 295 30.23 2.72 -27.50
C ALA A 295 28.78 3.17 -27.56
N ALA A 296 28.04 2.62 -28.51
CA ALA A 296 26.63 2.96 -28.67
C ALA A 296 25.79 2.05 -27.79
N LYS A 297 25.91 0.74 -28.05
CA LYS A 297 25.18 -0.26 -27.29
C LYS A 297 25.28 -0.07 -25.79
N SER A 298 26.45 0.36 -25.32
CA SER A 298 26.65 0.53 -23.88
C SER A 298 27.31 1.81 -23.40
N GLY A 299 28.11 2.43 -24.27
CA GLY A 299 28.79 3.65 -23.88
C GLY A 299 27.87 4.81 -23.51
N VAL A 300 27.24 5.39 -24.52
CA VAL A 300 26.32 6.52 -24.35
C VAL A 300 25.42 6.35 -23.12
N GLY A 301 24.87 5.16 -22.97
CA GLY A 301 24.00 4.88 -21.83
C GLY A 301 24.70 5.13 -20.51
N THR A 302 25.66 4.27 -20.19
CA THR A 302 26.40 4.39 -18.94
C THR A 302 26.94 5.81 -18.80
N ALA A 303 27.25 6.40 -19.94
CA ALA A 303 27.78 7.76 -19.98
C ALA A 303 26.76 8.72 -19.39
N LEU A 304 25.52 8.59 -19.86
CA LEU A 304 24.42 9.42 -19.39
C LEU A 304 24.10 9.07 -17.93
N LEU A 305 24.01 7.78 -17.64
CA LEU A 305 23.69 7.31 -16.30
C LEU A 305 24.55 8.04 -15.28
N LEU A 306 25.86 8.02 -15.52
CA LEU A 306 26.81 8.68 -14.63
C LEU A 306 26.58 10.17 -14.58
N LYS A 307 26.73 10.83 -15.72
CA LYS A 307 26.54 12.28 -15.80
C LYS A 307 25.20 12.74 -15.26
N LEU A 308 24.20 11.90 -15.46
CA LEU A 308 22.84 12.19 -15.01
C LEU A 308 22.72 12.04 -13.50
N ALA A 309 23.45 11.10 -12.93
CA ALA A 309 23.42 10.89 -11.49
C ALA A 309 24.22 12.01 -10.85
N GLN A 310 25.30 12.41 -11.53
CA GLN A 310 26.18 13.46 -11.04
C GLN A 310 25.41 14.75 -10.84
N MET A 311 24.50 15.04 -11.76
CA MET A 311 23.71 16.26 -11.70
C MET A 311 22.70 16.34 -10.55
N PHE A 312 21.78 15.38 -10.51
CA PHE A 312 20.77 15.39 -9.47
C PHE A 312 21.34 15.46 -8.06
N SER A 313 22.36 14.67 -7.79
CA SER A 313 22.96 14.69 -6.48
C SER A 313 23.41 16.12 -6.23
N ASP A 314 24.11 16.69 -7.20
CA ASP A 314 24.61 18.06 -7.09
C ASP A 314 23.45 19.00 -6.81
N MET A 315 22.41 18.92 -7.64
CA MET A 315 21.24 19.77 -7.49
C MET A 315 20.65 19.68 -6.10
N VAL A 316 20.66 18.48 -5.54
CA VAL A 316 20.11 18.27 -4.20
C VAL A 316 20.92 18.94 -3.10
N LEU A 317 22.25 18.83 -3.19
CA LEU A 317 23.14 19.42 -2.20
C LEU A 317 23.35 20.92 -2.37
N LYS A 318 23.78 21.33 -3.56
CA LYS A 318 24.06 22.72 -3.84
C LYS A 318 22.88 23.62 -4.23
N ASP A 319 22.08 23.17 -5.19
CA ASP A 319 20.96 23.96 -5.70
C ASP A 319 19.63 23.98 -4.95
N GLY A 320 19.51 23.15 -3.92
CA GLY A 320 18.27 23.13 -3.13
C GLY A 320 17.11 22.30 -3.63
N PHE A 321 17.37 21.46 -4.63
CA PHE A 321 16.34 20.58 -5.19
C PHE A 321 15.92 19.54 -4.17
N GLN A 322 14.64 19.50 -3.83
CA GLN A 322 14.15 18.56 -2.84
C GLN A 322 13.18 17.49 -3.35
N PRO A 323 13.66 16.56 -4.20
CA PRO A 323 12.82 15.51 -4.76
C PRO A 323 11.93 14.87 -3.70
N SER A 324 10.61 14.95 -3.89
CA SER A 324 9.70 14.37 -2.92
C SER A 324 9.81 12.86 -2.87
N ARG A 325 10.34 12.27 -3.93
CA ARG A 325 10.52 10.81 -3.98
C ARG A 325 11.94 10.49 -4.43
N SER A 326 12.53 9.48 -3.82
CA SER A 326 13.90 9.11 -4.13
C SER A 326 14.13 8.64 -5.56
N ILE A 327 15.37 8.84 -6.02
CA ILE A 327 15.81 8.45 -7.35
C ILE A 327 16.85 7.38 -7.13
N ILE A 328 16.84 6.35 -7.99
CA ILE A 328 17.80 5.24 -7.87
C ILE A 328 18.38 4.84 -9.22
N PHE A 329 19.62 5.24 -9.47
CA PHE A 329 20.28 4.92 -10.73
C PHE A 329 20.82 3.51 -10.68
N ALA A 330 20.81 2.80 -11.81
CA ALA A 330 21.30 1.42 -11.85
C ALA A 330 21.94 1.04 -13.16
N SER A 331 23.18 0.54 -13.09
CA SER A 331 23.91 0.13 -14.28
C SER A 331 23.94 -1.39 -14.34
N TRP A 332 23.04 -1.96 -15.13
CA TRP A 332 22.94 -3.41 -15.25
C TRP A 332 24.11 -4.02 -16.00
N SER A 333 24.16 -5.34 -16.03
CA SER A 333 25.22 -6.07 -16.72
C SER A 333 24.62 -7.30 -17.35
N ALA A 334 25.43 -8.03 -18.13
CA ALA A 334 24.96 -9.23 -18.80
C ALA A 334 23.70 -8.90 -19.60
N GLY A 335 23.61 -7.65 -20.02
CA GLY A 335 22.47 -7.19 -20.78
C GLY A 335 22.40 -7.71 -22.21
N ASP A 336 23.54 -8.04 -22.79
CA ASP A 336 23.55 -8.55 -24.17
C ASP A 336 22.87 -9.91 -24.27
N PHE A 337 22.54 -10.50 -23.13
CA PHE A 337 21.92 -11.81 -23.14
C PHE A 337 20.47 -11.77 -22.71
N GLY A 338 19.85 -10.59 -22.82
CA GLY A 338 18.46 -10.47 -22.45
C GLY A 338 18.20 -9.70 -21.16
N SER A 339 19.02 -8.68 -20.93
CA SER A 339 18.87 -7.88 -19.72
C SER A 339 19.04 -8.75 -18.49
N VAL A 340 19.69 -9.90 -18.67
CA VAL A 340 19.94 -10.87 -17.59
C VAL A 340 20.25 -10.20 -16.26
N GLY A 341 20.95 -9.08 -16.32
CA GLY A 341 21.30 -8.37 -15.09
C GLY A 341 20.07 -7.72 -14.47
N ALA A 342 19.45 -6.83 -15.23
CA ALA A 342 18.26 -6.12 -14.73
C ALA A 342 17.08 -7.07 -14.49
N THR A 343 16.89 -8.03 -15.36
CA THR A 343 15.78 -8.96 -15.20
C THR A 343 15.86 -9.73 -13.88
N GLU A 344 16.99 -10.42 -13.64
CA GLU A 344 17.14 -11.21 -12.42
C GLU A 344 17.07 -10.34 -11.16
N TRP A 345 17.20 -9.03 -11.33
CA TRP A 345 17.07 -8.14 -10.18
C TRP A 345 15.57 -8.14 -9.91
N LEU A 346 14.80 -7.82 -10.95
CA LEU A 346 13.35 -7.79 -10.87
C LEU A 346 12.89 -9.15 -10.36
N GLU A 347 13.39 -10.22 -10.96
CA GLU A 347 13.03 -11.57 -10.54
C GLU A 347 13.04 -11.60 -8.99
N GLY A 348 13.88 -10.75 -8.42
CA GLY A 348 14.06 -10.65 -6.99
C GLY A 348 12.92 -10.10 -6.16
N TYR A 349 12.16 -9.16 -6.72
CA TYR A 349 11.02 -8.58 -6.02
C TYR A 349 9.74 -8.92 -6.80
N LEU A 350 9.57 -10.22 -7.04
CA LEU A 350 8.43 -10.73 -7.82
C LEU A 350 7.05 -10.20 -7.47
N SER A 351 6.87 -9.72 -6.25
CA SER A 351 5.55 -9.22 -5.87
C SER A 351 5.55 -8.00 -4.98
N SER A 352 6.61 -7.20 -5.05
CA SER A 352 6.70 -6.03 -4.21
C SER A 352 7.36 -4.83 -4.87
N LEU A 353 8.10 -5.07 -5.94
CA LEU A 353 8.79 -3.97 -6.61
C LEU A 353 7.86 -2.81 -6.92
N HIS A 354 6.65 -3.11 -7.40
CA HIS A 354 5.70 -2.06 -7.75
C HIS A 354 5.31 -1.25 -6.53
N LEU A 355 5.52 -1.83 -5.35
CA LEU A 355 5.22 -1.14 -4.11
C LEU A 355 6.36 -0.16 -3.84
N LYS A 356 7.45 -0.32 -4.59
CA LYS A 356 8.63 0.48 -4.41
C LYS A 356 8.99 1.40 -5.58
N ALA A 357 9.21 0.81 -6.75
CA ALA A 357 9.55 1.60 -7.94
C ALA A 357 8.28 1.95 -8.67
N PHE A 358 8.04 3.23 -8.93
CA PHE A 358 6.83 3.63 -9.61
C PHE A 358 6.99 3.98 -11.08
N THR A 359 8.24 3.97 -11.56
CA THR A 359 8.54 4.27 -12.97
C THR A 359 9.98 3.92 -13.31
N TYR A 360 10.17 3.31 -14.47
CA TYR A 360 11.51 2.93 -14.88
C TYR A 360 11.91 3.60 -16.19
N ILE A 361 12.93 4.44 -16.14
CA ILE A 361 13.43 5.13 -17.32
C ILE A 361 14.58 4.25 -17.80
N ASN A 362 15.00 4.40 -19.05
CA ASN A 362 16.08 3.58 -19.57
C ASN A 362 16.90 4.38 -20.56
N LEU A 363 18.20 4.46 -20.33
CA LEU A 363 19.06 5.24 -21.19
C LEU A 363 19.78 4.49 -22.29
N ASP A 364 19.58 3.17 -22.36
CA ASP A 364 20.22 2.35 -23.39
C ASP A 364 19.99 2.92 -24.79
N LYS A 365 21.00 2.80 -25.64
CA LYS A 365 20.92 3.28 -27.02
C LYS A 365 20.18 4.61 -27.13
N ALA A 366 20.48 5.54 -26.25
CA ALA A 366 19.81 6.84 -26.27
C ALA A 366 20.18 7.69 -27.48
N VAL A 367 21.44 7.62 -27.91
CA VAL A 367 21.88 8.40 -29.04
C VAL A 367 22.38 7.50 -30.16
N LEU A 368 21.69 7.53 -31.30
CA LEU A 368 22.06 6.72 -32.46
C LEU A 368 21.98 7.52 -33.75
N GLY A 369 21.46 8.75 -33.66
CA GLY A 369 21.33 9.60 -34.85
C GLY A 369 20.94 11.01 -34.50
N THR A 370 20.34 11.72 -35.45
CA THR A 370 19.92 13.10 -35.22
C THR A 370 18.71 13.47 -36.06
N SER A 371 18.04 12.48 -36.61
CA SER A 371 16.87 12.73 -37.45
C SER A 371 15.57 12.62 -36.68
N ASN A 372 15.24 11.40 -36.29
CA ASN A 372 14.00 11.14 -35.58
C ASN A 372 14.17 11.13 -34.06
N PHE A 373 13.07 10.85 -33.37
CA PHE A 373 13.06 10.77 -31.91
C PHE A 373 12.01 9.77 -31.48
N LYS A 374 12.26 8.51 -31.76
CA LYS A 374 11.35 7.42 -31.38
C LYS A 374 11.19 7.44 -29.87
N VAL A 375 10.05 6.99 -29.37
CA VAL A 375 9.77 6.94 -27.93
C VAL A 375 8.83 5.80 -27.66
N SER A 376 9.20 4.92 -26.74
CA SER A 376 8.36 3.79 -26.38
C SER A 376 8.11 3.84 -24.88
N ALA A 377 6.86 3.65 -24.48
CA ALA A 377 6.52 3.67 -23.08
C ALA A 377 5.12 3.17 -22.79
N SER A 378 4.82 3.09 -21.49
CA SER A 378 3.51 2.66 -21.05
C SER A 378 2.61 3.87 -21.11
N PRO A 379 1.38 3.69 -21.61
CA PRO A 379 0.47 4.83 -21.69
C PRO A 379 0.47 5.69 -20.43
N LEU A 380 0.89 5.15 -19.30
CA LEU A 380 0.90 5.90 -18.06
C LEU A 380 1.87 7.07 -18.07
N LEU A 381 2.84 7.02 -18.99
CA LEU A 381 3.82 8.09 -19.09
C LEU A 381 3.63 8.88 -20.37
N TYR A 382 2.50 8.67 -21.02
CA TYR A 382 2.21 9.35 -22.27
C TYR A 382 2.26 10.87 -22.21
N THR A 383 1.54 11.45 -21.26
CA THR A 383 1.52 12.90 -21.11
C THR A 383 2.86 13.49 -20.69
N LEU A 384 3.69 12.69 -20.03
CA LEU A 384 5.00 13.18 -19.60
C LEU A 384 5.89 13.24 -20.84
N ILE A 385 5.86 12.18 -21.62
CA ILE A 385 6.66 12.15 -22.83
C ILE A 385 6.26 13.36 -23.65
N GLU A 386 4.95 13.54 -23.82
CA GLU A 386 4.42 14.65 -24.59
C GLU A 386 4.92 16.00 -24.07
N LYS A 387 4.37 16.44 -22.95
CA LYS A 387 4.75 17.73 -22.37
C LYS A 387 6.26 17.96 -22.29
N THR A 388 7.04 16.88 -22.23
CA THR A 388 8.49 17.03 -22.16
C THR A 388 9.05 17.33 -23.56
N MET A 389 8.55 16.62 -24.57
CA MET A 389 8.99 16.84 -25.94
C MET A 389 8.60 18.25 -26.36
N GLN A 390 7.86 18.92 -25.48
CA GLN A 390 7.41 20.26 -25.73
C GLN A 390 8.32 21.22 -24.99
N ASN A 391 9.26 20.67 -24.22
CA ASN A 391 10.21 21.48 -23.45
C ASN A 391 11.65 21.31 -23.91
N VAL A 392 11.94 20.17 -24.55
CA VAL A 392 13.28 19.89 -25.03
C VAL A 392 13.44 20.17 -26.52
N LYS A 393 14.46 20.95 -26.86
CA LYS A 393 14.72 21.31 -28.25
C LYS A 393 15.76 20.40 -28.86
N HIS A 394 15.48 19.93 -30.08
CA HIS A 394 16.38 19.04 -30.81
C HIS A 394 17.80 19.59 -30.75
N PRO A 395 18.80 18.71 -30.64
CA PRO A 395 20.19 19.18 -30.58
C PRO A 395 20.66 19.86 -31.87
N VAL A 396 20.27 19.32 -33.01
CA VAL A 396 20.64 19.85 -34.32
C VAL A 396 19.70 21.00 -34.73
N THR A 397 18.42 20.69 -34.88
CA THR A 397 17.39 21.67 -35.24
C THR A 397 17.13 22.57 -34.03
N GLY A 398 17.02 23.87 -34.24
CA GLY A 398 16.77 24.73 -33.10
C GLY A 398 15.35 24.58 -32.54
N GLN A 399 14.53 23.82 -33.25
CA GLN A 399 13.13 23.60 -32.87
C GLN A 399 12.89 22.52 -31.81
N PHE A 400 11.71 22.57 -31.19
CA PHE A 400 11.34 21.61 -30.15
C PHE A 400 11.08 20.22 -30.74
N LEU A 401 11.24 19.20 -29.89
CA LEU A 401 11.04 17.81 -30.28
C LEU A 401 9.62 17.48 -30.72
N TYR A 402 8.64 18.09 -30.06
CA TYR A 402 7.22 17.87 -30.32
C TYR A 402 6.67 18.43 -31.64
N GLN A 403 6.10 17.56 -32.47
CA GLN A 403 5.53 18.00 -33.74
C GLN A 403 4.20 18.70 -33.50
N ASP A 404 4.27 20.03 -33.46
CA ASP A 404 3.11 20.89 -33.21
C ASP A 404 1.88 20.68 -34.10
N SER A 405 2.05 19.95 -35.19
CA SER A 405 0.94 19.72 -36.12
C SER A 405 -0.02 18.61 -35.71
N ASN A 406 0.24 17.96 -34.58
CA ASN A 406 -0.62 16.89 -34.13
C ASN A 406 -1.16 17.13 -32.73
N TRP A 407 -2.12 16.31 -32.31
CA TRP A 407 -2.70 16.39 -30.98
C TRP A 407 -2.52 15.01 -30.40
N ALA A 408 -2.20 14.07 -31.29
CA ALA A 408 -1.97 12.68 -30.93
C ALA A 408 -0.61 12.26 -31.43
N SER A 409 0.35 12.21 -30.51
CA SER A 409 1.74 11.83 -30.81
C SER A 409 1.89 10.31 -30.96
N LYS A 410 3.01 9.87 -31.51
CA LYS A 410 3.25 8.46 -31.70
C LYS A 410 4.10 7.86 -30.60
N VAL A 411 3.59 6.82 -29.96
CA VAL A 411 4.34 6.14 -28.92
C VAL A 411 4.39 4.68 -29.31
N GLU A 412 5.59 4.11 -29.24
CA GLU A 412 5.84 2.74 -29.64
C GLU A 412 5.77 1.75 -28.48
N LYS A 413 5.47 0.50 -28.80
CA LYS A 413 5.38 -0.54 -27.79
C LYS A 413 6.78 -1.03 -27.41
N LEU A 414 6.97 -1.45 -26.16
CA LEU A 414 8.29 -1.95 -25.73
C LEU A 414 8.51 -3.36 -26.28
N THR A 415 9.71 -3.59 -26.79
CA THR A 415 10.07 -4.89 -27.36
C THR A 415 10.87 -5.80 -26.44
N LEU A 416 10.72 -7.10 -26.68
CA LEU A 416 11.38 -8.15 -25.92
C LEU A 416 12.86 -7.84 -25.70
N ASP A 417 13.43 -6.98 -26.53
CA ASP A 417 14.84 -6.67 -26.39
C ASP A 417 15.13 -5.33 -25.74
N ASN A 418 14.32 -4.93 -24.76
CA ASN A 418 14.56 -3.67 -24.08
C ASN A 418 14.40 -3.80 -22.58
N ALA A 419 15.49 -3.57 -21.86
CA ALA A 419 15.53 -3.65 -20.41
C ALA A 419 14.27 -3.09 -19.80
N ALA A 420 13.67 -2.11 -20.46
CA ALA A 420 12.44 -1.52 -19.95
C ALA A 420 11.27 -2.52 -20.08
N PHE A 421 11.27 -3.34 -21.11
CA PHE A 421 10.20 -4.30 -21.31
C PHE A 421 9.95 -5.15 -20.07
N PRO A 422 11.00 -5.78 -19.50
CA PRO A 422 10.77 -6.60 -18.32
C PRO A 422 10.12 -5.82 -17.19
N PHE A 423 10.64 -4.62 -16.92
CA PHE A 423 10.09 -3.78 -15.85
C PHE A 423 8.59 -3.59 -15.99
N LEU A 424 8.12 -3.45 -17.22
CA LEU A 424 6.70 -3.25 -17.50
C LEU A 424 5.88 -4.51 -17.74
N ALA A 425 6.41 -5.44 -18.51
CA ALA A 425 5.70 -6.67 -18.82
C ALA A 425 5.79 -7.76 -17.76
N TYR A 426 6.78 -7.66 -16.87
CA TYR A 426 6.99 -8.65 -15.81
C TYR A 426 6.81 -8.14 -14.38
N SER A 427 7.36 -6.97 -14.09
CA SER A 427 7.26 -6.39 -12.77
C SER A 427 6.11 -5.40 -12.60
N GLY A 428 5.44 -5.08 -13.69
CA GLY A 428 4.32 -4.17 -13.60
C GLY A 428 4.70 -2.72 -13.27
N ILE A 429 5.87 -2.30 -13.74
CA ILE A 429 6.32 -0.94 -13.50
C ILE A 429 6.22 -0.17 -14.80
N PRO A 430 5.56 0.99 -14.78
CA PRO A 430 5.47 1.74 -16.04
C PRO A 430 6.87 2.19 -16.43
N ALA A 431 7.21 2.06 -17.72
CA ALA A 431 8.55 2.42 -18.17
C ALA A 431 8.62 3.12 -19.51
N VAL A 432 9.45 4.16 -19.57
CA VAL A 432 9.65 4.92 -20.81
C VAL A 432 10.99 4.49 -21.40
N SER A 433 11.23 4.82 -22.66
CA SER A 433 12.48 4.46 -23.31
C SER A 433 12.67 5.24 -24.62
N PHE A 434 13.30 6.41 -24.55
CA PHE A 434 13.49 7.23 -25.74
C PHE A 434 14.74 6.91 -26.54
N CYS A 435 14.79 7.44 -27.77
CA CYS A 435 15.88 7.21 -28.69
C CYS A 435 16.00 8.28 -29.77
N PHE A 436 17.18 8.89 -29.90
CA PHE A 436 17.36 9.87 -30.97
C PHE A 436 17.70 9.04 -32.22
N CYS A 437 16.86 8.04 -32.44
CA CYS A 437 16.95 7.09 -33.54
C CYS A 437 17.08 7.68 -34.96
N GLU A 438 17.22 6.78 -35.93
CA GLU A 438 17.33 7.11 -37.36
C GLU A 438 16.44 6.15 -38.14
N ASP A 439 16.06 6.52 -39.35
CA ASP A 439 15.21 5.65 -40.17
C ASP A 439 15.83 4.26 -40.31
N THR A 440 17.15 4.22 -40.29
CA THR A 440 17.90 2.99 -40.40
C THR A 440 18.65 2.77 -39.09
N ASP A 441 18.58 1.55 -38.57
CA ASP A 441 19.25 1.21 -37.32
C ASP A 441 20.77 1.22 -37.47
N TYR A 442 21.45 1.70 -36.43
CA TYR A 442 22.91 1.76 -36.39
C TYR A 442 23.43 0.41 -36.87
N PRO A 443 24.38 0.41 -37.81
CA PRO A 443 24.95 -0.83 -38.34
C PRO A 443 25.96 -1.53 -37.44
N TYR A 444 26.94 -0.76 -36.98
CA TYR A 444 28.01 -1.26 -36.12
C TYR A 444 27.52 -1.82 -34.79
N LEU A 445 26.24 -1.59 -34.50
CA LEU A 445 25.62 -2.01 -33.24
C LEU A 445 26.13 -3.31 -32.61
N GLY A 446 25.75 -4.45 -33.17
CA GLY A 446 26.19 -5.72 -32.59
C GLY A 446 27.56 -6.23 -33.02
N THR A 447 28.43 -5.33 -33.48
CA THR A 447 29.75 -5.76 -33.92
C THR A 447 30.90 -4.96 -33.33
N THR A 448 32.11 -5.51 -33.51
CA THR A 448 33.35 -4.92 -33.01
C THR A 448 33.61 -3.50 -33.52
N MET A 449 32.67 -2.98 -34.32
CA MET A 449 32.83 -1.67 -34.90
C MET A 449 32.15 -0.55 -34.09
N ASP A 450 31.48 -0.92 -33.01
CA ASP A 450 30.79 0.05 -32.17
C ASP A 450 31.78 0.93 -31.40
N THR A 451 32.77 1.47 -32.11
CA THR A 451 33.78 2.31 -31.48
C THR A 451 33.34 3.75 -31.32
N TYR A 452 33.94 4.44 -30.34
CA TYR A 452 33.64 5.84 -30.08
C TYR A 452 34.01 6.67 -31.27
N LYS A 453 34.94 6.14 -32.08
CA LYS A 453 35.39 6.84 -33.26
C LYS A 453 34.33 6.75 -34.36
N GLU A 454 34.17 5.57 -34.94
CA GLU A 454 33.19 5.40 -36.01
C GLU A 454 31.84 5.98 -35.63
N LEU A 455 31.59 6.16 -34.33
CA LEU A 455 30.33 6.75 -33.87
C LEU A 455 30.39 8.25 -34.19
N ILE A 456 31.26 8.94 -33.47
CA ILE A 456 31.41 10.38 -33.65
C ILE A 456 31.77 10.75 -35.10
N GLU A 457 32.23 9.77 -35.87
CA GLU A 457 32.55 10.03 -37.29
C GLU A 457 31.20 10.03 -38.01
N ARG A 458 30.22 9.38 -37.38
CA ARG A 458 28.88 9.28 -37.94
C ARG A 458 27.84 10.14 -37.23
N ILE A 459 28.27 10.98 -36.29
CA ILE A 459 27.34 11.83 -35.56
C ILE A 459 28.08 13.00 -34.88
N PRO A 460 28.87 13.74 -35.68
CA PRO A 460 29.69 14.90 -35.32
C PRO A 460 29.39 15.62 -34.00
N GLU A 461 28.14 16.01 -33.79
CA GLU A 461 27.79 16.73 -32.57
C GLU A 461 27.26 15.80 -31.47
N LEU A 462 27.76 14.57 -31.43
CA LEU A 462 27.34 13.59 -30.43
C LEU A 462 27.16 14.18 -29.05
N ASN A 463 27.94 15.22 -28.71
CA ASN A 463 27.81 15.83 -27.40
C ASN A 463 26.44 16.48 -27.23
N LYS A 464 26.08 17.40 -28.12
CA LYS A 464 24.78 18.08 -28.04
C LYS A 464 23.62 17.08 -28.03
N VAL A 465 23.70 16.08 -28.89
CA VAL A 465 22.67 15.06 -28.97
C VAL A 465 22.53 14.37 -27.62
N ALA A 466 23.61 13.77 -27.13
CA ALA A 466 23.59 13.10 -25.84
C ALA A 466 23.03 14.03 -24.80
N ARG A 467 23.37 15.31 -24.89
CA ARG A 467 22.88 16.29 -23.93
C ARG A 467 21.37 16.31 -23.92
N ALA A 468 20.77 16.42 -25.10
CA ALA A 468 19.32 16.44 -25.22
C ALA A 468 18.75 15.20 -24.54
N ALA A 469 19.23 14.03 -24.95
CA ALA A 469 18.78 12.77 -24.37
C ALA A 469 18.88 12.85 -22.85
N ALA A 470 19.99 13.40 -22.37
CA ALA A 470 20.17 13.53 -20.94
C ALA A 470 19.22 14.56 -20.38
N GLU A 471 18.64 15.38 -21.23
CA GLU A 471 17.70 16.39 -20.76
C GLU A 471 16.29 15.82 -20.64
N VAL A 472 15.81 15.12 -21.67
CA VAL A 472 14.48 14.53 -21.59
C VAL A 472 14.47 13.53 -20.44
N ALA A 473 15.57 12.80 -20.28
CA ALA A 473 15.70 11.84 -19.20
C ALA A 473 15.63 12.58 -17.87
N GLY A 474 16.30 13.73 -17.82
CA GLY A 474 16.33 14.51 -16.60
C GLY A 474 14.97 15.05 -16.20
N GLN A 475 14.28 15.69 -17.14
CA GLN A 475 12.97 16.23 -16.83
C GLN A 475 12.02 15.15 -16.34
N PHE A 476 12.06 13.99 -16.99
CA PHE A 476 11.23 12.86 -16.59
C PHE A 476 11.40 12.70 -15.07
N VAL A 477 12.66 12.62 -14.65
CA VAL A 477 12.98 12.46 -13.24
C VAL A 477 12.51 13.63 -12.40
N ILE A 478 12.85 14.85 -12.82
CA ILE A 478 12.40 16.01 -12.05
C ILE A 478 10.88 15.98 -11.92
N LYS A 479 10.22 15.79 -13.06
CA LYS A 479 8.77 15.74 -13.12
C LYS A 479 8.17 14.66 -12.23
N LEU A 480 8.68 13.44 -12.33
CA LEU A 480 8.16 12.33 -11.55
C LEU A 480 8.45 12.46 -10.06
N THR A 481 9.12 13.56 -9.68
CA THR A 481 9.46 13.79 -8.27
C THR A 481 9.11 15.18 -7.73
N HIS A 482 9.41 16.22 -8.50
CA HIS A 482 9.15 17.62 -8.13
C HIS A 482 7.90 17.84 -7.29
N ASP A 483 6.74 17.40 -7.78
CA ASP A 483 5.46 17.59 -7.11
C ASP A 483 5.06 16.48 -6.16
N VAL A 484 4.09 16.78 -5.29
CA VAL A 484 3.59 15.84 -4.31
C VAL A 484 2.61 14.80 -4.88
N GLU A 485 1.96 15.13 -5.98
CA GLU A 485 1.01 14.21 -6.61
C GLU A 485 1.78 13.32 -7.58
N LEU A 486 1.62 12.00 -7.44
CA LEU A 486 2.31 11.09 -8.36
C LEU A 486 1.63 11.23 -9.72
N ASN A 487 2.33 11.85 -10.67
CA ASN A 487 1.76 12.10 -11.99
C ASN A 487 1.85 11.00 -13.04
N LEU A 488 0.91 10.05 -12.99
CA LEU A 488 0.85 8.98 -13.97
C LEU A 488 -0.54 8.98 -14.60
N ASP A 489 -0.59 8.82 -15.91
CA ASP A 489 -1.85 8.83 -16.66
C ASP A 489 -2.66 7.56 -16.51
N TYR A 490 -3.21 7.29 -15.33
CA TYR A 490 -4.00 6.08 -15.17
C TYR A 490 -5.28 6.14 -16.01
N GLU A 491 -5.54 7.30 -16.60
CA GLU A 491 -6.73 7.48 -17.43
C GLU A 491 -6.54 6.78 -18.74
N GLU A 492 -5.40 7.05 -19.37
CA GLU A 492 -5.09 6.47 -20.66
C GLU A 492 -5.44 4.98 -20.77
N TYR A 493 -5.62 4.32 -19.62
CA TYR A 493 -5.99 2.90 -19.65
C TYR A 493 -7.46 2.69 -19.93
N ASN A 494 -8.26 3.72 -19.69
CA ASN A 494 -9.68 3.64 -19.96
C ASN A 494 -9.76 3.49 -21.46
N SER A 495 -9.04 4.37 -22.14
CA SER A 495 -8.97 4.38 -23.58
C SER A 495 -8.45 3.03 -24.03
N GLN A 496 -7.26 2.69 -23.54
CA GLN A 496 -6.64 1.43 -23.88
C GLN A 496 -7.59 0.24 -23.71
N LEU A 497 -8.46 0.34 -22.72
CA LEU A 497 -9.41 -0.73 -22.44
C LEU A 497 -10.60 -0.67 -23.39
N LEU A 498 -11.06 0.54 -23.70
CA LEU A 498 -12.18 0.71 -24.60
C LEU A 498 -11.80 0.24 -26.00
N SER A 499 -10.60 0.60 -26.43
CA SER A 499 -10.12 0.18 -27.73
C SER A 499 -10.30 -1.33 -27.85
N PHE A 500 -9.93 -2.05 -26.79
CA PHE A 500 -10.07 -3.51 -26.76
C PHE A 500 -11.52 -3.87 -27.00
N VAL A 501 -12.39 -3.38 -26.12
CA VAL A 501 -13.82 -3.66 -26.22
C VAL A 501 -14.29 -3.46 -27.65
N ARG A 502 -13.88 -2.34 -28.24
CA ARG A 502 -14.24 -2.03 -29.61
C ARG A 502 -13.82 -3.15 -30.57
N ASP A 503 -12.51 -3.30 -30.75
CA ASP A 503 -11.98 -4.34 -31.61
C ASP A 503 -12.67 -5.67 -31.34
N LEU A 504 -13.07 -5.91 -30.10
CA LEU A 504 -13.73 -7.16 -29.76
C LEU A 504 -15.15 -7.22 -30.30
N ASN A 505 -15.81 -6.07 -30.37
CA ASN A 505 -17.18 -6.04 -30.89
C ASN A 505 -17.28 -6.33 -32.37
N GLN A 506 -16.15 -6.35 -33.05
CA GLN A 506 -16.14 -6.65 -34.48
C GLN A 506 -16.38 -8.14 -34.70
N TYR A 507 -16.45 -8.88 -33.60
CA TYR A 507 -16.67 -10.32 -33.67
C TYR A 507 -17.92 -10.69 -32.90
N ARG A 508 -18.73 -9.68 -32.60
CA ARG A 508 -19.97 -9.88 -31.86
C ARG A 508 -20.78 -11.01 -32.50
N ALA A 509 -20.54 -11.20 -33.80
CA ALA A 509 -21.22 -12.24 -34.54
C ALA A 509 -20.74 -13.59 -34.02
N ASP A 510 -19.43 -13.78 -34.02
CA ASP A 510 -18.85 -15.03 -33.52
C ASP A 510 -19.23 -15.20 -32.07
N ILE A 511 -19.10 -14.10 -31.32
CA ILE A 511 -19.42 -14.13 -29.91
C ILE A 511 -20.85 -14.63 -29.71
N LYS A 512 -21.70 -14.39 -30.71
CA LYS A 512 -23.09 -14.81 -30.63
C LYS A 512 -23.31 -16.28 -30.98
N GLU A 513 -22.61 -16.76 -32.01
CA GLU A 513 -22.77 -18.16 -32.38
C GLU A 513 -22.49 -18.97 -31.12
N MET A 514 -21.50 -18.53 -30.35
CA MET A 514 -21.14 -19.17 -29.09
C MET A 514 -22.08 -18.53 -28.07
N GLY A 515 -22.50 -19.28 -27.06
CA GLY A 515 -23.42 -18.74 -26.06
C GLY A 515 -22.97 -17.50 -25.31
N LEU A 516 -21.71 -17.12 -25.52
CA LEU A 516 -21.12 -15.97 -24.84
C LEU A 516 -21.96 -14.71 -24.80
N SER A 517 -22.05 -14.12 -23.61
CA SER A 517 -22.82 -12.89 -23.39
C SER A 517 -21.95 -11.66 -23.51
N LEU A 518 -20.65 -11.84 -23.25
CA LEU A 518 -19.72 -10.72 -23.35
C LEU A 518 -20.20 -9.49 -22.57
N GLN A 519 -21.15 -9.69 -21.67
CA GLN A 519 -21.70 -8.60 -20.87
C GLN A 519 -20.81 -8.29 -19.65
N TRP A 520 -20.26 -9.35 -19.05
CA TRP A 520 -19.39 -9.19 -17.89
C TRP A 520 -18.16 -8.33 -18.18
N LEU A 521 -17.70 -8.37 -19.41
CA LEU A 521 -16.54 -7.59 -19.79
C LEU A 521 -16.86 -6.10 -19.73
N TYR A 522 -17.99 -5.70 -20.30
CA TYR A 522 -18.36 -4.29 -20.28
C TYR A 522 -18.44 -3.83 -18.85
N SER A 523 -19.04 -4.65 -18.02
CA SER A 523 -19.20 -4.30 -16.61
C SER A 523 -17.82 -4.00 -16.01
N ALA A 524 -16.87 -4.89 -16.23
CA ALA A 524 -15.54 -4.68 -15.70
C ALA A 524 -14.99 -3.36 -16.23
N ARG A 525 -14.92 -3.25 -17.55
CA ARG A 525 -14.42 -2.05 -18.20
C ARG A 525 -15.05 -0.81 -17.55
N GLY A 526 -16.31 -0.94 -17.15
CA GLY A 526 -16.99 0.18 -16.54
C GLY A 526 -16.67 0.28 -15.08
N ASP A 527 -16.76 -0.86 -14.40
CA ASP A 527 -16.46 -0.91 -12.97
C ASP A 527 -15.07 -0.33 -12.78
N PHE A 528 -14.24 -0.36 -13.83
CA PHE A 528 -12.90 0.18 -13.74
C PHE A 528 -12.90 1.68 -14.03
N PHE A 529 -13.72 2.09 -14.99
CA PHE A 529 -13.82 3.50 -15.37
C PHE A 529 -14.19 4.30 -14.15
N ARG A 530 -15.25 3.90 -13.44
CA ARG A 530 -15.65 4.60 -12.23
C ARG A 530 -14.45 4.70 -11.31
N ALA A 531 -13.81 3.57 -11.03
CA ALA A 531 -12.64 3.53 -10.17
C ALA A 531 -11.70 4.69 -10.45
N THR A 532 -11.36 4.87 -11.72
CA THR A 532 -10.46 5.94 -12.11
C THR A 532 -11.10 7.31 -11.92
N SER A 533 -12.42 7.38 -12.12
CA SER A 533 -13.14 8.63 -11.97
C SER A 533 -13.16 9.11 -10.53
N ARG A 534 -13.16 8.15 -9.60
CA ARG A 534 -13.16 8.50 -8.19
C ARG A 534 -11.78 8.99 -7.88
N LEU A 535 -10.79 8.15 -8.17
CA LEU A 535 -9.41 8.52 -7.91
C LEU A 535 -9.19 9.91 -8.52
N THR A 536 -9.56 10.07 -9.78
CA THR A 536 -9.35 11.35 -10.44
C THR A 536 -10.08 12.47 -9.72
N THR A 537 -11.05 12.09 -8.90
CA THR A 537 -11.82 13.07 -8.14
C THR A 537 -11.17 13.29 -6.78
N ASP A 538 -11.07 12.20 -6.00
CA ASP A 538 -10.48 12.25 -4.67
C ASP A 538 -9.24 13.14 -4.66
N PHE A 539 -8.43 13.05 -5.72
CA PHE A 539 -7.22 13.85 -5.83
C PHE A 539 -7.57 15.32 -5.75
N GLY A 540 -8.42 15.76 -6.66
CA GLY A 540 -8.84 17.15 -6.69
C GLY A 540 -9.32 17.68 -5.36
N ASN A 541 -10.08 16.86 -4.64
CA ASN A 541 -10.61 17.26 -3.33
C ASN A 541 -9.62 17.16 -2.17
N ALA A 542 -8.51 16.47 -2.40
CA ALA A 542 -7.49 16.33 -1.38
C ALA A 542 -6.50 17.50 -1.50
N GLU A 543 -5.89 17.87 -0.38
CA GLU A 543 -4.94 18.98 -0.34
C GLU A 543 -3.51 18.49 -0.37
N LYS A 544 -2.69 19.12 -1.19
CA LYS A 544 -1.29 18.76 -1.33
C LYS A 544 -0.53 19.01 -0.03
N THR A 545 -1.27 19.08 1.07
CA THR A 545 -0.67 19.32 2.38
C THR A 545 -0.89 18.15 3.33
N ASP A 546 -1.93 17.36 3.09
CA ASP A 546 -2.21 16.21 3.93
C ASP A 546 -1.39 15.02 3.45
N ARG A 547 -0.11 15.01 3.83
CA ARG A 547 0.82 13.95 3.45
C ARG A 547 0.12 12.60 3.51
N PHE A 548 -0.84 12.47 4.42
CA PHE A 548 -1.57 11.22 4.58
C PHE A 548 -2.56 10.87 3.47
N VAL A 549 -3.53 11.74 3.24
CA VAL A 549 -4.54 11.50 2.21
C VAL A 549 -3.92 11.43 0.83
N MET A 550 -2.82 12.12 0.64
CA MET A 550 -2.15 12.10 -0.65
C MET A 550 -1.44 10.78 -0.81
N LYS A 551 -0.76 10.34 0.24
CA LYS A 551 -0.04 9.09 0.19
C LYS A 551 -1.03 7.98 -0.14
N LYS A 552 -2.21 8.03 0.48
CA LYS A 552 -3.21 7.01 0.25
C LYS A 552 -3.68 6.98 -1.20
N LEU A 553 -3.61 8.13 -1.87
CA LEU A 553 -4.02 8.22 -3.27
C LEU A 553 -2.91 7.77 -4.21
N ASN A 554 -1.74 8.40 -4.07
CA ASN A 554 -0.61 8.03 -4.91
C ASN A 554 -0.39 6.52 -4.92
N ASP A 555 -0.66 5.88 -3.79
CA ASP A 555 -0.47 4.45 -3.69
C ASP A 555 -1.43 3.76 -4.64
N ARG A 556 -2.65 4.28 -4.73
CA ARG A 556 -3.64 3.69 -5.61
C ARG A 556 -3.14 3.82 -7.05
N VAL A 557 -2.64 5.00 -7.40
CA VAL A 557 -2.11 5.25 -8.73
C VAL A 557 -1.01 4.26 -9.02
N MET A 558 -0.17 4.05 -8.02
CA MET A 558 0.98 3.16 -8.11
C MET A 558 0.59 1.69 -8.30
N ARG A 559 -0.69 1.37 -8.09
CA ARG A 559 -1.18 0.00 -8.24
C ARG A 559 -1.64 -0.26 -9.66
N VAL A 560 -2.21 0.78 -10.28
CA VAL A 560 -2.75 0.72 -11.64
C VAL A 560 -2.01 -0.15 -12.64
N GLU A 561 -0.75 0.15 -12.90
CA GLU A 561 0.03 -0.61 -13.87
C GLU A 561 0.19 -2.08 -13.50
N TYR A 562 0.65 -2.35 -12.28
CA TYR A 562 0.87 -3.73 -11.84
C TYR A 562 -0.37 -4.61 -11.95
N HIS A 563 -1.51 -4.09 -11.52
CA HIS A 563 -2.74 -4.87 -11.54
C HIS A 563 -3.29 -5.29 -12.90
N PHE A 564 -2.58 -4.97 -13.97
CA PHE A 564 -3.03 -5.40 -15.28
C PHE A 564 -2.22 -6.59 -15.71
N LEU A 565 -1.56 -7.21 -14.73
CA LEU A 565 -0.77 -8.42 -14.94
C LEU A 565 -1.69 -9.58 -14.56
N SER A 566 -2.00 -10.45 -15.52
CA SER A 566 -2.88 -11.57 -15.25
C SER A 566 -2.54 -12.33 -13.98
N PRO A 567 -3.38 -12.21 -12.95
CA PRO A 567 -3.10 -12.92 -11.71
C PRO A 567 -3.53 -14.38 -11.81
N TYR A 568 -3.58 -14.91 -13.03
CA TYR A 568 -3.98 -16.29 -13.21
C TYR A 568 -2.92 -17.11 -13.93
N VAL A 569 -1.75 -16.52 -14.16
CA VAL A 569 -0.65 -17.19 -14.85
C VAL A 569 0.62 -17.11 -14.01
N SER A 570 1.34 -18.22 -13.90
CA SER A 570 2.55 -18.24 -13.09
C SER A 570 3.78 -17.63 -13.74
N PRO A 571 4.47 -16.74 -13.02
CA PRO A 571 5.68 -16.10 -13.55
C PRO A 571 6.68 -17.14 -14.02
N LYS A 572 6.71 -18.27 -13.32
CA LYS A 572 7.63 -19.34 -13.66
C LYS A 572 7.33 -19.90 -15.05
N GLU A 573 6.06 -19.86 -15.44
CA GLU A 573 5.65 -20.38 -16.74
C GLU A 573 5.62 -19.30 -17.83
N SER A 574 4.89 -18.22 -17.56
CA SER A 574 4.77 -17.11 -18.49
C SER A 574 5.08 -15.81 -17.75
N PRO A 575 6.36 -15.44 -17.69
CA PRO A 575 6.85 -14.24 -17.02
C PRO A 575 6.26 -12.89 -17.41
N PHE A 576 5.85 -12.73 -18.67
CA PHE A 576 5.28 -11.46 -19.10
C PHE A 576 3.75 -11.50 -18.99
N ARG A 577 3.28 -11.36 -17.75
CA ARG A 577 1.86 -11.43 -17.41
C ARG A 577 1.00 -10.25 -17.80
N HIS A 578 1.61 -9.11 -18.09
CA HIS A 578 0.81 -7.95 -18.44
C HIS A 578 -0.19 -8.23 -19.54
N VAL A 579 -1.49 -8.23 -19.21
CA VAL A 579 -2.51 -8.50 -20.21
C VAL A 579 -2.38 -7.64 -21.47
N PHE A 580 -1.87 -6.41 -21.33
CA PHE A 580 -1.72 -5.50 -22.46
C PHE A 580 -0.41 -5.60 -23.25
N TRP A 581 0.72 -5.63 -22.55
CA TRP A 581 1.99 -5.66 -23.25
C TRP A 581 2.77 -6.97 -23.11
N GLY A 582 2.24 -7.90 -22.32
CA GLY A 582 2.93 -9.15 -22.11
C GLY A 582 3.06 -10.02 -23.34
N SER A 583 3.17 -11.32 -23.12
CA SER A 583 3.28 -12.29 -24.19
C SER A 583 2.76 -13.60 -23.63
N GLY A 584 1.78 -14.18 -24.31
CA GLY A 584 1.21 -15.43 -23.85
C GLY A 584 -0.26 -15.48 -24.19
N SER A 585 -0.94 -16.57 -23.84
CA SER A 585 -2.36 -16.66 -24.14
C SER A 585 -3.18 -15.76 -23.21
N HIS A 586 -2.57 -15.32 -22.12
CA HIS A 586 -3.25 -14.45 -21.16
C HIS A 586 -3.33 -13.04 -21.72
N THR A 587 -2.48 -12.74 -22.69
CA THR A 587 -2.42 -11.45 -23.37
C THR A 587 -3.78 -11.06 -23.92
N LEU A 588 -4.14 -9.80 -23.78
CA LEU A 588 -5.42 -9.33 -24.27
C LEU A 588 -5.38 -9.45 -25.80
N PRO A 589 -4.32 -8.91 -26.44
CA PRO A 589 -4.21 -9.01 -27.90
C PRO A 589 -4.30 -10.45 -28.37
N ALA A 590 -3.70 -11.34 -27.60
CA ALA A 590 -3.72 -12.76 -27.91
C ALA A 590 -5.13 -13.30 -28.02
N LEU A 591 -6.07 -12.73 -27.25
CA LEU A 591 -7.45 -13.17 -27.27
C LEU A 591 -8.05 -12.94 -28.65
N LEU A 592 -8.02 -11.69 -29.10
CA LEU A 592 -8.54 -11.36 -30.41
C LEU A 592 -7.84 -12.23 -31.44
N GLU A 593 -6.51 -12.26 -31.35
CA GLU A 593 -5.70 -13.03 -32.28
C GLU A 593 -6.15 -14.48 -32.46
N ASN A 594 -6.82 -15.03 -31.46
CA ASN A 594 -7.30 -16.40 -31.55
C ASN A 594 -8.69 -16.36 -32.15
N LEU A 595 -9.48 -15.39 -31.72
CA LEU A 595 -10.84 -15.23 -32.19
C LEU A 595 -10.87 -14.98 -33.69
N LYS A 596 -9.90 -14.23 -34.19
CA LYS A 596 -9.83 -13.93 -35.62
C LYS A 596 -9.94 -15.23 -36.41
N LEU A 597 -9.28 -16.27 -35.91
CA LEU A 597 -9.25 -17.58 -36.56
C LEU A 597 -10.61 -18.27 -36.66
N ARG A 598 -11.57 -17.81 -35.86
CA ARG A 598 -12.91 -18.38 -35.84
C ARG A 598 -13.52 -18.40 -37.25
N LYS A 599 -13.44 -17.25 -37.92
CA LYS A 599 -13.96 -17.10 -39.28
C LYS A 599 -13.37 -18.07 -40.30
N GLN A 600 -12.08 -18.40 -40.13
CA GLN A 600 -11.39 -19.32 -41.05
C GLN A 600 -12.03 -20.70 -41.14
N ASN A 601 -13.14 -20.87 -40.42
CA ASN A 601 -13.91 -22.12 -40.37
C ASN A 601 -13.12 -23.41 -40.13
N ASN A 602 -11.79 -23.30 -40.05
CA ASN A 602 -10.93 -24.47 -39.80
C ASN A 602 -10.80 -24.71 -38.29
N GLY A 603 -9.92 -25.63 -37.91
CA GLY A 603 -9.73 -25.94 -36.51
C GLY A 603 -8.77 -25.02 -35.78
N ALA A 604 -8.09 -24.15 -36.53
CA ALA A 604 -7.12 -23.20 -35.99
C ALA A 604 -7.61 -22.49 -34.73
N PHE A 605 -8.92 -22.33 -34.62
CA PHE A 605 -9.51 -21.66 -33.46
C PHE A 605 -9.77 -22.67 -32.32
N ASN A 606 -9.12 -22.45 -31.17
CA ASN A 606 -9.33 -23.31 -30.01
C ASN A 606 -10.44 -22.63 -29.23
N GLU A 607 -11.64 -23.22 -29.26
CA GLU A 607 -12.77 -22.63 -28.56
C GLU A 607 -12.62 -22.65 -27.05
N THR A 608 -12.24 -23.80 -26.50
CA THR A 608 -12.08 -23.89 -25.04
C THR A 608 -11.07 -22.85 -24.58
N LEU A 609 -10.02 -22.65 -25.36
CA LEU A 609 -9.01 -21.66 -25.01
C LEU A 609 -9.64 -20.27 -24.95
N PHE A 610 -10.38 -19.91 -25.99
CA PHE A 610 -11.03 -18.61 -26.03
C PHE A 610 -11.90 -18.45 -24.78
N ARG A 611 -12.89 -19.33 -24.65
CA ARG A 611 -13.78 -19.30 -23.50
C ARG A 611 -13.08 -18.82 -22.24
N ASN A 612 -11.95 -19.45 -21.93
CA ASN A 612 -11.18 -19.05 -20.76
C ASN A 612 -10.58 -17.69 -20.96
N GLN A 613 -9.80 -17.54 -22.03
CA GLN A 613 -9.16 -16.27 -22.35
C GLN A 613 -10.11 -15.13 -22.00
N LEU A 614 -11.30 -15.15 -22.57
CA LEU A 614 -12.27 -14.12 -22.32
C LEU A 614 -12.60 -14.11 -20.84
N ALA A 615 -13.08 -15.25 -20.34
CA ALA A 615 -13.45 -15.39 -18.93
C ALA A 615 -12.44 -14.74 -17.96
N LEU A 616 -11.19 -15.19 -18.03
CA LEU A 616 -10.18 -14.63 -17.15
C LEU A 616 -9.86 -13.18 -17.50
N ALA A 617 -9.52 -12.92 -18.76
CA ALA A 617 -9.20 -11.56 -19.18
C ALA A 617 -10.26 -10.60 -18.66
N THR A 618 -11.44 -11.12 -18.37
CA THR A 618 -12.51 -10.28 -17.85
C THR A 618 -12.20 -10.01 -16.39
N TRP A 619 -12.12 -11.08 -15.62
CA TRP A 619 -11.83 -10.95 -14.20
C TRP A 619 -10.51 -10.23 -13.94
N THR A 620 -9.60 -10.25 -14.90
CA THR A 620 -8.34 -9.56 -14.71
C THR A 620 -8.67 -8.08 -14.65
N ILE A 621 -9.39 -7.62 -15.67
CA ILE A 621 -9.80 -6.24 -15.76
C ILE A 621 -10.67 -5.91 -14.56
N GLN A 622 -11.63 -6.78 -14.28
CA GLN A 622 -12.54 -6.58 -13.16
C GLN A 622 -11.70 -6.31 -11.91
N GLY A 623 -10.82 -7.25 -11.60
CA GLY A 623 -9.96 -7.12 -10.44
C GLY A 623 -9.21 -5.80 -10.43
N ALA A 624 -8.64 -5.45 -11.57
CA ALA A 624 -7.90 -4.20 -11.69
C ALA A 624 -8.76 -3.08 -11.15
N ALA A 625 -10.07 -3.22 -11.36
CA ALA A 625 -11.00 -2.23 -10.91
C ALA A 625 -11.14 -2.27 -9.40
N ASN A 626 -11.56 -3.42 -8.89
CA ASN A 626 -11.73 -3.59 -7.45
C ASN A 626 -10.48 -3.22 -6.65
N ALA A 627 -9.32 -3.28 -7.30
CA ALA A 627 -8.09 -2.94 -6.62
C ALA A 627 -7.80 -1.45 -6.70
N LEU A 628 -8.23 -0.81 -7.77
CA LEU A 628 -7.99 0.62 -7.97
C LEU A 628 -8.97 1.52 -7.23
N SER A 629 -9.70 0.93 -6.29
CA SER A 629 -10.67 1.61 -5.42
C SER A 629 -12.12 1.23 -5.56
N GLY A 630 -12.95 2.23 -5.87
CA GLY A 630 -14.37 2.00 -5.96
C GLY A 630 -14.77 2.16 -4.50
N ASP A 631 -13.85 2.81 -3.77
CA ASP A 631 -13.99 3.08 -2.34
C ASP A 631 -13.96 1.76 -1.60
N VAL A 632 -13.38 0.74 -2.23
CA VAL A 632 -13.32 -0.59 -1.63
C VAL A 632 -14.72 -1.17 -1.64
N TRP A 633 -14.82 -2.51 -1.64
CA TRP A 633 -16.13 -3.16 -1.63
C TRP A 633 -17.07 -2.64 -2.71
N ASP A 634 -16.56 -2.45 -3.93
CA ASP A 634 -17.40 -1.93 -5.03
C ASP A 634 -18.84 -2.44 -4.90
N ILE A 635 -19.77 -1.50 -4.72
CA ILE A 635 -21.18 -1.84 -4.53
C ILE A 635 -22.09 -1.92 -5.76
N ASP A 636 -21.64 -2.56 -6.83
CA ASP A 636 -22.50 -2.77 -7.99
C ASP A 636 -23.03 -4.18 -7.80
N ASN A 637 -23.66 -4.35 -6.64
CA ASN A 637 -24.24 -5.60 -6.17
C ASN A 637 -25.42 -6.11 -7.00
N GLU A 638 -26.04 -5.21 -7.78
CA GLU A 638 -27.16 -5.58 -8.62
C GLU A 638 -26.70 -6.59 -9.67
N PHE A 639 -26.54 -6.13 -10.91
CA PHE A 639 -26.09 -6.98 -12.01
C PHE A 639 -26.26 -8.48 -11.72
N LEU B 1 -12.33 6.77 24.01
CA LEU B 1 -12.42 5.92 25.20
C LEU B 1 -11.28 4.92 25.26
N TYR B 2 -11.04 4.34 26.44
CA TYR B 2 -9.97 3.36 26.60
C TYR B 2 -10.52 1.94 26.65
N TRP B 3 -9.63 0.96 26.46
CA TRP B 3 -10.01 -0.45 26.45
C TRP B 3 -10.97 -0.82 27.56
N ASP B 4 -10.61 -0.52 28.80
CA ASP B 4 -11.47 -0.86 29.92
C ASP B 4 -12.88 -0.39 29.60
N ASP B 5 -13.00 0.85 29.14
CA ASP B 5 -14.31 1.40 28.80
C ASP B 5 -15.02 0.51 27.80
N LEU B 6 -14.39 0.29 26.65
CA LEU B 6 -14.98 -0.56 25.62
C LEU B 6 -15.24 -1.96 26.13
N LYS B 7 -14.32 -2.50 26.92
CA LYS B 7 -14.51 -3.85 27.45
C LYS B 7 -15.73 -3.87 28.34
N ARG B 8 -15.79 -2.92 29.27
CA ARG B 8 -16.91 -2.82 30.21
C ARG B 8 -18.23 -2.60 29.49
N LYS B 9 -18.24 -1.66 28.54
CA LYS B 9 -19.47 -1.39 27.80
C LYS B 9 -19.92 -2.65 27.08
N LEU B 10 -19.09 -3.13 26.17
CA LEU B 10 -19.38 -4.34 25.42
C LEU B 10 -19.93 -5.45 26.30
N SER B 11 -19.51 -5.47 27.56
CA SER B 11 -19.96 -6.52 28.47
C SER B 11 -21.42 -6.32 28.88
N GLU B 12 -21.74 -5.15 29.43
CA GLU B 12 -23.11 -4.90 29.84
C GLU B 12 -24.06 -5.03 28.65
N LYS B 13 -23.59 -4.63 27.47
CA LYS B 13 -24.41 -4.74 26.27
C LYS B 13 -24.64 -6.23 26.06
N LEU B 14 -23.60 -7.02 26.28
CA LEU B 14 -23.72 -8.47 26.13
C LEU B 14 -24.56 -9.03 27.28
N ASP B 15 -24.59 -8.29 28.39
CA ASP B 15 -25.36 -8.70 29.56
C ASP B 15 -26.85 -8.56 29.32
N SER B 16 -27.21 -7.73 28.34
CA SER B 16 -28.61 -7.49 28.02
C SER B 16 -28.97 -7.77 26.56
N THR B 17 -28.68 -8.98 26.11
CA THR B 17 -29.01 -9.36 24.74
C THR B 17 -29.47 -10.81 24.72
N ASP B 18 -30.69 -11.04 24.25
CA ASP B 18 -31.23 -12.38 24.19
C ASP B 18 -30.79 -13.09 22.90
N PHE B 19 -29.77 -13.94 23.01
CA PHE B 19 -29.26 -14.66 21.85
C PHE B 19 -30.15 -15.86 21.58
N THR B 20 -30.63 -16.47 22.65
CA THR B 20 -31.49 -17.64 22.53
C THR B 20 -32.74 -17.36 21.69
N SER B 21 -33.33 -16.18 21.87
CA SER B 21 -34.53 -15.81 21.10
C SER B 21 -34.26 -15.84 19.61
N THR B 22 -33.22 -15.11 19.18
CA THR B 22 -32.87 -15.04 17.78
C THR B 22 -32.44 -16.39 17.21
N ILE B 23 -31.86 -17.24 18.06
CA ILE B 23 -31.44 -18.55 17.60
C ILE B 23 -32.71 -19.36 17.31
N LYS B 24 -33.77 -19.01 18.03
CA LYS B 24 -35.07 -19.65 17.87
C LYS B 24 -35.77 -19.03 16.65
N LEU B 25 -35.87 -17.71 16.65
CA LEU B 25 -36.50 -17.00 15.55
C LEU B 25 -35.98 -17.56 14.23
N LEU B 26 -34.69 -17.83 14.18
CA LEU B 26 -34.09 -18.38 12.98
C LEU B 26 -34.37 -19.86 12.90
N ASN B 27 -35.57 -20.24 13.33
CA ASN B 27 -36.01 -21.63 13.30
C ASN B 27 -37.49 -21.74 12.93
N GLU B 28 -38.20 -20.62 13.00
CA GLU B 28 -39.62 -20.58 12.64
C GLU B 28 -39.71 -21.12 11.22
N ASN B 29 -40.84 -21.72 10.87
CA ASN B 29 -41.00 -22.26 9.52
C ASN B 29 -40.77 -21.22 8.44
N SER B 30 -40.69 -19.95 8.84
CA SER B 30 -40.45 -18.87 7.90
C SER B 30 -39.14 -19.12 7.16
N TYR B 31 -38.18 -19.72 7.86
CA TYR B 31 -36.89 -20.04 7.27
C TYR B 31 -36.27 -21.26 7.93
N VAL B 32 -36.90 -22.42 7.77
CA VAL B 32 -36.35 -23.61 8.39
C VAL B 32 -35.55 -24.48 7.43
N PRO B 33 -36.19 -25.10 6.42
CA PRO B 33 -35.26 -25.88 5.60
C PRO B 33 -34.59 -24.92 4.66
N ARG B 34 -33.81 -24.00 5.22
CA ARG B 34 -33.11 -22.98 4.47
C ARG B 34 -31.94 -23.54 3.67
N GLU B 35 -32.21 -24.47 2.76
CA GLU B 35 -31.17 -25.06 1.95
C GLU B 35 -30.50 -23.94 1.18
N ALA B 36 -29.37 -24.26 0.57
CA ALA B 36 -28.63 -23.26 -0.21
C ALA B 36 -29.42 -22.84 -1.42
N GLY B 37 -29.60 -21.54 -1.58
CA GLY B 37 -30.32 -21.03 -2.72
C GLY B 37 -31.78 -21.40 -2.75
N SER B 38 -32.38 -21.63 -1.58
CA SER B 38 -33.79 -21.99 -1.50
C SER B 38 -34.57 -20.70 -1.23
N GLN B 39 -35.88 -20.82 -1.09
CA GLN B 39 -36.69 -19.65 -0.82
C GLN B 39 -36.45 -19.21 0.62
N LYS B 40 -36.50 -20.16 1.55
CA LYS B 40 -36.28 -19.87 2.96
C LYS B 40 -34.95 -19.15 3.06
N ASP B 41 -33.94 -19.71 2.41
CA ASP B 41 -32.60 -19.14 2.37
C ASP B 41 -32.76 -17.65 2.10
N GLU B 42 -33.32 -17.36 0.91
CA GLU B 42 -33.55 -16.01 0.44
C GLU B 42 -34.38 -15.21 1.43
N ASN B 43 -35.21 -15.89 2.20
CA ASN B 43 -36.03 -15.20 3.20
C ASN B 43 -35.16 -14.64 4.30
N LEU B 44 -34.41 -15.51 4.96
CA LEU B 44 -33.52 -15.09 6.05
C LEU B 44 -32.54 -14.06 5.54
N ALA B 45 -32.06 -14.26 4.31
CA ALA B 45 -31.12 -13.34 3.70
C ALA B 45 -31.67 -11.92 3.78
N LEU B 46 -32.88 -11.73 3.30
CA LEU B 46 -33.49 -10.41 3.31
C LEU B 46 -33.77 -9.97 4.73
N TYR B 47 -33.93 -10.94 5.63
CA TYR B 47 -34.17 -10.61 7.02
C TYR B 47 -32.94 -9.95 7.57
N VAL B 48 -31.80 -10.62 7.39
CA VAL B 48 -30.54 -10.09 7.87
C VAL B 48 -30.32 -8.73 7.22
N GLU B 49 -30.48 -8.68 5.90
CA GLU B 49 -30.27 -7.44 5.16
C GLU B 49 -31.04 -6.27 5.77
N ASN B 50 -32.31 -6.51 6.05
CA ASN B 50 -33.13 -5.46 6.62
C ASN B 50 -32.68 -5.17 8.05
N GLU B 51 -32.51 -6.23 8.85
CA GLU B 51 -32.06 -6.04 10.21
C GLU B 51 -30.85 -5.09 10.23
N PHE B 52 -29.90 -5.35 9.34
CA PHE B 52 -28.72 -4.50 9.25
C PHE B 52 -29.17 -3.06 9.02
N ARG B 53 -30.07 -2.88 8.07
CA ARG B 53 -30.59 -1.56 7.76
C ARG B 53 -31.23 -0.99 9.01
N GLU B 54 -32.01 -1.82 9.69
CA GLU B 54 -32.69 -1.38 10.90
C GLU B 54 -31.67 -1.00 11.95
N PHE B 55 -30.55 -1.74 11.98
CA PHE B 55 -29.49 -1.45 12.94
C PHE B 55 -28.92 -0.08 12.69
N LYS B 56 -29.37 0.55 11.61
CA LYS B 56 -28.94 1.89 11.27
C LYS B 56 -27.45 1.97 10.97
N LEU B 57 -26.84 0.84 10.64
CA LEU B 57 -25.41 0.85 10.33
C LEU B 57 -25.22 1.47 8.95
N SER B 58 -24.00 1.90 8.65
CA SER B 58 -23.71 2.52 7.35
C SER B 58 -24.03 1.59 6.19
N LYS B 59 -23.46 1.89 5.01
CA LYS B 59 -23.70 1.07 3.82
C LYS B 59 -23.92 -0.41 4.11
N VAL B 60 -24.86 -1.01 3.38
CA VAL B 60 -25.20 -2.42 3.51
C VAL B 60 -25.72 -2.82 2.14
N TRP B 61 -25.14 -3.88 1.57
CA TRP B 61 -25.52 -4.31 0.23
C TRP B 61 -25.73 -5.80 0.09
N ARG B 62 -25.92 -6.24 -1.15
CA ARG B 62 -26.12 -7.65 -1.49
C ARG B 62 -25.02 -8.17 -2.40
N ASP B 63 -24.78 -9.47 -2.37
CA ASP B 63 -23.75 -10.03 -3.25
C ASP B 63 -24.36 -11.24 -3.97
N GLN B 64 -24.66 -11.05 -5.24
CA GLN B 64 -25.27 -12.08 -6.05
C GLN B 64 -24.25 -13.04 -6.65
N HIS B 65 -24.65 -14.28 -6.87
CA HIS B 65 -23.76 -15.29 -7.44
C HIS B 65 -24.55 -16.48 -7.99
N PHE B 66 -24.06 -17.05 -9.08
CA PHE B 66 -24.71 -18.21 -9.66
C PHE B 66 -23.72 -19.35 -9.70
N VAL B 67 -23.83 -20.26 -8.73
CA VAL B 67 -22.92 -21.40 -8.69
C VAL B 67 -23.66 -22.70 -8.89
N LYS B 68 -22.96 -23.72 -9.39
CA LYS B 68 -23.59 -25.03 -9.61
C LYS B 68 -23.52 -25.90 -8.37
N ILE B 69 -24.68 -26.21 -7.80
CA ILE B 69 -24.79 -27.04 -6.62
C ILE B 69 -25.32 -28.40 -7.09
N GLN B 70 -25.11 -29.44 -6.30
CA GLN B 70 -25.61 -30.76 -6.66
C GLN B 70 -26.75 -31.17 -5.75
N VAL B 71 -27.81 -31.71 -6.33
CA VAL B 71 -28.96 -32.15 -5.54
C VAL B 71 -29.39 -33.56 -5.87
N LYS B 72 -30.25 -34.11 -5.01
CA LYS B 72 -30.75 -35.47 -5.18
C LYS B 72 -31.72 -35.52 -6.36
N ASP B 73 -31.41 -36.37 -7.34
CA ASP B 73 -32.27 -36.52 -8.51
C ASP B 73 -33.56 -37.23 -8.14
N SER B 74 -34.62 -37.01 -8.93
CA SER B 74 -35.91 -37.65 -8.68
C SER B 74 -35.75 -39.18 -8.49
N ALA B 75 -34.77 -39.75 -9.19
CA ALA B 75 -34.46 -41.18 -9.09
C ALA B 75 -33.83 -41.41 -7.73
N GLN B 76 -34.28 -42.46 -7.03
CA GLN B 76 -33.75 -42.76 -5.70
C GLN B 76 -32.37 -43.39 -5.65
N ASN B 77 -31.55 -42.85 -4.74
CA ASN B 77 -30.20 -43.34 -4.51
C ASN B 77 -30.33 -44.51 -3.54
N SER B 78 -29.53 -45.54 -3.72
CA SER B 78 -29.65 -46.70 -2.83
C SER B 78 -28.46 -47.63 -2.79
N VAL B 79 -28.41 -48.37 -1.68
CA VAL B 79 -27.38 -49.35 -1.43
C VAL B 79 -28.10 -50.67 -1.30
N ILE B 80 -27.62 -51.69 -2.02
CA ILE B 80 -28.25 -53.00 -1.96
C ILE B 80 -27.22 -54.13 -2.03
N ILE B 81 -27.37 -55.09 -1.11
CA ILE B 81 -26.46 -56.22 -1.07
C ILE B 81 -26.91 -57.18 -2.17
N VAL B 82 -25.95 -57.64 -2.97
CA VAL B 82 -26.25 -58.55 -4.06
C VAL B 82 -25.01 -59.33 -4.43
N ASP B 83 -25.21 -60.61 -4.73
CA ASP B 83 -24.11 -61.50 -5.10
C ASP B 83 -23.62 -61.12 -6.48
N LYS B 84 -22.96 -62.06 -7.16
CA LYS B 84 -22.44 -61.83 -8.49
C LYS B 84 -23.64 -61.73 -9.42
N ASN B 85 -24.80 -61.46 -8.81
CA ASN B 85 -26.06 -61.35 -9.52
C ASN B 85 -27.20 -61.08 -8.54
N GLY B 86 -28.17 -60.27 -8.96
CA GLY B 86 -29.35 -59.92 -8.17
C GLY B 86 -29.23 -59.71 -6.65
N ARG B 87 -30.19 -58.99 -6.07
CA ARG B 87 -30.21 -58.73 -4.63
C ARG B 87 -30.91 -59.86 -3.89
N LEU B 88 -30.16 -60.61 -3.07
CA LEU B 88 -30.75 -61.73 -2.33
C LEU B 88 -31.52 -61.28 -1.10
N VAL B 89 -30.82 -60.56 -0.23
CA VAL B 89 -31.42 -60.04 0.99
C VAL B 89 -32.42 -58.94 0.62
N TYR B 90 -32.05 -57.68 0.89
CA TYR B 90 -32.92 -56.54 0.59
C TYR B 90 -32.12 -55.26 0.34
N LEU B 91 -32.78 -54.30 -0.29
CA LEU B 91 -32.18 -53.01 -0.60
C LEU B 91 -31.79 -52.36 0.72
N VAL B 92 -30.55 -52.57 1.16
CA VAL B 92 -30.05 -52.01 2.41
C VAL B 92 -30.84 -50.77 2.79
N GLU B 93 -30.83 -49.78 1.90
CA GLU B 93 -31.57 -48.58 2.17
C GLU B 93 -31.55 -47.62 1.00
N ASN B 94 -32.54 -46.74 0.99
CA ASN B 94 -32.69 -45.67 0.00
C ASN B 94 -32.34 -44.44 0.81
N PRO B 95 -31.03 -44.19 1.03
CA PRO B 95 -30.54 -43.05 1.80
C PRO B 95 -31.42 -41.80 1.73
N GLY B 96 -31.68 -41.20 2.89
CA GLY B 96 -32.49 -39.99 2.96
C GLY B 96 -31.72 -38.72 2.63
N GLY B 97 -30.39 -38.77 2.80
CA GLY B 97 -29.55 -37.64 2.51
C GLY B 97 -28.58 -37.98 1.38
N TYR B 98 -27.60 -37.12 1.14
CA TYR B 98 -26.63 -37.39 0.08
C TYR B 98 -25.33 -36.60 0.23
N VAL B 99 -24.34 -37.02 -0.56
CA VAL B 99 -23.03 -36.36 -0.56
C VAL B 99 -22.95 -35.54 -1.84
N ALA B 100 -23.00 -34.21 -1.69
CA ALA B 100 -22.95 -33.31 -2.84
C ALA B 100 -21.75 -33.59 -3.72
N TYR B 101 -21.74 -33.00 -4.91
CA TYR B 101 -20.66 -33.18 -5.86
C TYR B 101 -20.16 -34.61 -5.98
N SER B 102 -20.97 -35.58 -5.54
CA SER B 102 -20.56 -36.97 -5.66
C SER B 102 -20.66 -37.42 -7.10
N LYS B 103 -19.77 -38.31 -7.52
CA LYS B 103 -19.79 -38.84 -8.89
C LYS B 103 -21.16 -39.43 -9.16
N ALA B 104 -21.81 -38.97 -10.22
CA ALA B 104 -23.12 -39.48 -10.57
C ALA B 104 -22.94 -40.79 -11.32
N ALA B 105 -23.04 -41.90 -10.61
CA ALA B 105 -22.88 -43.21 -11.22
C ALA B 105 -23.41 -44.29 -10.31
N THR B 106 -23.19 -45.54 -10.72
CA THR B 106 -23.64 -46.70 -9.95
C THR B 106 -22.74 -47.89 -10.22
N VAL B 107 -22.19 -48.45 -9.14
CA VAL B 107 -21.30 -49.60 -9.25
C VAL B 107 -21.47 -50.55 -8.07
N THR B 108 -21.00 -51.78 -8.25
CA THR B 108 -21.09 -52.80 -7.22
C THR B 108 -19.79 -53.61 -7.11
N GLY B 109 -19.55 -54.15 -5.91
CA GLY B 109 -18.34 -54.93 -5.69
C GLY B 109 -18.17 -55.20 -4.21
N LYS B 110 -16.96 -55.63 -3.84
CA LYS B 110 -16.63 -55.93 -2.45
C LYS B 110 -16.81 -54.67 -1.59
N LEU B 111 -16.93 -54.85 -0.28
CA LEU B 111 -17.11 -53.70 0.59
C LEU B 111 -16.20 -53.69 1.84
N VAL B 112 -15.07 -53.02 1.72
CA VAL B 112 -14.11 -52.92 2.82
C VAL B 112 -14.53 -51.81 3.78
N HIS B 113 -14.07 -51.90 5.03
CA HIS B 113 -14.41 -50.91 6.04
C HIS B 113 -13.18 -50.24 6.65
N ALA B 114 -12.71 -49.17 6.00
CA ALA B 114 -11.55 -48.44 6.48
C ALA B 114 -11.93 -47.36 7.49
N ASN B 115 -11.86 -47.72 8.77
CA ASN B 115 -12.17 -46.81 9.86
C ASN B 115 -11.85 -45.36 9.53
N PHE B 116 -12.71 -44.46 10.01
CA PHE B 116 -12.54 -43.02 9.81
C PHE B 116 -11.97 -42.63 8.45
N GLY B 117 -12.88 -42.52 7.48
CA GLY B 117 -12.51 -42.14 6.13
C GLY B 117 -11.07 -42.36 5.72
N THR B 118 -10.57 -43.57 5.98
CA THR B 118 -9.20 -43.93 5.63
C THR B 118 -8.18 -43.01 6.29
N LYS B 119 -8.58 -41.77 6.56
CA LYS B 119 -7.70 -40.80 7.18
C LYS B 119 -6.42 -40.66 6.36
N LYS B 120 -6.35 -41.40 5.24
CA LYS B 120 -5.19 -41.39 4.35
C LYS B 120 -4.15 -42.28 5.04
N ASP B 121 -4.16 -42.20 6.35
CA ASP B 121 -3.27 -42.96 7.21
C ASP B 121 -3.80 -44.38 7.32
N PHE B 122 -5.03 -44.49 7.84
CA PHE B 122 -5.68 -45.78 8.04
C PHE B 122 -5.66 -46.70 6.83
N GLU B 123 -5.46 -46.15 5.63
CA GLU B 123 -5.43 -46.96 4.43
C GLU B 123 -4.32 -48.00 4.53
N ASP B 124 -3.35 -47.75 5.39
CA ASP B 124 -2.25 -48.70 5.58
C ASP B 124 -2.72 -49.83 6.50
N LEU B 125 -3.73 -50.56 6.01
CA LEU B 125 -4.30 -51.69 6.75
C LEU B 125 -4.16 -52.95 5.88
N TYR B 126 -4.45 -54.09 6.48
CA TYR B 126 -4.33 -55.39 5.81
C TYR B 126 -5.11 -55.54 4.49
N THR B 127 -6.43 -55.67 4.58
CA THR B 127 -7.28 -55.84 3.40
C THR B 127 -7.14 -54.69 2.40
N PRO B 128 -6.85 -55.02 1.13
CA PRO B 128 -6.70 -54.03 0.06
C PRO B 128 -8.05 -53.54 -0.48
N VAL B 129 -8.10 -52.28 -0.89
CA VAL B 129 -9.32 -51.69 -1.44
C VAL B 129 -9.19 -51.58 -2.96
N ASN B 130 -8.15 -52.21 -3.49
CA ASN B 130 -7.86 -52.22 -4.92
C ASN B 130 -9.05 -52.71 -5.74
N GLY B 131 -9.97 -51.80 -6.04
CA GLY B 131 -11.14 -52.14 -6.82
C GLY B 131 -12.28 -52.70 -5.99
N SER B 132 -12.82 -51.89 -5.08
CA SER B 132 -13.92 -52.34 -4.23
C SER B 132 -14.52 -51.19 -3.44
N ILE B 133 -15.83 -51.25 -3.20
CA ILE B 133 -16.51 -50.21 -2.43
C ILE B 133 -15.98 -50.17 -1.02
N VAL B 134 -16.00 -48.99 -0.39
CA VAL B 134 -15.49 -48.83 0.97
C VAL B 134 -16.44 -48.10 1.92
N ILE B 135 -16.38 -48.51 3.19
CA ILE B 135 -17.18 -47.91 4.25
C ILE B 135 -16.24 -47.13 5.14
N VAL B 136 -16.72 -46.01 5.68
CA VAL B 136 -15.91 -45.19 6.59
C VAL B 136 -16.80 -44.46 7.59
N ARG B 137 -16.22 -44.13 8.73
CA ARG B 137 -16.94 -43.42 9.78
C ARG B 137 -16.80 -41.92 9.56
N ALA B 138 -17.80 -41.14 9.96
CA ALA B 138 -17.73 -39.70 9.80
C ALA B 138 -16.89 -39.22 10.97
N GLY B 139 -15.71 -38.65 10.71
CA GLY B 139 -14.91 -38.21 11.84
C GLY B 139 -13.67 -37.35 11.64
N LYS B 140 -12.52 -37.89 12.02
CA LYS B 140 -11.24 -37.20 11.94
C LYS B 140 -11.01 -36.30 10.72
N ILE B 141 -11.49 -36.70 9.55
CA ILE B 141 -11.30 -35.87 8.37
C ILE B 141 -12.62 -35.50 7.70
N THR B 142 -12.52 -34.86 6.54
CA THR B 142 -13.71 -34.44 5.80
C THR B 142 -14.04 -35.43 4.70
N PHE B 143 -15.34 -35.61 4.43
CA PHE B 143 -15.79 -36.54 3.40
C PHE B 143 -14.86 -36.40 2.19
N ALA B 144 -14.69 -35.16 1.74
CA ALA B 144 -13.85 -34.85 0.61
C ALA B 144 -12.56 -35.65 0.69
N GLU B 145 -11.88 -35.52 1.81
CA GLU B 145 -10.63 -36.23 2.01
C GLU B 145 -10.85 -37.74 2.07
N LYS B 146 -11.85 -38.17 2.84
CA LYS B 146 -12.15 -39.59 2.95
C LYS B 146 -12.25 -40.20 1.58
N VAL B 147 -13.09 -39.60 0.74
CA VAL B 147 -13.29 -40.07 -0.63
C VAL B 147 -12.00 -39.99 -1.44
N ALA B 148 -11.38 -38.82 -1.44
CA ALA B 148 -10.15 -38.59 -2.17
C ALA B 148 -9.15 -39.74 -1.97
N ASN B 149 -8.89 -40.09 -0.71
CA ASN B 149 -7.96 -41.16 -0.39
C ASN B 149 -8.47 -42.49 -0.95
N ALA B 150 -9.74 -42.78 -0.69
CA ALA B 150 -10.34 -44.01 -1.18
C ALA B 150 -10.01 -44.19 -2.66
N GLU B 151 -10.25 -43.15 -3.44
CA GLU B 151 -9.99 -43.21 -4.85
C GLU B 151 -8.51 -43.23 -5.20
N SER B 152 -7.69 -42.62 -4.34
CA SER B 152 -6.26 -42.61 -4.60
C SER B 152 -5.73 -44.05 -4.51
N LEU B 153 -6.48 -44.90 -3.83
CA LEU B 153 -6.10 -46.31 -3.67
C LEU B 153 -6.88 -47.17 -4.67
N ASN B 154 -7.48 -46.52 -5.65
CA ASN B 154 -8.25 -47.18 -6.70
C ASN B 154 -9.54 -47.85 -6.27
N ALA B 155 -10.17 -47.33 -5.23
CA ALA B 155 -11.44 -47.90 -4.79
C ALA B 155 -12.53 -47.27 -5.64
N ILE B 156 -13.78 -47.66 -5.37
CA ILE B 156 -14.95 -47.13 -6.07
C ILE B 156 -16.07 -47.10 -5.07
N GLY B 157 -16.85 -46.02 -5.08
CA GLY B 157 -17.95 -45.92 -4.15
C GLY B 157 -17.47 -45.86 -2.72
N VAL B 158 -18.07 -44.99 -1.93
CA VAL B 158 -17.71 -44.83 -0.53
C VAL B 158 -18.97 -44.53 0.26
N LEU B 159 -19.13 -45.24 1.37
CA LEU B 159 -20.30 -45.03 2.23
C LEU B 159 -19.82 -44.41 3.54
N ILE B 160 -20.53 -43.39 4.01
CA ILE B 160 -20.18 -42.72 5.25
C ILE B 160 -21.32 -42.85 6.25
N TYR B 161 -21.04 -43.40 7.43
CA TYR B 161 -22.07 -43.59 8.46
C TYR B 161 -21.63 -43.05 9.81
N MET B 162 -22.60 -42.75 10.67
CA MET B 162 -22.31 -42.23 12.00
C MET B 162 -22.40 -43.34 13.06
N ASP B 163 -21.29 -43.99 13.36
CA ASP B 163 -21.31 -45.06 14.36
C ASP B 163 -21.87 -44.59 15.70
N GLN B 164 -22.15 -45.55 16.59
CA GLN B 164 -22.74 -45.27 17.90
C GLN B 164 -21.81 -44.60 18.91
N THR B 165 -20.58 -45.12 19.02
CA THR B 165 -19.58 -44.56 19.95
C THR B 165 -19.29 -43.09 19.67
N LYS B 166 -18.92 -42.80 18.42
CA LYS B 166 -18.60 -41.44 17.99
C LYS B 166 -19.85 -40.58 17.95
N PHE B 167 -20.97 -41.16 17.51
CA PHE B 167 -22.23 -40.44 17.42
C PHE B 167 -23.33 -41.09 18.22
N PRO B 168 -23.40 -40.78 19.52
CA PRO B 168 -24.36 -41.29 20.49
C PRO B 168 -25.78 -40.80 20.23
N ILE B 169 -26.29 -41.02 19.01
CA ILE B 169 -27.64 -40.61 18.68
C ILE B 169 -28.57 -41.79 18.94
N VAL B 170 -29.60 -41.55 19.74
CA VAL B 170 -30.58 -42.59 20.07
C VAL B 170 -31.15 -43.22 18.79
N ASN B 171 -31.60 -42.38 17.87
CA ASN B 171 -32.17 -42.83 16.60
C ASN B 171 -31.09 -43.30 15.63
N ALA B 172 -31.23 -44.52 15.13
CA ALA B 172 -30.26 -45.09 14.20
C ALA B 172 -30.79 -45.09 12.78
N GLU B 173 -32.00 -44.55 12.61
CA GLU B 173 -32.65 -44.46 11.31
C GLU B 173 -32.43 -43.05 10.77
N LEU B 174 -31.47 -42.35 11.35
CA LEU B 174 -31.15 -40.97 10.98
C LEU B 174 -30.11 -40.86 9.86
N SER B 175 -30.41 -39.98 8.91
CA SER B 175 -29.52 -39.76 7.77
C SER B 175 -28.99 -38.31 7.72
N PHE B 176 -27.75 -38.15 7.24
CA PHE B 176 -27.12 -36.85 7.18
C PHE B 176 -26.65 -36.42 5.78
N PHE B 177 -26.39 -35.12 5.65
CA PHE B 177 -25.94 -34.47 4.41
C PHE B 177 -24.41 -34.33 4.25
N GLY B 178 -23.92 -34.58 3.03
CA GLY B 178 -22.50 -34.50 2.79
C GLY B 178 -22.02 -33.45 1.81
N HIS B 179 -20.70 -33.36 1.67
CA HIS B 179 -20.05 -32.39 0.79
C HIS B 179 -19.33 -33.06 -0.38
N ALA B 180 -18.13 -33.58 -0.13
CA ALA B 180 -17.31 -34.29 -1.12
C ALA B 180 -16.36 -33.52 -2.03
N HIS B 181 -16.39 -32.19 -1.98
CA HIS B 181 -15.48 -31.39 -2.83
C HIS B 181 -14.16 -31.11 -2.13
N LEU B 182 -13.07 -31.60 -2.70
CA LEU B 182 -11.76 -31.39 -2.12
C LEU B 182 -11.30 -29.96 -2.39
N GLY B 183 -12.10 -29.00 -1.95
CA GLY B 183 -11.76 -27.61 -2.17
C GLY B 183 -12.73 -26.67 -1.48
N THR B 184 -12.85 -25.46 -2.00
CA THR B 184 -13.74 -24.50 -1.39
C THR B 184 -14.51 -23.73 -2.44
N GLY B 185 -15.83 -23.72 -2.34
CA GLY B 185 -16.65 -22.98 -3.29
C GLY B 185 -17.01 -23.77 -4.53
N ASP B 186 -17.73 -23.13 -5.44
CA ASP B 186 -18.14 -23.76 -6.70
C ASP B 186 -16.92 -24.42 -7.28
N PRO B 187 -17.01 -25.73 -7.58
CA PRO B 187 -15.91 -26.52 -8.15
C PRO B 187 -15.63 -26.36 -9.64
N TYR B 188 -16.05 -25.24 -10.21
CA TYR B 188 -15.85 -24.96 -11.64
C TYR B 188 -15.36 -23.54 -11.88
N THR B 189 -15.17 -22.78 -10.80
CA THR B 189 -14.70 -21.39 -10.85
C THR B 189 -13.53 -21.20 -9.87
N PRO B 190 -12.45 -22.01 -9.99
CA PRO B 190 -11.24 -21.98 -9.14
C PRO B 190 -10.32 -20.76 -9.28
N GLY B 191 -10.46 -19.81 -8.37
CA GLY B 191 -9.65 -18.60 -8.40
C GLY B 191 -10.36 -17.42 -9.01
N PHE B 192 -11.23 -17.70 -9.99
CA PHE B 192 -11.99 -16.66 -10.66
C PHE B 192 -13.48 -16.90 -10.44
N PRO B 193 -14.26 -15.82 -10.32
CA PRO B 193 -15.70 -15.93 -10.09
C PRO B 193 -16.49 -16.61 -11.22
N SER B 194 -17.70 -17.07 -10.87
CA SER B 194 -18.57 -17.77 -11.79
C SER B 194 -19.51 -16.82 -12.54
N PHE B 195 -20.22 -17.38 -13.52
CA PHE B 195 -21.16 -16.61 -14.32
C PHE B 195 -22.53 -17.31 -14.38
N ASN B 196 -23.07 -17.43 -15.58
CA ASN B 196 -24.34 -18.09 -15.82
C ASN B 196 -23.97 -19.54 -16.10
N HIS B 197 -24.96 -20.36 -16.45
CA HIS B 197 -24.67 -21.75 -16.81
C HIS B 197 -24.60 -21.66 -18.32
N THR B 198 -25.42 -20.78 -18.86
CA THR B 198 -25.50 -20.53 -20.30
C THR B 198 -24.10 -20.20 -20.76
N GLN B 199 -23.36 -19.50 -19.91
CA GLN B 199 -21.99 -19.12 -20.21
C GLN B 199 -21.04 -19.86 -19.29
N PHE B 200 -19.94 -20.39 -19.84
CA PHE B 200 -18.95 -21.12 -19.04
C PHE B 200 -19.66 -22.23 -18.25
N PRO B 201 -20.06 -23.32 -18.93
CA PRO B 201 -20.74 -24.41 -18.24
C PRO B 201 -20.04 -25.78 -18.11
N PRO B 202 -18.72 -25.81 -17.88
CA PRO B 202 -18.09 -27.13 -17.78
C PRO B 202 -18.85 -28.05 -16.81
N SER B 203 -18.72 -29.36 -17.01
CA SER B 203 -19.41 -30.35 -16.19
C SER B 203 -18.84 -30.52 -14.78
N ARG B 204 -17.65 -31.11 -14.66
CA ARG B 204 -17.03 -31.30 -13.34
C ARG B 204 -15.64 -31.93 -13.38
N SER B 205 -15.36 -32.77 -12.38
CA SER B 205 -14.08 -33.47 -12.22
C SER B 205 -12.92 -32.52 -12.01
N SER B 206 -13.24 -31.23 -11.90
CA SER B 206 -12.24 -30.19 -11.68
C SER B 206 -11.92 -30.14 -10.18
N GLY B 207 -11.48 -31.28 -9.65
CA GLY B 207 -11.17 -31.39 -8.24
C GLY B 207 -12.32 -32.08 -7.52
N LEU B 208 -13.13 -32.81 -8.29
CA LEU B 208 -14.29 -33.52 -7.74
C LEU B 208 -14.12 -35.04 -7.82
N PRO B 209 -14.65 -35.76 -6.83
CA PRO B 209 -14.64 -37.21 -6.64
C PRO B 209 -14.37 -38.13 -7.82
N ASN B 210 -15.36 -38.32 -8.69
CA ASN B 210 -15.23 -39.21 -9.83
C ASN B 210 -15.48 -40.64 -9.32
N ILE B 211 -16.00 -40.70 -8.10
CA ILE B 211 -16.32 -41.95 -7.43
C ILE B 211 -17.57 -41.69 -6.61
N PRO B 212 -18.63 -42.49 -6.82
CA PRO B 212 -19.86 -42.29 -6.06
C PRO B 212 -19.64 -42.32 -4.55
N VAL B 213 -20.22 -41.33 -3.86
CA VAL B 213 -20.11 -41.25 -2.42
C VAL B 213 -21.52 -41.13 -1.86
N GLN B 214 -21.87 -42.02 -0.93
CA GLN B 214 -23.21 -41.96 -0.35
C GLN B 214 -23.23 -42.07 1.18
N THR B 215 -23.99 -41.19 1.81
CA THR B 215 -24.13 -41.18 3.27
C THR B 215 -25.11 -42.29 3.61
N ILE B 216 -24.83 -43.05 4.66
CA ILE B 216 -25.68 -44.17 5.07
C ILE B 216 -26.09 -44.09 6.54
N SER B 217 -27.32 -44.49 6.84
CA SER B 217 -27.84 -44.47 8.22
C SER B 217 -27.20 -45.61 9.05
N ARG B 218 -26.96 -45.34 10.34
CA ARG B 218 -26.36 -46.36 11.21
C ARG B 218 -27.06 -47.67 11.03
N ALA B 219 -28.39 -47.62 11.02
CA ALA B 219 -29.21 -48.81 10.83
C ALA B 219 -28.73 -49.58 9.61
N ALA B 220 -28.61 -48.87 8.49
CA ALA B 220 -28.15 -49.47 7.24
C ALA B 220 -26.75 -50.05 7.42
N ALA B 221 -25.91 -49.31 8.15
CA ALA B 221 -24.55 -49.76 8.40
C ALA B 221 -24.62 -51.10 9.13
N GLU B 222 -25.50 -51.17 10.12
CA GLU B 222 -25.71 -52.39 10.90
C GLU B 222 -25.85 -53.57 9.96
N LYS B 223 -26.86 -53.48 9.09
CA LYS B 223 -27.16 -54.52 8.11
C LYS B 223 -25.97 -54.89 7.22
N LEU B 224 -25.24 -53.90 6.71
CA LEU B 224 -24.07 -54.17 5.87
C LEU B 224 -23.11 -55.09 6.61
N PHE B 225 -22.74 -54.68 7.82
CA PHE B 225 -21.83 -55.45 8.67
C PHE B 225 -22.42 -56.84 8.87
N GLY B 226 -23.75 -56.90 8.91
CA GLY B 226 -24.44 -58.17 9.08
C GLY B 226 -24.04 -59.16 7.99
N ASN B 227 -23.72 -58.63 6.81
CA ASN B 227 -23.32 -59.48 5.70
C ASN B 227 -21.82 -59.37 5.43
N MET B 228 -21.03 -59.36 6.51
CA MET B 228 -19.59 -59.27 6.38
C MET B 228 -18.89 -60.27 7.30
N GLU B 229 -17.88 -60.96 6.75
CA GLU B 229 -17.13 -61.97 7.50
C GLU B 229 -16.09 -61.37 8.45
N GLY B 230 -15.24 -60.49 7.93
CA GLY B 230 -14.21 -59.87 8.75
C GLY B 230 -14.67 -59.36 10.12
N ASP B 231 -13.72 -59.07 11.00
CA ASP B 231 -14.05 -58.58 12.33
C ASP B 231 -13.30 -57.29 12.71
N CYS B 232 -14.08 -56.28 13.09
CA CYS B 232 -13.58 -54.96 13.48
C CYS B 232 -12.58 -54.97 14.65
N PRO B 233 -11.39 -54.37 14.45
CA PRO B 233 -10.30 -54.25 15.42
C PRO B 233 -10.56 -53.36 16.63
N SER B 234 -9.72 -53.51 17.65
CA SER B 234 -9.81 -52.71 18.87
C SER B 234 -8.97 -51.46 18.70
N ASP B 235 -8.04 -51.53 17.75
CA ASP B 235 -7.17 -50.40 17.42
C ASP B 235 -8.17 -49.25 17.19
N TRP B 236 -9.20 -49.53 16.40
CA TRP B 236 -10.26 -48.56 16.11
C TRP B 236 -10.93 -48.24 17.45
N LYS B 237 -10.77 -47.02 17.92
CA LYS B 237 -11.39 -46.62 19.18
C LYS B 237 -12.89 -46.56 18.95
N THR B 238 -13.47 -47.72 18.68
CA THR B 238 -14.91 -47.85 18.42
C THR B 238 -15.47 -48.88 19.39
N ASP B 239 -16.55 -49.53 18.98
CA ASP B 239 -17.18 -50.58 19.78
C ASP B 239 -17.79 -51.61 18.83
N SER B 240 -17.87 -52.85 19.32
CA SER B 240 -18.41 -54.01 18.60
C SER B 240 -19.51 -53.75 17.57
N THR B 241 -19.77 -54.78 16.75
CA THR B 241 -20.80 -54.78 15.71
C THR B 241 -20.28 -54.73 14.27
N CYS B 242 -19.26 -53.93 14.00
CA CYS B 242 -18.77 -53.86 12.63
C CYS B 242 -17.77 -54.92 12.23
N ARG B 243 -17.70 -55.17 10.93
CA ARG B 243 -16.79 -56.16 10.38
C ARG B 243 -15.72 -55.36 9.64
N MET B 244 -15.00 -56.05 8.77
CA MET B 244 -13.95 -55.42 7.97
C MET B 244 -14.23 -55.63 6.49
N VAL B 245 -14.74 -56.81 6.15
CA VAL B 245 -15.05 -57.14 4.77
C VAL B 245 -16.36 -57.92 4.69
N THR B 246 -17.11 -57.71 3.62
CA THR B 246 -18.37 -58.41 3.41
C THR B 246 -18.07 -59.89 3.24
N SER B 247 -19.03 -60.73 3.60
CA SER B 247 -18.86 -62.17 3.47
C SER B 247 -18.74 -62.50 1.98
N GLU B 248 -17.60 -63.10 1.62
CA GLU B 248 -17.30 -63.48 0.24
C GLU B 248 -18.53 -63.91 -0.55
N SER B 249 -19.37 -64.75 0.09
CA SER B 249 -20.59 -65.26 -0.53
C SER B 249 -21.29 -64.24 -1.40
N LYS B 250 -21.20 -62.96 -1.03
CA LYS B 250 -21.85 -61.90 -1.80
C LYS B 250 -21.28 -60.50 -1.58
N ASN B 251 -21.61 -59.58 -2.49
CA ASN B 251 -21.14 -58.20 -2.42
C ASN B 251 -22.27 -57.16 -2.38
N VAL B 252 -21.91 -55.88 -2.47
CA VAL B 252 -22.88 -54.78 -2.41
C VAL B 252 -22.79 -53.84 -3.62
N LYS B 253 -23.94 -53.25 -3.97
CA LYS B 253 -24.01 -52.31 -5.09
C LYS B 253 -24.50 -50.93 -4.68
N LEU B 254 -23.70 -49.91 -5.00
CA LEU B 254 -24.04 -48.53 -4.69
C LEU B 254 -24.52 -47.81 -5.94
N THR B 255 -25.67 -47.14 -5.81
CA THR B 255 -26.26 -46.41 -6.92
C THR B 255 -26.69 -45.00 -6.52
N VAL B 256 -25.93 -44.01 -7.00
CA VAL B 256 -26.23 -42.62 -6.71
C VAL B 256 -26.54 -41.82 -7.95
N SER B 257 -27.74 -41.27 -7.99
CA SER B 257 -28.20 -40.47 -9.11
C SER B 257 -28.49 -39.05 -8.62
N ASN B 258 -27.49 -38.19 -8.71
CA ASN B 258 -27.65 -36.81 -8.29
C ASN B 258 -27.46 -35.91 -9.51
N VAL B 259 -28.06 -34.73 -9.46
CA VAL B 259 -27.97 -33.81 -10.57
C VAL B 259 -27.55 -32.40 -10.15
N LEU B 260 -26.83 -31.74 -11.03
CA LEU B 260 -26.38 -30.39 -10.76
C LEU B 260 -27.58 -29.46 -10.88
N LYS B 261 -27.57 -28.36 -10.16
CA LYS B 261 -28.67 -27.41 -10.19
C LYS B 261 -28.20 -25.98 -9.95
N GLU B 262 -28.13 -25.17 -10.99
CA GLU B 262 -27.71 -23.79 -10.83
C GLU B 262 -28.66 -23.02 -9.92
N ILE B 263 -28.12 -22.45 -8.85
CA ILE B 263 -28.91 -21.67 -7.90
C ILE B 263 -28.34 -20.28 -7.80
N LYS B 264 -29.03 -19.38 -7.11
CA LYS B 264 -28.54 -18.01 -6.96
C LYS B 264 -28.19 -17.71 -5.51
N ILE B 265 -26.91 -17.76 -5.17
CA ILE B 265 -26.43 -17.49 -3.82
C ILE B 265 -26.53 -15.99 -3.51
N LEU B 266 -26.85 -15.66 -2.27
CA LEU B 266 -26.99 -14.26 -1.93
C LEU B 266 -26.26 -13.86 -0.64
N ASN B 267 -25.06 -13.29 -0.80
CA ASN B 267 -24.28 -12.84 0.35
C ASN B 267 -24.77 -11.49 0.77
N ILE B 268 -24.92 -11.26 2.07
CA ILE B 268 -25.40 -9.97 2.57
C ILE B 268 -24.36 -9.30 3.44
N PHE B 269 -23.96 -8.09 3.04
CA PHE B 269 -22.96 -7.35 3.80
C PHE B 269 -23.52 -6.23 4.67
N GLY B 270 -22.65 -5.33 5.11
CA GLY B 270 -23.05 -4.24 5.98
C GLY B 270 -21.84 -3.82 6.81
N VAL B 271 -21.36 -2.61 6.60
CA VAL B 271 -20.18 -2.14 7.30
C VAL B 271 -20.44 -1.03 8.32
N ILE B 272 -19.38 -0.66 9.03
CA ILE B 272 -19.41 0.41 10.02
C ILE B 272 -18.14 1.20 9.78
N LYS B 273 -18.20 2.15 8.86
CA LYS B 273 -17.06 2.98 8.49
C LYS B 273 -16.21 3.39 9.68
N GLY B 274 -14.90 3.31 9.51
CA GLY B 274 -13.99 3.70 10.58
C GLY B 274 -13.79 5.20 10.61
N PHE B 275 -12.92 5.69 11.49
CA PHE B 275 -12.66 7.12 11.60
C PHE B 275 -11.29 7.60 11.15
N VAL B 276 -10.33 6.68 11.02
CA VAL B 276 -8.98 7.08 10.61
C VAL B 276 -8.46 6.29 9.42
N GLU B 277 -8.76 5.00 9.39
CA GLU B 277 -8.36 4.13 8.28
C GLU B 277 -9.66 3.51 7.75
N PRO B 278 -10.68 4.35 7.49
CA PRO B 278 -11.98 3.87 7.00
C PRO B 278 -11.92 2.80 5.94
N ASP B 279 -10.81 2.68 5.24
CA ASP B 279 -10.72 1.68 4.19
C ASP B 279 -9.97 0.40 4.52
N HIS B 280 -9.78 0.14 5.80
CA HIS B 280 -9.13 -1.09 6.26
C HIS B 280 -10.20 -1.78 7.10
N TYR B 281 -10.69 -2.92 6.61
CA TYR B 281 -11.77 -3.63 7.28
C TYR B 281 -11.40 -4.86 8.11
N VAL B 282 -12.36 -5.32 8.90
CA VAL B 282 -12.24 -6.51 9.75
C VAL B 282 -13.45 -7.37 9.39
N VAL B 283 -13.31 -8.21 8.38
CA VAL B 283 -14.43 -9.04 7.97
C VAL B 283 -14.91 -10.02 9.03
N VAL B 284 -16.17 -9.90 9.46
CA VAL B 284 -16.79 -10.79 10.46
C VAL B 284 -17.90 -11.57 9.73
N GLY B 285 -17.64 -12.84 9.45
CA GLY B 285 -18.62 -13.64 8.72
C GLY B 285 -19.41 -14.67 9.48
N ALA B 286 -20.39 -15.27 8.80
CA ALA B 286 -21.25 -16.30 9.39
C ALA B 286 -22.14 -17.01 8.37
N GLN B 287 -21.92 -18.30 8.19
CA GLN B 287 -22.72 -19.10 7.26
C GLN B 287 -24.20 -18.93 7.57
N ARG B 288 -25.00 -18.75 6.53
CA ARG B 288 -26.43 -18.55 6.70
C ARG B 288 -27.31 -19.66 6.16
N ASP B 289 -26.79 -20.49 5.28
CA ASP B 289 -27.59 -21.56 4.74
C ASP B 289 -27.33 -22.82 5.52
N ALA B 290 -28.12 -23.86 5.24
CA ALA B 290 -28.00 -25.14 5.92
C ALA B 290 -28.95 -26.18 5.29
N TRP B 291 -28.60 -27.45 5.43
CA TRP B 291 -29.44 -28.52 4.88
C TRP B 291 -30.67 -28.67 5.73
N GLY B 292 -30.47 -29.08 6.97
CA GLY B 292 -31.59 -29.23 7.87
C GLY B 292 -31.93 -27.86 8.41
N PRO B 293 -32.48 -27.76 9.61
CA PRO B 293 -32.81 -26.44 10.17
C PRO B 293 -31.52 -25.79 10.64
N GLY B 294 -30.47 -26.60 10.70
CA GLY B 294 -29.15 -26.17 11.13
C GLY B 294 -29.11 -25.07 12.18
N ALA B 295 -29.73 -25.32 13.33
CA ALA B 295 -29.73 -24.32 14.39
C ALA B 295 -28.30 -24.11 14.85
N ALA B 296 -27.52 -25.18 14.81
CA ALA B 296 -26.12 -25.12 15.22
C ALA B 296 -25.27 -24.75 14.02
N LYS B 297 -25.33 -25.58 12.99
CA LYS B 297 -24.58 -25.34 11.77
C LYS B 297 -24.73 -23.92 11.25
N SER B 298 -25.91 -23.33 11.39
CA SER B 298 -26.12 -21.99 10.87
C SER B 298 -26.85 -20.99 11.78
N GLY B 299 -27.64 -21.52 12.73
CA GLY B 299 -28.39 -20.65 13.62
C GLY B 299 -27.51 -19.75 14.49
N VAL B 300 -26.87 -20.36 15.49
CA VAL B 300 -25.99 -19.65 16.42
C VAL B 300 -25.12 -18.63 15.70
N GLY B 301 -24.51 -19.04 14.59
CA GLY B 301 -23.68 -18.12 13.84
C GLY B 301 -24.43 -16.84 13.47
N THR B 302 -25.36 -16.96 12.53
CA THR B 302 -26.14 -15.83 12.07
C THR B 302 -26.75 -15.07 13.25
N ALA B 303 -27.07 -15.83 14.29
CA ALA B 303 -27.64 -15.24 15.48
C ALA B 303 -26.64 -14.23 16.03
N LEU B 304 -25.40 -14.69 16.19
CA LEU B 304 -24.33 -13.86 16.71
C LEU B 304 -24.04 -12.71 15.76
N LEU B 305 -23.90 -13.04 14.47
CA LEU B 305 -23.59 -12.04 13.46
C LEU B 305 -24.50 -10.83 13.60
N LEU B 306 -25.80 -11.08 13.68
CA LEU B 306 -26.79 -10.03 13.83
C LEU B 306 -26.62 -9.28 15.15
N LYS B 307 -26.76 -10.01 16.25
CA LYS B 307 -26.64 -9.41 17.58
C LYS B 307 -25.33 -8.67 17.74
N LEU B 308 -24.28 -9.21 17.13
CA LEU B 308 -22.96 -8.63 17.21
C LEU B 308 -22.85 -7.36 16.37
N ALA B 309 -23.61 -7.30 15.28
CA ALA B 309 -23.58 -6.12 14.44
C ALA B 309 -24.47 -5.06 15.09
N GLN B 310 -25.50 -5.53 15.76
CA GLN B 310 -26.43 -4.66 16.45
C GLN B 310 -25.72 -3.85 17.52
N MET B 311 -24.77 -4.50 18.21
CA MET B 311 -24.03 -3.85 19.28
C MET B 311 -23.06 -2.77 18.85
N PHE B 312 -22.11 -3.12 17.99
CA PHE B 312 -21.12 -2.16 17.55
C PHE B 312 -21.72 -0.91 16.95
N SER B 313 -22.73 -1.07 16.10
CA SER B 313 -23.37 0.10 15.51
C SER B 313 -23.88 0.96 16.64
N ASP B 314 -24.57 0.34 17.58
CA ASP B 314 -25.11 1.05 18.72
C ASP B 314 -23.99 1.77 19.45
N MET B 315 -22.95 1.03 19.81
CA MET B 315 -21.80 1.60 20.52
C MET B 315 -21.23 2.81 19.81
N VAL B 316 -21.20 2.77 18.49
CA VAL B 316 -20.66 3.88 17.70
C VAL B 316 -21.53 5.13 17.77
N LEU B 317 -22.85 4.94 17.68
CA LEU B 317 -23.79 6.06 17.72
C LEU B 317 -24.07 6.59 19.13
N LYS B 318 -24.47 5.71 20.02
CA LYS B 318 -24.80 6.10 21.39
C LYS B 318 -23.65 6.18 22.41
N ASP B 319 -22.79 5.17 22.44
CA ASP B 319 -21.70 5.11 23.41
C ASP B 319 -20.39 5.82 23.10
N GLY B 320 -20.26 6.38 21.90
CA GLY B 320 -19.05 7.11 21.55
C GLY B 320 -17.85 6.32 21.09
N PHE B 321 -18.07 5.04 20.78
CA PHE B 321 -16.99 4.17 20.31
C PHE B 321 -16.55 4.60 18.90
N GLN B 322 -15.28 4.95 18.74
CA GLN B 322 -14.77 5.41 17.46
C GLN B 322 -13.75 4.50 16.78
N PRO B 323 -14.17 3.32 16.31
CA PRO B 323 -13.30 2.34 15.64
C PRO B 323 -12.41 3.02 14.62
N SER B 324 -11.09 2.92 14.81
CA SER B 324 -10.17 3.55 13.88
C SER B 324 -10.23 2.92 12.49
N ARG B 325 -10.71 1.68 12.43
CA ARG B 325 -10.83 0.97 11.17
C ARG B 325 -12.24 0.38 11.07
N SER B 326 -12.80 0.42 9.88
CA SER B 326 -14.14 -0.07 9.67
C SER B 326 -14.32 -1.56 9.88
N ILE B 327 -15.52 -1.93 10.29
CA ILE B 327 -15.92 -3.31 10.54
C ILE B 327 -16.91 -3.69 9.43
N ILE B 328 -16.85 -4.92 8.92
CA ILE B 328 -17.78 -5.33 7.87
C ILE B 328 -18.33 -6.73 8.12
N PHE B 329 -19.58 -6.80 8.55
CA PHE B 329 -20.23 -8.09 8.84
C PHE B 329 -20.72 -8.70 7.55
N ALA B 330 -20.66 -10.03 7.44
CA ALA B 330 -21.10 -10.70 6.23
C ALA B 330 -21.71 -12.06 6.48
N SER B 331 -22.93 -12.26 5.99
CA SER B 331 -23.64 -13.53 6.14
C SER B 331 -23.58 -14.27 4.81
N TRP B 332 -22.66 -15.22 4.69
CA TRP B 332 -22.50 -15.99 3.46
C TRP B 332 -23.61 -16.99 3.25
N SER B 333 -23.66 -17.57 2.05
CA SER B 333 -24.67 -18.56 1.72
C SER B 333 -24.02 -19.67 0.91
N ALA B 334 -24.75 -20.76 0.70
CA ALA B 334 -24.22 -21.88 -0.05
C ALA B 334 -22.96 -22.39 0.62
N GLY B 335 -22.91 -22.21 1.93
CA GLY B 335 -21.76 -22.64 2.70
C GLY B 335 -21.63 -24.14 2.87
N ASP B 336 -22.76 -24.86 2.85
CA ASP B 336 -22.70 -26.30 3.02
C ASP B 336 -21.99 -26.97 1.86
N PHE B 337 -21.67 -26.20 0.82
CA PHE B 337 -21.00 -26.77 -0.33
C PHE B 337 -19.55 -26.32 -0.46
N GLY B 338 -18.96 -25.92 0.67
CA GLY B 338 -17.58 -25.49 0.67
C GLY B 338 -17.37 -24.00 0.77
N SER B 339 -18.26 -23.32 1.49
CA SER B 339 -18.16 -21.87 1.65
C SER B 339 -18.34 -21.19 0.30
N VAL B 340 -18.96 -21.90 -0.63
CA VAL B 340 -19.18 -21.42 -1.98
C VAL B 340 -19.52 -19.95 -2.01
N GLY B 341 -20.27 -19.49 -1.01
CA GLY B 341 -20.65 -18.10 -0.94
C GLY B 341 -19.46 -17.20 -0.62
N ALA B 342 -18.85 -17.44 0.53
CA ALA B 342 -17.71 -16.64 0.95
C ALA B 342 -16.54 -16.81 0.01
N THR B 343 -16.30 -18.02 -0.46
CA THR B 343 -15.17 -18.24 -1.34
C THR B 343 -15.28 -17.46 -2.64
N GLU B 344 -16.39 -17.59 -3.36
CA GLU B 344 -16.52 -16.87 -4.63
C GLU B 344 -16.47 -15.36 -4.44
N TRP B 345 -16.66 -14.90 -3.20
CA TRP B 345 -16.55 -13.47 -2.93
C TRP B 345 -15.06 -13.18 -3.01
N LEU B 346 -14.29 -13.93 -2.24
CA LEU B 346 -12.85 -13.78 -2.21
C LEU B 346 -12.34 -13.92 -3.63
N GLU B 347 -12.78 -14.98 -4.33
CA GLU B 347 -12.39 -15.21 -5.71
C GLU B 347 -12.43 -13.86 -6.46
N GLY B 348 -13.32 -12.99 -6.00
CA GLY B 348 -13.50 -11.69 -6.62
C GLY B 348 -12.42 -10.64 -6.45
N TYR B 349 -11.68 -10.70 -5.35
CA TYR B 349 -10.59 -9.74 -5.13
C TYR B 349 -9.28 -10.53 -5.04
N LEU B 350 -9.06 -11.36 -6.06
CA LEU B 350 -7.90 -12.24 -6.13
C LEU B 350 -6.56 -11.62 -5.80
N SER B 351 -6.43 -10.30 -5.95
CA SER B 351 -5.15 -9.71 -5.64
C SER B 351 -5.22 -8.36 -4.97
N SER B 352 -6.30 -8.11 -4.25
CA SER B 352 -6.45 -6.82 -3.58
C SER B 352 -7.12 -6.89 -2.22
N LEU B 353 -7.82 -7.99 -1.95
CA LEU B 353 -8.52 -8.11 -0.67
C LEU B 353 -7.62 -7.81 0.51
N HIS B 354 -6.39 -8.32 0.48
CA HIS B 354 -5.47 -8.10 1.58
C HIS B 354 -5.15 -6.63 1.75
N LEU B 355 -5.35 -5.85 0.68
CA LEU B 355 -5.10 -4.43 0.75
C LEU B 355 -6.30 -3.78 1.47
N LYS B 356 -7.36 -4.55 1.63
CA LYS B 356 -8.58 -4.05 2.23
C LYS B 356 -8.93 -4.69 3.57
N ALA B 357 -9.10 -6.01 3.58
CA ALA B 357 -9.44 -6.73 4.81
C ALA B 357 -8.16 -7.17 5.50
N PHE B 358 -7.98 -6.80 6.77
CA PHE B 358 -6.77 -7.18 7.48
C PHE B 358 -6.91 -8.33 8.46
N THR B 359 -8.13 -8.83 8.62
CA THR B 359 -8.41 -9.96 9.51
C THR B 359 -9.84 -10.47 9.32
N TYR B 360 -10.00 -11.78 9.36
CA TYR B 360 -11.31 -12.36 9.20
C TYR B 360 -11.66 -13.22 10.39
N ILE B 361 -12.74 -12.84 11.07
CA ILE B 361 -13.24 -13.59 12.23
C ILE B 361 -14.35 -14.47 11.66
N ASN B 362 -14.70 -15.54 12.35
CA ASN B 362 -15.74 -16.42 11.84
C ASN B 362 -16.59 -16.97 12.96
N LEU B 363 -17.90 -16.74 12.90
CA LEU B 363 -18.78 -17.17 13.97
C LEU B 363 -19.43 -18.52 13.79
N ASP B 364 -19.21 -19.18 12.66
CA ASP B 364 -19.79 -20.49 12.40
C ASP B 364 -19.56 -21.46 13.55
N LYS B 365 -20.53 -22.32 13.80
CA LYS B 365 -20.45 -23.30 14.87
C LYS B 365 -19.76 -22.78 16.12
N ALA B 366 -20.12 -21.57 16.55
CA ALA B 366 -19.48 -20.98 17.74
C ALA B 366 -19.87 -21.67 19.04
N VAL B 367 -21.11 -22.12 19.14
CA VAL B 367 -21.56 -22.78 20.35
C VAL B 367 -21.99 -24.20 20.06
N LEU B 368 -21.27 -25.16 20.61
CA LEU B 368 -21.59 -26.56 20.42
C LEU B 368 -21.53 -27.35 21.72
N GLY B 369 -21.09 -26.69 22.79
CA GLY B 369 -20.99 -27.35 24.08
C GLY B 369 -20.61 -26.38 25.19
N THR B 370 -20.01 -26.90 26.26
CA THR B 370 -19.62 -26.05 27.38
C THR B 370 -18.43 -26.60 28.15
N SER B 371 -17.68 -27.50 27.51
CA SER B 371 -16.52 -28.10 28.16
C SER B 371 -15.22 -27.44 27.72
N ASN B 372 -14.87 -27.60 26.45
CA ASN B 372 -13.64 -27.04 25.92
C ASN B 372 -13.83 -25.71 25.21
N PHE B 373 -12.73 -25.18 24.69
CA PHE B 373 -12.76 -23.92 23.96
C PHE B 373 -11.69 -23.97 22.90
N LYS B 374 -11.91 -24.78 21.87
CA LYS B 374 -10.97 -24.92 20.77
C LYS B 374 -10.84 -23.56 20.07
N VAL B 375 -9.67 -23.28 19.49
CA VAL B 375 -9.42 -22.03 18.80
C VAL B 375 -8.42 -22.28 17.67
N SER B 376 -8.80 -21.90 16.46
CA SER B 376 -7.92 -22.07 15.30
C SER B 376 -7.72 -20.72 14.63
N ALA B 377 -6.47 -20.40 14.30
CA ALA B 377 -6.20 -19.12 13.67
C ALA B 377 -4.80 -19.05 13.12
N SER B 378 -4.48 -17.92 12.49
CA SER B 378 -3.16 -17.68 11.94
C SER B 378 -2.28 -17.15 13.05
N PRO B 379 -1.05 -17.64 13.13
CA PRO B 379 -0.20 -17.14 14.20
C PRO B 379 -0.25 -15.63 14.38
N LEU B 380 -0.66 -14.90 13.36
CA LEU B 380 -0.71 -13.47 13.49
C LEU B 380 -1.72 -13.01 14.53
N LEU B 381 -2.68 -13.86 14.86
CA LEU B 381 -3.69 -13.48 15.84
C LEU B 381 -3.51 -14.23 17.14
N TYR B 382 -2.34 -14.85 17.28
CA TYR B 382 -2.06 -15.64 18.47
C TYR B 382 -2.18 -14.88 19.78
N THR B 383 -1.49 -13.75 19.89
CA THR B 383 -1.53 -12.97 21.11
C THR B 383 -2.90 -12.38 21.42
N LEU B 384 -3.71 -12.16 20.39
CA LEU B 384 -5.05 -11.62 20.59
C LEU B 384 -5.92 -12.69 21.21
N ILE B 385 -5.84 -13.89 20.63
CA ILE B 385 -6.61 -15.01 21.13
C ILE B 385 -6.23 -15.17 22.60
N GLU B 386 -4.93 -15.19 22.87
CA GLU B 386 -4.43 -15.34 24.23
C GLU B 386 -4.96 -14.27 25.17
N LYS B 387 -4.46 -13.05 25.03
CA LYS B 387 -4.91 -11.97 25.89
C LYS B 387 -6.42 -11.85 26.04
N THR B 388 -7.17 -12.31 25.04
CA THR B 388 -8.63 -12.24 25.13
C THR B 388 -9.18 -13.38 26.00
N MET B 389 -8.61 -14.57 25.86
CA MET B 389 -9.04 -15.70 26.67
C MET B 389 -8.70 -15.41 28.12
N GLN B 390 -7.99 -14.32 28.32
CA GLN B 390 -7.60 -13.89 29.65
C GLN B 390 -8.56 -12.81 30.14
N ASN B 391 -9.50 -12.42 29.27
CA ASN B 391 -10.47 -11.40 29.62
C ASN B 391 -11.90 -11.94 29.63
N VAL B 392 -12.12 -13.04 28.93
CA VAL B 392 -13.45 -13.64 28.86
C VAL B 392 -13.59 -14.84 29.80
N LYS B 393 -14.64 -14.81 30.61
CA LYS B 393 -14.90 -15.87 31.57
C LYS B 393 -15.87 -16.88 30.99
N HIS B 394 -15.56 -18.17 31.18
CA HIS B 394 -16.38 -19.27 30.71
C HIS B 394 -17.82 -19.04 31.14
N PRO B 395 -18.80 -19.35 30.27
CA PRO B 395 -20.20 -19.15 30.63
C PRO B 395 -20.67 -19.99 31.82
N VAL B 396 -20.23 -21.24 31.87
CA VAL B 396 -20.59 -22.17 32.93
C VAL B 396 -19.71 -21.97 34.17
N THR B 397 -18.41 -22.20 34.01
CA THR B 397 -17.42 -22.05 35.08
C THR B 397 -17.22 -20.56 35.31
N GLY B 398 -17.14 -20.12 36.56
CA GLY B 398 -16.93 -18.71 36.81
C GLY B 398 -15.53 -18.23 36.45
N GLN B 399 -14.66 -19.18 36.11
CA GLN B 399 -13.28 -18.89 35.77
C GLN B 399 -13.04 -18.44 34.33
N PHE B 400 -11.87 -17.82 34.11
CA PHE B 400 -11.46 -17.31 32.79
C PHE B 400 -11.11 -18.44 31.81
N LEU B 401 -11.28 -18.16 30.52
CA LEU B 401 -11.01 -19.15 29.49
C LEU B 401 -9.58 -19.64 29.45
N TYR B 402 -8.64 -18.74 29.69
CA TYR B 402 -7.21 -19.05 29.64
C TYR B 402 -6.67 -19.94 30.77
N GLN B 403 -6.03 -21.04 30.39
CA GLN B 403 -5.45 -21.97 31.37
C GLN B 403 -4.16 -21.39 31.92
N ASP B 404 -4.27 -20.74 33.07
CA ASP B 404 -3.15 -20.08 33.74
C ASP B 404 -1.91 -20.92 33.98
N SER B 405 -2.03 -22.23 33.84
CA SER B 405 -0.89 -23.10 34.08
C SER B 405 0.11 -23.19 32.92
N ASN B 406 -0.16 -22.54 31.80
CA ASN B 406 0.75 -22.60 30.67
C ASN B 406 1.25 -21.23 30.24
N TRP B 407 2.25 -21.20 29.37
CA TRP B 407 2.79 -19.95 28.86
C TRP B 407 2.64 -20.07 27.36
N ALA B 408 2.33 -21.29 26.92
CA ALA B 408 2.14 -21.61 25.51
C ALA B 408 0.81 -22.28 25.35
N SER B 409 -0.16 -21.54 24.84
CA SER B 409 -1.51 -22.05 24.63
C SER B 409 -1.60 -22.87 23.34
N LYS B 410 -2.69 -23.62 23.19
CA LYS B 410 -2.88 -24.44 22.01
C LYS B 410 -3.73 -23.77 20.95
N VAL B 411 -3.20 -23.67 19.75
CA VAL B 411 -3.95 -23.08 18.64
C VAL B 411 -3.94 -24.10 17.51
N GLU B 412 -5.13 -24.36 16.98
CA GLU B 412 -5.33 -25.35 15.94
C GLU B 412 -5.22 -24.76 14.54
N LYS B 413 -4.90 -25.61 13.56
CA LYS B 413 -4.77 -25.19 12.16
C LYS B 413 -6.17 -25.13 11.51
N LEU B 414 -6.38 -24.20 10.57
CA LEU B 414 -7.68 -24.10 9.91
C LEU B 414 -7.84 -25.24 8.92
N THR B 415 -9.02 -25.85 8.92
CA THR B 415 -9.32 -26.97 8.03
C THR B 415 -10.08 -26.59 6.76
N LEU B 416 -9.89 -27.41 5.73
CA LEU B 416 -10.52 -27.23 4.44
C LEU B 416 -12.01 -26.93 4.57
N ASP B 417 -12.61 -27.30 5.71
CA ASP B 417 -14.04 -27.09 5.88
C ASP B 417 -14.42 -25.91 6.76
N ASN B 418 -13.64 -24.84 6.70
CA ASN B 418 -13.96 -23.66 7.50
C ASN B 418 -13.80 -22.39 6.68
N ALA B 419 -14.91 -21.69 6.49
CA ALA B 419 -14.95 -20.45 5.73
C ALA B 419 -13.71 -19.60 5.99
N ALA B 420 -13.15 -19.71 7.19
CA ALA B 420 -11.96 -18.95 7.54
C ALA B 420 -10.75 -19.45 6.76
N PHE B 421 -10.71 -20.75 6.49
CA PHE B 421 -9.61 -21.36 5.76
C PHE B 421 -9.33 -20.64 4.44
N PRO B 422 -10.36 -20.45 3.59
CA PRO B 422 -10.12 -19.76 2.32
C PRO B 422 -9.55 -18.36 2.53
N PHE B 423 -10.13 -17.60 3.45
CA PHE B 423 -9.63 -16.25 3.71
C PHE B 423 -8.12 -16.23 3.95
N LEU B 424 -7.63 -17.23 4.66
CA LEU B 424 -6.21 -17.32 4.99
C LEU B 424 -5.35 -18.08 3.99
N ALA B 425 -5.82 -19.24 3.54
CA ALA B 425 -5.05 -20.03 2.60
C ALA B 425 -5.15 -19.60 1.13
N TYR B 426 -6.16 -18.79 0.79
CA TYR B 426 -6.36 -18.34 -0.58
C TYR B 426 -6.23 -16.83 -0.79
N SER B 427 -6.81 -16.07 0.13
CA SER B 427 -6.77 -14.62 0.03
C SER B 427 -5.68 -13.99 0.86
N GLY B 428 -5.01 -14.79 1.67
CA GLY B 428 -3.93 -14.26 2.47
C GLY B 428 -4.35 -13.30 3.55
N ILE B 429 -5.52 -13.54 4.13
CA ILE B 429 -6.02 -12.71 5.19
C ILE B 429 -5.92 -13.50 6.50
N PRO B 430 -5.30 -12.91 7.52
CA PRO B 430 -5.21 -13.69 8.76
C PRO B 430 -6.61 -13.93 9.31
N ALA B 431 -6.88 -15.13 9.79
CA ALA B 431 -8.21 -15.42 10.32
C ALA B 431 -8.29 -16.30 11.56
N VAL B 432 -9.20 -15.93 12.46
CA VAL B 432 -9.39 -16.66 13.70
C VAL B 432 -10.70 -17.43 13.57
N SER B 433 -10.91 -18.38 14.46
CA SER B 433 -12.14 -19.16 14.43
C SER B 433 -12.32 -19.97 15.71
N PHE B 434 -13.01 -19.40 16.70
CA PHE B 434 -13.21 -20.09 17.97
C PHE B 434 -14.43 -20.99 18.02
N CYS B 435 -14.47 -21.84 19.04
CA CYS B 435 -15.53 -22.82 19.21
C CYS B 435 -15.67 -23.29 20.65
N PHE B 436 -16.86 -23.15 21.23
CA PHE B 436 -17.05 -23.65 22.60
C PHE B 436 -17.34 -25.15 22.45
N CYS B 437 -16.45 -25.79 21.69
CA CYS B 437 -16.46 -27.20 21.35
C CYS B 437 -16.55 -28.19 22.51
N GLU B 438 -16.68 -29.47 22.17
CA GLU B 438 -16.76 -30.57 23.13
C GLU B 438 -15.82 -31.67 22.65
N ASP B 439 -15.43 -32.58 23.55
CA ASP B 439 -14.53 -33.66 23.15
C ASP B 439 -15.12 -34.43 21.96
N THR B 440 -16.44 -34.51 21.93
CA THR B 440 -17.15 -35.20 20.85
C THR B 440 -17.90 -34.17 20.03
N ASP B 441 -17.79 -34.26 18.70
CA ASP B 441 -18.47 -33.31 17.83
C ASP B 441 -19.99 -33.50 17.90
N TYR B 442 -20.71 -32.39 17.80
CA TYR B 442 -22.17 -32.38 17.83
C TYR B 442 -22.64 -33.44 16.83
N PRO B 443 -23.56 -34.30 17.24
CA PRO B 443 -24.07 -35.36 16.37
C PRO B 443 -25.06 -34.90 15.29
N TYR B 444 -26.12 -34.25 15.74
CA TYR B 444 -27.18 -33.76 14.86
C TYR B 444 -26.69 -32.80 13.78
N LEU B 445 -25.43 -32.41 13.87
CA LEU B 445 -24.82 -31.45 12.94
C LEU B 445 -25.31 -31.47 11.49
N GLY B 446 -24.89 -32.47 10.73
CA GLY B 446 -25.29 -32.54 9.32
C GLY B 446 -26.63 -33.22 9.05
N THR B 447 -27.52 -33.24 10.03
CA THR B 447 -28.80 -33.89 9.85
C THR B 447 -30.02 -33.04 10.24
N THR B 448 -31.18 -33.52 9.83
CA THR B 448 -32.45 -32.84 10.10
C THR B 448 -32.74 -32.65 11.59
N MET B 449 -31.82 -33.08 12.43
CA MET B 449 -32.01 -32.99 13.87
C MET B 449 -31.39 -31.75 14.51
N ASP B 450 -30.73 -30.94 13.69
CA ASP B 450 -30.07 -29.72 14.17
C ASP B 450 -31.12 -28.68 14.57
N THR B 451 -32.10 -29.07 15.35
CA THR B 451 -33.16 -28.17 15.79
C THR B 451 -32.79 -27.33 17.00
N TYR B 452 -33.44 -26.18 17.13
CA TYR B 452 -33.19 -25.29 18.26
C TYR B 452 -33.57 -26.00 19.54
N LYS B 453 -34.45 -26.98 19.42
CA LYS B 453 -34.90 -27.74 20.59
C LYS B 453 -33.83 -28.71 21.04
N GLU B 454 -33.59 -29.76 20.26
CA GLU B 454 -32.59 -30.75 20.62
C GLU B 454 -31.26 -30.10 21.00
N LEU B 455 -31.05 -28.85 20.57
CA LEU B 455 -29.82 -28.13 20.90
C LEU B 455 -29.92 -27.71 22.36
N ILE B 456 -30.83 -26.79 22.64
CA ILE B 456 -31.03 -26.29 23.99
C ILE B 456 -31.36 -27.42 24.99
N GLU B 457 -31.78 -28.58 24.49
CA GLU B 457 -32.09 -29.73 25.36
C GLU B 457 -30.74 -30.32 25.74
N ARG B 458 -29.74 -30.04 24.91
CA ARG B 458 -28.38 -30.54 25.11
C ARG B 458 -27.39 -29.48 25.58
N ILE B 459 -27.87 -28.26 25.82
CA ILE B 459 -26.98 -27.19 26.25
C ILE B 459 -27.76 -26.08 26.95
N PRO B 460 -28.54 -26.45 27.98
CA PRO B 460 -29.41 -25.63 28.84
C PRO B 460 -29.20 -24.12 28.91
N GLU B 461 -27.97 -23.69 29.14
CA GLU B 461 -27.68 -22.27 29.23
C GLU B 461 -27.13 -21.69 27.92
N LEU B 462 -27.60 -22.24 26.80
CA LEU B 462 -27.18 -21.81 25.47
C LEU B 462 -27.01 -20.31 25.37
N ASN B 463 -27.85 -19.57 26.09
CA ASN B 463 -27.76 -18.12 26.04
C ASN B 463 -26.42 -17.63 26.57
N LYS B 464 -26.10 -17.98 27.81
CA LYS B 464 -24.83 -17.57 28.39
C LYS B 464 -23.66 -17.97 27.52
N VAL B 465 -23.68 -19.20 27.03
CA VAL B 465 -22.60 -19.69 26.19
C VAL B 465 -22.46 -18.80 24.95
N ALA B 466 -23.54 -18.68 24.18
CA ALA B 466 -23.51 -17.84 22.98
C ALA B 466 -22.99 -16.46 23.34
N ARG B 467 -23.38 -15.97 24.51
CA ARG B 467 -22.94 -14.66 24.95
C ARG B 467 -21.42 -14.60 24.99
N ALA B 468 -20.82 -15.58 25.66
CA ALA B 468 -19.36 -15.64 25.75
C ALA B 468 -18.77 -15.57 24.36
N ALA B 469 -19.20 -16.50 23.49
CA ALA B 469 -18.73 -16.54 22.11
C ALA B 469 -18.86 -15.16 21.47
N ALA B 470 -19.98 -14.51 21.74
CA ALA B 470 -20.20 -13.18 21.20
C ALA B 470 -19.27 -12.18 21.85
N GLU B 471 -18.75 -12.51 23.02
CA GLU B 471 -17.83 -11.61 23.70
C GLU B 471 -16.42 -11.72 23.15
N VAL B 472 -15.91 -12.94 23.05
CA VAL B 472 -14.57 -13.09 22.51
C VAL B 472 -14.56 -12.52 21.09
N ALA B 473 -15.64 -12.74 20.35
CA ALA B 473 -15.74 -12.21 18.99
C ALA B 473 -15.73 -10.69 19.05
N GLY B 474 -16.46 -10.15 20.03
CA GLY B 474 -16.54 -8.71 20.20
C GLY B 474 -15.18 -8.09 20.49
N GLN B 475 -14.51 -8.58 21.53
CA GLN B 475 -13.21 -8.05 21.88
C GLN B 475 -12.24 -8.09 20.70
N PHE B 476 -12.23 -9.19 19.96
CA PHE B 476 -11.35 -9.30 18.80
C PHE B 476 -11.57 -8.03 17.97
N VAL B 477 -12.83 -7.74 17.67
CA VAL B 477 -13.17 -6.57 16.88
C VAL B 477 -12.75 -5.26 17.55
N ILE B 478 -13.12 -5.08 18.81
CA ILE B 478 -12.73 -3.85 19.49
C ILE B 478 -11.22 -3.72 19.41
N LYS B 479 -10.52 -4.78 19.80
CA LYS B 479 -9.07 -4.81 19.79
C LYS B 479 -8.45 -4.52 18.43
N LEU B 480 -8.96 -5.17 17.39
CA LEU B 480 -8.41 -4.95 16.05
C LEU B 480 -8.74 -3.57 15.50
N THR B 481 -9.45 -2.76 16.28
CA THR B 481 -9.83 -1.42 15.86
C THR B 481 -9.51 -0.28 16.85
N HIS B 482 -9.84 -0.50 18.11
CA HIS B 482 -9.62 0.47 19.18
C HIS B 482 -8.40 1.36 19.00
N ASP B 483 -7.22 0.74 18.87
CA ASP B 483 -5.95 1.48 18.74
C ASP B 483 -5.52 1.80 17.33
N VAL B 484 -4.61 2.77 17.22
CA VAL B 484 -4.10 3.21 15.93
C VAL B 484 -3.07 2.26 15.33
N GLU B 485 -2.39 1.49 16.16
CA GLU B 485 -1.39 0.54 15.66
C GLU B 485 -2.11 -0.75 15.33
N LEU B 486 -1.87 -1.27 14.12
CA LEU B 486 -2.51 -2.51 13.69
C LEU B 486 -1.81 -3.62 14.44
N ASN B 487 -2.51 -4.21 15.41
CA ASN B 487 -1.93 -5.26 16.25
C ASN B 487 -1.95 -6.69 15.74
N LEU B 488 -1.01 -7.05 14.87
CA LEU B 488 -0.91 -8.42 14.39
C LEU B 488 0.48 -8.92 14.72
N ASP B 489 0.57 -10.17 15.18
CA ASP B 489 1.84 -10.76 15.56
C ASP B 489 2.73 -11.18 14.39
N TYR B 490 3.27 -10.22 13.64
CA TYR B 490 4.11 -10.59 12.51
C TYR B 490 5.42 -11.25 12.95
N GLU B 491 5.67 -11.27 14.25
CA GLU B 491 6.88 -11.88 14.80
C GLU B 491 6.70 -13.37 14.80
N GLU B 492 5.54 -13.82 15.27
CA GLU B 492 5.25 -15.24 15.36
C GLU B 492 5.66 -16.01 14.11
N TYR B 493 5.84 -15.30 12.99
CA TYR B 493 6.25 -15.98 11.76
C TYR B 493 7.73 -16.28 11.74
N ASN B 494 8.50 -15.58 12.57
CA ASN B 494 9.94 -15.82 12.64
C ASN B 494 10.07 -17.20 13.21
N SER B 495 9.31 -17.44 14.28
CA SER B 495 9.31 -18.72 14.95
C SER B 495 8.83 -19.74 13.92
N GLN B 496 7.65 -19.50 13.37
CA GLN B 496 7.08 -20.40 12.39
C GLN B 496 8.05 -20.75 11.29
N LEU B 497 8.93 -19.81 10.97
CA LEU B 497 9.90 -20.01 9.91
C LEU B 497 11.11 -20.77 10.44
N LEU B 498 11.52 -20.46 11.67
CA LEU B 498 12.65 -21.16 12.26
C LEU B 498 12.31 -22.62 12.45
N SER B 499 11.11 -22.88 12.93
CA SER B 499 10.69 -24.25 13.15
C SER B 499 10.91 -25.05 11.86
N PHE B 500 10.59 -24.44 10.72
CA PHE B 500 10.76 -25.08 9.41
C PHE B 500 12.24 -25.41 9.23
N VAL B 501 13.06 -24.38 9.25
CA VAL B 501 14.49 -24.55 9.08
C VAL B 501 14.99 -25.67 9.98
N ARG B 502 14.49 -25.74 11.20
CA ARG B 502 14.89 -26.79 12.12
C ARG B 502 14.53 -28.16 11.56
N ASP B 503 13.24 -28.42 11.45
CA ASP B 503 12.76 -29.69 10.92
C ASP B 503 13.50 -30.06 9.63
N LEU B 504 13.85 -29.06 8.83
CA LEU B 504 14.56 -29.32 7.60
C LEU B 504 15.97 -29.78 7.86
N ASN B 505 16.60 -29.27 8.92
CA ASN B 505 17.98 -29.65 9.23
C ASN B 505 18.11 -31.10 9.66
N GLN B 506 16.99 -31.75 9.92
CA GLN B 506 17.04 -33.15 10.32
C GLN B 506 17.36 -34.02 9.09
N TYR B 507 17.42 -33.39 7.92
CA TYR B 507 17.71 -34.11 6.69
C TYR B 507 18.95 -33.54 6.03
N ARG B 508 19.74 -32.81 6.83
CA ARG B 508 20.96 -32.19 6.34
C ARG B 508 21.82 -33.24 5.64
N ALA B 509 21.63 -34.50 6.04
CA ALA B 509 22.34 -35.61 5.46
C ALA B 509 21.89 -35.76 4.01
N ASP B 510 20.59 -35.93 3.81
CA ASP B 510 20.05 -36.06 2.47
C ASP B 510 20.40 -34.83 1.68
N ILE B 511 20.23 -33.67 2.30
CA ILE B 511 20.53 -32.41 1.64
C ILE B 511 21.96 -32.41 1.14
N LYS B 512 22.82 -33.16 1.83
CA LYS B 512 24.23 -33.24 1.45
C LYS B 512 24.50 -34.20 0.30
N GLU B 513 23.86 -35.38 0.32
CA GLU B 513 24.07 -36.33 -0.76
C GLU B 513 23.76 -35.60 -2.07
N MET B 514 22.75 -34.74 -2.04
CA MET B 514 22.38 -33.92 -3.19
C MET B 514 23.28 -32.69 -3.06
N GLY B 515 23.72 -32.13 -4.18
CA GLY B 515 24.60 -30.98 -4.11
C GLY B 515 24.08 -29.76 -3.38
N LEU B 516 22.81 -29.80 -2.99
CA LEU B 516 22.17 -28.68 -2.30
C LEU B 516 22.94 -28.02 -1.18
N SER B 517 22.99 -26.69 -1.20
CA SER B 517 23.71 -25.93 -0.19
C SER B 517 22.80 -25.50 0.93
N LEU B 518 21.50 -25.39 0.63
CA LEU B 518 20.52 -25.00 1.63
C LEU B 518 20.94 -23.72 2.38
N GLN B 519 21.89 -22.98 1.81
CA GLN B 519 22.39 -21.75 2.42
C GLN B 519 21.49 -20.56 2.12
N TRP B 520 20.94 -20.55 0.92
CA TRP B 520 20.06 -19.46 0.51
C TRP B 520 18.81 -19.37 1.37
N LEU B 521 18.39 -20.50 1.93
CA LEU B 521 17.20 -20.52 2.77
C LEU B 521 17.44 -19.77 4.06
N TYR B 522 18.57 -20.04 4.70
CA TYR B 522 18.90 -19.37 5.96
C TYR B 522 18.96 -17.88 5.71
N SER B 523 19.55 -17.51 4.58
CA SER B 523 19.67 -16.10 4.23
C SER B 523 18.27 -15.48 4.19
N ALA B 524 17.35 -16.13 3.50
CA ALA B 524 16.00 -15.63 3.41
C ALA B 524 15.43 -15.50 4.81
N ARG B 525 15.39 -16.62 5.52
CA ARG B 525 14.89 -16.65 6.89
C ARG B 525 15.45 -15.50 7.72
N GLY B 526 16.71 -15.17 7.46
CA GLY B 526 17.36 -14.09 8.18
C GLY B 526 16.99 -12.75 7.58
N ASP B 527 17.07 -12.67 6.25
CA ASP B 527 16.74 -11.45 5.53
C ASP B 527 15.32 -11.03 5.95
N PHE B 528 14.52 -12.00 6.37
CA PHE B 528 13.15 -11.73 6.80
C PHE B 528 13.13 -11.29 8.25
N PHE B 529 13.93 -11.96 9.08
CA PHE B 529 13.98 -11.64 10.50
C PHE B 529 14.29 -10.16 10.65
N ARG B 530 15.34 -9.68 9.97
CA ARG B 530 15.69 -8.27 10.05
C ARG B 530 14.49 -7.43 9.69
N ALA B 531 13.87 -7.76 8.58
CA ALA B 531 12.72 -7.03 8.10
C ALA B 531 11.74 -6.78 9.25
N THR B 532 11.44 -7.82 10.01
CA THR B 532 10.51 -7.72 11.10
C THR B 532 11.09 -6.88 12.23
N SER B 533 12.40 -7.01 12.45
CA SER B 533 13.08 -6.27 13.49
C SER B 533 13.05 -4.78 13.23
N ARG B 534 13.05 -4.40 11.96
CA ARG B 534 13.01 -2.98 11.63
C ARG B 534 11.58 -2.53 11.88
N LEU B 535 10.64 -3.24 11.28
CA LEU B 535 9.25 -2.90 11.45
C LEU B 535 8.96 -2.80 12.94
N THR B 536 9.39 -3.81 13.70
CA THR B 536 9.15 -3.82 15.14
C THR B 536 9.82 -2.62 15.83
N THR B 537 10.82 -2.05 15.16
CA THR B 537 11.53 -0.89 15.69
C THR B 537 10.82 0.36 15.22
N ASP B 538 10.80 0.59 13.90
CA ASP B 538 10.14 1.77 13.32
C ASP B 538 8.86 2.14 14.06
N PHE B 539 8.10 1.14 14.47
CA PHE B 539 6.85 1.35 15.18
C PHE B 539 7.13 2.11 16.46
N GLY B 540 7.97 1.52 17.31
CA GLY B 540 8.31 2.15 18.56
C GLY B 540 8.77 3.60 18.42
N ASN B 541 9.54 3.89 17.38
CA ASN B 541 10.04 5.24 17.15
C ASN B 541 9.02 6.19 16.52
N ALA B 542 7.94 5.62 15.98
CA ALA B 542 6.91 6.45 15.37
C ALA B 542 5.89 6.84 16.44
N GLU B 543 5.25 7.99 16.24
CA GLU B 543 4.25 8.51 17.18
C GLU B 543 2.84 8.23 16.73
N LYS B 544 2.02 7.74 17.64
CA LYS B 544 0.63 7.41 17.36
C LYS B 544 -0.17 8.67 16.98
N THR B 545 0.54 9.69 16.52
CA THR B 545 -0.10 10.93 16.13
C THR B 545 0.13 11.23 14.65
N ASP B 546 1.22 10.71 14.08
CA ASP B 546 1.52 10.95 12.68
C ASP B 546 0.76 9.96 11.81
N ARG B 547 -0.52 10.24 11.61
CA ARG B 547 -1.40 9.39 10.81
C ARG B 547 -0.67 8.86 9.58
N PHE B 548 0.31 9.61 9.09
CA PHE B 548 1.06 9.20 7.92
C PHE B 548 2.08 8.10 8.16
N VAL B 549 3.01 8.35 9.08
CA VAL B 549 4.05 7.35 9.37
C VAL B 549 3.48 6.07 9.91
N MET B 550 2.36 6.17 10.62
CA MET B 550 1.71 4.99 11.16
C MET B 550 1.06 4.20 10.05
N LYS B 551 0.37 4.91 9.15
CA LYS B 551 -0.29 4.26 8.03
C LYS B 551 0.74 3.52 7.21
N LYS B 552 1.90 4.14 6.99
CA LYS B 552 2.95 3.49 6.21
C LYS B 552 3.43 2.19 6.86
N LEU B 553 3.37 2.12 8.19
CA LEU B 553 3.80 0.93 8.91
C LEU B 553 2.72 -0.13 8.90
N ASN B 554 1.53 0.24 9.36
CA ASN B 554 0.41 -0.69 9.41
C ASN B 554 0.23 -1.40 8.10
N ASP B 555 0.48 -0.69 7.00
CA ASP B 555 0.35 -1.30 5.68
C ASP B 555 1.37 -2.40 5.52
N ARG B 556 2.57 -2.19 6.06
CA ARG B 556 3.60 -3.20 5.97
C ARG B 556 3.14 -4.45 6.72
N VAL B 557 2.58 -4.23 7.90
CA VAL B 557 2.07 -5.31 8.72
C VAL B 557 1.04 -6.09 7.93
N MET B 558 0.16 -5.33 7.28
CA MET B 558 -0.94 -5.86 6.50
C MET B 558 -0.49 -6.66 5.29
N ARG B 559 0.80 -6.58 4.96
CA ARG B 559 1.35 -7.32 3.83
C ARG B 559 1.86 -8.69 4.27
N VAL B 560 2.40 -8.74 5.48
CA VAL B 560 2.98 -9.95 6.05
C VAL B 560 2.28 -11.26 5.71
N GLU B 561 1.01 -11.40 6.08
CA GLU B 561 0.27 -12.63 5.82
C GLU B 561 0.14 -13.01 4.35
N TYR B 562 -0.33 -12.06 3.55
CA TYR B 562 -0.52 -12.28 2.13
C TYR B 562 0.77 -12.73 1.42
N HIS B 563 1.88 -12.07 1.72
CA HIS B 563 3.15 -12.39 1.08
C HIS B 563 3.72 -13.77 1.34
N PHE B 564 3.02 -14.61 2.10
CA PHE B 564 3.50 -15.97 2.33
C PHE B 564 2.76 -16.95 1.42
N LEU B 565 2.09 -16.41 0.41
CA LEU B 565 1.36 -17.19 -0.58
C LEU B 565 2.31 -17.31 -1.77
N SER B 566 2.69 -18.54 -2.10
CA SER B 566 3.61 -18.77 -3.20
C SER B 566 3.27 -17.99 -4.44
N PRO B 567 4.12 -17.05 -4.83
CA PRO B 567 3.83 -16.27 -6.02
C PRO B 567 4.30 -17.01 -7.27
N TYR B 568 4.40 -18.32 -7.16
CA TYR B 568 4.83 -19.10 -8.31
C TYR B 568 3.81 -20.17 -8.69
N VAL B 569 2.62 -20.11 -8.10
CA VAL B 569 1.56 -21.07 -8.43
C VAL B 569 0.30 -20.32 -8.76
N SER B 570 -0.41 -20.76 -9.80
CA SER B 570 -1.63 -20.08 -10.22
C SER B 570 -2.86 -20.43 -9.41
N PRO B 571 -3.62 -19.41 -8.99
CA PRO B 571 -4.83 -19.62 -8.21
C PRO B 571 -5.78 -20.56 -8.93
N LYS B 572 -5.78 -20.47 -10.25
CA LYS B 572 -6.64 -21.30 -11.08
C LYS B 572 -6.30 -22.78 -10.94
N GLU B 573 -5.02 -23.07 -10.70
CA GLU B 573 -4.55 -24.46 -10.56
C GLU B 573 -4.53 -24.91 -9.10
N SER B 574 -3.88 -24.13 -8.24
CA SER B 574 -3.77 -24.43 -6.82
C SER B 574 -4.15 -23.20 -6.01
N PRO B 575 -5.43 -23.04 -5.73
CA PRO B 575 -5.98 -21.91 -4.98
C PRO B 575 -5.39 -21.62 -3.59
N PHE B 576 -5.02 -22.65 -2.84
CA PHE B 576 -4.48 -22.43 -1.52
C PHE B 576 -2.97 -22.29 -1.58
N ARG B 577 -2.51 -21.10 -2.00
CA ARG B 577 -1.09 -20.81 -2.18
C ARG B 577 -0.26 -20.59 -0.94
N HIS B 578 -0.89 -20.33 0.19
CA HIS B 578 -0.14 -20.08 1.41
C HIS B 578 0.88 -21.16 1.72
N VAL B 579 2.16 -20.86 1.54
CA VAL B 579 3.22 -21.84 1.79
C VAL B 579 3.09 -22.54 3.13
N PHE B 580 2.52 -21.88 4.13
CA PHE B 580 2.37 -22.47 5.47
C PHE B 580 1.09 -23.25 5.72
N TRP B 581 -0.04 -22.70 5.32
CA TRP B 581 -1.32 -23.35 5.58
C TRP B 581 -2.06 -23.82 4.34
N GLY B 582 -1.50 -23.56 3.17
CA GLY B 582 -2.18 -23.97 1.96
C GLY B 582 -2.24 -25.47 1.76
N SER B 583 -2.32 -25.88 0.49
CA SER B 583 -2.37 -27.27 0.10
C SER B 583 -1.80 -27.36 -1.29
N GLY B 584 -0.81 -28.22 -1.48
CA GLY B 584 -0.19 -28.36 -2.79
C GLY B 584 1.28 -28.65 -2.65
N SER B 585 2.00 -28.75 -3.74
CA SER B 585 3.43 -29.03 -3.66
C SER B 585 4.21 -27.77 -3.29
N HIS B 586 3.56 -26.62 -3.38
CA HIS B 586 4.19 -25.35 -3.04
C HIS B 586 4.25 -25.19 -1.52
N THR B 587 3.38 -25.93 -0.83
CA THR B 587 3.28 -25.95 0.62
C THR B 587 4.63 -26.24 1.24
N LEU B 588 4.97 -25.50 2.30
CA LEU B 588 6.25 -25.70 2.99
C LEU B 588 6.22 -27.12 3.56
N PRO B 589 5.18 -27.46 4.32
CA PRO B 589 5.09 -28.80 4.90
C PRO B 589 5.24 -29.86 3.84
N ALA B 590 4.68 -29.60 2.67
CA ALA B 590 4.75 -30.55 1.57
C ALA B 590 6.19 -30.84 1.15
N LEU B 591 7.07 -29.87 1.37
CA LEU B 591 8.48 -30.04 1.01
C LEU B 591 9.08 -31.15 1.86
N LEU B 592 9.03 -30.99 3.17
CA LEU B 592 9.57 -31.99 4.07
C LEU B 592 8.91 -33.32 3.75
N GLU B 593 7.59 -33.30 3.64
CA GLU B 593 6.82 -34.50 3.38
C GLU B 593 7.32 -35.30 2.18
N ASN B 594 7.99 -34.64 1.25
CA ASN B 594 8.52 -35.34 0.08
C ASN B 594 9.92 -35.81 0.44
N LEU B 595 10.68 -34.94 1.09
CA LEU B 595 12.03 -35.24 1.51
C LEU B 595 12.09 -36.43 2.45
N LYS B 596 11.09 -36.60 3.30
CA LYS B 596 11.05 -37.72 4.22
C LYS B 596 11.19 -39.02 3.44
N LEU B 597 10.60 -39.05 2.24
CA LEU B 597 10.62 -40.22 1.38
C LEU B 597 12.01 -40.60 0.85
N ARG B 598 12.93 -39.64 0.88
CA ARG B 598 14.29 -39.85 0.41
C ARG B 598 14.91 -41.08 1.05
N LYS B 599 14.82 -41.17 2.38
CA LYS B 599 15.36 -42.28 3.15
C LYS B 599 14.81 -43.66 2.76
N GLN B 600 13.54 -43.71 2.35
CA GLN B 600 12.89 -44.95 1.94
C GLN B 600 13.59 -45.66 0.78
N ASN B 601 14.69 -45.05 0.30
CA ASN B 601 15.51 -45.56 -0.81
C ASN B 601 14.75 -45.95 -2.08
N ASN B 602 13.42 -45.88 -2.05
CA ASN B 602 12.61 -46.22 -3.22
C ASN B 602 12.46 -45.00 -4.12
N GLY B 603 11.61 -45.12 -5.14
CA GLY B 603 11.40 -44.01 -6.06
C GLY B 603 10.38 -43.00 -5.59
N ALA B 604 9.71 -43.29 -4.48
CA ALA B 604 8.69 -42.42 -3.92
C ALA B 604 9.12 -40.95 -3.86
N PHE B 605 10.43 -40.72 -3.75
CA PHE B 605 10.98 -39.37 -3.69
C PHE B 605 11.25 -38.80 -5.09
N ASN B 606 10.57 -37.71 -5.43
CA ASN B 606 10.79 -37.07 -6.73
C ASN B 606 11.85 -36.02 -6.47
N GLU B 607 13.08 -36.27 -6.93
CA GLU B 607 14.17 -35.33 -6.70
C GLU B 607 13.99 -34.00 -7.42
N THR B 608 13.62 -34.04 -8.70
CA THR B 608 13.44 -32.82 -9.45
C THR B 608 12.39 -31.94 -8.78
N LEU B 609 11.35 -32.58 -8.25
CA LEU B 609 10.30 -31.85 -7.55
C LEU B 609 10.89 -31.15 -6.33
N PHE B 610 11.61 -31.89 -5.50
CA PHE B 610 12.22 -31.31 -4.32
C PHE B 610 13.04 -30.10 -4.73
N ARG B 611 14.10 -30.34 -5.51
CA ARG B 611 14.96 -29.28 -5.99
C ARG B 611 14.21 -27.96 -6.18
N ASN B 612 13.08 -28.02 -6.89
CA ASN B 612 12.30 -26.81 -7.12
C ASN B 612 11.64 -26.39 -5.81
N GLN B 613 10.88 -27.31 -5.22
CA GLN B 613 10.20 -27.01 -3.96
C GLN B 613 11.08 -26.15 -3.09
N LEU B 614 12.28 -26.64 -2.81
CA LEU B 614 13.21 -25.90 -1.97
C LEU B 614 13.50 -24.58 -2.67
N ALA B 615 14.04 -24.65 -3.88
CA ALA B 615 14.39 -23.46 -4.63
C ALA B 615 13.35 -22.34 -4.54
N LEU B 616 12.11 -22.65 -4.91
CA LEU B 616 11.07 -21.64 -4.86
C LEU B 616 10.70 -21.29 -3.42
N ALA B 617 10.38 -22.30 -2.62
CA ALA B 617 10.02 -22.06 -1.22
C ALA B 617 11.01 -21.10 -0.57
N THR B 618 12.21 -21.04 -1.14
CA THR B 618 13.24 -20.18 -0.63
C THR B 618 12.90 -18.78 -1.08
N TRP B 619 12.84 -18.58 -2.38
CA TRP B 619 12.52 -17.26 -2.90
C TRP B 619 11.15 -16.74 -2.42
N THR B 620 10.26 -17.65 -2.03
CA THR B 620 8.96 -17.21 -1.55
C THR B 620 9.24 -16.45 -0.27
N ILE B 621 9.94 -17.11 0.64
CA ILE B 621 10.31 -16.53 1.93
C ILE B 621 11.15 -15.29 1.70
N GLN B 622 12.13 -15.43 0.81
CA GLN B 622 13.02 -14.32 0.49
C GLN B 622 12.16 -13.12 0.15
N GLY B 623 11.30 -13.30 -0.84
CA GLY B 623 10.44 -12.23 -1.26
C GLY B 623 9.63 -11.66 -0.11
N ALA B 624 9.07 -12.53 0.71
CA ALA B 624 8.29 -12.10 1.84
C ALA B 624 9.08 -11.07 2.61
N ALA B 625 10.39 -11.27 2.62
CA ALA B 625 11.28 -10.37 3.32
C ALA B 625 11.41 -9.03 2.58
N ASN B 626 11.84 -9.10 1.32
CA ASN B 626 12.00 -7.90 0.53
C ASN B 626 10.72 -7.08 0.43
N ALA B 627 9.59 -7.70 0.70
CA ALA B 627 8.33 -7.01 0.63
C ALA B 627 7.97 -6.38 1.97
N LEU B 628 8.39 -7.05 3.06
CA LEU B 628 8.11 -6.57 4.42
C LEU B 628 9.06 -5.45 4.89
N SER B 629 9.76 -4.83 3.94
CA SER B 629 10.68 -3.72 4.17
C SER B 629 12.15 -4.00 3.94
N GLY B 630 12.95 -3.76 4.98
CA GLY B 630 14.38 -3.91 4.88
C GLY B 630 14.76 -2.52 4.37
N ASP B 631 13.80 -1.61 4.59
CA ASP B 631 13.91 -0.21 4.17
C ASP B 631 13.91 -0.15 2.66
N VAL B 632 13.41 -1.20 2.02
CA VAL B 632 13.38 -1.28 0.56
C VAL B 632 14.79 -1.52 0.08
N TRP B 633 14.93 -2.13 -1.09
CA TRP B 633 16.26 -2.36 -1.65
C TRP B 633 17.19 -3.06 -0.66
N ASP B 634 16.70 -4.07 0.05
CA ASP B 634 17.55 -4.78 1.01
C ASP B 634 19.00 -4.85 0.53
N ILE B 635 19.90 -4.23 1.30
CA ILE B 635 21.32 -4.16 0.94
C ILE B 635 22.26 -5.25 1.46
N ASP B 636 21.84 -6.51 1.36
CA ASP B 636 22.72 -7.61 1.74
C ASP B 636 23.29 -8.07 0.40
N ASN B 637 23.92 -7.11 -0.27
CA ASN B 637 24.55 -7.25 -1.58
C ASN B 637 25.78 -8.18 -1.62
N GLU B 638 26.36 -8.43 -0.45
CA GLU B 638 27.52 -9.30 -0.35
C GLU B 638 27.12 -10.72 -0.77
N PHE B 639 26.97 -11.62 0.21
CA PHE B 639 26.59 -13.01 -0.03
C PHE B 639 26.84 -13.46 -1.48
N ASP C 1 -32.55 22.74 20.57
CA ASP C 1 -31.69 22.68 21.73
C ASP C 1 -30.33 21.97 21.44
N LYS C 2 -29.35 22.65 22.01
CA LYS C 2 -27.90 22.33 22.19
C LYS C 2 -26.96 23.34 21.52
N THR C 3 -25.74 23.06 21.79
CA THR C 3 -24.65 24.00 21.58
C THR C 3 -23.96 23.86 20.24
N VAL C 4 -23.76 25.04 19.70
CA VAL C 4 -23.02 25.17 18.48
C VAL C 4 -21.69 25.81 18.83
N ARG C 5 -20.62 25.12 18.52
CA ARG C 5 -19.28 25.62 18.81
C ARG C 5 -18.79 26.43 17.60
N TRP C 6 -18.86 27.75 17.76
CA TRP C 6 -18.47 28.64 16.69
C TRP C 6 -16.96 28.84 16.70
N CYS C 7 -16.35 28.78 15.53
CA CYS C 7 -14.94 28.96 15.46
C CYS C 7 -14.60 30.45 15.19
N ALA C 8 -14.01 31.09 16.17
CA ALA C 8 -13.63 32.50 16.09
C ALA C 8 -12.15 32.59 15.71
N VAL C 9 -11.83 33.47 14.74
CA VAL C 9 -10.42 33.61 14.31
C VAL C 9 -9.77 34.82 15.00
N SER C 10 -8.92 34.52 15.99
CA SER C 10 -8.20 35.54 16.76
C SER C 10 -9.07 36.36 17.77
N GLU C 11 -8.43 37.30 18.44
CA GLU C 11 -9.02 38.07 19.56
C GLU C 11 -10.27 38.80 19.36
N HIS C 12 -10.33 39.54 18.26
CA HIS C 12 -11.46 40.39 17.98
C HIS C 12 -12.71 39.59 17.71
N GLU C 13 -12.56 38.54 16.90
CA GLU C 13 -13.70 37.65 16.62
C GLU C 13 -14.11 36.92 17.88
N ALA C 14 -13.11 36.59 18.70
CA ALA C 14 -13.33 35.90 19.95
C ALA C 14 -14.18 36.77 20.90
N THR C 15 -13.88 38.07 20.89
CA THR C 15 -14.63 39.00 21.72
C THR C 15 -16.08 39.13 21.24
N LYS C 16 -16.27 39.24 19.95
CA LYS C 16 -17.63 39.33 19.42
C LYS C 16 -18.39 38.07 19.64
N CYS C 17 -17.68 36.95 19.55
CA CYS C 17 -18.32 35.63 19.78
C CYS C 17 -18.88 35.50 21.21
N GLN C 18 -18.10 35.93 22.18
CA GLN C 18 -18.53 35.87 23.56
C GLN C 18 -19.73 36.77 23.85
N SER C 19 -19.77 37.92 23.21
CA SER C 19 -20.92 38.79 23.36
C SER C 19 -22.11 38.16 22.65
N PHE C 20 -21.85 37.45 21.55
CA PHE C 20 -22.91 36.81 20.80
C PHE C 20 -23.49 35.75 21.71
N ARG C 21 -22.62 35.01 22.42
CA ARG C 21 -23.05 33.94 23.33
C ARG C 21 -23.92 34.51 24.45
N ASP C 22 -23.45 35.57 25.04
CA ASP C 22 -24.18 36.18 26.14
C ASP C 22 -25.53 36.77 25.78
N HIS C 23 -25.60 37.46 24.66
CA HIS C 23 -26.85 38.05 24.28
C HIS C 23 -27.93 37.04 23.89
N MET C 24 -27.52 35.96 23.24
CA MET C 24 -28.46 34.90 22.85
C MET C 24 -29.00 34.18 24.11
N LYS C 25 -28.18 34.12 25.16
CA LYS C 25 -28.59 33.49 26.40
C LYS C 25 -29.75 34.24 27.04
N SER C 26 -29.68 35.56 26.93
CA SER C 26 -30.70 36.42 27.48
C SER C 26 -32.03 36.42 26.72
N VAL C 27 -32.04 35.93 25.50
CA VAL C 27 -33.28 35.96 24.77
C VAL C 27 -33.77 34.60 24.46
N ILE C 28 -32.85 33.68 24.31
CA ILE C 28 -33.24 32.34 23.99
C ILE C 28 -33.65 31.69 25.29
N PRO C 29 -34.66 30.82 25.19
CA PRO C 29 -35.13 30.06 26.32
C PRO C 29 -34.12 28.96 26.56
N SER C 30 -34.27 28.33 27.72
CA SER C 30 -33.46 27.20 28.17
C SER C 30 -33.50 26.06 27.17
N ASP C 31 -34.61 25.97 26.43
CA ASP C 31 -34.72 24.96 25.41
C ASP C 31 -34.25 25.38 24.00
N GLY C 32 -33.63 26.54 23.86
CA GLY C 32 -33.14 26.96 22.55
C GLY C 32 -31.66 26.64 22.37
N PRO C 33 -31.17 26.80 21.15
CA PRO C 33 -29.77 26.53 20.83
C PRO C 33 -28.86 27.59 21.43
N SER C 34 -27.65 27.20 21.78
CA SER C 34 -26.69 28.14 22.39
C SER C 34 -25.35 28.07 21.70
N VAL C 35 -24.52 29.06 21.98
CA VAL C 35 -23.25 29.19 21.32
C VAL C 35 -22.11 29.02 22.27
N ALA C 36 -21.04 28.39 21.83
CA ALA C 36 -19.86 28.31 22.65
C ALA C 36 -18.81 28.79 21.68
N CYS C 37 -17.76 29.41 22.18
CA CYS C 37 -16.74 29.96 21.29
C CYS C 37 -15.42 29.28 21.34
N VAL C 38 -14.93 28.93 20.16
CA VAL C 38 -13.64 28.27 20.05
C VAL C 38 -12.70 29.17 19.25
N LYS C 39 -11.63 29.64 19.89
CA LYS C 39 -10.68 30.54 19.23
C LYS C 39 -9.53 29.86 18.56
N LYS C 40 -9.27 30.19 17.29
CA LYS C 40 -8.13 29.67 16.56
C LYS C 40 -7.39 30.83 15.97
N ALA C 41 -6.22 30.54 15.43
CA ALA C 41 -5.37 31.59 14.88
C ALA C 41 -5.66 31.93 13.48
N SER C 42 -6.27 31.01 12.73
CA SER C 42 -6.51 31.29 11.32
C SER C 42 -7.73 30.54 10.85
N TYR C 43 -8.23 30.88 9.65
CA TYR C 43 -9.43 30.18 9.13
C TYR C 43 -9.08 28.69 8.88
N LEU C 44 -7.84 28.45 8.49
CA LEU C 44 -7.40 27.12 8.15
C LEU C 44 -7.43 26.23 9.37
N ASP C 45 -7.14 26.79 10.55
CA ASP C 45 -7.23 26.04 11.80
C ASP C 45 -8.67 25.78 12.14
N CYS C 46 -9.55 26.69 11.73
CA CYS C 46 -10.99 26.49 12.01
C CYS C 46 -11.51 25.35 11.11
N ILE C 47 -11.02 25.29 9.87
CA ILE C 47 -11.41 24.24 8.96
C ILE C 47 -10.98 22.84 9.52
N ARG C 48 -9.75 22.74 10.06
CA ARG C 48 -9.28 21.49 10.60
C ARG C 48 -10.04 21.12 11.82
N ALA C 49 -10.27 22.12 12.67
CA ALA C 49 -10.98 21.91 13.93
C ALA C 49 -12.39 21.37 13.76
N ILE C 50 -13.08 21.83 12.72
CA ILE C 50 -14.45 21.37 12.45
C ILE C 50 -14.40 19.95 11.97
N ALA C 51 -13.43 19.66 11.11
CA ALA C 51 -13.24 18.30 10.59
C ALA C 51 -12.88 17.35 11.72
N ALA C 52 -12.13 17.84 12.69
CA ALA C 52 -11.73 17.01 13.79
C ALA C 52 -12.70 16.95 14.96
N ASN C 53 -13.88 17.56 14.80
CA ASN C 53 -14.92 17.59 15.84
C ASN C 53 -14.50 18.44 17.03
N GLU C 54 -13.73 19.48 16.78
CA GLU C 54 -13.32 20.36 17.87
C GLU C 54 -14.21 21.61 17.83
N ALA C 55 -14.85 21.85 16.67
CA ALA C 55 -15.77 22.99 16.52
C ALA C 55 -16.83 22.56 15.50
N ASP C 56 -17.84 23.41 15.31
CA ASP C 56 -18.94 23.04 14.42
C ASP C 56 -19.17 23.93 13.22
N ALA C 57 -18.89 25.22 13.35
CA ALA C 57 -19.21 26.15 12.27
C ALA C 57 -18.27 27.30 12.17
N VAL C 58 -18.19 27.83 10.94
CA VAL C 58 -17.35 29.00 10.65
C VAL C 58 -17.85 29.55 9.30
N THR C 59 -17.81 30.87 9.13
CA THR C 59 -18.25 31.50 7.90
C THR C 59 -17.04 31.73 7.05
N LEU C 60 -17.12 31.37 5.78
CA LEU C 60 -15.97 31.55 4.91
C LEU C 60 -16.35 32.27 3.64
N ASP C 61 -15.34 32.93 3.07
CA ASP C 61 -15.48 33.56 1.75
C ASP C 61 -15.55 32.36 0.80
N ALA C 62 -16.30 32.53 -0.28
CA ALA C 62 -16.55 31.43 -1.25
C ALA C 62 -15.34 30.74 -1.85
N GLY C 63 -14.26 31.52 -2.08
CA GLY C 63 -13.02 30.91 -2.57
C GLY C 63 -12.43 29.92 -1.50
N LEU C 64 -12.64 30.21 -0.21
CA LEU C 64 -12.14 29.31 0.80
C LEU C 64 -13.08 28.14 1.00
N VAL C 65 -14.32 28.34 0.55
CA VAL C 65 -15.34 27.27 0.63
C VAL C 65 -14.94 26.07 -0.24
N TYR C 66 -14.27 26.38 -1.32
CA TYR C 66 -13.77 25.35 -2.23
C TYR C 66 -12.70 24.47 -1.52
N ASP C 67 -11.76 25.15 -0.90
CA ASP C 67 -10.69 24.50 -0.18
C ASP C 67 -11.23 23.64 0.96
N ALA C 68 -12.25 24.14 1.63
CA ALA C 68 -12.85 23.44 2.78
C ALA C 68 -13.54 22.14 2.37
N TYR C 69 -13.99 22.11 1.12
CA TYR C 69 -14.68 20.99 0.57
C TYR C 69 -13.70 19.84 0.29
N LEU C 70 -12.47 20.18 -0.09
CA LEU C 70 -11.43 19.19 -0.42
C LEU C 70 -11.10 18.26 0.73
N ALA C 71 -10.68 17.04 0.35
CA ALA C 71 -10.27 16.02 1.34
C ALA C 71 -8.94 16.46 1.86
N PRO C 72 -8.66 16.13 3.11
CA PRO C 72 -9.51 15.27 3.91
C PRO C 72 -10.50 16.05 4.77
N ASN C 73 -10.79 17.29 4.42
CA ASN C 73 -11.71 18.07 5.26
C ASN C 73 -13.18 17.83 5.00
N ASN C 74 -13.58 17.88 3.70
CA ASN C 74 -14.97 17.63 3.21
C ASN C 74 -16.08 18.33 3.93
N LEU C 75 -15.93 19.63 4.13
CA LEU C 75 -16.95 20.41 4.81
C LEU C 75 -17.94 20.80 3.72
N LYS C 76 -19.18 21.12 4.11
CA LYS C 76 -20.16 21.51 3.10
C LYS C 76 -20.78 22.81 3.55
N PRO C 77 -21.29 23.58 2.60
CA PRO C 77 -21.93 24.85 2.90
C PRO C 77 -23.33 24.60 3.41
N VAL C 78 -23.72 25.27 4.51
CA VAL C 78 -25.08 25.04 5.06
C VAL C 78 -25.98 26.27 5.14
N VAL C 79 -25.39 27.45 5.37
CA VAL C 79 -26.14 28.70 5.46
C VAL C 79 -25.37 29.77 4.70
N ALA C 80 -26.08 30.57 3.92
CA ALA C 80 -25.41 31.60 3.13
C ALA C 80 -25.76 32.98 3.64
N GLU C 81 -24.82 33.90 3.53
CA GLU C 81 -25.13 35.28 3.86
C GLU C 81 -25.87 35.83 2.63
N PHE C 82 -26.66 36.89 2.81
CA PHE C 82 -27.24 37.65 1.70
C PHE C 82 -27.01 39.11 1.98
N TYR C 83 -26.90 39.91 0.91
CA TYR C 83 -26.61 41.34 0.98
C TYR C 83 -27.72 42.12 0.34
N GLY C 84 -27.55 43.42 0.25
CA GLY C 84 -28.56 44.25 -0.39
C GLY C 84 -29.64 44.78 0.54
N SER C 85 -30.71 44.03 0.68
CA SER C 85 -31.81 44.46 1.54
C SER C 85 -32.61 43.20 1.74
N LYS C 86 -33.50 43.22 2.72
CA LYS C 86 -34.34 42.04 2.97
C LYS C 86 -35.39 41.96 1.86
N GLU C 87 -35.65 43.10 1.28
CA GLU C 87 -36.58 43.22 0.19
C GLU C 87 -36.08 42.55 -1.13
N ASP C 88 -34.79 42.68 -1.46
CA ASP C 88 -34.24 42.04 -2.66
C ASP C 88 -32.82 41.53 -2.32
N PRO C 89 -32.82 40.38 -1.68
CA PRO C 89 -31.61 39.74 -1.18
C PRO C 89 -30.72 39.34 -2.30
N GLN C 90 -29.44 39.62 -2.16
CA GLN C 90 -28.50 39.28 -3.21
C GLN C 90 -27.54 38.26 -2.70
N THR C 91 -27.43 37.17 -3.41
CA THR C 91 -26.55 36.14 -2.95
C THR C 91 -25.28 36.16 -3.69
N PHE C 92 -24.83 37.37 -3.99
CA PHE C 92 -23.58 37.52 -4.68
C PHE C 92 -23.11 38.91 -4.39
N TYR C 93 -21.88 39.21 -4.78
CA TYR C 93 -21.39 40.58 -4.65
C TYR C 93 -20.39 40.84 -5.75
N TYR C 94 -19.96 42.10 -5.87
CA TYR C 94 -19.01 42.51 -6.91
C TYR C 94 -17.57 42.71 -6.41
N ALA C 95 -16.63 42.11 -7.14
CA ALA C 95 -15.21 42.26 -6.90
C ALA C 95 -14.78 43.53 -7.68
N VAL C 96 -14.17 44.49 -6.99
CA VAL C 96 -13.71 45.71 -7.65
C VAL C 96 -12.24 45.94 -7.38
N ALA C 97 -11.62 46.86 -8.12
CA ALA C 97 -10.20 47.20 -7.92
C ALA C 97 -10.18 48.68 -7.64
N VAL C 98 -9.89 49.05 -6.41
CA VAL C 98 -9.92 50.45 -6.00
C VAL C 98 -8.57 51.04 -6.05
N VAL C 99 -8.50 52.27 -6.55
CA VAL C 99 -7.23 53.00 -6.65
C VAL C 99 -7.47 54.45 -6.33
N LYS C 100 -6.41 55.21 -6.17
CA LYS C 100 -6.57 56.60 -5.82
C LYS C 100 -6.70 57.39 -7.11
N LYS C 101 -7.42 58.50 -6.99
CA LYS C 101 -7.65 59.44 -8.10
C LYS C 101 -6.34 60.02 -8.67
N ASP C 102 -6.27 60.02 -10.00
CA ASP C 102 -5.14 60.56 -10.74
C ASP C 102 -3.85 59.83 -10.50
N SER C 103 -3.91 58.57 -10.11
CA SER C 103 -2.65 57.86 -9.91
C SER C 103 -2.08 57.45 -11.26
N GLY C 104 -2.90 57.56 -12.28
CA GLY C 104 -2.49 57.32 -13.65
C GLY C 104 -2.06 55.97 -14.15
N PHE C 105 -2.90 54.97 -13.99
CA PHE C 105 -2.63 53.69 -14.57
C PHE C 105 -3.91 52.96 -14.71
N GLN C 106 -3.96 52.13 -15.72
CA GLN C 106 -5.10 51.32 -15.97
C GLN C 106 -4.73 49.92 -15.59
N MET C 107 -5.73 49.06 -15.76
CA MET C 107 -5.61 47.65 -15.47
C MET C 107 -4.54 46.94 -16.27
N ASN C 108 -4.22 47.47 -17.44
CA ASN C 108 -3.18 46.86 -18.27
C ASN C 108 -1.81 47.39 -17.93
N GLN C 109 -1.76 48.21 -16.90
CA GLN C 109 -0.50 48.80 -16.51
C GLN C 109 -0.18 48.52 -15.03
N LEU C 110 -0.58 47.34 -14.57
CA LEU C 110 -0.39 46.97 -13.19
C LEU C 110 1.00 46.48 -12.83
N ARG C 111 1.71 45.95 -13.82
CA ARG C 111 3.07 45.42 -13.61
C ARG C 111 3.95 46.46 -12.93
N GLY C 112 4.57 46.04 -11.81
CA GLY C 112 5.42 46.93 -11.07
C GLY C 112 4.73 47.77 -10.02
N LYS C 113 3.41 47.69 -9.94
CA LYS C 113 2.71 48.47 -8.93
C LYS C 113 2.65 47.68 -7.64
N LYS C 114 2.19 48.31 -6.57
CA LYS C 114 2.07 47.60 -5.29
C LYS C 114 0.58 47.26 -4.99
N SER C 115 0.32 46.02 -4.60
CA SER C 115 -1.04 45.52 -4.39
C SER C 115 -1.42 45.17 -2.97
N CYS C 116 -2.67 45.46 -2.61
CA CYS C 116 -3.25 45.11 -1.31
C CYS C 116 -4.39 44.09 -1.57
N HIS C 117 -4.25 42.88 -1.02
CA HIS C 117 -5.24 41.77 -1.18
C HIS C 117 -5.90 41.48 0.13
N THR C 118 -7.14 41.00 0.08
CA THR C 118 -7.85 40.68 1.34
C THR C 118 -7.21 39.49 1.98
N GLY C 119 -6.78 38.55 1.18
CA GLY C 119 -6.20 37.33 1.72
C GLY C 119 -6.07 36.32 0.63
N LEU C 120 -5.04 35.49 0.74
CA LEU C 120 -4.75 34.44 -0.25
C LEU C 120 -5.95 33.51 -0.42
N GLY C 121 -6.30 33.25 -1.67
CA GLY C 121 -7.43 32.35 -1.96
C GLY C 121 -8.87 32.87 -1.84
N ARG C 122 -9.02 34.14 -1.44
CA ARG C 122 -10.33 34.75 -1.32
C ARG C 122 -10.82 35.30 -2.66
N SER C 123 -12.15 35.29 -2.87
CA SER C 123 -12.75 35.70 -4.16
C SER C 123 -12.28 37.03 -4.74
N ALA C 124 -12.69 38.12 -4.08
CA ALA C 124 -12.39 39.46 -4.58
C ALA C 124 -10.95 39.84 -4.43
N GLY C 125 -10.33 39.47 -3.30
CA GLY C 125 -8.97 39.88 -3.00
C GLY C 125 -7.93 39.09 -3.77
N TRP C 126 -8.30 37.92 -4.28
CA TRP C 126 -7.30 37.12 -4.90
C TRP C 126 -7.70 36.36 -6.16
N ASN C 127 -8.64 35.45 -6.03
CA ASN C 127 -9.08 34.61 -7.16
C ASN C 127 -9.47 35.35 -8.42
N ILE C 128 -10.29 36.36 -8.27
CA ILE C 128 -10.73 37.13 -9.44
C ILE C 128 -9.63 37.95 -10.10
N PRO C 129 -8.93 38.82 -9.35
CA PRO C 129 -7.89 39.67 -9.99
C PRO C 129 -6.68 38.87 -10.50
N ILE C 130 -6.24 37.89 -9.73
CA ILE C 130 -5.09 37.08 -10.16
C ILE C 130 -5.53 36.21 -11.33
N GLY C 131 -6.79 35.81 -11.30
CA GLY C 131 -7.37 35.04 -12.39
C GLY C 131 -7.38 35.88 -13.65
N LEU C 132 -7.67 37.16 -13.52
CA LEU C 132 -7.68 38.02 -14.69
C LEU C 132 -6.29 38.37 -15.18
N LEU C 133 -5.28 38.36 -14.32
CA LEU C 133 -3.91 38.76 -14.75
C LEU C 133 -3.02 37.65 -15.13
N TYR C 134 -3.46 36.43 -14.89
CA TYR C 134 -2.69 35.23 -15.07
C TYR C 134 -1.75 35.10 -16.23
N CYS C 135 -2.20 35.46 -17.41
CA CYS C 135 -1.31 35.34 -18.54
C CYS C 135 -0.37 36.51 -18.69
N ASP C 136 -0.64 37.58 -17.94
CA ASP C 136 0.24 38.74 -17.96
C ASP C 136 1.38 38.46 -17.03
N LEU C 137 1.25 37.39 -16.25
CA LEU C 137 2.29 37.02 -15.35
C LEU C 137 3.42 36.37 -16.18
N PRO C 138 4.63 36.52 -15.67
CA PRO C 138 5.77 35.99 -16.35
C PRO C 138 5.93 34.53 -15.99
N GLU C 139 6.52 33.79 -16.90
CA GLU C 139 6.77 32.41 -16.64
C GLU C 139 8.09 32.34 -15.88
N PRO C 140 8.24 31.37 -15.01
CA PRO C 140 7.19 30.38 -14.79
C PRO C 140 6.12 30.85 -13.79
N ARG C 141 4.89 30.46 -14.13
CA ARG C 141 3.71 30.82 -13.38
C ARG C 141 3.41 29.82 -12.26
N LYS C 142 4.31 28.87 -12.07
CA LYS C 142 4.15 27.92 -11.00
C LYS C 142 5.46 28.05 -10.21
N PRO C 143 5.37 28.29 -8.91
CA PRO C 143 4.09 28.43 -8.23
C PRO C 143 3.58 29.86 -8.41
N LEU C 144 2.26 29.94 -8.34
CA LEU C 144 1.51 31.17 -8.53
C LEU C 144 2.03 32.30 -7.70
N GLU C 145 2.29 31.99 -6.42
CA GLU C 145 2.80 32.95 -5.44
C GLU C 145 4.04 33.64 -5.93
N LYS C 146 4.89 32.87 -6.59
CA LYS C 146 6.15 33.41 -7.10
C LYS C 146 5.99 34.32 -8.32
N ALA C 147 5.07 33.96 -9.22
CA ALA C 147 4.83 34.79 -10.41
C ALA C 147 4.17 36.13 -10.01
N VAL C 148 3.30 36.03 -9.01
CA VAL C 148 2.57 37.19 -8.52
C VAL C 148 3.55 38.12 -7.83
N ALA C 149 4.44 37.52 -7.06
CA ALA C 149 5.50 38.27 -6.36
C ALA C 149 6.44 38.96 -7.31
N ASN C 150 6.61 38.41 -8.51
CA ASN C 150 7.48 39.06 -9.48
C ASN C 150 6.79 40.08 -10.37
N PHE C 151 5.46 40.04 -10.43
CA PHE C 151 4.71 40.96 -11.27
C PHE C 151 4.54 42.32 -10.60
N PHE C 152 4.11 42.30 -9.35
CA PHE C 152 3.93 43.53 -8.60
C PHE C 152 5.29 43.86 -7.94
N SER C 153 5.47 45.08 -7.45
CA SER C 153 6.73 45.43 -6.79
C SER C 153 6.56 45.41 -5.27
N GLY C 154 5.77 44.46 -4.78
CA GLY C 154 5.51 44.33 -3.35
C GLY C 154 4.02 44.23 -3.08
N SER C 155 3.63 43.37 -2.15
CA SER C 155 2.20 43.22 -1.83
C SER C 155 1.95 42.96 -0.37
N CYS C 156 0.67 42.89 -0.06
CA CYS C 156 0.21 42.41 1.23
C CYS C 156 -0.80 41.34 0.81
N ALA C 157 -0.43 40.09 1.00
CA ALA C 157 -1.34 39.01 0.68
C ALA C 157 -1.41 38.18 1.93
N PRO C 158 -2.35 38.50 2.80
CA PRO C 158 -2.50 37.78 4.08
C PRO C 158 -2.69 36.30 3.87
N CYS C 159 -2.06 35.54 4.76
CA CYS C 159 -2.09 34.06 4.73
C CYS C 159 -1.06 33.44 3.79
N ALA C 160 -0.36 34.27 3.05
CA ALA C 160 0.67 33.72 2.16
C ALA C 160 1.91 33.41 3.02
N ASP C 161 2.79 32.56 2.50
CA ASP C 161 4.04 32.19 3.20
C ASP C 161 5.11 33.26 2.90
N GLY C 162 5.37 34.08 3.91
CA GLY C 162 6.34 35.13 3.81
C GLY C 162 7.78 34.61 3.78
N THR C 163 7.97 33.38 4.29
CA THR C 163 9.29 32.77 4.30
C THR C 163 9.62 32.45 2.86
N ASP C 164 8.68 31.79 2.19
CA ASP C 164 8.90 31.44 0.80
C ASP C 164 8.72 32.58 -0.17
N PHE C 165 7.76 33.47 0.09
CA PHE C 165 7.50 34.58 -0.83
C PHE C 165 7.43 35.87 -0.10
N PRO C 166 8.60 36.38 0.31
CA PRO C 166 8.75 37.61 1.07
C PRO C 166 8.14 38.90 0.47
N GLN C 167 8.14 39.02 -0.87
CA GLN C 167 7.57 40.19 -1.53
C GLN C 167 6.07 40.27 -1.32
N LEU C 168 5.45 39.12 -1.06
CA LEU C 168 4.00 39.05 -0.79
C LEU C 168 3.61 39.63 0.55
N CYS C 169 4.60 39.86 1.43
CA CYS C 169 4.29 40.43 2.75
C CYS C 169 5.05 41.70 2.93
N GLN C 170 5.51 42.26 1.83
CA GLN C 170 6.29 43.47 1.89
C GLN C 170 5.51 44.64 2.47
N LEU C 171 4.22 44.67 2.22
CA LEU C 171 3.39 45.76 2.73
C LEU C 171 2.77 45.42 4.11
N CYS C 172 2.86 44.14 4.51
CA CYS C 172 2.34 43.71 5.82
C CYS C 172 3.19 42.57 6.30
N PRO C 173 4.38 42.92 6.79
CA PRO C 173 5.37 41.95 7.22
C PRO C 173 4.78 40.82 8.04
N GLY C 174 4.98 39.61 7.55
CA GLY C 174 4.45 38.44 8.23
C GLY C 174 3.25 37.81 7.55
N CYS C 175 2.48 38.60 6.78
CA CYS C 175 1.26 38.11 6.13
C CYS C 175 0.25 37.48 7.07
N GLY C 176 0.04 38.13 8.22
CA GLY C 176 -0.87 37.62 9.27
C GLY C 176 -2.27 37.33 8.74
N CYS C 177 -2.79 36.17 9.10
CA CYS C 177 -4.05 35.67 8.57
C CYS C 177 -5.23 35.87 9.51
N SER C 178 -5.35 37.07 10.06
CA SER C 178 -6.44 37.41 10.97
C SER C 178 -6.42 38.92 11.13
N THR C 179 -7.40 39.45 11.88
CA THR C 179 -7.52 40.90 12.09
C THR C 179 -6.40 41.54 12.93
N LEU C 180 -5.48 40.72 13.46
CA LEU C 180 -4.33 41.24 14.20
C LEU C 180 -3.40 41.91 13.17
N ASN C 181 -3.56 41.50 11.91
CA ASN C 181 -2.84 42.12 10.81
C ASN C 181 -3.84 43.22 10.38
N GLN C 182 -3.40 44.46 10.48
CA GLN C 182 -4.27 45.59 10.19
C GLN C 182 -4.61 45.72 8.72
N TYR C 183 -3.91 44.98 7.87
CA TYR C 183 -4.19 45.05 6.44
C TYR C 183 -4.89 43.79 5.99
N PHE C 184 -5.41 43.02 6.93
CA PHE C 184 -6.13 41.81 6.56
C PHE C 184 -7.63 42.11 6.16
N GLY C 185 -8.17 41.34 5.22
CA GLY C 185 -9.60 41.44 4.89
C GLY C 185 -9.97 42.60 4.01
N TYR C 186 -11.29 42.80 3.81
CA TYR C 186 -11.79 43.89 2.94
C TYR C 186 -11.34 45.27 3.44
N SER C 187 -11.64 45.56 4.70
CA SER C 187 -11.25 46.85 5.24
C SER C 187 -9.77 47.05 5.45
N GLY C 188 -9.06 45.94 5.65
CA GLY C 188 -7.62 46.01 5.85
C GLY C 188 -6.97 46.27 4.53
N ALA C 189 -7.53 45.67 3.48
CA ALA C 189 -6.95 45.85 2.13
C ALA C 189 -7.20 47.28 1.68
N PHE C 190 -8.33 47.82 2.09
CA PHE C 190 -8.59 49.21 1.76
C PHE C 190 -7.64 50.16 2.55
N LYS C 191 -7.37 49.84 3.82
CA LYS C 191 -6.47 50.65 4.65
C LYS C 191 -5.04 50.69 4.09
N CYS C 192 -4.64 49.57 3.50
CA CYS C 192 -3.35 49.42 2.87
C CYS C 192 -3.18 50.43 1.67
N LEU C 193 -4.29 50.69 0.99
CA LEU C 193 -4.28 51.65 -0.11
C LEU C 193 -4.32 53.06 0.45
N LYS C 194 -5.30 53.31 1.31
CA LYS C 194 -5.51 54.62 1.90
C LYS C 194 -4.27 55.14 2.66
N ASP C 195 -3.55 54.25 3.33
CA ASP C 195 -2.33 54.63 4.04
C ASP C 195 -1.20 54.91 3.06
N GLY C 196 -1.29 54.44 1.81
CA GLY C 196 -0.26 54.73 0.81
C GLY C 196 0.78 53.66 0.70
N ALA C 197 0.50 52.52 1.32
CA ALA C 197 1.42 51.41 1.28
C ALA C 197 1.35 50.79 -0.08
N GLY C 198 0.13 50.64 -0.63
CA GLY C 198 -0.11 50.02 -1.97
C GLY C 198 -0.77 50.99 -2.98
N ASP C 199 -0.76 50.60 -4.26
CA ASP C 199 -1.38 51.43 -5.33
C ASP C 199 -2.79 50.97 -5.69
N VAL C 200 -3.10 49.68 -5.40
CA VAL C 200 -4.44 49.12 -5.72
C VAL C 200 -4.90 48.18 -4.61
N ALA C 201 -6.19 48.18 -4.37
CA ALA C 201 -6.77 47.30 -3.34
C ALA C 201 -7.81 46.49 -4.01
N PHE C 202 -7.69 45.18 -3.89
CA PHE C 202 -8.66 44.29 -4.49
C PHE C 202 -9.71 43.92 -3.40
N VAL C 203 -10.85 44.63 -3.44
CA VAL C 203 -11.92 44.49 -2.44
C VAL C 203 -13.32 44.33 -3.09
N LYS C 204 -14.40 44.55 -2.30
CA LYS C 204 -15.79 44.41 -2.83
C LYS C 204 -16.39 45.78 -3.01
N HIS C 205 -17.52 45.85 -3.72
CA HIS C 205 -18.13 47.13 -4.08
C HIS C 205 -18.55 47.96 -2.90
N SER C 206 -18.85 47.31 -1.79
CA SER C 206 -19.26 48.10 -0.62
C SER C 206 -18.14 48.59 0.28
N THR C 207 -16.95 48.04 0.12
CA THR C 207 -15.82 48.37 1.01
C THR C 207 -15.54 49.84 1.26
N ILE C 208 -15.49 50.61 0.20
CA ILE C 208 -15.23 52.03 0.37
C ILE C 208 -16.33 52.80 1.12
N PHE C 209 -17.57 52.39 0.91
CA PHE C 209 -18.70 53.03 1.58
C PHE C 209 -18.75 52.67 3.02
N GLU C 210 -18.16 51.52 3.36
CA GLU C 210 -18.11 51.11 4.76
C GLU C 210 -16.97 51.82 5.47
N ASN C 211 -16.06 52.38 4.68
CA ASN C 211 -14.89 53.01 5.28
C ASN C 211 -14.84 54.51 5.19
N LEU C 212 -15.42 55.09 4.16
CA LEU C 212 -15.40 56.54 4.04
C LEU C 212 -16.81 57.09 4.01
N ALA C 213 -17.17 57.80 5.06
CA ALA C 213 -18.51 58.36 5.16
C ALA C 213 -18.79 59.57 4.29
N ASN C 214 -17.76 60.35 4.00
CA ASN C 214 -17.97 61.53 3.21
C ASN C 214 -17.73 61.28 1.77
N LYS C 215 -18.68 61.76 0.97
CA LYS C 215 -18.61 61.68 -0.48
C LYS C 215 -17.38 62.41 -1.01
N ALA C 216 -16.99 63.46 -0.32
CA ALA C 216 -15.84 64.23 -0.74
C ALA C 216 -14.54 63.46 -0.50
N ASP C 217 -14.55 62.56 0.49
CA ASP C 217 -13.36 61.75 0.74
C ASP C 217 -13.32 60.65 -0.31
N ARG C 218 -14.52 60.17 -0.65
CA ARG C 218 -14.66 59.11 -1.63
C ARG C 218 -14.36 59.53 -3.06
N ASP C 219 -14.52 60.83 -3.35
CA ASP C 219 -14.24 61.39 -4.67
C ASP C 219 -12.76 61.37 -5.00
N GLN C 220 -11.94 61.07 -4.00
CA GLN C 220 -10.49 60.94 -4.15
C GLN C 220 -10.08 59.55 -4.64
N TYR C 221 -11.06 58.67 -4.84
CA TYR C 221 -10.76 57.30 -5.30
C TYR C 221 -11.54 57.00 -6.56
N GLU C 222 -11.10 56.00 -7.29
CA GLU C 222 -11.77 55.53 -8.49
C GLU C 222 -11.59 54.02 -8.57
N LEU C 223 -12.25 53.43 -9.58
CA LEU C 223 -12.24 52.00 -9.84
C LEU C 223 -11.59 51.74 -11.17
N LEU C 224 -10.88 50.62 -11.30
CA LEU C 224 -10.30 50.26 -12.59
C LEU C 224 -11.32 49.37 -13.26
N CYS C 225 -11.74 49.71 -14.47
CA CYS C 225 -12.68 48.88 -15.20
C CYS C 225 -11.89 48.05 -16.17
N LEU C 226 -12.44 46.91 -16.60
CA LEU C 226 -11.74 45.97 -17.48
C LEU C 226 -11.41 46.47 -18.89
N ASP C 227 -11.99 47.60 -19.26
CA ASP C 227 -11.77 48.14 -20.58
C ASP C 227 -10.66 49.15 -20.58
N ASN C 228 -9.89 49.13 -19.50
CA ASN C 228 -8.80 50.04 -19.31
C ASN C 228 -9.19 51.47 -19.19
N THR C 229 -10.28 51.69 -18.47
CA THR C 229 -10.71 53.04 -18.15
C THR C 229 -10.95 53.02 -16.65
N ARG C 230 -11.26 54.17 -16.11
CA ARG C 230 -11.53 54.29 -14.71
C ARG C 230 -12.91 54.95 -14.50
N LYS C 231 -13.64 54.56 -13.47
CA LYS C 231 -14.93 55.18 -13.16
C LYS C 231 -14.97 55.49 -11.66
N PRO C 232 -15.94 56.32 -11.24
CA PRO C 232 -16.07 56.65 -9.82
C PRO C 232 -16.58 55.42 -9.08
N VAL C 233 -16.41 55.43 -7.78
CA VAL C 233 -16.78 54.30 -6.96
C VAL C 233 -18.26 53.96 -6.86
N ASP C 234 -19.13 54.88 -7.28
CA ASP C 234 -20.58 54.62 -7.27
C ASP C 234 -20.91 53.82 -8.47
N GLU C 235 -20.02 53.84 -9.43
CA GLU C 235 -20.31 53.19 -10.68
C GLU C 235 -19.85 51.77 -10.83
N TYR C 236 -19.78 51.06 -9.71
CA TYR C 236 -19.31 49.66 -9.71
C TYR C 236 -20.09 48.70 -10.56
N LYS C 237 -21.39 48.95 -10.73
CA LYS C 237 -22.20 48.06 -11.53
C LYS C 237 -21.76 48.03 -12.98
N ASP C 238 -21.10 49.08 -13.45
CA ASP C 238 -20.57 49.11 -14.82
C ASP C 238 -19.06 49.11 -14.82
N CYS C 239 -18.45 48.83 -13.68
CA CYS C 239 -16.99 48.84 -13.66
C CYS C 239 -16.56 47.89 -12.56
N HIS C 240 -16.69 46.61 -12.82
CA HIS C 240 -16.30 45.65 -11.81
C HIS C 240 -15.59 44.51 -12.49
N LEU C 241 -14.87 43.69 -11.72
CA LEU C 241 -14.08 42.63 -12.29
C LEU C 241 -14.88 41.40 -12.45
N ALA C 242 -15.78 41.14 -11.51
CA ALA C 242 -16.67 39.95 -11.56
C ALA C 242 -17.70 39.95 -10.45
N GLN C 243 -18.67 39.06 -10.58
CA GLN C 243 -19.69 38.90 -9.58
C GLN C 243 -19.26 37.56 -8.94
N VAL C 244 -19.36 37.46 -7.62
CA VAL C 244 -18.95 36.24 -6.93
C VAL C 244 -20.02 35.85 -5.90
N PRO C 245 -20.07 34.55 -5.55
CA PRO C 245 -21.08 34.03 -4.59
C PRO C 245 -20.82 34.49 -3.16
N SER C 246 -21.89 34.57 -2.34
CA SER C 246 -21.74 35.05 -0.95
C SER C 246 -20.94 34.16 -0.08
N HIS C 247 -20.48 34.72 1.02
CA HIS C 247 -19.75 33.96 2.01
C HIS C 247 -20.77 33.01 2.60
N THR C 248 -20.29 31.87 3.11
CA THR C 248 -21.21 30.87 3.64
C THR C 248 -20.63 30.17 4.82
N VAL C 249 -21.54 29.75 5.68
CA VAL C 249 -21.16 28.99 6.86
C VAL C 249 -21.00 27.53 6.41
N VAL C 250 -19.93 26.88 6.83
CA VAL C 250 -19.73 25.47 6.49
C VAL C 250 -19.76 24.60 7.72
N ALA C 251 -20.01 23.31 7.49
CA ALA C 251 -20.10 22.36 8.59
C ALA C 251 -19.65 21.00 8.08
N ARG C 252 -19.50 20.06 9.03
CA ARG C 252 -19.12 18.67 8.72
C ARG C 252 -20.20 17.97 7.94
N SER C 253 -19.75 17.01 7.15
CA SER C 253 -20.65 16.17 6.35
C SER C 253 -21.32 15.13 7.23
N MET C 254 -20.70 14.81 8.36
CA MET C 254 -21.25 13.79 9.25
C MET C 254 -21.30 14.30 10.68
N GLY C 255 -22.45 14.15 11.34
CA GLY C 255 -22.66 14.61 12.73
C GLY C 255 -22.42 16.14 12.75
N GLY C 256 -22.81 16.80 11.68
CA GLY C 256 -22.50 18.22 11.49
C GLY C 256 -23.37 19.26 12.17
N LYS C 257 -24.49 18.85 12.78
CA LYS C 257 -25.43 19.78 13.45
C LYS C 257 -26.01 20.91 12.57
N GLU C 258 -26.13 20.65 11.27
CA GLU C 258 -26.63 21.66 10.34
C GLU C 258 -28.00 22.23 10.70
N ASP C 259 -28.81 21.38 11.33
CA ASP C 259 -30.13 21.77 11.79
C ASP C 259 -30.03 22.82 12.88
N LEU C 260 -29.18 22.59 13.86
CA LEU C 260 -29.00 23.51 14.95
C LEU C 260 -28.34 24.80 14.49
N ILE C 261 -27.45 24.68 13.50
CA ILE C 261 -26.75 25.85 12.98
C ILE C 261 -27.75 26.85 12.37
N TRP C 262 -28.68 26.31 11.57
CA TRP C 262 -29.70 27.08 10.95
C TRP C 262 -30.64 27.67 12.00
N GLU C 263 -30.96 26.85 12.97
CA GLU C 263 -31.84 27.26 14.06
C GLU C 263 -31.25 28.43 14.86
N LEU C 264 -29.98 28.30 15.20
CA LEU C 264 -29.28 29.35 15.92
C LEU C 264 -29.20 30.67 15.11
N LEU C 265 -28.80 30.54 13.86
CA LEU C 265 -28.66 31.72 13.03
C LEU C 265 -29.99 32.37 12.67
N ASN C 266 -31.02 31.54 12.50
CA ASN C 266 -32.31 32.11 12.13
C ASN C 266 -32.87 32.91 13.27
N GLN C 267 -32.64 32.44 14.48
CA GLN C 267 -33.09 33.18 15.64
C GLN C 267 -32.23 34.37 15.91
N ALA C 268 -30.94 34.20 15.61
CA ALA C 268 -29.99 35.27 15.84
C ALA C 268 -30.31 36.48 14.99
N GLN C 269 -30.70 36.23 13.75
CA GLN C 269 -31.00 37.33 12.84
C GLN C 269 -32.31 38.02 13.17
N GLU C 270 -33.20 37.25 13.77
CA GLU C 270 -34.49 37.79 14.18
C GLU C 270 -34.28 38.72 15.37
N HIS C 271 -33.46 38.31 16.32
CA HIS C 271 -33.26 39.18 17.46
C HIS C 271 -32.24 40.22 17.23
N PHE C 272 -31.17 39.87 16.53
CA PHE C 272 -30.06 40.78 16.40
C PHE C 272 -29.62 41.19 15.04
N GLY C 273 -30.51 41.06 14.04
CA GLY C 273 -30.19 41.47 12.68
C GLY C 273 -30.18 43.00 12.53
N LYS C 274 -30.18 43.48 11.29
CA LYS C 274 -30.10 44.93 11.02
C LYS C 274 -31.23 45.73 11.66
N ASP C 275 -30.81 46.65 12.52
CA ASP C 275 -31.71 47.52 13.28
C ASP C 275 -32.66 46.85 14.25
N LYS C 276 -32.36 45.61 14.61
CA LYS C 276 -33.22 44.90 15.51
C LYS C 276 -32.96 45.22 16.97
N SER C 277 -31.70 45.35 17.37
CA SER C 277 -31.36 45.54 18.78
C SER C 277 -30.39 46.62 19.11
N LYS C 278 -30.62 47.28 20.23
CA LYS C 278 -29.71 48.34 20.68
C LYS C 278 -28.58 47.70 21.50
N GLU C 279 -28.76 46.46 21.92
CA GLU C 279 -27.74 45.83 22.75
C GLU C 279 -26.63 45.10 22.00
N PHE C 280 -27.00 44.44 20.92
CA PHE C 280 -26.03 43.66 20.18
C PHE C 280 -26.42 43.60 18.71
N GLN C 281 -25.40 43.57 17.86
CA GLN C 281 -25.61 43.52 16.40
C GLN C 281 -24.77 42.43 15.85
N LEU C 282 -25.41 41.54 15.11
CA LEU C 282 -24.73 40.40 14.48
C LEU C 282 -23.83 40.91 13.36
N PHE C 283 -24.31 41.91 12.63
CA PHE C 283 -23.60 42.42 11.48
C PHE C 283 -22.82 43.67 11.63
N SER C 284 -22.35 43.93 12.84
CA SER C 284 -21.42 45.04 13.09
C SER C 284 -20.86 44.83 14.49
N SER C 285 -19.88 45.62 14.88
CA SER C 285 -19.29 45.49 16.20
C SER C 285 -18.40 46.64 16.49
N PRO C 286 -18.32 47.03 17.76
CA PRO C 286 -17.37 48.05 18.18
C PRO C 286 -15.95 47.47 18.13
N HIS C 287 -15.85 46.15 18.07
CA HIS C 287 -14.55 45.50 18.04
C HIS C 287 -13.84 45.34 16.70
N GLY C 288 -14.53 45.57 15.59
CA GLY C 288 -13.88 45.41 14.28
C GLY C 288 -14.90 45.20 13.21
N LYS C 289 -14.45 45.17 11.95
CA LYS C 289 -15.34 44.99 10.80
C LYS C 289 -15.29 43.57 10.31
N ASP C 290 -16.43 43.09 9.84
CA ASP C 290 -16.54 41.75 9.31
C ASP C 290 -16.11 40.63 10.22
N LEU C 291 -16.38 40.78 11.50
CA LEU C 291 -16.02 39.73 12.45
C LEU C 291 -17.14 38.71 12.47
N LEU C 292 -16.78 37.44 12.23
CA LEU C 292 -17.69 36.29 12.22
C LEU C 292 -18.58 36.27 11.01
N PHE C 293 -19.17 37.41 10.65
CA PHE C 293 -20.03 37.56 9.45
C PHE C 293 -19.63 38.90 8.85
N LYS C 294 -19.94 39.11 7.58
CA LYS C 294 -19.58 40.38 6.95
C LYS C 294 -20.57 41.46 7.42
N ASP C 295 -20.04 42.67 7.61
CA ASP C 295 -20.86 43.83 8.04
C ASP C 295 -21.88 44.19 6.96
N SER C 296 -21.58 43.86 5.71
CA SER C 296 -22.49 44.14 4.63
C SER C 296 -23.64 43.17 4.49
N ALA C 297 -23.63 42.07 5.24
CA ALA C 297 -24.75 41.12 5.14
C ALA C 297 -26.00 41.67 5.78
N HIS C 298 -27.14 41.21 5.32
CA HIS C 298 -28.39 41.65 5.90
C HIS C 298 -29.09 40.49 6.50
N GLY C 299 -28.62 39.28 6.24
CA GLY C 299 -29.30 38.13 6.83
C GLY C 299 -28.73 36.86 6.29
N PHE C 300 -29.44 35.77 6.55
CA PHE C 300 -29.05 34.44 6.12
C PHE C 300 -30.11 33.69 5.35
N LEU C 301 -29.68 32.78 4.48
CA LEU C 301 -30.58 31.91 3.75
C LEU C 301 -30.04 30.49 3.92
N LYS C 302 -30.93 29.53 4.10
CA LYS C 302 -30.52 28.15 4.28
C LYS C 302 -30.14 27.59 2.93
N VAL C 303 -29.04 26.85 2.86
CA VAL C 303 -28.60 26.25 1.58
C VAL C 303 -29.46 24.99 1.37
N PRO C 304 -29.80 24.64 0.12
CA PRO C 304 -30.65 23.46 -0.15
C PRO C 304 -29.96 22.17 0.27
N PRO C 305 -30.77 21.17 0.56
CA PRO C 305 -30.28 19.89 1.09
C PRO C 305 -29.18 19.22 0.37
N ARG C 306 -28.15 18.90 1.12
CA ARG C 306 -27.00 18.17 0.65
C ARG C 306 -26.29 18.77 -0.54
N MET C 307 -26.31 20.06 -0.65
CA MET C 307 -25.64 20.64 -1.78
C MET C 307 -24.14 20.68 -1.44
N ASP C 308 -23.33 20.29 -2.39
CA ASP C 308 -21.90 20.30 -2.16
C ASP C 308 -21.34 21.64 -2.63
N ALA C 309 -20.09 21.88 -2.25
CA ALA C 309 -19.42 23.14 -2.58
C ALA C 309 -19.38 23.45 -4.05
N LYS C 310 -19.16 22.42 -4.85
CA LYS C 310 -19.09 22.62 -6.29
C LYS C 310 -20.38 23.12 -6.89
N MET C 311 -21.49 22.52 -6.46
CA MET C 311 -22.78 22.95 -6.98
C MET C 311 -23.13 24.33 -6.46
N TYR C 312 -22.76 24.56 -5.20
CA TYR C 312 -23.02 25.84 -4.56
C TYR C 312 -22.28 26.96 -5.27
N LEU C 313 -21.00 26.73 -5.50
CA LEU C 313 -20.18 27.73 -6.18
C LEU C 313 -20.55 27.93 -7.66
N GLY C 314 -20.98 26.87 -8.35
CA GLY C 314 -21.34 27.03 -9.76
C GLY C 314 -20.14 26.73 -10.65
N TYR C 315 -20.42 26.15 -11.84
CA TYR C 315 -19.42 25.68 -12.78
C TYR C 315 -18.34 26.68 -13.13
N GLU C 316 -18.82 27.89 -13.43
CA GLU C 316 -17.99 29.03 -13.81
C GLU C 316 -16.87 29.28 -12.78
N TYR C 317 -17.30 29.71 -11.58
CA TYR C 317 -16.40 29.98 -10.47
C TYR C 317 -15.50 28.84 -10.14
N VAL C 318 -16.01 27.61 -10.20
CA VAL C 318 -15.18 26.46 -9.92
C VAL C 318 -14.14 26.29 -10.99
N THR C 319 -14.54 26.57 -12.22
CA THR C 319 -13.65 26.43 -13.36
C THR C 319 -12.45 27.41 -13.24
N ALA C 320 -12.77 28.64 -12.84
CA ALA C 320 -11.82 29.73 -12.61
C ALA C 320 -10.78 29.40 -11.57
N ILE C 321 -11.25 28.81 -10.47
CA ILE C 321 -10.38 28.41 -9.37
C ILE C 321 -9.40 27.31 -9.79
N ARG C 322 -9.93 26.35 -10.56
CA ARG C 322 -9.18 25.19 -11.08
C ARG C 322 -8.09 25.68 -12.01
N ASN C 323 -8.50 26.55 -12.91
CA ASN C 323 -7.66 27.15 -13.95
C ASN C 323 -6.60 28.09 -13.46
N LEU C 324 -6.58 28.33 -12.16
CA LEU C 324 -5.64 29.24 -11.56
C LEU C 324 -4.62 28.28 -11.06
N ARG C 325 -5.15 27.19 -10.54
CA ARG C 325 -4.35 26.16 -9.92
C ARG C 325 -3.46 25.34 -10.86
N GLU C 326 -4.00 24.84 -11.96
CA GLU C 326 -3.14 24.19 -12.95
C GLU C 326 -3.05 25.31 -13.94
N GLY C 327 -4.13 25.48 -14.69
CA GLY C 327 -4.31 26.55 -15.64
C GLY C 327 -3.34 26.66 -16.77
N THR C 328 -3.89 26.72 -17.97
CA THR C 328 -3.05 26.88 -19.13
C THR C 328 -3.56 28.11 -19.84
N CYS C 329 -2.64 28.93 -20.31
CA CYS C 329 -2.98 30.17 -20.98
C CYS C 329 -3.57 29.94 -22.37
N ASP D 1 31.03 30.09 11.53
CA ASP D 1 30.12 31.05 10.92
C ASP D 1 28.81 30.42 10.39
N LYS D 2 27.79 31.21 10.70
CA LYS D 2 26.35 31.14 10.30
C LYS D 2 25.39 30.98 11.47
N THR D 3 24.17 31.03 11.07
CA THR D 3 23.04 31.23 11.97
C THR D 3 22.40 29.95 12.45
N VAL D 4 22.16 30.00 13.74
CA VAL D 4 21.45 28.94 14.40
C VAL D 4 20.09 29.49 14.78
N ARG D 5 19.06 28.85 14.27
CA ARG D 5 17.69 29.28 14.55
C ARG D 5 17.20 28.57 15.82
N TRP D 6 17.21 29.32 16.90
CA TRP D 6 16.81 28.75 18.19
C TRP D 6 15.30 28.79 18.31
N CYS D 7 14.72 27.70 18.79
CA CYS D 7 13.30 27.67 18.95
C CYS D 7 12.91 28.08 20.38
N ALA D 8 12.26 29.24 20.49
CA ALA D 8 11.83 29.79 21.77
C ALA D 8 10.36 29.43 21.98
N VAL D 9 10.02 28.96 23.20
CA VAL D 9 8.62 28.59 23.50
C VAL D 9 7.90 29.72 24.23
N SER D 10 7.04 30.43 23.48
CA SER D 10 6.26 31.54 24.01
C SER D 10 7.06 32.85 24.29
N GLU D 11 6.36 33.86 24.80
CA GLU D 11 6.89 35.23 24.98
C GLU D 11 8.12 35.44 25.76
N HIS D 12 8.17 34.80 26.92
CA HIS D 12 9.28 35.00 27.84
C HIS D 12 10.56 34.44 27.29
N GLU D 13 10.48 33.24 26.72
CA GLU D 13 11.66 32.63 26.09
C GLU D 13 12.07 33.44 24.87
N ALA D 14 11.06 33.96 24.18
CA ALA D 14 11.28 34.76 23.00
C ALA D 14 12.07 36.05 23.36
N THR D 15 11.70 36.62 24.51
CA THR D 15 12.39 37.82 24.97
C THR D 15 13.85 37.51 25.33
N LYS D 16 14.07 36.42 26.04
CA LYS D 16 15.43 36.06 26.40
C LYS D 16 16.24 35.70 25.19
N CYS D 17 15.60 35.07 24.22
CA CYS D 17 16.28 34.71 22.96
C CYS D 17 16.81 35.93 22.20
N GLN D 18 15.98 36.96 22.12
CA GLN D 18 16.36 38.18 21.43
C GLN D 18 17.52 38.91 22.13
N SER D 19 17.54 38.86 23.45
CA SER D 19 18.64 39.44 24.19
C SER D 19 19.89 38.58 23.98
N PHE D 20 19.68 37.27 23.86
CA PHE D 20 20.78 36.34 23.66
C PHE D 20 21.39 36.69 22.30
N ARG D 21 20.53 36.95 21.31
CA ARG D 21 20.98 37.29 19.95
C ARG D 21 21.79 38.58 19.96
N ASP D 22 21.27 39.58 20.62
CA ASP D 22 21.95 40.85 20.67
C ASP D 22 23.27 40.87 21.40
N HIS D 23 23.35 40.19 22.53
CA HIS D 23 24.58 40.18 23.27
C HIS D 23 25.71 39.41 22.57
N MET D 24 25.38 38.32 21.90
CA MET D 24 26.36 37.53 21.17
C MET D 24 26.89 38.34 19.96
N LYS D 25 26.05 39.21 19.40
CA LYS D 25 26.45 40.03 18.27
C LYS D 25 27.56 41.00 18.68
N SER D 26 27.44 41.50 19.90
CA SER D 26 28.41 42.43 20.43
C SER D 26 29.75 41.81 20.81
N VAL D 27 29.81 40.50 20.94
CA VAL D 27 31.07 39.93 21.34
C VAL D 27 31.62 39.06 20.29
N ILE D 28 30.76 38.46 19.51
CA ILE D 28 31.22 37.58 18.49
C ILE D 28 31.62 38.44 17.32
N PRO D 29 32.67 38.00 16.62
CA PRO D 29 33.13 38.67 15.44
C PRO D 29 32.17 38.33 14.32
N SER D 30 32.31 39.08 13.23
CA SER D 30 31.54 38.93 12.01
C SER D 30 31.66 37.52 11.47
N ASP D 31 32.78 36.87 11.75
CA ASP D 31 32.96 35.51 11.31
C ASP D 31 32.52 34.42 12.33
N GLY D 32 31.85 34.81 13.41
CA GLY D 32 31.38 33.82 14.38
C GLY D 32 29.91 33.44 14.14
N PRO D 33 29.46 32.41 14.83
CA PRO D 33 28.06 31.95 14.71
C PRO D 33 27.11 32.93 15.34
N SER D 34 25.90 33.01 14.80
CA SER D 34 24.90 33.94 15.32
C SER D 34 23.58 33.23 15.55
N VAL D 35 22.70 33.92 16.28
CA VAL D 35 21.44 33.33 16.67
C VAL D 35 20.28 34.05 16.05
N ALA D 36 19.25 33.33 15.67
CA ALA D 36 18.05 33.95 15.18
C ALA D 36 17.01 33.27 16.03
N CYS D 37 15.93 33.95 16.32
CA CYS D 37 14.91 33.38 17.19
C CYS D 37 13.61 33.05 16.53
N VAL D 38 13.16 31.82 16.75
CA VAL D 38 11.91 31.36 16.19
C VAL D 38 10.95 31.02 17.33
N LYS D 39 9.86 31.77 17.42
CA LYS D 39 8.89 31.56 18.50
C LYS D 39 7.77 30.58 18.18
N LYS D 40 7.53 29.61 19.05
CA LYS D 40 6.44 28.67 18.90
C LYS D 40 5.67 28.64 20.17
N ALA D 41 4.52 27.99 20.14
CA ALA D 41 3.65 27.94 21.30
C ALA D 41 3.96 26.87 22.25
N SER D 42 4.63 25.81 21.80
CA SER D 42 4.89 24.70 22.70
C SER D 42 6.16 23.98 22.29
N TYR D 43 6.68 23.11 23.15
CA TYR D 43 7.92 22.37 22.80
C TYR D 43 7.64 21.44 21.59
N LEU D 44 6.42 20.94 21.53
CA LEU D 44 6.05 20.00 20.49
C LEU D 44 6.07 20.69 19.14
N ASP D 45 5.74 21.97 19.09
CA ASP D 45 5.82 22.74 17.83
C ASP D 45 7.27 22.99 17.50
N CYS D 46 8.12 23.08 18.52
CA CYS D 46 9.56 23.30 18.26
C CYS D 46 10.15 21.99 17.66
N ILE D 47 9.69 20.85 18.17
CA ILE D 47 10.15 19.57 17.67
C ILE D 47 9.76 19.41 16.15
N ARG D 48 8.53 19.79 15.79
CA ARG D 48 8.09 19.66 14.41
C ARG D 48 8.84 20.63 13.55
N ALA D 49 9.00 21.84 14.05
CA ALA D 49 9.70 22.90 13.31
C ALA D 49 11.13 22.56 12.94
N ILE D 50 11.82 21.86 13.83
CA ILE D 50 13.22 21.49 13.58
C ILE D 50 13.24 20.40 12.54
N ALA D 51 12.30 19.47 12.65
CA ALA D 51 12.19 18.37 11.69
C ALA D 51 11.84 18.92 10.32
N ALA D 52 11.05 19.97 10.29
CA ALA D 52 10.65 20.56 9.02
C ALA D 52 11.59 21.60 8.48
N ASN D 53 12.75 21.78 9.11
CA ASN D 53 13.76 22.77 8.68
C ASN D 53 13.28 24.21 8.88
N GLU D 54 12.46 24.42 9.90
CA GLU D 54 11.99 25.78 10.17
C GLU D 54 12.82 26.36 11.32
N ALA D 55 13.49 25.47 12.07
CA ALA D 55 14.36 25.89 13.18
C ALA D 55 15.46 24.84 13.30
N ASP D 56 16.43 25.11 14.17
CA ASP D 56 17.56 24.19 14.28
C ASP D 56 17.80 23.55 15.62
N ALA D 57 17.46 24.25 16.70
CA ALA D 57 17.77 23.72 18.03
C ALA D 57 16.78 24.12 19.08
N VAL D 58 16.71 23.28 20.10
CA VAL D 58 15.83 23.51 21.27
C VAL D 58 16.35 22.59 22.38
N THR D 59 16.25 23.05 23.63
CA THR D 59 16.70 22.27 24.77
C THR D 59 15.51 21.56 25.34
N LEU D 60 15.63 20.28 25.61
CA LEU D 60 14.51 19.54 26.13
C LEU D 60 14.87 18.76 27.37
N ASP D 61 13.86 18.51 28.19
CA ASP D 61 14.01 17.64 29.36
C ASP D 61 14.14 16.25 28.73
N ALA D 62 14.93 15.39 29.39
CA ALA D 62 15.25 14.04 28.88
C ALA D 62 14.08 13.14 28.52
N GLY D 63 12.98 13.25 29.28
CA GLY D 63 11.78 12.48 28.94
C GLY D 63 11.21 12.95 27.55
N LEU D 64 11.37 14.23 27.22
CA LEU D 64 10.88 14.70 25.95
C LEU D 64 11.88 14.38 24.84
N VAL D 65 13.11 14.13 25.24
CA VAL D 65 14.17 13.74 24.30
C VAL D 65 13.84 12.40 23.62
N TYR D 66 13.18 11.56 24.37
CA TYR D 66 12.75 10.26 23.86
C TYR D 66 11.70 10.43 22.74
N ASP D 67 10.72 11.27 23.02
CA ASP D 67 9.66 11.55 22.09
C ASP D 67 10.20 12.19 20.81
N ALA D 68 11.19 13.07 20.98
CA ALA D 68 11.78 13.78 19.85
C ALA D 68 12.54 12.85 18.90
N TYR D 69 13.03 11.75 19.46
CA TYR D 69 13.78 10.77 18.73
C TYR D 69 12.85 9.97 17.81
N LEU D 70 11.62 9.73 18.26
CA LEU D 70 10.64 8.94 17.51
C LEU D 70 10.30 9.50 16.14
N ALA D 71 9.96 8.60 15.23
CA ALA D 71 9.57 8.99 13.86
C ALA D 71 8.21 9.59 13.97
N PRO D 72 7.90 10.53 13.10
CA PRO D 72 8.77 10.89 11.99
C PRO D 72 9.70 12.05 12.31
N ASN D 73 9.95 12.33 13.58
CA ASN D 73 10.81 13.47 13.90
C ASN D 73 12.30 13.19 13.86
N ASN D 74 12.73 12.09 14.50
CA ASN D 74 14.13 11.59 14.53
C ASN D 74 15.20 12.60 14.86
N LEU D 75 14.99 13.38 15.91
CA LEU D 75 15.97 14.36 16.32
C LEU D 75 16.97 13.62 17.20
N LYS D 76 18.17 14.18 17.34
CA LYS D 76 19.16 13.50 18.16
C LYS D 76 19.71 14.52 19.13
N PRO D 77 20.22 14.05 20.26
CA PRO D 77 20.78 14.94 21.27
C PRO D 77 22.18 15.33 20.85
N VAL D 78 22.51 16.64 20.94
CA VAL D 78 23.87 17.07 20.53
C VAL D 78 24.72 17.75 21.60
N VAL D 79 24.07 18.46 22.52
CA VAL D 79 24.76 19.14 23.60
C VAL D 79 23.97 18.94 24.89
N ALA D 80 24.66 18.64 25.98
CA ALA D 80 23.97 18.39 27.24
C ALA D 80 24.24 19.50 28.24
N GLU D 81 23.27 19.78 29.09
CA GLU D 81 23.51 20.71 30.16
C GLU D 81 24.26 19.91 31.24
N PHE D 82 25.00 20.59 32.11
CA PHE D 82 25.58 19.97 33.31
C PHE D 82 25.28 20.89 34.48
N TYR D 83 25.17 20.29 35.67
CA TYR D 83 24.81 21.00 36.91
C TYR D 83 25.91 20.84 37.91
N GLY D 84 25.68 21.35 39.11
CA GLY D 84 26.66 21.21 40.17
C GLY D 84 27.70 22.33 40.24
N SER D 85 28.80 22.14 39.53
CA SER D 85 29.86 23.16 39.54
C SER D 85 30.70 22.80 38.36
N LYS D 86 31.56 23.71 37.94
CA LYS D 86 32.45 23.43 36.81
C LYS D 86 33.54 22.46 37.28
N GLU D 87 33.76 22.47 38.56
CA GLU D 87 34.70 21.60 39.19
C GLU D 87 34.27 20.10 39.18
N ASP D 88 32.99 19.81 39.43
CA ASP D 88 32.50 18.43 39.40
C ASP D 88 31.09 18.44 38.76
N PRO D 89 31.13 18.47 37.43
CA PRO D 89 29.93 18.56 36.60
C PRO D 89 29.09 17.35 36.74
N GLN D 90 27.79 17.55 36.91
CA GLN D 90 26.89 16.43 37.05
C GLN D 90 25.97 16.37 35.88
N THR D 91 25.92 15.23 35.25
CA THR D 91 25.08 15.13 34.09
C THR D 91 23.83 14.44 34.43
N PHE D 92 23.34 14.70 35.63
CA PHE D 92 22.10 14.10 36.04
C PHE D 92 21.56 14.98 37.14
N TYR D 93 20.33 14.72 37.56
CA TYR D 93 19.78 15.44 38.69
C TYR D 93 18.80 14.54 39.40
N TYR D 94 18.32 14.99 40.57
CA TYR D 94 17.39 14.22 41.38
C TYR D 94 15.93 14.69 41.29
N ALA D 95 15.02 13.73 41.07
CA ALA D 95 13.60 13.94 41.05
C ALA D 95 13.13 13.82 42.53
N VAL D 96 12.46 14.84 43.06
CA VAL D 96 11.97 14.80 44.42
C VAL D 96 10.49 15.08 44.46
N ALA D 97 9.85 14.82 45.60
CA ALA D 97 8.41 15.09 45.78
C ALA D 97 8.32 16.02 46.97
N VAL D 98 7.99 17.28 46.72
CA VAL D 98 7.95 18.28 47.77
C VAL D 98 6.57 18.45 48.29
N VAL D 99 6.45 18.57 49.61
CA VAL D 99 5.16 18.76 50.26
C VAL D 99 5.33 19.72 51.41
N LYS D 100 4.23 20.17 51.98
CA LYS D 100 4.32 21.12 53.06
C LYS D 100 4.45 20.35 54.36
N LYS D 101 5.12 21.00 55.31
CA LYS D 101 5.34 20.46 56.65
C LYS D 101 4.02 20.16 57.39
N ASP D 102 4.00 18.98 58.01
CA ASP D 102 2.86 18.52 58.80
C ASP D 102 1.60 18.34 58.01
N SER D 103 1.70 18.10 56.72
CA SER D 103 0.46 17.90 55.96
C SER D 103 -0.05 16.49 56.20
N GLY D 104 0.79 15.67 56.79
CA GLY D 104 0.42 14.34 57.20
C GLY D 104 0.07 13.25 56.22
N PHE D 105 0.94 12.96 55.28
CA PHE D 105 0.75 11.85 54.41
C PHE D 105 2.05 11.45 53.85
N GLN D 106 2.18 10.18 53.60
CA GLN D 106 3.35 9.64 53.01
C GLN D 106 3.04 9.31 51.58
N MET D 107 4.06 8.80 50.92
CA MET D 107 4.00 8.42 49.54
C MET D 107 2.99 7.33 49.25
N ASN D 108 2.68 6.52 50.26
CA ASN D 108 1.68 5.45 50.05
C ASN D 108 0.28 5.94 50.34
N GLN D 109 0.16 7.22 50.60
CA GLN D 109 -1.11 7.79 50.91
C GLN D 109 -1.46 8.96 49.97
N LEU D 110 -1.03 8.84 48.72
CA LEU D 110 -1.25 9.89 47.75
C LEU D 110 -2.61 9.93 47.12
N ARG D 111 -3.28 8.77 47.09
CA ARG D 111 -4.61 8.66 46.48
C ARG D 111 -5.56 9.70 47.06
N GLY D 112 -6.18 10.48 46.17
CA GLY D 112 -7.10 11.52 46.59
C GLY D 112 -6.47 12.85 46.87
N LYS D 113 -5.15 12.95 46.80
CA LYS D 113 -4.51 14.23 47.04
C LYS D 113 -4.45 15.01 45.75
N LYS D 114 -4.05 16.28 45.82
CA LYS D 114 -3.93 17.09 44.61
C LYS D 114 -2.44 17.26 44.20
N SER D 115 -2.13 17.04 42.93
CA SER D 115 -0.76 17.06 42.43
C SER D 115 -0.41 18.18 41.47
N CYS D 116 0.82 18.68 41.59
CA CYS D 116 1.37 19.70 40.69
C CYS D 116 2.58 19.05 39.94
N HIS D 117 2.47 18.99 38.62
CA HIS D 117 3.51 18.38 37.73
C HIS D 117 4.15 19.43 36.88
N THR D 118 5.40 19.22 36.51
CA THR D 118 6.09 20.21 35.68
C THR D 118 5.49 20.21 34.30
N GLY D 119 5.12 19.04 33.82
CA GLY D 119 4.58 18.94 32.48
C GLY D 119 4.52 17.51 32.08
N LEU D 120 3.53 17.17 31.27
CA LEU D 120 3.31 15.80 30.79
C LEU D 120 4.54 15.27 30.08
N GLY D 121 4.95 14.06 30.42
CA GLY D 121 6.12 13.45 29.78
C GLY D 121 7.53 13.86 30.23
N ARG D 122 7.61 14.80 31.17
CA ARG D 122 8.89 15.24 31.69
C ARG D 122 9.40 14.32 32.82
N SER D 123 10.73 14.19 32.94
CA SER D 123 11.34 13.25 33.91
C SER D 123 10.84 13.33 35.35
N ALA D 124 11.18 14.44 36.01
CA ALA D 124 10.84 14.61 37.44
C ALA D 124 9.37 14.85 37.66
N GLY D 125 8.75 15.66 36.80
CA GLY D 125 7.36 16.03 36.99
C GLY D 125 6.38 14.95 36.61
N TRP D 126 6.81 13.98 35.82
CA TRP D 126 5.86 13.01 35.37
C TRP D 126 6.32 11.57 35.30
N ASN D 127 7.31 11.30 34.45
CA ASN D 127 7.79 9.93 34.22
C ASN D 127 8.19 9.18 35.47
N ILE D 128 8.97 9.81 36.33
CA ILE D 128 9.40 9.15 37.56
C ILE D 128 8.29 8.88 38.57
N PRO D 129 7.54 9.91 38.98
CA PRO D 129 6.47 9.70 39.98
C PRO D 129 5.31 8.82 39.49
N ILE D 130 4.90 9.04 38.25
CA ILE D 130 3.81 8.24 37.70
C ILE D 130 4.30 6.82 37.48
N GLY D 131 5.58 6.72 37.13
CA GLY D 131 6.22 5.42 36.98
C GLY D 131 6.23 4.69 38.30
N LEU D 132 6.46 5.40 39.38
CA LEU D 132 6.45 4.77 40.70
C LEU D 132 5.07 4.42 41.20
N LEU D 133 4.04 5.15 40.77
CA LEU D 133 2.67 4.88 41.28
C LEU D 133 1.83 4.00 40.45
N TYR D 134 2.33 3.67 39.27
CA TYR D 134 1.61 2.92 38.26
C TYR D 134 0.70 1.80 38.66
N CYS D 135 1.17 0.94 39.52
CA CYS D 135 0.32 -0.16 39.93
C CYS D 135 -0.66 0.21 41.01
N ASP D 136 -0.46 1.37 41.62
CA ASP D 136 -1.40 1.86 42.63
C ASP D 136 -2.55 2.49 41.92
N LEU D 137 -2.39 2.71 40.62
CA LEU D 137 -3.44 3.29 39.84
C LEU D 137 -4.51 2.20 39.63
N PRO D 138 -5.74 2.67 39.49
CA PRO D 138 -6.84 1.78 39.31
C PRO D 138 -6.95 1.42 37.85
N GLU D 139 -7.49 0.25 37.59
CA GLU D 139 -7.68 -0.16 36.24
C GLU D 139 -9.01 0.42 35.79
N PRO D 140 -9.15 0.74 34.53
CA PRO D 140 -8.07 0.53 33.57
C PRO D 140 -7.04 1.67 33.57
N ARG D 141 -5.79 1.24 33.41
CA ARG D 141 -4.64 2.13 33.41
C ARG D 141 -4.33 2.67 32.01
N LYS D 142 -5.18 2.37 31.06
CA LYS D 142 -5.03 2.89 29.73
C LYS D 142 -6.36 3.58 29.45
N PRO D 143 -6.31 4.86 29.04
CA PRO D 143 -5.06 5.58 28.89
C PRO D 143 -4.61 6.10 30.27
N LEU D 144 -3.29 6.25 30.34
CA LEU D 144 -2.58 6.68 31.54
C LEU D 144 -3.17 7.93 32.14
N GLU D 145 -3.46 8.90 31.27
CA GLU D 145 -4.02 10.19 31.65
C GLU D 145 -5.29 10.02 32.46
N LYS D 146 -6.08 9.04 32.06
CA LYS D 146 -7.35 8.79 32.74
C LYS D 146 -7.19 8.13 34.12
N ALA D 147 -6.25 7.19 34.24
CA ALA D 147 -6.01 6.54 35.53
C ALA D 147 -5.42 7.53 36.55
N VAL D 148 -4.57 8.42 36.02
CA VAL D 148 -3.90 9.42 36.85
C VAL D 148 -4.94 10.41 37.33
N ALA D 149 -5.82 10.78 36.42
CA ALA D 149 -6.93 11.70 36.73
C ALA D 149 -7.88 11.13 37.76
N ASN D 150 -8.00 9.81 37.81
CA ASN D 150 -8.86 9.21 38.82
C ASN D 150 -8.19 8.92 40.16
N PHE D 151 -6.86 8.91 40.17
CA PHE D 151 -6.14 8.62 41.41
C PHE D 151 -6.04 9.84 42.30
N PHE D 152 -5.64 10.96 41.72
CA PHE D 152 -5.54 12.20 42.48
C PHE D 152 -6.92 12.87 42.42
N SER D 153 -7.16 13.86 43.28
CA SER D 153 -8.46 14.55 43.26
C SER D 153 -8.32 15.91 42.54
N GLY D 154 -7.50 15.93 41.49
CA GLY D 154 -7.28 17.16 40.73
C GLY D 154 -5.79 17.41 40.55
N SER D 155 -5.39 17.87 39.37
CA SER D 155 -3.97 18.13 39.13
C SER D 155 -3.75 19.32 38.23
N CYS D 156 -2.47 19.62 38.05
CA CYS D 156 -2.03 20.56 37.05
C CYS D 156 -0.96 19.75 36.32
N ALA D 157 -1.28 19.32 35.11
CA ALA D 157 -0.33 18.57 34.31
C ALA D 157 -0.26 19.31 33.01
N PRO D 158 0.66 20.27 32.92
CA PRO D 158 0.80 21.08 31.70
C PRO D 158 1.06 20.22 30.48
N CYS D 159 0.45 20.64 29.37
CA CYS D 159 0.54 19.94 28.08
C CYS D 159 -0.44 18.77 27.94
N ALA D 160 -1.16 18.45 28.99
CA ALA D 160 -2.14 17.39 28.89
C ALA D 160 -3.38 17.95 28.19
N ASP D 161 -4.22 17.06 27.66
CA ASP D 161 -5.47 17.45 26.98
C ASP D 161 -6.57 17.63 28.03
N GLY D 162 -6.89 18.89 28.29
CA GLY D 162 -7.91 19.25 29.24
C GLY D 162 -9.32 18.92 28.75
N THR D 163 -9.47 18.79 27.43
CA THR D 163 -10.77 18.47 26.85
C THR D 163 -11.04 17.03 27.21
N ASP D 164 -10.07 16.17 26.96
CA ASP D 164 -10.22 14.77 27.29
C ASP D 164 -10.07 14.43 28.75
N PHE D 165 -9.15 15.12 29.44
CA PHE D 165 -8.92 14.82 30.86
C PHE D 165 -8.93 16.07 31.67
N PRO D 166 -10.13 16.61 31.90
CA PRO D 166 -10.35 17.85 32.64
C PRO D 166 -9.78 17.94 34.08
N GLN D 167 -9.75 16.81 34.80
CA GLN D 167 -9.20 16.78 36.16
C GLN D 167 -7.71 17.06 36.17
N LEU D 168 -7.06 16.79 35.05
CA LEU D 168 -5.61 17.06 34.90
C LEU D 168 -5.29 18.54 34.81
N CYS D 169 -6.30 19.38 34.58
CA CYS D 169 -6.06 20.83 34.48
C CYS D 169 -6.88 21.54 35.51
N GLN D 170 -7.34 20.80 36.50
CA GLN D 170 -8.16 21.38 37.52
C GLN D 170 -7.46 22.46 38.31
N LEU D 171 -6.15 22.31 38.48
CA LEU D 171 -5.38 23.30 39.24
C LEU D 171 -4.79 24.38 38.32
N CYS D 172 -4.84 24.15 37.01
CA CYS D 172 -4.32 25.14 36.02
C CYS D 172 -5.15 25.01 34.78
N PRO D 173 -6.37 25.56 34.83
CA PRO D 173 -7.32 25.43 33.74
C PRO D 173 -6.71 25.68 32.38
N GLY D 174 -6.83 24.69 31.53
CA GLY D 174 -6.28 24.77 30.20
C GLY D 174 -5.02 23.92 29.98
N CYS D 175 -4.28 23.64 31.05
CA CYS D 175 -3.02 22.88 30.95
C CYS D 175 -2.01 23.48 29.98
N GLY D 176 -1.86 24.80 30.03
CA GLY D 176 -0.96 25.54 29.13
C GLY D 176 0.47 24.99 29.14
N CYS D 177 1.04 24.80 27.96
CA CYS D 177 2.33 24.16 27.78
C CYS D 177 3.47 25.14 27.57
N SER D 178 3.52 26.18 28.39
CA SER D 178 4.56 27.19 28.29
C SER D 178 4.48 28.02 29.55
N THR D 179 5.42 28.98 29.72
CA THR D 179 5.46 29.84 30.90
C THR D 179 4.30 30.83 31.05
N LEU D 180 3.41 30.89 30.06
CA LEU D 180 2.21 31.73 30.16
C LEU D 180 1.29 31.08 31.19
N ASN D 181 1.49 29.78 31.42
CA ASN D 181 0.78 29.05 32.46
C ASN D 181 1.74 29.23 33.66
N GLN D 182 1.24 29.87 34.70
CA GLN D 182 2.07 30.17 35.86
C GLN D 182 2.44 28.94 36.65
N TYR D 183 1.80 27.81 36.38
CA TYR D 183 2.12 26.58 37.10
C TYR D 183 2.88 25.63 36.21
N PHE D 184 3.41 26.15 35.12
CA PHE D 184 4.20 25.29 34.22
C PHE D 184 5.69 25.14 34.71
N GLY D 185 6.28 23.97 34.48
CA GLY D 185 7.72 23.79 34.75
C GLY D 185 8.06 23.56 36.19
N TYR D 186 9.37 23.52 36.50
CA TYR D 186 9.85 23.29 37.88
C TYR D 186 9.33 24.34 38.85
N SER D 187 9.57 25.59 38.55
CA SER D 187 9.13 26.66 39.44
C SER D 187 7.64 26.87 39.48
N GLY D 188 6.98 26.51 38.38
CA GLY D 188 5.52 26.66 38.31
C GLY D 188 4.89 25.58 39.14
N ALA D 189 5.50 24.39 39.10
CA ALA D 189 4.95 23.26 39.87
C ALA D 189 5.15 23.52 41.35
N PHE D 190 6.24 24.19 41.67
CA PHE D 190 6.45 24.54 43.06
C PHE D 190 5.45 25.63 43.52
N LYS D 191 5.16 26.60 42.64
CA LYS D 191 4.21 27.68 42.96
C LYS D 191 2.79 27.13 43.20
N CYS D 192 2.46 26.08 42.47
CA CYS D 192 1.18 25.38 42.60
C CYS D 192 1.00 24.79 44.04
N LEU D 193 2.11 24.35 44.61
CA LEU D 193 2.10 23.81 45.97
C LEU D 193 2.06 24.96 46.98
N LYS D 194 3.00 25.88 46.82
CA LYS D 194 3.16 27.02 47.71
C LYS D 194 1.86 27.87 47.80
N ASP D 195 1.17 28.02 46.68
CA ASP D 195 -0.09 28.77 46.66
C ASP D 195 -1.21 27.99 47.34
N GLY D 196 -1.06 26.68 47.49
CA GLY D 196 -2.07 25.87 48.19
C GLY D 196 -3.07 25.25 47.25
N ALA D 197 -2.75 25.28 45.97
CA ALA D 197 -3.62 24.69 44.97
C ALA D 197 -3.49 23.19 45.05
N GLY D 198 -2.25 22.70 45.20
CA GLY D 198 -1.94 21.24 45.29
C GLY D 198 -1.31 20.81 46.61
N ASP D 199 -1.26 19.50 46.86
CA ASP D 199 -0.65 18.96 48.11
C ASP D 199 0.79 18.49 47.90
N VAL D 200 1.14 18.16 46.64
CA VAL D 200 2.51 17.68 46.31
C VAL D 200 2.98 18.25 44.98
N ALA D 201 4.27 18.52 44.91
CA ALA D 201 4.85 19.07 43.67
C ALA D 201 5.95 18.13 43.29
N PHE D 202 5.88 17.63 42.06
CA PHE D 202 6.91 16.74 41.57
C PHE D 202 7.95 17.57 40.78
N VAL D 203 9.05 17.92 41.45
CA VAL D 203 10.11 18.78 40.89
C VAL D 203 11.52 18.20 41.09
N LYS D 204 12.57 19.05 40.94
CA LYS D 204 13.97 18.57 41.11
C LYS D 204 14.53 19.06 42.42
N HIS D 205 15.66 18.51 42.84
CA HIS D 205 16.23 18.83 44.15
C HIS D 205 16.58 20.26 44.35
N SER D 206 16.89 20.96 43.28
CA SER D 206 17.23 22.38 43.45
C SER D 206 16.06 23.35 43.44
N THR D 207 14.90 22.91 42.99
CA THR D 207 13.73 23.80 42.84
C THR D 207 13.38 24.69 44.03
N ILE D 208 13.33 24.10 45.20
CA ILE D 208 13.01 24.89 46.38
C ILE D 208 14.06 25.96 46.74
N PHE D 209 15.32 25.64 46.50
CA PHE D 209 16.40 26.57 46.79
C PHE D 209 16.42 27.69 45.81
N GLU D 210 15.88 27.43 44.62
CA GLU D 210 15.80 28.48 43.61
C GLU D 210 14.62 29.39 43.89
N ASN D 211 13.71 28.91 44.71
CA ASN D 211 12.50 29.68 44.97
C ASN D 211 12.38 30.29 46.35
N LEU D 212 12.97 29.66 47.34
CA LEU D 212 12.89 30.23 48.69
C LEU D 212 14.28 30.51 49.22
N ALA D 213 14.57 31.78 49.39
CA ALA D 213 15.89 32.19 49.86
C ALA D 213 16.14 31.98 51.36
N ASN D 214 15.08 32.04 52.14
CA ASN D 214 15.26 31.89 53.57
C ASN D 214 15.07 30.49 54.01
N LYS D 215 16.02 30.04 54.83
CA LYS D 215 15.99 28.72 55.42
C LYS D 215 14.74 28.53 56.27
N ALA D 216 14.29 29.61 56.88
CA ALA D 216 13.13 29.54 57.72
C ALA D 216 11.85 29.33 56.89
N ASP D 217 11.86 29.80 55.65
CA ASP D 217 10.71 29.60 54.78
C ASP D 217 10.75 28.17 54.29
N ARG D 218 11.96 27.69 54.05
CA ARG D 218 12.19 26.34 53.56
C ARG D 218 11.92 25.25 54.58
N ASP D 219 12.01 25.61 55.88
CA ASP D 219 11.76 24.68 56.97
C ASP D 219 10.28 24.30 57.07
N GLN D 220 9.45 25.03 56.32
CA GLN D 220 8.01 24.78 56.24
C GLN D 220 7.68 23.67 55.22
N TYR D 221 8.70 23.14 54.55
CA TYR D 221 8.46 22.09 53.55
C TYR D 221 9.30 20.87 53.89
N GLU D 222 8.91 19.73 53.32
CA GLU D 222 9.63 18.49 53.47
C GLU D 222 9.53 17.71 52.16
N LEU D 223 10.23 16.58 52.12
CA LEU D 223 10.29 15.68 50.97
C LEU D 223 9.69 14.35 51.34
N LEU D 224 9.02 13.70 50.39
CA LEU D 224 8.50 12.36 50.66
C LEU D 224 9.58 11.41 50.20
N CYS D 225 10.01 10.50 51.07
CA CYS D 225 11.01 9.52 50.69
C CYS D 225 10.28 8.24 50.37
N LEU D 226 10.89 7.37 49.58
CA LEU D 226 10.25 6.12 49.13
C LEU D 226 9.94 5.08 50.22
N ASP D 227 10.48 5.30 51.40
CA ASP D 227 10.28 4.36 52.49
C ASP D 227 9.12 4.78 53.35
N ASN D 228 8.32 5.70 52.82
CA ASN D 228 7.19 6.24 53.50
C ASN D 228 7.52 7.02 54.73
N THR D 229 8.58 7.81 54.63
CA THR D 229 8.94 8.73 55.69
C THR D 229 9.13 10.05 54.99
N ARG D 230 9.39 11.09 55.76
CA ARG D 230 9.62 12.39 55.23
C ARG D 230 10.96 12.94 55.76
N LYS D 231 11.68 13.70 54.96
CA LYS D 231 12.93 14.32 55.39
C LYS D 231 12.92 15.79 54.98
N PRO D 232 13.84 16.59 55.55
CA PRO D 232 13.91 18.00 55.20
C PRO D 232 14.47 18.11 53.77
N VAL D 233 14.25 19.27 53.18
CA VAL D 233 14.65 19.50 51.80
C VAL D 233 16.14 19.49 51.50
N ASP D 234 16.98 19.58 52.53
CA ASP D 234 18.44 19.53 52.32
C ASP D 234 18.83 18.12 52.18
N GLU D 235 17.98 17.23 52.62
CA GLU D 235 18.33 15.83 52.62
C GLU D 235 17.93 15.03 51.42
N TYR D 236 17.86 15.70 50.28
CA TYR D 236 17.45 15.03 49.02
C TYR D 236 18.30 13.87 48.57
N LYS D 237 19.58 13.90 48.91
CA LYS D 237 20.45 12.81 48.52
C LYS D 237 20.06 11.48 49.15
N ASP D 238 19.35 11.53 50.28
CA ASP D 238 18.87 10.31 50.92
C ASP D 238 17.36 10.23 50.89
N CYS D 239 16.73 11.09 50.10
CA CYS D 239 15.27 11.06 50.05
C CYS D 239 14.84 11.57 48.70
N HIS D 240 15.03 10.76 47.68
CA HIS D 240 14.67 11.19 46.35
C HIS D 240 14.03 10.03 45.64
N LEU D 241 13.33 10.32 44.54
CA LEU D 241 12.59 9.29 43.84
C LEU D 241 13.45 8.62 42.84
N ALA D 242 14.34 9.37 42.20
CA ALA D 242 15.27 8.82 41.19
C ALA D 242 16.28 9.85 40.71
N GLN D 243 17.28 9.36 40.01
CA GLN D 243 18.29 10.21 39.42
C GLN D 243 17.90 10.15 37.93
N VAL D 244 17.96 11.28 37.23
CA VAL D 244 17.59 11.31 35.83
C VAL D 244 18.65 12.11 35.03
N PRO D 245 18.75 11.81 33.73
CA PRO D 245 19.75 12.46 32.84
C PRO D 245 19.43 13.93 32.58
N SER D 246 20.47 14.75 32.31
CA SER D 246 20.27 16.19 32.09
C SER D 246 19.49 16.52 30.87
N HIS D 247 18.97 17.74 30.86
CA HIS D 247 18.26 18.23 29.70
C HIS D 247 19.29 18.36 28.61
N THR D 248 18.85 18.27 27.37
CA THR D 248 19.79 18.32 26.25
C THR D 248 19.22 19.03 25.07
N VAL D 249 20.11 19.63 24.32
CA VAL D 249 19.73 20.32 23.10
C VAL D 249 19.65 19.24 22.01
N VAL D 250 18.60 19.27 21.20
CA VAL D 250 18.47 18.31 20.10
C VAL D 250 18.51 19.00 18.76
N ALA D 251 18.81 18.22 17.74
CA ALA D 251 18.91 18.76 16.40
C ALA D 251 18.54 17.65 15.41
N ARG D 252 18.41 18.06 14.14
CA ARG D 252 18.09 17.13 13.03
C ARG D 252 19.23 16.17 12.79
N SER D 253 18.84 15.01 12.30
CA SER D 253 19.79 13.95 11.94
C SER D 253 20.48 14.28 10.64
N MET D 254 19.85 15.12 9.81
CA MET D 254 20.42 15.45 8.51
C MET D 254 20.41 16.96 8.31
N GLY D 255 21.55 17.52 7.90
CA GLY D 255 21.71 18.97 7.68
C GLY D 255 21.39 19.68 9.01
N GLY D 256 21.78 19.06 10.11
CA GLY D 256 21.42 19.53 11.43
C GLY D 256 22.22 20.65 12.08
N LYS D 257 23.35 21.06 11.46
CA LYS D 257 24.23 22.12 11.99
C LYS D 257 24.77 21.88 13.42
N GLU D 258 24.95 20.62 13.79
CA GLU D 258 25.42 20.27 15.14
C GLU D 258 26.76 20.91 15.50
N ASP D 259 27.58 21.12 14.48
CA ASP D 259 28.88 21.75 14.65
C ASP D 259 28.71 23.20 15.08
N LEU D 260 27.83 23.93 14.39
CA LEU D 260 27.59 25.31 14.71
C LEU D 260 26.89 25.46 16.05
N ILE D 261 26.04 24.50 16.37
CA ILE D 261 25.30 24.54 17.63
C ILE D 261 26.28 24.51 18.82
N TRP D 262 27.23 23.59 18.74
CA TRP D 262 28.24 23.44 19.74
C TRP D 262 29.13 24.67 19.80
N GLU D 263 29.46 25.17 18.63
CA GLU D 263 30.29 26.36 18.52
C GLU D 263 29.64 27.59 19.17
N LEU D 264 28.36 27.78 18.86
CA LEU D 264 27.59 28.88 19.45
C LEU D 264 27.48 28.75 20.98
N LEU D 265 27.12 27.56 21.45
CA LEU D 265 26.94 27.37 22.87
C LEU D 265 28.27 27.39 23.65
N ASN D 266 29.33 26.92 23.01
CA ASN D 266 30.60 26.90 23.72
C ASN D 266 31.10 28.32 23.92
N GLN D 267 30.86 29.15 22.94
CA GLN D 267 31.25 30.55 23.07
C GLN D 267 30.32 31.29 23.98
N ALA D 268 29.06 30.90 23.95
CA ALA D 268 28.06 31.54 24.75
C ALA D 268 28.34 31.36 26.24
N GLN D 269 28.78 30.16 26.59
CA GLN D 269 29.06 29.87 28.00
C GLN D 269 30.32 30.55 28.48
N GLU D 270 31.23 30.76 27.56
CA GLU D 270 32.48 31.42 27.87
C GLU D 270 32.21 32.89 28.14
N HIS D 271 31.37 33.52 27.33
CA HIS D 271 31.10 34.93 27.57
C HIS D 271 30.05 35.16 28.57
N PHE D 272 29.02 34.32 28.56
CA PHE D 272 27.88 34.58 29.40
C PHE D 272 27.45 33.53 30.37
N GLY D 273 28.37 32.63 30.73
CA GLY D 273 28.07 31.60 31.72
C GLY D 273 28.00 32.17 33.15
N LYS D 274 28.01 31.29 34.14
CA LYS D 274 27.88 31.72 35.54
C LYS D 274 28.95 32.70 36.00
N ASP D 275 28.47 33.87 36.40
CA ASP D 275 29.31 34.97 36.85
C ASP D 275 30.27 35.57 35.83
N LYS D 276 30.02 35.31 34.56
CA LYS D 276 30.88 35.82 33.53
C LYS D 276 30.57 37.25 33.15
N SER D 277 29.28 37.61 33.04
CA SER D 277 28.91 38.94 32.55
C SER D 277 27.88 39.68 33.33
N LYS D 278 28.05 40.99 33.41
CA LYS D 278 27.09 41.83 34.11
C LYS D 278 25.96 42.23 33.14
N GLU D 279 26.18 42.02 31.85
CA GLU D 279 25.17 42.43 30.87
C GLU D 279 24.12 41.39 30.56
N PHE D 280 24.54 40.15 30.48
CA PHE D 280 23.62 39.09 30.11
C PHE D 280 24.06 37.77 30.73
N GLN D 281 23.06 36.95 31.07
CA GLN D 281 23.31 35.65 31.71
C GLN D 281 22.54 34.62 30.97
N LEU D 282 23.23 33.58 30.54
CA LEU D 282 22.61 32.48 29.81
C LEU D 282 21.73 31.67 30.75
N PHE D 283 22.17 31.51 31.99
CA PHE D 283 21.47 30.69 32.95
C PHE D 283 20.65 31.37 33.96
N SER D 284 20.13 32.53 33.63
CA SER D 284 19.16 33.23 34.48
C SER D 284 18.57 34.34 33.63
N SER D 285 17.54 35.01 34.13
CA SER D 285 16.92 36.10 33.38
C SER D 285 15.98 36.85 34.26
N PRO D 286 15.85 38.14 34.00
CA PRO D 286 14.84 38.95 34.69
C PRO D 286 13.45 38.58 34.16
N HIS D 287 13.41 37.93 33.01
CA HIS D 287 12.14 37.54 32.43
C HIS D 287 11.47 36.24 32.88
N GLY D 288 12.18 35.40 33.62
CA GLY D 288 11.57 34.14 34.06
C GLY D 288 12.63 33.12 34.39
N LYS D 289 12.21 31.98 34.93
CA LYS D 289 13.14 30.90 35.33
C LYS D 289 13.16 29.82 34.28
N ASP D 290 14.33 29.24 34.11
CA ASP D 290 14.52 28.15 33.17
C ASP D 290 14.12 28.43 31.74
N LEU D 291 14.33 29.64 31.29
CA LEU D 291 14.00 29.99 29.92
C LEU D 291 15.16 29.59 29.03
N LEU D 292 14.87 28.78 28.00
CA LEU D 292 15.83 28.27 27.01
C LEU D 292 16.74 27.22 27.57
N PHE D 293 17.30 27.47 28.77
CA PHE D 293 18.17 26.51 29.48
C PHE D 293 17.74 26.57 30.94
N LYS D 294 18.07 25.56 31.71
CA LYS D 294 17.69 25.57 33.12
C LYS D 294 18.60 26.52 33.89
N ASP D 295 18.03 27.22 34.86
CA ASP D 295 18.78 28.16 35.71
C ASP D 295 19.81 27.42 36.57
N SER D 296 19.54 26.15 36.82
CA SER D 296 20.47 25.35 37.60
C SER D 296 21.68 24.83 36.83
N ALA D 297 21.69 25.00 35.51
CA ALA D 297 22.84 24.51 34.74
C ALA D 297 24.06 25.40 34.97
N HIS D 298 25.24 24.82 34.79
CA HIS D 298 26.44 25.60 34.96
C HIS D 298 27.18 25.62 33.67
N GLY D 299 26.76 24.81 32.71
CA GLY D 299 27.47 24.83 31.43
C GLY D 299 26.98 23.76 30.53
N PHE D 300 27.74 23.52 29.47
CA PHE D 300 27.41 22.50 28.47
C PHE D 300 28.52 21.52 28.19
N LEU D 301 28.15 20.32 27.78
CA LEU D 301 29.10 19.29 27.36
C LEU D 301 28.63 18.78 26.01
N LYS D 302 29.56 18.54 25.09
CA LYS D 302 29.19 18.04 23.78
C LYS D 302 28.87 16.57 23.89
N VAL D 303 27.80 16.13 23.25
CA VAL D 303 27.43 14.69 23.29
C VAL D 303 28.35 13.97 22.29
N PRO D 304 28.74 12.71 22.56
CA PRO D 304 29.64 11.96 21.67
C PRO D 304 29.01 11.72 20.31
N PRO D 305 29.83 11.55 19.30
CA PRO D 305 29.39 11.41 17.92
C PRO D 305 28.34 10.41 17.63
N ARG D 306 27.30 10.89 16.97
CA ARG D 306 26.20 10.09 16.51
C ARG D 306 25.49 9.28 17.56
N MET D 307 25.46 9.78 18.77
CA MET D 307 24.80 9.01 19.78
C MET D 307 23.29 9.26 19.64
N ASP D 308 22.52 8.20 19.69
CA ASP D 308 21.08 8.34 19.56
C ASP D 308 20.48 8.54 20.95
N ALA D 309 19.21 8.92 20.96
CA ALA D 309 18.50 9.17 22.21
C ALA D 309 18.49 8.01 23.16
N LYS D 310 18.34 6.82 22.61
CA LYS D 310 18.29 5.63 23.44
C LYS D 310 19.58 5.38 24.20
N MET D 311 20.71 5.55 23.51
CA MET D 311 21.98 5.34 24.15
C MET D 311 22.25 6.44 25.15
N TYR D 312 21.85 7.65 24.77
CA TYR D 312 22.03 8.82 25.61
C TYR D 312 21.26 8.68 26.91
N LEU D 313 20.00 8.30 26.79
CA LEU D 313 19.17 8.12 27.97
C LEU D 313 19.56 6.91 28.84
N GLY D 314 20.05 5.84 28.22
CA GLY D 314 20.44 4.68 29.02
C GLY D 314 19.28 3.70 29.13
N TYR D 315 19.62 2.39 29.17
CA TYR D 315 18.66 1.30 29.16
C TYR D 315 17.55 1.40 30.18
N GLU D 316 17.98 1.71 31.41
CA GLU D 316 17.12 1.86 32.57
C GLU D 316 15.97 2.84 32.30
N TYR D 317 16.34 4.12 32.13
CA TYR D 317 15.40 5.18 31.84
C TYR D 317 14.54 4.92 30.64
N VAL D 318 15.10 4.32 29.61
CA VAL D 318 14.31 4.01 28.42
C VAL D 318 13.32 2.94 28.74
N THR D 319 13.74 2.00 29.57
CA THR D 319 12.89 0.87 29.96
C THR D 319 11.64 1.37 30.72
N ALA D 320 11.90 2.31 31.65
CA ALA D 320 10.89 2.98 32.48
C ALA D 320 9.85 3.71 31.69
N ILE D 321 10.30 4.42 30.66
CA ILE D 321 9.43 5.19 29.78
C ILE D 321 8.51 4.27 28.97
N ARG D 322 9.10 3.16 28.48
CA ARG D 322 8.42 2.14 27.68
C ARG D 322 7.33 1.50 28.51
N ASN D 323 7.73 1.10 29.72
CA ASN D 323 6.90 0.42 30.71
C ASN D 323 5.77 1.25 31.28
N LEU D 324 5.71 2.51 30.90
CA LEU D 324 4.72 3.42 31.41
C LEU D 324 3.72 3.38 30.30
N ARG D 325 4.28 3.36 29.10
CA ARG D 325 3.52 3.39 27.89
C ARG D 325 2.69 2.15 27.57
N GLU D 326 3.28 0.97 27.65
CA GLU D 326 2.47 -0.24 27.50
C GLU D 326 2.35 -0.61 28.95
N GLY D 327 3.45 -1.15 29.46
CA GLY D 327 3.61 -1.49 30.86
C GLY D 327 2.67 -2.49 31.46
N THR D 328 3.24 -3.50 32.08
CA THR D 328 2.44 -4.49 32.74
C THR D 328 2.90 -4.54 34.16
N CYS D 329 1.96 -4.61 35.08
CA CYS D 329 2.27 -4.62 36.50
C CYS D 329 2.90 -5.93 36.96
N PRO E 1 -3.80 29.30 -26.87
CA PRO E 1 -4.69 29.28 -28.03
C PRO E 1 -4.22 30.33 -29.01
N ASP E 2 -2.90 30.42 -29.20
CA ASP E 2 -2.33 31.29 -30.23
C ASP E 2 -3.08 30.92 -31.52
N PRO E 3 -2.92 31.70 -32.59
CA PRO E 3 -3.60 31.39 -33.85
C PRO E 3 -3.62 29.89 -34.15
N LEU E 4 -4.67 29.23 -33.66
CA LEU E 4 -4.80 27.79 -33.75
C LEU E 4 -5.98 27.43 -34.62
N GLN E 5 -6.16 26.11 -34.79
CA GLN E 5 -7.21 25.57 -35.66
C GLN E 5 -7.50 24.09 -35.40
N ASP E 6 -8.79 23.75 -35.31
CA ASP E 6 -9.25 22.36 -35.29
C ASP E 6 -9.20 21.64 -33.93
N GLU E 7 -10.28 21.81 -33.19
CA GLU E 7 -10.50 21.08 -31.95
C GLU E 7 -11.51 19.95 -32.26
N CYS E 8 -12.06 19.98 -33.47
CA CYS E 8 -13.03 19.01 -33.92
C CYS E 8 -12.41 17.72 -34.41
N LYS E 9 -11.64 17.07 -33.55
CA LYS E 9 -11.02 15.81 -33.90
C LYS E 9 -12.01 14.71 -33.72
N ALA E 10 -12.60 14.66 -32.53
CA ALA E 10 -13.56 13.65 -32.19
C ALA E 10 -14.62 14.24 -31.26
N VAL E 11 -15.85 13.73 -31.33
CA VAL E 11 -16.90 14.18 -30.40
C VAL E 11 -17.13 13.14 -29.28
N LYS E 12 -17.04 13.62 -28.04
CA LYS E 12 -17.27 12.76 -26.90
C LYS E 12 -18.73 12.83 -26.50
N TRP E 13 -19.35 11.63 -26.55
CA TRP E 13 -20.72 11.43 -26.21
C TRP E 13 -20.97 10.94 -24.78
N CYS E 14 -21.96 11.50 -24.10
CA CYS E 14 -22.32 11.00 -22.76
C CYS E 14 -23.50 10.02 -22.75
N ALA E 15 -23.25 8.82 -22.24
CA ALA E 15 -24.19 7.73 -22.28
C ALA E 15 -24.67 7.32 -20.91
N LEU E 16 -25.95 7.05 -20.75
CA LEU E 16 -26.41 6.55 -19.47
C LEU E 16 -26.11 5.05 -19.31
N GLY E 17 -26.12 4.54 -18.09
CA GLY E 17 -26.09 3.12 -17.85
C GLY E 17 -25.29 2.26 -18.81
N HIS E 18 -25.39 0.95 -18.61
CA HIS E 18 -24.60 0.00 -19.37
C HIS E 18 -24.86 -0.04 -20.90
N HIS E 19 -26.13 -0.21 -21.25
CA HIS E 19 -26.55 -0.40 -22.64
C HIS E 19 -26.17 0.73 -23.54
N GLU E 20 -26.51 1.95 -23.14
CA GLU E 20 -26.16 3.12 -23.95
C GLU E 20 -24.66 3.16 -24.13
N ARG E 21 -23.94 2.62 -23.13
CA ARG E 21 -22.47 2.65 -23.19
C ARG E 21 -22.01 1.72 -24.31
N LEU E 22 -22.51 0.50 -24.26
CA LEU E 22 -22.23 -0.50 -25.29
C LEU E 22 -22.51 0.07 -26.65
N LYS E 23 -23.69 0.64 -26.85
CA LYS E 23 -24.02 1.16 -28.14
C LYS E 23 -22.99 2.20 -28.52
N CYS E 24 -22.59 3.04 -27.58
CA CYS E 24 -21.64 4.10 -27.88
C CYS E 24 -20.32 3.49 -28.29
N ASP E 25 -19.84 2.54 -27.53
CA ASP E 25 -18.58 1.90 -27.90
C ASP E 25 -18.62 1.43 -29.35
N GLU E 26 -19.68 0.70 -29.66
CA GLU E 26 -19.86 0.20 -31.00
C GLU E 26 -19.79 1.32 -32.02
N TRP E 27 -20.41 2.43 -31.67
CA TRP E 27 -20.41 3.57 -32.57
C TRP E 27 -19.01 4.14 -32.62
N SER E 28 -18.26 3.99 -31.53
CA SER E 28 -16.91 4.49 -31.55
C SER E 28 -16.09 3.70 -32.53
N VAL E 29 -15.87 2.43 -32.24
CA VAL E 29 -15.05 1.63 -33.12
C VAL E 29 -15.32 1.97 -34.55
N THR E 30 -16.53 1.70 -34.99
CA THR E 30 -16.93 1.91 -36.38
C THR E 30 -16.67 3.28 -36.98
N SER E 31 -16.64 4.33 -36.18
CA SER E 31 -16.39 5.65 -36.76
C SER E 31 -14.89 5.87 -36.97
N GLY E 32 -14.09 5.06 -36.31
CA GLY E 32 -12.66 5.22 -36.35
C GLY E 32 -12.39 6.36 -35.41
N GLY E 33 -12.98 6.26 -34.22
CA GLY E 33 -12.77 7.22 -33.16
C GLY E 33 -13.25 8.65 -33.38
N LEU E 34 -14.18 8.88 -34.30
CA LEU E 34 -14.75 10.22 -34.41
C LEU E 34 -15.70 10.46 -33.24
N ILE E 35 -16.18 9.39 -32.64
CA ILE E 35 -17.08 9.52 -31.53
C ILE E 35 -16.47 8.85 -30.34
N GLU E 36 -16.39 9.59 -29.26
CA GLU E 36 -15.78 9.11 -28.05
C GLU E 36 -16.89 8.97 -27.00
N CYS E 37 -16.75 8.01 -26.11
CA CYS E 37 -17.78 7.72 -25.14
C CYS E 37 -17.46 7.99 -23.68
N GLU E 38 -18.27 8.79 -23.01
CA GLU E 38 -18.13 8.95 -21.57
C GLU E 38 -19.45 8.44 -20.99
N SER E 39 -19.45 7.97 -19.75
CA SER E 39 -20.70 7.46 -19.19
C SER E 39 -21.06 7.97 -17.81
N ALA E 40 -22.35 7.92 -17.50
CA ALA E 40 -22.86 8.35 -16.22
C ALA E 40 -24.14 7.60 -15.98
N GLU E 41 -24.63 7.68 -14.77
CA GLU E 41 -25.76 6.88 -14.33
C GLU E 41 -27.02 7.67 -14.39
N THR E 42 -26.94 8.98 -14.59
CA THR E 42 -28.16 9.76 -14.71
C THR E 42 -28.06 10.83 -15.75
N PRO E 43 -29.20 11.29 -16.21
CA PRO E 43 -29.23 12.33 -17.21
C PRO E 43 -28.52 13.56 -16.62
N GLU E 44 -28.87 13.95 -15.41
CA GLU E 44 -28.27 15.13 -14.76
C GLU E 44 -26.76 15.02 -14.64
N ASP E 45 -26.28 13.85 -14.34
CA ASP E 45 -24.87 13.70 -14.27
C ASP E 45 -24.34 13.85 -15.65
N CYS E 46 -25.05 13.40 -16.67
CA CYS E 46 -24.46 13.55 -18.01
C CYS E 46 -24.34 15.02 -18.41
N ILE E 47 -25.34 15.81 -18.05
CA ILE E 47 -25.39 17.22 -18.38
C ILE E 47 -24.23 17.94 -17.64
N ALA E 48 -23.94 17.48 -16.42
CA ALA E 48 -22.88 18.03 -15.63
C ALA E 48 -21.56 17.76 -16.28
N LYS E 49 -21.37 16.52 -16.72
CA LYS E 49 -20.14 16.20 -17.43
C LYS E 49 -19.87 17.09 -18.64
N ILE E 50 -20.94 17.42 -19.38
CA ILE E 50 -20.83 18.24 -20.57
C ILE E 50 -20.60 19.72 -20.21
N MET E 51 -21.22 20.18 -19.13
CA MET E 51 -21.06 21.53 -18.60
C MET E 51 -19.60 21.84 -18.26
N ASN E 52 -18.95 20.86 -17.69
CA ASN E 52 -17.62 20.99 -17.32
C ASN E 52 -16.65 20.21 -18.24
N GLY E 53 -17.07 20.05 -19.51
CA GLY E 53 -16.24 19.48 -20.57
C GLY E 53 -15.68 18.10 -20.38
N GLU E 54 -16.18 17.40 -19.39
CA GLU E 54 -15.88 15.99 -19.29
C GLU E 54 -16.51 15.21 -20.43
N ALA E 55 -17.60 15.73 -21.02
CA ALA E 55 -18.10 15.24 -22.31
C ALA E 55 -18.63 16.41 -23.13
N ASP E 56 -19.04 16.12 -24.36
CA ASP E 56 -19.48 17.16 -25.30
C ASP E 56 -20.90 17.13 -25.76
N ALA E 57 -21.49 15.94 -25.84
CA ALA E 57 -22.82 15.86 -26.43
C ALA E 57 -23.63 14.64 -26.05
N MET E 58 -24.95 14.83 -26.04
CA MET E 58 -25.92 13.76 -25.76
C MET E 58 -27.27 14.20 -26.31
N SER E 59 -28.19 13.27 -26.55
CA SER E 59 -29.52 13.67 -27.00
C SER E 59 -30.45 13.61 -25.84
N LEU E 60 -31.44 14.50 -25.80
CA LEU E 60 -32.30 14.64 -24.65
C LEU E 60 -33.77 14.98 -24.91
N ASP E 61 -34.64 14.47 -24.07
CA ASP E 61 -36.02 14.83 -24.16
C ASP E 61 -36.11 16.31 -23.77
N GLY E 62 -37.12 16.96 -24.32
CA GLY E 62 -37.41 18.32 -24.07
C GLY E 62 -37.35 18.74 -22.65
N GLY E 63 -37.86 17.91 -21.75
CA GLY E 63 -37.86 18.30 -20.36
C GLY E 63 -36.42 18.49 -19.85
N TYR E 64 -35.49 17.63 -20.27
CA TYR E 64 -34.12 17.67 -19.84
C TYR E 64 -33.39 18.74 -20.63
N VAL E 65 -33.93 19.13 -21.79
CA VAL E 65 -33.33 20.15 -22.61
C VAL E 65 -33.51 21.44 -21.86
N TYR E 66 -34.61 21.55 -21.12
CA TYR E 66 -34.88 22.76 -20.32
C TYR E 66 -33.83 22.88 -19.24
N ILE E 67 -33.63 21.79 -18.51
CA ILE E 67 -32.62 21.83 -17.49
C ILE E 67 -31.26 22.15 -18.12
N ALA E 68 -30.94 21.51 -19.22
CA ALA E 68 -29.67 21.73 -19.84
C ALA E 68 -29.49 23.21 -20.21
N GLY E 69 -30.57 23.85 -20.62
CA GLY E 69 -30.47 25.22 -21.00
C GLY E 69 -30.31 26.14 -19.82
N GLN E 70 -30.96 25.86 -18.72
CA GLN E 70 -30.83 26.70 -17.58
C GLN E 70 -29.38 26.55 -17.13
N CYS E 71 -28.77 25.41 -17.42
CA CYS E 71 -27.41 25.16 -17.08
C CYS E 71 -26.42 25.61 -18.15
N GLY E 72 -26.87 26.45 -19.07
CA GLY E 72 -25.99 26.99 -20.09
C GLY E 72 -25.67 26.26 -21.38
N LEU E 73 -26.17 25.03 -21.57
CA LEU E 73 -25.98 24.33 -22.82
C LEU E 73 -26.95 24.81 -23.88
N VAL E 74 -26.64 24.45 -25.11
CA VAL E 74 -27.46 24.87 -26.21
C VAL E 74 -27.85 23.66 -27.04
N PRO E 75 -28.98 23.80 -27.67
CA PRO E 75 -29.41 22.76 -28.58
C PRO E 75 -28.62 22.96 -29.84
N VAL E 76 -28.30 21.85 -30.50
CA VAL E 76 -27.54 21.86 -31.74
C VAL E 76 -28.34 21.28 -32.94
N LEU E 77 -28.79 20.04 -32.79
CA LEU E 77 -29.62 19.39 -33.78
C LEU E 77 -30.83 18.70 -33.15
N ALA E 78 -31.97 18.79 -33.82
CA ALA E 78 -33.19 18.08 -33.39
C ALA E 78 -33.38 16.75 -34.05
N GLU E 79 -34.02 15.85 -33.31
CA GLU E 79 -34.51 14.55 -33.78
C GLU E 79 -35.83 14.83 -34.50
N ASN E 80 -35.97 14.41 -35.77
CA ASN E 80 -37.23 14.55 -36.53
C ASN E 80 -37.80 13.12 -36.67
N TYR E 81 -39.12 13.01 -36.42
CA TYR E 81 -39.76 11.69 -36.45
C TYR E 81 -40.68 11.39 -37.65
N GLU E 82 -41.14 12.45 -38.29
CA GLU E 82 -42.14 12.36 -39.33
C GLU E 82 -41.58 12.14 -40.76
N SER E 83 -40.37 12.57 -41.07
CA SER E 83 -39.89 12.45 -42.44
C SER E 83 -38.46 11.98 -42.56
N THR E 84 -38.12 11.36 -43.68
CA THR E 84 -36.76 10.87 -43.88
C THR E 84 -35.93 11.92 -44.59
N ASP E 85 -36.54 13.03 -44.94
CA ASP E 85 -35.79 14.07 -45.60
C ASP E 85 -35.15 14.99 -44.54
N CYS E 86 -33.89 14.67 -44.24
CA CYS E 86 -33.13 15.37 -43.23
C CYS E 86 -32.89 16.88 -43.46
N LYS E 87 -33.44 17.45 -44.53
CA LYS E 87 -33.26 18.89 -44.71
C LYS E 87 -34.52 19.59 -44.23
N LYS E 88 -35.50 18.81 -43.76
CA LYS E 88 -36.71 19.43 -43.26
C LYS E 88 -36.42 20.16 -41.96
N ALA E 89 -37.19 21.21 -41.69
CA ALA E 89 -37.16 21.92 -40.44
C ALA E 89 -37.64 20.99 -39.33
N PRO E 90 -37.38 21.35 -38.08
CA PRO E 90 -37.79 20.48 -36.98
C PRO E 90 -39.28 20.51 -36.92
N GLU E 91 -39.86 19.37 -36.61
CA GLU E 91 -41.31 19.27 -36.50
C GLU E 91 -41.90 20.14 -35.39
N GLU E 92 -43.19 20.33 -35.33
CA GLU E 92 -43.70 21.13 -34.23
C GLU E 92 -43.64 20.31 -32.92
N GLY E 93 -43.44 19.02 -33.01
CA GLY E 93 -43.38 18.17 -31.85
C GLY E 93 -44.29 16.93 -31.87
N TYR E 94 -43.95 16.00 -30.99
CA TYR E 94 -44.72 14.82 -30.82
C TYR E 94 -45.89 14.92 -29.88
N LEU E 95 -46.85 14.00 -30.05
CA LEU E 95 -48.08 13.98 -29.27
C LEU E 95 -47.88 13.23 -28.01
N SER E 96 -48.42 13.83 -26.98
CA SER E 96 -48.32 13.36 -25.63
C SER E 96 -49.67 12.88 -25.13
N VAL E 97 -49.75 11.61 -24.77
CA VAL E 97 -51.09 11.11 -24.44
C VAL E 97 -51.12 10.42 -23.13
N ALA E 98 -52.31 10.10 -22.69
CA ALA E 98 -52.50 9.24 -21.50
C ALA E 98 -53.25 7.97 -21.92
N VAL E 99 -52.65 6.83 -21.64
CA VAL E 99 -53.18 5.56 -22.06
C VAL E 99 -53.62 4.67 -20.95
N VAL E 100 -54.79 4.05 -21.13
CA VAL E 100 -55.32 3.06 -20.17
C VAL E 100 -55.74 1.80 -20.84
N LYS E 101 -56.09 0.82 -20.03
CA LYS E 101 -56.53 -0.49 -20.49
C LYS E 101 -57.99 -0.37 -20.77
N LYS E 102 -58.42 -1.08 -21.82
CA LYS E 102 -59.83 -1.12 -22.20
C LYS E 102 -60.52 -1.93 -21.12
N SER E 103 -59.81 -2.93 -20.62
CA SER E 103 -60.31 -3.69 -19.51
C SER E 103 -60.93 -2.81 -18.41
N ASN E 104 -60.20 -1.81 -18.00
CA ASN E 104 -60.65 -0.94 -16.92
C ASN E 104 -61.78 0.05 -17.24
N PRO E 105 -63.02 -0.24 -16.90
CA PRO E 105 -64.11 0.64 -17.31
C PRO E 105 -64.22 2.02 -16.66
N ASP E 106 -63.68 2.24 -15.48
CA ASP E 106 -64.02 3.47 -14.76
C ASP E 106 -63.08 4.69 -14.86
N ILE E 107 -61.80 4.46 -15.00
CA ILE E 107 -60.82 5.53 -15.13
C ILE E 107 -61.09 6.53 -16.26
N ASN E 108 -60.87 7.80 -15.95
CA ASN E 108 -60.96 8.87 -16.92
C ASN E 108 -60.13 10.10 -16.44
N TRP E 109 -60.03 11.14 -17.26
CA TRP E 109 -59.16 12.25 -16.92
C TRP E 109 -59.50 12.84 -15.56
N ASN E 110 -60.78 13.06 -15.33
CA ASN E 110 -61.30 13.63 -14.12
C ASN E 110 -61.36 12.64 -12.98
N ASN E 111 -60.71 11.51 -13.13
CA ASN E 111 -60.79 10.47 -12.14
C ASN E 111 -59.47 10.02 -11.59
N LEU E 112 -58.41 10.66 -11.97
CA LEU E 112 -57.10 10.10 -11.65
C LEU E 112 -56.79 10.00 -10.18
N GLU E 113 -57.36 10.90 -9.39
CA GLU E 113 -57.02 10.97 -7.98
C GLU E 113 -57.17 9.58 -7.41
N GLY E 114 -56.12 8.98 -6.85
CA GLY E 114 -56.26 7.65 -6.29
C GLY E 114 -55.69 6.53 -7.12
N LYS E 115 -55.60 6.67 -8.43
CA LYS E 115 -55.17 5.53 -9.23
C LYS E 115 -53.69 5.27 -9.25
N LYS E 116 -53.27 4.30 -10.03
CA LYS E 116 -51.89 3.92 -10.14
C LYS E 116 -51.28 4.40 -11.48
N SER E 117 -50.16 5.12 -11.41
CA SER E 117 -49.64 5.78 -12.59
C SER E 117 -48.29 5.30 -12.99
N CYS E 118 -47.97 5.50 -14.27
CA CYS E 118 -46.72 5.07 -14.89
C CYS E 118 -46.19 6.21 -15.74
N HIS E 119 -44.90 6.51 -15.54
CA HIS E 119 -44.28 7.69 -16.13
C HIS E 119 -42.96 7.30 -16.71
N THR E 120 -42.58 7.92 -17.82
CA THR E 120 -41.31 7.61 -18.46
C THR E 120 -40.17 7.82 -17.47
N ALA E 121 -40.27 8.95 -16.76
CA ALA E 121 -39.31 9.44 -15.78
C ALA E 121 -39.73 10.83 -15.34
N VAL E 122 -39.27 11.23 -14.17
CA VAL E 122 -39.56 12.58 -13.70
C VAL E 122 -38.71 13.49 -14.54
N ASP E 123 -39.33 14.61 -14.85
CA ASP E 123 -38.75 15.67 -15.62
C ASP E 123 -38.83 15.53 -17.16
N ARG E 124 -39.30 14.36 -17.66
CA ARG E 124 -39.51 14.19 -19.08
C ARG E 124 -40.80 14.80 -19.54
N THR E 125 -40.90 15.11 -20.81
CA THR E 125 -42.06 15.83 -21.28
C THR E 125 -43.39 15.06 -21.22
N ALA E 126 -43.41 13.89 -21.87
CA ALA E 126 -44.66 13.13 -21.95
C ALA E 126 -44.92 12.41 -20.63
N GLY E 127 -43.86 12.00 -19.96
CA GLY E 127 -44.08 11.30 -18.72
C GLY E 127 -44.37 12.15 -17.49
N TRP E 128 -44.14 13.45 -17.54
CA TRP E 128 -44.17 14.24 -16.33
C TRP E 128 -44.57 15.64 -16.52
N ASN E 129 -43.77 16.39 -17.24
CA ASN E 129 -44.07 17.80 -17.36
C ASN E 129 -45.40 18.02 -17.90
N ILE E 130 -45.78 17.40 -18.99
CA ILE E 130 -47.12 17.72 -19.52
C ILE E 130 -48.26 17.32 -18.62
N PRO E 131 -48.29 16.06 -18.23
CA PRO E 131 -49.38 15.55 -17.41
C PRO E 131 -49.30 16.19 -16.02
N MET E 132 -48.12 16.22 -15.39
CA MET E 132 -48.10 16.77 -14.01
C MET E 132 -48.48 18.24 -13.97
N GLY E 133 -48.00 19.03 -14.92
CA GLY E 133 -48.38 20.40 -14.93
C GLY E 133 -49.84 20.63 -15.18
N LEU E 134 -50.48 19.74 -15.90
CA LEU E 134 -51.86 19.99 -16.22
C LEU E 134 -52.68 19.56 -15.01
N LEU E 135 -52.18 18.61 -14.23
CA LEU E 135 -52.84 18.21 -13.01
C LEU E 135 -52.61 19.21 -11.89
N TYR E 136 -51.43 19.79 -11.90
CA TYR E 136 -51.06 20.75 -10.90
C TYR E 136 -52.03 21.89 -10.96
N ASN E 137 -52.28 22.39 -12.18
CA ASN E 137 -53.21 23.50 -12.36
C ASN E 137 -54.60 23.13 -11.85
N ARG E 138 -54.75 21.94 -11.32
CA ARG E 138 -56.05 21.47 -10.86
C ARG E 138 -56.02 21.27 -9.36
N ILE E 139 -54.95 20.72 -8.84
CA ILE E 139 -54.89 20.42 -7.43
C ILE E 139 -54.12 21.50 -6.63
N ASN E 140 -53.49 22.41 -7.37
CA ASN E 140 -52.73 23.50 -6.80
C ASN E 140 -51.84 23.23 -5.59
N HIS E 141 -51.25 22.04 -5.55
CA HIS E 141 -50.20 21.72 -4.59
C HIS E 141 -49.23 20.77 -5.32
N CYS E 142 -48.17 20.30 -4.67
CA CYS E 142 -47.13 19.53 -5.37
C CYS E 142 -46.87 18.12 -4.84
N ARG E 143 -47.80 17.55 -4.09
CA ARG E 143 -47.54 16.22 -3.59
C ARG E 143 -48.19 15.21 -4.51
N PHE E 144 -47.67 15.14 -5.73
CA PHE E 144 -48.22 14.23 -6.73
C PHE E 144 -48.23 12.80 -6.20
N ASP E 145 -47.32 12.54 -5.26
CA ASP E 145 -47.22 11.20 -4.70
C ASP E 145 -48.31 10.94 -3.68
N GLU E 146 -49.21 11.90 -3.55
CA GLU E 146 -50.36 11.78 -2.66
C GLU E 146 -51.64 11.86 -3.46
N PHE E 147 -51.51 12.29 -4.71
CA PHE E 147 -52.65 12.35 -5.60
C PHE E 147 -52.83 10.98 -6.18
N PHE E 148 -51.76 10.39 -6.62
CA PHE E 148 -51.87 9.03 -7.12
C PHE E 148 -51.61 8.28 -5.89
N ARG E 149 -52.08 7.06 -5.83
CA ARG E 149 -51.96 6.20 -4.68
C ARG E 149 -50.64 5.56 -4.72
N GLN E 150 -50.17 5.29 -5.92
CA GLN E 150 -48.96 4.55 -6.03
C GLN E 150 -48.46 4.72 -7.46
N GLY E 151 -47.17 4.47 -7.71
CA GLY E 151 -46.65 4.65 -9.04
C GLY E 151 -45.24 4.19 -9.34
N CYS E 152 -44.84 4.42 -10.59
CA CYS E 152 -43.46 4.25 -11.00
C CYS E 152 -43.05 5.41 -11.91
N ALA E 153 -42.43 6.42 -11.31
CA ALA E 153 -41.95 7.59 -11.96
C ALA E 153 -40.48 7.63 -11.68
N PRO E 154 -39.70 6.89 -12.43
CA PRO E 154 -38.25 6.83 -12.25
C PRO E 154 -37.64 8.20 -12.02
N GLY E 155 -36.61 8.24 -11.16
CA GLY E 155 -35.98 9.48 -10.77
C GLY E 155 -36.68 10.10 -9.57
N SER E 156 -37.71 9.46 -9.06
CA SER E 156 -38.34 9.99 -7.87
C SER E 156 -37.62 9.48 -6.62
N GLN E 157 -37.96 10.04 -5.47
CA GLN E 157 -37.40 9.57 -4.20
C GLN E 157 -37.62 8.11 -3.90
N LYS E 158 -36.53 7.37 -3.78
CA LYS E 158 -36.58 5.93 -3.54
C LYS E 158 -37.75 5.42 -2.68
N ASN E 159 -38.25 6.21 -1.73
CA ASN E 159 -39.29 5.73 -0.83
C ASN E 159 -40.62 6.44 -0.89
N SER E 160 -40.89 7.17 -1.96
CA SER E 160 -42.23 7.74 -2.13
C SER E 160 -43.10 6.68 -2.75
N SER E 161 -44.39 6.97 -2.78
CA SER E 161 -45.38 6.14 -3.43
C SER E 161 -44.96 5.91 -4.88
N LEU E 162 -44.56 6.99 -5.54
CA LEU E 162 -44.18 6.97 -6.93
C LEU E 162 -43.01 6.13 -7.24
N CYS E 163 -42.55 5.32 -6.31
CA CYS E 163 -41.50 4.41 -6.73
C CYS E 163 -41.96 3.05 -6.43
N GLU E 164 -43.17 2.94 -5.93
CA GLU E 164 -43.61 1.64 -5.49
C GLU E 164 -43.89 0.65 -6.62
N LEU E 165 -44.15 1.09 -7.85
CA LEU E 165 -44.36 0.10 -8.93
C LEU E 165 -43.14 -0.28 -9.70
N CYS E 166 -42.02 0.40 -9.47
CA CYS E 166 -40.81 0.16 -10.28
C CYS E 166 -40.26 -1.21 -10.09
N VAL E 167 -39.37 -1.64 -10.94
CA VAL E 167 -38.89 -3.00 -10.83
C VAL E 167 -37.45 -3.19 -11.17
N GLY E 168 -37.02 -2.61 -12.28
CA GLY E 168 -35.68 -2.80 -12.82
C GLY E 168 -34.72 -3.04 -11.73
N PRO E 169 -33.67 -3.78 -12.01
CA PRO E 169 -32.68 -4.07 -10.99
C PRO E 169 -32.52 -2.82 -10.11
N SER E 170 -31.99 -1.75 -10.68
CA SER E 170 -31.84 -0.54 -9.93
C SER E 170 -33.22 0.04 -9.79
N VAL E 171 -33.82 -0.15 -8.65
CA VAL E 171 -35.16 0.29 -8.46
C VAL E 171 -35.35 1.78 -8.42
N CYS E 172 -35.98 2.24 -9.47
CA CYS E 172 -36.47 3.57 -9.57
C CYS E 172 -35.48 4.50 -10.14
N ALA E 173 -34.40 3.97 -10.69
CA ALA E 173 -33.39 4.81 -11.29
C ALA E 173 -33.90 5.50 -12.54
N PRO E 174 -33.40 6.69 -12.84
CA PRO E 174 -33.78 7.33 -14.08
C PRO E 174 -32.93 6.83 -15.21
N ASN E 175 -32.87 5.53 -15.40
CA ASN E 175 -32.16 4.98 -16.54
C ASN E 175 -32.67 3.58 -16.86
N ASN E 176 -31.99 2.95 -17.80
CA ASN E 176 -32.39 1.64 -18.28
C ASN E 176 -32.32 0.52 -17.26
N ARG E 177 -31.60 0.73 -16.17
CA ARG E 177 -31.53 -0.28 -15.16
C ARG E 177 -32.80 -0.32 -14.35
N GLU E 178 -33.75 0.52 -14.73
CA GLU E 178 -35.09 0.39 -14.21
C GLU E 178 -35.96 -0.07 -15.39
N GLY E 179 -36.66 -1.17 -15.21
CA GLY E 179 -37.43 -1.77 -16.27
C GLY E 179 -38.48 -0.89 -16.83
N TYR E 180 -39.17 -0.14 -15.96
CA TYR E 180 -40.28 0.70 -16.33
C TYR E 180 -39.88 2.08 -16.71
N TYR E 181 -38.62 2.22 -17.11
CA TYR E 181 -38.05 3.51 -17.52
C TYR E 181 -38.23 3.77 -19.02
N GLY E 182 -38.64 4.99 -19.36
CA GLY E 182 -38.78 5.37 -20.76
C GLY E 182 -40.17 5.16 -21.33
N TYR E 183 -40.33 5.47 -22.62
CA TYR E 183 -41.63 5.30 -23.32
C TYR E 183 -42.19 3.83 -23.24
N THR E 184 -41.32 2.91 -23.63
CA THR E 184 -41.60 1.52 -23.49
C THR E 184 -41.80 1.07 -22.04
N GLY E 185 -40.88 1.44 -21.14
CA GLY E 185 -40.96 0.98 -19.75
C GLY E 185 -42.29 1.41 -19.16
N ALA E 186 -42.73 2.59 -19.51
CA ALA E 186 -43.94 3.09 -18.91
C ALA E 186 -45.11 2.35 -19.47
N PHE E 187 -44.96 1.84 -20.69
CA PHE E 187 -46.07 1.12 -21.29
C PHE E 187 -46.20 -0.21 -20.58
N ARG E 188 -45.11 -0.93 -20.48
CA ARG E 188 -45.06 -2.19 -19.76
C ARG E 188 -45.60 -1.99 -18.35
N CYS E 189 -45.13 -0.97 -17.69
CA CYS E 189 -45.66 -0.68 -16.38
C CYS E 189 -47.17 -0.69 -16.42
N LEU E 190 -47.74 -0.12 -17.48
CA LEU E 190 -49.20 -0.06 -17.62
C LEU E 190 -49.78 -1.46 -17.81
N VAL E 191 -49.06 -2.23 -18.57
CA VAL E 191 -49.55 -3.51 -18.91
C VAL E 191 -49.64 -4.39 -17.70
N GLU E 192 -48.65 -4.24 -16.82
CA GLU E 192 -48.43 -5.14 -15.68
C GLU E 192 -48.92 -4.72 -14.31
N LYS E 193 -48.92 -3.42 -14.02
CA LYS E 193 -49.35 -2.94 -12.71
C LYS E 193 -50.09 -1.61 -12.66
N GLY E 194 -49.91 -0.71 -13.62
CA GLY E 194 -50.58 0.57 -13.45
C GLY E 194 -51.96 0.70 -14.07
N ASP E 195 -52.66 1.78 -13.77
CA ASP E 195 -53.90 2.14 -14.41
C ASP E 195 -53.71 3.20 -15.49
N VAL E 196 -52.63 3.98 -15.46
CA VAL E 196 -52.46 5.01 -16.48
C VAL E 196 -51.02 5.13 -16.83
N ALA E 197 -50.72 5.31 -18.10
CA ALA E 197 -49.33 5.53 -18.48
C ALA E 197 -49.27 6.83 -19.21
N PHE E 198 -48.25 7.65 -18.97
CA PHE E 198 -48.06 8.93 -19.70
C PHE E 198 -46.89 8.74 -20.61
N VAL E 199 -47.14 8.78 -21.92
CA VAL E 199 -46.13 8.45 -22.91
C VAL E 199 -46.42 9.16 -24.14
N LYS E 200 -45.62 8.91 -25.16
CA LYS E 200 -45.88 9.54 -26.47
C LYS E 200 -46.96 8.77 -27.19
N SER E 201 -47.61 9.42 -28.13
CA SER E 201 -48.72 8.83 -28.90
C SER E 201 -48.31 7.62 -29.68
N GLN E 202 -47.14 7.57 -30.28
CA GLN E 202 -46.78 6.36 -31.03
C GLN E 202 -46.44 5.11 -30.20
N THR E 203 -46.52 5.23 -28.90
CA THR E 203 -46.03 4.16 -28.05
C THR E 203 -46.80 2.87 -28.14
N VAL E 204 -48.12 2.98 -28.17
CA VAL E 204 -48.95 1.77 -28.22
C VAL E 204 -48.64 0.98 -29.49
N LEU E 205 -48.62 1.62 -30.62
CA LEU E 205 -48.34 0.98 -31.86
C LEU E 205 -46.98 0.39 -31.85
N GLN E 206 -45.99 1.04 -31.26
CA GLN E 206 -44.65 0.48 -31.37
C GLN E 206 -44.51 -0.76 -30.49
N ASN E 207 -45.48 -0.98 -29.62
CA ASN E 207 -45.37 -2.11 -28.71
C ASN E 207 -46.50 -3.10 -28.76
N THR E 208 -47.39 -2.97 -29.74
CA THR E 208 -48.44 -3.96 -29.94
C THR E 208 -48.24 -4.59 -31.32
N GLY E 209 -49.02 -5.63 -31.64
CA GLY E 209 -49.02 -6.28 -32.96
C GLY E 209 -47.79 -7.11 -33.28
N GLY E 210 -47.20 -7.66 -32.24
CA GLY E 210 -45.90 -8.29 -32.38
C GLY E 210 -44.76 -7.39 -32.80
N ARG E 211 -44.98 -6.09 -32.95
CA ARG E 211 -43.85 -5.20 -33.27
C ARG E 211 -42.78 -5.19 -32.16
N ASN E 212 -43.23 -5.40 -30.92
CA ASN E 212 -42.36 -5.66 -29.78
C ASN E 212 -42.45 -7.15 -29.37
N SER E 213 -41.33 -7.85 -29.50
CA SER E 213 -41.30 -9.29 -29.30
C SER E 213 -40.99 -9.78 -27.88
N GLU E 214 -40.95 -8.89 -26.91
CA GLU E 214 -40.70 -9.35 -25.57
C GLU E 214 -41.97 -10.09 -25.10
N PRO E 215 -41.77 -11.12 -24.30
CA PRO E 215 -42.88 -11.87 -23.72
C PRO E 215 -44.07 -11.02 -23.32
N TRP E 216 -43.82 -9.91 -22.61
CA TRP E 216 -44.90 -9.11 -22.05
C TRP E 216 -45.72 -8.39 -23.11
N ALA E 217 -45.15 -8.17 -24.28
CA ALA E 217 -45.84 -7.41 -25.32
C ALA E 217 -46.16 -8.12 -26.64
N LYS E 218 -45.68 -9.35 -26.81
CA LYS E 218 -45.84 -10.04 -28.09
C LYS E 218 -47.28 -10.26 -28.51
N ASP E 219 -48.17 -10.52 -27.56
CA ASP E 219 -49.57 -10.77 -27.87
C ASP E 219 -50.51 -9.61 -27.63
N LEU E 220 -49.97 -8.46 -27.32
CA LEU E 220 -50.78 -7.30 -27.02
C LEU E 220 -51.41 -6.73 -28.24
N LYS E 221 -52.60 -6.19 -28.06
CA LYS E 221 -53.32 -5.62 -29.17
C LYS E 221 -53.75 -4.19 -28.94
N GLU E 222 -53.45 -3.39 -29.94
CA GLU E 222 -53.79 -2.00 -30.00
C GLU E 222 -55.18 -1.77 -29.50
N GLU E 223 -56.03 -2.77 -29.70
CA GLU E 223 -57.44 -2.57 -29.36
C GLU E 223 -57.68 -2.74 -27.88
N ASP E 224 -56.71 -3.28 -27.16
CA ASP E 224 -56.83 -3.45 -25.74
C ASP E 224 -56.66 -2.14 -24.94
N PHE E 225 -56.40 -0.99 -25.59
CA PHE E 225 -56.06 0.25 -24.91
C PHE E 225 -56.88 1.44 -25.38
N GLU E 226 -57.02 2.45 -24.52
CA GLU E 226 -57.66 3.69 -24.93
C GLU E 226 -56.85 4.88 -24.45
N LEU E 227 -57.22 6.05 -24.87
CA LEU E 227 -56.57 7.26 -24.46
C LEU E 227 -57.51 8.05 -23.58
N LEU E 228 -56.98 8.90 -22.69
CA LEU E 228 -57.84 9.80 -21.90
C LEU E 228 -57.85 11.13 -22.57
N CYS E 229 -59.04 11.63 -22.90
CA CYS E 229 -59.13 12.95 -23.48
C CYS E 229 -59.37 13.96 -22.37
N LEU E 230 -58.93 15.19 -22.60
CA LEU E 230 -59.05 16.21 -21.58
C LEU E 230 -60.49 16.41 -21.21
N ASP E 231 -61.41 16.23 -22.14
CA ASP E 231 -62.81 16.47 -21.83
C ASP E 231 -63.47 15.33 -21.04
N GLY E 232 -62.71 14.36 -20.57
CA GLY E 232 -63.34 13.34 -19.76
C GLY E 232 -63.68 12.05 -20.49
N THR E 233 -63.76 12.11 -21.81
CA THR E 233 -64.08 10.90 -22.60
C THR E 233 -62.88 9.98 -22.85
N ARG E 234 -63.12 8.87 -23.53
CA ARG E 234 -62.09 7.94 -23.90
C ARG E 234 -62.23 7.62 -25.39
N LYS E 235 -61.10 7.33 -26.04
CA LYS E 235 -61.08 7.10 -27.45
C LYS E 235 -60.06 6.06 -27.76
N PRO E 236 -60.20 5.43 -28.91
CA PRO E 236 -59.20 4.49 -29.35
C PRO E 236 -57.93 5.23 -29.59
N VAL E 237 -56.87 4.46 -29.49
CA VAL E 237 -55.52 4.91 -29.69
C VAL E 237 -55.23 5.45 -31.04
N SER E 238 -56.03 5.08 -32.01
CA SER E 238 -55.82 5.55 -33.35
C SER E 238 -56.27 6.99 -33.47
N GLU E 239 -56.80 7.53 -32.38
CA GLU E 239 -57.35 8.89 -32.34
C GLU E 239 -56.52 9.95 -31.55
N ALA E 240 -55.27 9.65 -31.22
CA ALA E 240 -54.43 10.60 -30.50
C ALA E 240 -54.66 12.02 -31.01
N HIS E 241 -54.60 12.14 -32.32
CA HIS E 241 -54.72 13.41 -32.95
C HIS E 241 -55.82 14.25 -32.37
N ASN E 242 -56.93 13.64 -32.00
CA ASN E 242 -58.04 14.39 -31.44
C ASN E 242 -58.16 14.05 -29.97
N CYS E 243 -57.18 13.41 -29.40
CA CYS E 243 -57.32 13.02 -28.01
C CYS E 243 -55.98 12.91 -27.38
N HIS E 244 -55.29 14.05 -27.31
CA HIS E 244 -53.99 14.13 -26.68
C HIS E 244 -53.94 15.27 -25.63
N LEU E 245 -52.94 15.22 -24.76
CA LEU E 245 -52.77 16.19 -23.67
C LEU E 245 -52.15 17.46 -24.23
N ALA E 246 -51.05 17.32 -24.97
CA ALA E 246 -50.42 18.45 -25.61
C ALA E 246 -49.32 18.00 -26.58
N LYS E 247 -48.72 18.99 -27.23
CA LYS E 247 -47.61 18.72 -28.11
C LYS E 247 -46.36 18.94 -27.29
N ALA E 248 -45.31 18.26 -27.64
CA ALA E 248 -44.08 18.13 -26.95
C ALA E 248 -42.97 18.31 -27.96
N PRO E 249 -42.05 19.23 -27.69
CA PRO E 249 -40.95 19.48 -28.62
C PRO E 249 -40.15 18.25 -28.78
N ASN E 250 -39.59 18.02 -29.96
CA ASN E 250 -38.81 16.85 -30.20
C ASN E 250 -37.56 16.79 -29.37
N HIS E 251 -37.04 15.59 -29.16
CA HIS E 251 -35.80 15.47 -28.41
C HIS E 251 -34.79 16.19 -29.25
N ALA E 252 -33.73 16.72 -28.61
CA ALA E 252 -32.71 17.50 -29.29
C ALA E 252 -31.38 17.19 -28.71
N VAL E 253 -30.34 17.33 -29.52
CA VAL E 253 -28.96 17.15 -29.10
C VAL E 253 -28.44 18.46 -28.49
N VAL E 254 -27.73 18.34 -27.37
CA VAL E 254 -27.19 19.51 -26.71
C VAL E 254 -25.70 19.39 -26.57
N SER E 255 -25.07 20.56 -26.46
CA SER E 255 -23.63 20.74 -26.20
C SER E 255 -23.38 22.10 -25.54
N ARG E 256 -22.11 22.48 -25.43
CA ARG E 256 -21.76 23.85 -24.98
C ARG E 256 -21.58 24.72 -26.19
N LYS E 257 -21.76 26.02 -26.03
CA LYS E 257 -21.50 26.96 -27.12
C LYS E 257 -20.13 26.67 -27.71
N ASP E 258 -19.11 26.48 -26.88
CA ASP E 258 -17.82 26.38 -27.51
C ASP E 258 -17.90 25.33 -28.57
N LYS E 259 -18.42 24.14 -28.28
CA LYS E 259 -18.36 23.02 -29.23
C LYS E 259 -19.60 22.72 -30.13
N ALA E 260 -20.58 23.61 -30.16
CA ALA E 260 -21.81 23.32 -30.91
C ALA E 260 -21.55 22.95 -32.37
N ALA E 261 -20.83 23.82 -33.06
CA ALA E 261 -20.47 23.61 -34.47
C ALA E 261 -19.77 22.27 -34.67
N CYS E 262 -18.66 22.08 -34.00
CA CYS E 262 -17.97 20.84 -34.15
C CYS E 262 -19.03 19.74 -34.14
N VAL E 263 -19.81 19.71 -33.06
CA VAL E 263 -20.78 18.66 -32.80
C VAL E 263 -21.76 18.45 -33.93
N LYS E 264 -22.35 19.54 -34.38
CA LYS E 264 -23.23 19.55 -35.50
C LYS E 264 -22.57 18.75 -36.65
N GLN E 265 -21.71 19.44 -37.39
CA GLN E 265 -20.97 18.90 -38.51
C GLN E 265 -20.64 17.40 -38.39
N LYS E 266 -20.05 16.95 -37.29
CA LYS E 266 -19.72 15.53 -37.19
C LYS E 266 -20.98 14.67 -37.12
N LEU E 267 -22.07 15.23 -36.58
CA LEU E 267 -23.30 14.44 -36.50
C LEU E 267 -23.90 14.40 -37.90
N LEU E 268 -24.04 15.56 -38.55
CA LEU E 268 -24.59 15.57 -39.89
C LEU E 268 -23.80 14.59 -40.80
N ASP E 269 -22.48 14.63 -40.70
CA ASP E 269 -21.71 13.70 -41.50
C ASP E 269 -21.98 12.27 -41.10
N LEU E 270 -21.94 11.97 -39.82
CA LEU E 270 -22.05 10.57 -39.43
C LEU E 270 -23.41 10.02 -39.86
N GLN E 271 -24.40 10.89 -39.89
CA GLN E 271 -25.74 10.51 -40.31
C GLN E 271 -25.77 9.97 -41.74
N VAL E 272 -24.86 10.49 -42.57
CA VAL E 272 -24.78 10.10 -43.97
C VAL E 272 -24.47 8.63 -44.10
N GLU E 273 -23.67 8.07 -43.22
CA GLU E 273 -23.36 6.66 -43.34
C GLU E 273 -24.04 5.80 -42.30
N PHE E 274 -24.77 6.39 -41.39
CA PHE E 274 -25.28 5.57 -40.29
C PHE E 274 -26.71 5.86 -39.93
N GLY E 275 -27.37 6.74 -40.68
CA GLY E 275 -28.76 7.09 -40.46
C GLY E 275 -29.78 6.22 -41.18
N ASN E 276 -30.98 6.76 -41.42
CA ASN E 276 -32.06 5.99 -42.01
C ASN E 276 -31.62 5.11 -43.19
N THR E 277 -30.86 5.70 -44.11
CA THR E 277 -30.25 5.06 -45.29
C THR E 277 -29.70 3.61 -45.15
N VAL E 278 -29.06 3.26 -44.05
CA VAL E 278 -28.58 1.89 -43.83
C VAL E 278 -29.70 0.88 -44.04
N ALA E 279 -29.61 0.04 -45.07
CA ALA E 279 -30.74 -0.86 -45.37
C ALA E 279 -30.86 -1.97 -44.36
N ASP E 280 -29.73 -2.48 -43.90
CA ASP E 280 -29.81 -3.50 -42.87
C ASP E 280 -29.03 -3.05 -41.66
N CYS E 281 -29.63 -3.16 -40.46
CA CYS E 281 -28.94 -2.71 -39.25
C CYS E 281 -28.20 -3.80 -38.50
N SER E 282 -28.42 -5.06 -38.86
CA SER E 282 -27.66 -6.12 -38.21
C SER E 282 -26.30 -6.32 -38.89
N SER E 283 -26.14 -5.81 -40.10
CA SER E 283 -24.88 -5.92 -40.83
C SER E 283 -24.00 -4.73 -40.51
N LYS E 284 -24.52 -3.52 -40.78
CA LYS E 284 -23.81 -2.27 -40.57
C LYS E 284 -24.40 -1.48 -39.39
N PHE E 285 -23.66 -0.49 -38.90
CA PHE E 285 -24.09 0.29 -37.73
C PHE E 285 -25.17 1.33 -38.03
N CYS E 286 -26.12 1.39 -37.10
CA CYS E 286 -27.26 2.29 -37.16
C CYS E 286 -27.43 3.08 -35.87
N MET E 287 -27.33 4.39 -36.04
CA MET E 287 -27.48 5.34 -34.97
C MET E 287 -28.84 5.24 -34.34
N PHE E 288 -29.86 5.26 -35.19
CA PHE E 288 -31.22 5.32 -34.72
C PHE E 288 -31.80 3.95 -34.48
N HIS E 289 -30.97 2.94 -34.45
CA HIS E 289 -31.48 1.62 -34.16
C HIS E 289 -30.89 1.17 -32.86
N SER E 290 -31.67 0.55 -32.01
CA SER E 290 -31.15 0.19 -30.70
C SER E 290 -31.38 -1.26 -30.32
N LYS E 291 -30.36 -1.88 -29.76
CA LYS E 291 -30.43 -3.28 -29.36
C LYS E 291 -31.63 -3.42 -28.46
N THR E 292 -31.73 -2.51 -27.50
CA THR E 292 -32.84 -2.48 -26.55
C THR E 292 -33.89 -1.49 -27.03
N LYS E 293 -34.23 -0.50 -26.22
CA LYS E 293 -35.13 0.57 -26.62
C LYS E 293 -34.49 1.92 -26.35
N ASP E 294 -34.44 2.75 -27.39
CA ASP E 294 -34.14 4.16 -27.29
C ASP E 294 -32.80 4.55 -26.71
N LEU E 295 -31.75 3.80 -27.04
CA LEU E 295 -30.42 4.13 -26.58
C LEU E 295 -29.80 5.29 -27.37
N LEU E 296 -29.34 6.31 -26.63
CA LEU E 296 -28.76 7.55 -27.18
C LEU E 296 -29.72 8.35 -27.99
N PHE E 297 -30.47 7.71 -28.91
CA PHE E 297 -31.53 8.42 -29.61
C PHE E 297 -32.85 7.69 -29.48
N ARG E 298 -33.94 8.37 -29.80
CA ARG E 298 -35.21 7.66 -29.93
C ARG E 298 -35.19 6.76 -31.22
N ASP E 299 -35.53 5.49 -31.03
CA ASP E 299 -35.60 4.50 -32.12
C ASP E 299 -36.51 4.87 -33.24
N ASP E 300 -37.45 5.76 -33.01
CA ASP E 300 -38.22 6.21 -34.09
C ASP E 300 -37.58 7.42 -34.69
N THR E 301 -36.35 7.71 -34.35
CA THR E 301 -35.73 8.91 -34.91
C THR E 301 -35.44 8.66 -36.36
N LYS E 302 -35.77 9.64 -37.18
CA LYS E 302 -35.60 9.53 -38.63
C LYS E 302 -34.41 10.29 -39.08
N CYS E 303 -34.38 11.58 -38.74
CA CYS E 303 -33.30 12.49 -39.11
C CYS E 303 -32.86 13.36 -37.95
N LEU E 304 -31.59 13.76 -37.94
CA LEU E 304 -31.13 14.84 -37.08
C LEU E 304 -31.11 16.07 -37.98
N VAL E 305 -32.04 16.99 -37.75
CA VAL E 305 -32.15 18.19 -38.58
C VAL E 305 -31.66 19.49 -37.94
N ASP E 306 -30.99 20.28 -38.72
CA ASP E 306 -30.53 21.59 -38.33
C ASP E 306 -31.69 22.37 -37.75
N LEU E 307 -31.41 23.27 -36.80
CA LEU E 307 -32.46 23.98 -36.07
C LEU E 307 -32.93 25.26 -36.67
N ARG E 308 -32.32 25.65 -37.78
CA ARG E 308 -32.66 26.87 -38.50
C ARG E 308 -32.90 28.09 -37.65
N GLY E 309 -31.93 28.45 -36.83
CA GLY E 309 -32.06 29.65 -36.03
C GLY E 309 -32.60 29.49 -34.64
N LYS E 310 -33.12 28.30 -34.33
CA LYS E 310 -33.62 28.07 -32.98
C LYS E 310 -32.47 27.47 -32.20
N ASN E 311 -31.39 28.26 -32.10
CA ASN E 311 -30.13 27.82 -31.50
C ASN E 311 -30.09 28.08 -29.99
N THR E 312 -31.25 28.45 -29.47
CA THR E 312 -31.44 28.69 -28.08
C THR E 312 -32.60 27.87 -27.51
N TYR E 313 -32.36 27.29 -26.34
CA TYR E 313 -33.38 26.49 -25.65
C TYR E 313 -34.72 27.18 -25.47
N GLU E 314 -34.75 28.48 -25.23
CA GLU E 314 -36.03 29.16 -25.18
C GLU E 314 -36.61 29.18 -26.58
N LYS E 315 -35.73 29.28 -27.56
CA LYS E 315 -36.17 29.39 -28.94
C LYS E 315 -36.60 28.05 -29.46
N TYR E 316 -35.86 27.01 -29.14
CA TYR E 316 -36.20 25.72 -29.65
C TYR E 316 -37.44 25.15 -28.97
N LEU E 317 -37.48 25.09 -27.64
CA LEU E 317 -38.64 24.55 -26.94
C LEU E 317 -39.91 25.30 -27.17
N GLY E 318 -39.78 26.61 -27.30
CA GLY E 318 -40.91 27.45 -27.62
C GLY E 318 -41.58 27.98 -26.41
N ALA E 319 -42.28 29.08 -26.59
CA ALA E 319 -42.90 29.76 -25.49
C ALA E 319 -43.79 28.88 -24.70
N ASP E 320 -44.81 28.31 -25.33
CA ASP E 320 -45.79 27.47 -24.64
C ASP E 320 -45.14 26.45 -23.74
N TYR E 321 -44.12 25.77 -24.25
CA TYR E 321 -43.51 24.73 -23.44
C TYR E 321 -42.82 25.35 -22.24
N ILE E 322 -42.11 26.45 -22.49
CA ILE E 322 -41.41 27.13 -21.42
C ILE E 322 -42.45 27.51 -20.41
N LYS E 323 -43.55 28.10 -20.88
CA LYS E 323 -44.51 28.62 -19.90
C LYS E 323 -44.99 27.47 -19.05
N ALA E 324 -45.22 26.32 -19.66
CA ALA E 324 -45.70 25.18 -18.90
C ALA E 324 -44.68 24.64 -17.89
N VAL E 325 -43.45 24.40 -18.29
CA VAL E 325 -42.47 23.91 -17.35
C VAL E 325 -42.25 24.91 -16.17
N SER E 326 -42.31 26.19 -16.46
CA SER E 326 -42.10 27.22 -15.43
C SER E 326 -43.15 27.12 -14.37
N ASN E 327 -44.42 27.06 -14.77
CA ASN E 327 -45.49 26.86 -13.81
C ASN E 327 -45.23 25.70 -12.86
N LEU E 328 -44.43 24.73 -13.26
CA LEU E 328 -44.10 23.58 -12.42
C LEU E 328 -42.80 23.78 -11.65
N ARG E 329 -42.20 24.94 -11.79
CA ARG E 329 -40.89 25.18 -11.19
C ARG E 329 -40.89 24.93 -9.72
N LYS E 330 -41.95 25.37 -9.08
CA LYS E 330 -42.06 25.20 -7.65
C LYS E 330 -42.07 23.78 -7.22
N CYS E 331 -42.35 22.80 -8.09
CA CYS E 331 -42.29 21.40 -7.63
C CYS E 331 -40.99 20.70 -8.02
N SER E 332 -40.03 21.43 -8.62
CA SER E 332 -38.82 20.77 -9.09
C SER E 332 -38.22 20.08 -7.89
N THR E 333 -37.39 19.09 -8.16
CA THR E 333 -36.67 18.35 -7.14
C THR E 333 -35.35 18.04 -7.81
N SER E 334 -35.06 18.79 -8.86
CA SER E 334 -33.83 18.63 -9.58
C SER E 334 -32.68 19.37 -8.87
N ARG E 335 -31.73 18.59 -8.43
CA ARG E 335 -30.60 19.13 -7.77
C ARG E 335 -29.73 19.89 -8.75
N LEU E 336 -29.55 19.39 -9.97
CA LEU E 336 -28.78 20.14 -10.96
C LEU E 336 -29.39 21.50 -11.33
N LEU E 337 -30.72 21.62 -11.39
CA LEU E 337 -31.38 22.87 -11.76
C LEU E 337 -31.19 23.94 -10.69
N GLU E 338 -31.24 23.54 -9.42
CA GLU E 338 -31.04 24.54 -8.35
C GLU E 338 -29.58 25.07 -8.41
N ALA E 339 -28.64 24.14 -8.58
CA ALA E 339 -27.28 24.43 -8.83
C ALA E 339 -27.19 25.41 -9.98
N CYS E 340 -27.80 25.12 -11.11
CA CYS E 340 -27.59 26.02 -12.23
C CYS E 340 -28.28 27.33 -12.07
N THR E 341 -29.07 27.52 -11.04
CA THR E 341 -29.77 28.79 -10.89
C THR E 341 -29.34 29.56 -9.63
N PHE E 342 -28.26 29.12 -9.01
CA PHE E 342 -27.76 29.76 -7.82
C PHE E 342 -27.11 31.14 -8.12
N HIS E 343 -26.11 31.17 -8.99
CA HIS E 343 -25.45 32.42 -9.26
C HIS E 343 -26.34 33.61 -9.62
N LYS E 344 -26.10 34.75 -9.01
CA LYS E 344 -26.82 35.95 -9.42
C LYS E 344 -25.85 36.85 -10.22
N HIS E 345 -26.06 36.95 -11.53
CA HIS E 345 -25.20 37.79 -12.36
C HIS E 345 -25.76 39.16 -12.65
N PRO F 1 3.28 -10.21 38.47
CA PRO F 1 4.20 -11.22 39.01
C PRO F 1 3.71 -11.62 40.38
N ASP F 2 2.39 -11.81 40.51
CA ASP F 2 1.81 -12.34 41.74
C ASP F 2 2.61 -13.63 42.02
N PRO F 3 2.45 -14.22 43.20
CA PRO F 3 3.18 -15.46 43.54
C PRO F 3 3.28 -16.41 42.34
N LEU F 4 4.33 -16.23 41.55
CA LEU F 4 4.52 -16.97 40.32
C LEU F 4 5.74 -17.86 40.42
N GLN F 5 5.99 -18.61 39.35
CA GLN F 5 7.08 -19.58 39.30
C GLN F 5 7.42 -20.02 37.87
N ASP F 6 8.72 -20.04 37.56
CA ASP F 6 9.24 -20.64 36.32
C ASP F 6 9.19 -19.77 35.06
N GLU F 7 10.24 -18.98 34.90
CA GLU F 7 10.46 -18.20 33.69
C GLU F 7 11.53 -18.97 32.85
N CYS F 8 12.10 -20.00 33.45
CA CYS F 8 13.14 -20.80 32.83
C CYS F 8 12.58 -21.85 31.88
N LYS F 9 11.81 -21.42 30.90
CA LYS F 9 11.25 -22.33 29.92
C LYS F 9 12.29 -22.64 28.89
N ALA F 10 12.84 -21.59 28.31
CA ALA F 10 13.84 -21.71 27.28
C ALA F 10 14.84 -20.56 27.41
N VAL F 11 16.10 -20.79 27.03
CA VAL F 11 17.11 -19.73 27.02
C VAL F 11 17.35 -19.20 25.59
N LYS F 12 17.21 -17.89 25.44
CA LYS F 12 17.44 -17.26 24.16
C LYS F 12 18.88 -16.82 24.06
N TRP F 13 19.56 -17.38 23.05
CA TRP F 13 20.93 -17.12 22.75
C TRP F 13 21.16 -16.05 21.66
N CYS F 14 22.11 -15.15 21.87
CA CYS F 14 22.45 -14.18 20.82
C CYS F 14 23.67 -14.58 19.97
N ALA F 15 23.46 -14.68 18.67
CA ALA F 15 24.45 -15.18 17.74
C ALA F 15 24.91 -14.12 16.75
N LEU F 16 26.19 -14.06 16.47
CA LEU F 16 26.64 -13.13 15.46
C LEU F 16 26.39 -13.69 14.04
N GLY F 17 26.40 -12.84 13.03
CA GLY F 17 26.42 -13.29 11.65
C GLY F 17 25.68 -14.56 11.31
N HIS F 18 25.84 -14.99 10.07
CA HIS F 18 25.11 -16.13 9.56
C HIS F 18 25.41 -17.49 10.22
N HIS F 19 26.70 -17.83 10.27
CA HIS F 19 27.16 -19.12 10.76
C HIS F 19 26.76 -19.42 12.17
N GLU F 20 27.04 -18.50 13.08
CA GLU F 20 26.65 -18.68 14.47
C GLU F 20 25.15 -18.90 14.54
N ARG F 21 24.44 -18.29 13.60
CA ARG F 21 22.98 -18.39 13.61
C ARG F 21 22.57 -19.83 13.30
N LEU F 22 23.14 -20.33 12.19
CA LEU F 22 22.92 -21.71 11.78
C LEU F 22 23.21 -22.66 12.91
N LYS F 23 24.37 -22.51 13.54
CA LYS F 23 24.71 -23.40 14.61
C LYS F 23 23.64 -23.31 15.68
N CYS F 24 23.19 -22.09 15.97
CA CYS F 24 22.20 -21.92 17.04
C CYS F 24 20.93 -22.62 16.65
N ASP F 25 20.47 -22.40 15.44
CA ASP F 25 19.25 -23.07 15.02
C ASP F 25 19.34 -24.57 15.26
N GLU F 26 20.44 -25.15 14.79
CA GLU F 26 20.66 -26.56 14.96
C GLU F 26 20.58 -26.94 16.43
N TRP F 27 21.14 -26.11 17.28
CA TRP F 27 21.13 -26.38 18.70
C TRP F 27 19.70 -26.22 19.19
N SER F 28 18.92 -25.36 18.53
CA SER F 28 17.55 -25.20 18.96
C SER F 28 16.80 -26.47 18.68
N VAL F 29 16.62 -26.80 17.42
CA VAL F 29 15.86 -27.98 17.08
C VAL F 29 16.16 -29.10 18.06
N THR F 30 17.40 -29.55 18.05
CA THR F 30 17.82 -30.67 18.89
C THR F 30 17.52 -30.59 20.37
N SER F 31 17.42 -29.40 20.93
CA SER F 31 17.13 -29.31 22.36
C SER F 31 15.63 -29.47 22.62
N GLY F 32 14.85 -29.29 21.57
CA GLY F 32 13.41 -29.32 21.70
C GLY F 32 13.06 -27.96 22.27
N GLY F 33 13.63 -26.93 21.64
CA GLY F 33 13.35 -25.56 22.00
C GLY F 33 13.78 -25.08 23.39
N LEU F 34 14.72 -25.75 24.03
CA LEU F 34 15.24 -25.20 25.29
C LEU F 34 16.14 -24.02 25.00
N ILE F 35 16.66 -23.96 23.78
CA ILE F 35 17.52 -22.87 23.41
C ILE F 35 16.90 -22.15 22.24
N GLU F 36 16.76 -20.85 22.41
CA GLU F 36 16.14 -20.02 21.41
C GLU F 36 17.23 -19.11 20.84
N CYS F 37 17.10 -18.76 19.57
CA CYS F 37 18.12 -18.00 18.89
C CYS F 37 17.75 -16.58 18.44
N GLU F 38 18.50 -15.59 18.86
CA GLU F 38 18.33 -14.25 18.35
C GLU F 38 19.64 -13.91 17.65
N SER F 39 19.63 -13.03 16.66
CA SER F 39 20.89 -12.71 15.98
C SER F 39 21.19 -11.23 15.82
N ALA F 40 22.47 -10.93 15.66
CA ALA F 40 22.94 -9.57 15.45
C ALA F 40 24.24 -9.65 14.72
N GLU F 41 24.69 -8.52 14.24
CA GLU F 41 25.84 -8.45 13.37
C GLU F 41 27.07 -8.09 14.13
N THR F 42 26.93 -7.67 15.38
CA THR F 42 28.12 -7.36 16.15
C THR F 42 28.01 -7.79 17.57
N PRO F 43 29.13 -7.94 18.23
CA PRO F 43 29.15 -8.35 19.61
C PRO F 43 28.37 -7.30 20.41
N GLU F 44 28.68 -6.02 20.21
CA GLU F 44 28.00 -4.92 20.94
C GLU F 44 26.49 -4.94 20.75
N ASP F 45 26.07 -5.23 19.56
CA ASP F 45 24.68 -5.30 19.37
C ASP F 45 24.16 -6.47 20.12
N CYS F 46 24.92 -7.56 20.21
CA CYS F 46 24.35 -8.70 20.94
C CYS F 46 24.19 -8.39 22.43
N ILE F 47 25.14 -7.65 22.99
CA ILE F 47 25.14 -7.30 24.38
C ILE F 47 23.93 -6.36 24.67
N ALA F 48 23.63 -5.51 23.69
CA ALA F 48 22.53 -4.59 23.78
C ALA F 48 21.24 -5.36 23.81
N LYS F 49 21.11 -6.33 22.90
CA LYS F 49 19.91 -7.16 22.91
C LYS F 49 19.65 -7.84 24.26
N ILE F 50 20.71 -8.29 24.91
CA ILE F 50 20.61 -8.98 26.20
C ILE F 50 20.29 -8.00 27.33
N MET F 51 20.86 -6.78 27.25
CA MET F 51 20.63 -5.69 28.21
C MET F 51 19.15 -5.32 28.29
N ASN F 52 18.53 -5.30 27.14
CA ASN F 52 17.18 -4.96 27.04
C ASN F 52 16.28 -6.20 26.76
N GLY F 53 16.73 -7.36 27.21
CA GLY F 53 15.96 -8.60 27.17
C GLY F 53 15.45 -9.09 25.83
N GLU F 54 15.96 -8.51 24.77
CA GLU F 54 15.72 -9.09 23.48
C GLU F 54 16.41 -10.42 23.32
N ALA F 55 17.48 -10.67 24.09
CA ALA F 55 18.05 -12.01 24.27
C ALA F 55 18.54 -12.18 25.68
N ASP F 56 19.00 -13.40 26.01
CA ASP F 56 19.41 -13.73 27.38
C ASP F 56 20.86 -14.08 27.60
N ALA F 57 21.49 -14.68 26.61
CA ALA F 57 22.84 -15.17 26.83
C ALA F 57 23.68 -15.36 25.59
N MET F 58 25.01 -15.22 25.79
CA MET F 58 26.01 -15.42 24.74
C MET F 58 27.36 -15.65 25.42
N SER F 59 28.32 -16.25 24.72
CA SER F 59 29.64 -16.41 25.32
C SER F 59 30.54 -15.35 24.76
N LEU F 60 31.48 -14.88 25.56
CA LEU F 60 32.32 -13.76 25.17
C LEU F 60 33.77 -13.77 25.63
N ASP F 61 34.64 -13.21 24.81
CA ASP F 61 36.00 -13.08 25.21
C ASP F 61 36.03 -12.04 26.35
N GLY F 62 37.02 -12.18 27.20
CA GLY F 62 37.24 -11.33 28.30
C GLY F 62 37.13 -9.87 28.00
N GLY F 63 37.65 -9.43 26.88
CA GLY F 63 37.59 -8.01 26.58
C GLY F 63 36.14 -7.55 26.48
N TYR F 64 35.26 -8.35 25.90
CA TYR F 64 33.88 -8.01 25.68
C TYR F 64 33.11 -8.25 26.98
N VAL F 65 33.67 -9.08 27.87
CA VAL F 65 33.06 -9.37 29.14
C VAL F 65 33.16 -8.09 29.95
N TYR F 66 34.24 -7.35 29.74
CA TYR F 66 34.43 -6.07 30.44
C TYR F 66 33.35 -5.10 30.03
N ILE F 67 33.18 -4.97 28.72
CA ILE F 67 32.14 -4.09 28.26
C ILE F 67 30.78 -4.56 28.81
N ALA F 68 30.52 -5.84 28.73
CA ALA F 68 29.26 -6.34 29.18
C ALA F 68 29.03 -5.99 30.65
N GLY F 69 30.08 -6.02 31.44
CA GLY F 69 29.94 -5.73 32.82
C GLY F 69 29.70 -4.27 33.10
N GLN F 70 30.35 -3.40 32.35
CA GLN F 70 30.14 -2.00 32.57
C GLN F 70 28.69 -1.74 32.20
N CYS F 71 28.14 -2.56 31.31
CA CYS F 71 26.77 -2.42 30.89
C CYS F 71 25.81 -3.20 31.75
N GLY F 72 26.23 -3.61 32.94
CA GLY F 72 25.37 -4.31 33.87
C GLY F 72 25.11 -5.80 33.80
N LEU F 73 25.67 -6.51 32.81
CA LEU F 73 25.54 -7.96 32.77
C LEU F 73 26.52 -8.62 33.71
N VAL F 74 26.25 -9.89 33.94
CA VAL F 74 27.08 -10.64 34.84
C VAL F 74 27.55 -11.91 34.16
N PRO F 75 28.68 -12.37 34.61
CA PRO F 75 29.18 -13.63 34.12
C PRO F 75 28.42 -14.70 34.85
N VAL F 76 28.16 -15.80 34.16
CA VAL F 76 27.43 -16.93 34.72
C VAL F 76 28.30 -18.22 34.78
N LEU F 77 28.80 -18.64 33.63
CA LEU F 77 29.68 -19.78 33.52
C LEU F 77 30.89 -19.48 32.65
N ALA F 78 32.05 -20.00 33.07
CA ALA F 78 33.28 -19.89 32.28
C ALA F 78 33.55 -21.07 31.40
N GLU F 79 34.21 -20.81 30.28
CA GLU F 79 34.77 -21.80 29.35
C GLU F 79 36.09 -22.26 29.97
N ASN F 80 36.28 -23.57 30.18
CA ASN F 80 37.55 -24.12 30.69
C ASN F 80 38.20 -24.88 29.51
N TYR F 81 39.49 -24.65 29.33
CA TYR F 81 40.20 -25.26 28.17
C TYR F 81 41.17 -26.42 28.49
N GLU F 82 41.59 -26.48 29.74
CA GLU F 82 42.62 -27.41 30.17
C GLU F 82 42.11 -28.79 30.61
N SER F 83 40.89 -28.92 31.11
CA SER F 83 40.46 -30.21 31.62
C SER F 83 39.05 -30.60 31.22
N THR F 84 38.77 -31.89 31.17
CA THR F 84 37.43 -32.35 30.79
C THR F 84 36.58 -32.54 32.03
N ASP F 85 37.15 -32.30 33.19
CA ASP F 85 36.37 -32.45 34.40
C ASP F 85 35.67 -31.12 34.72
N CYS F 86 34.42 -31.06 34.26
CA CYS F 86 33.59 -29.86 34.40
C CYS F 86 33.32 -29.39 35.84
N LYS F 87 33.86 -30.04 36.86
CA LYS F 87 33.63 -29.55 38.21
C LYS F 87 34.84 -28.75 38.64
N LYS F 88 35.83 -28.65 37.76
CA LYS F 88 37.01 -27.88 38.11
C LYS F 88 36.65 -26.39 38.15
N ALA F 89 37.37 -25.64 38.98
CA ALA F 89 37.27 -24.20 39.04
C ALA F 89 37.76 -23.62 37.71
N PRO F 90 37.46 -22.36 37.45
CA PRO F 90 37.87 -21.78 36.18
C PRO F 90 39.36 -21.64 36.21
N GLU F 91 39.98 -21.87 35.08
CA GLU F 91 41.42 -21.75 34.97
C GLU F 91 41.95 -20.34 35.25
N GLU F 92 43.22 -20.14 35.42
CA GLU F 92 43.67 -18.77 35.63
C GLU F 92 43.63 -18.00 34.31
N GLY F 93 43.47 -18.68 33.20
CA GLY F 93 43.43 -18.05 31.91
C GLY F 93 44.38 -18.59 30.84
N TYR F 94 44.05 -18.25 29.60
CA TYR F 94 44.88 -18.61 28.50
C TYR F 94 46.01 -17.67 28.18
N LEU F 95 47.01 -18.21 27.46
CA LEU F 95 48.22 -17.47 27.12
C LEU F 95 48.02 -16.70 25.87
N SER F 96 48.51 -15.50 25.95
CA SER F 96 48.40 -14.51 24.91
C SER F 96 49.75 -14.25 24.28
N VAL F 97 49.88 -14.49 22.99
CA VAL F 97 51.21 -14.38 22.43
C VAL F 97 51.25 -13.53 21.21
N ALA F 98 52.45 -13.24 20.75
CA ALA F 98 52.64 -12.56 19.46
C ALA F 98 53.45 -13.49 18.53
N VAL F 99 52.90 -13.80 17.38
CA VAL F 99 53.48 -14.72 16.46
C VAL F 99 53.93 -14.14 15.17
N VAL F 100 55.13 -14.53 14.73
CA VAL F 100 55.68 -14.10 13.43
C VAL F 100 56.17 -15.27 12.63
N LYS F 101 56.53 -14.99 11.40
CA LYS F 101 57.05 -15.97 10.46
C LYS F 101 58.52 -16.10 10.73
N LYS F 102 59.00 -17.34 10.61
CA LYS F 102 60.42 -17.63 10.78
C LYS F 102 61.11 -17.02 9.57
N SER F 103 60.43 -17.06 8.44
CA SER F 103 60.94 -16.40 7.26
C SER F 103 61.49 -15.00 7.56
N ASN F 104 60.71 -14.20 8.23
CA ASN F 104 61.09 -12.84 8.52
C ASN F 104 62.18 -12.61 9.57
N PRO F 105 63.42 -12.39 9.19
CA PRO F 105 64.49 -12.29 10.19
C PRO F 105 64.52 -11.09 11.12
N ASP F 106 63.94 -9.96 10.75
CA ASP F 106 64.21 -8.74 11.51
C ASP F 106 63.22 -8.32 12.63
N ILE F 107 61.95 -8.60 12.45
CA ILE F 107 60.94 -8.26 13.43
C ILE F 107 61.19 -8.80 14.85
N ASN F 108 60.91 -7.95 15.83
CA ASN F 108 60.98 -8.30 17.23
C ASN F 108 60.08 -7.36 18.07
N TRP F 109 59.97 -7.60 19.37
CA TRP F 109 59.03 -6.83 20.19
C TRP F 109 59.32 -5.34 20.09
N ASN F 110 60.58 -4.98 20.21
CA ASN F 110 61.04 -3.62 20.16
C ASN F 110 61.12 -3.07 18.77
N ASN F 111 60.52 -3.75 17.81
CA ASN F 111 60.62 -3.33 16.44
C ASN F 111 59.31 -3.11 15.75
N LEU F 112 58.21 -3.21 16.47
CA LEU F 112 56.93 -3.23 15.79
C LEU F 112 56.59 -1.98 15.02
N GLU F 113 57.10 -0.85 15.47
CA GLU F 113 56.72 0.41 14.88
C GLU F 113 56.91 0.30 13.38
N GLY F 114 55.87 0.46 12.57
CA GLY F 114 56.06 0.36 11.13
C GLY F 114 55.56 -0.91 10.50
N LYS F 115 55.49 -2.01 11.23
CA LYS F 115 55.14 -3.27 10.58
C LYS F 115 53.67 -3.47 10.32
N LYS F 116 53.31 -4.63 9.80
CA LYS F 116 51.95 -4.96 9.49
C LYS F 116 51.37 -5.96 10.51
N SER F 117 50.21 -5.61 11.09
CA SER F 117 49.69 -6.38 12.21
C SER F 117 48.37 -7.01 11.93
N CYS F 118 48.08 -8.07 12.68
CA CYS F 118 46.86 -8.87 12.56
C CYS F 118 46.30 -9.13 13.94
N HIS F 119 45.00 -8.86 14.09
CA HIS F 119 44.36 -8.87 15.38
C HIS F 119 43.06 -9.62 15.28
N THR F 120 42.69 -10.34 16.33
CA THR F 120 41.46 -11.11 16.32
C THR F 120 40.28 -10.17 16.01
N ALA F 121 40.31 -9.03 16.69
CA ALA F 121 39.30 -7.96 16.65
C ALA F 121 39.66 -6.92 17.69
N VAL F 122 39.15 -5.72 17.50
CA VAL F 122 39.36 -4.68 18.48
C VAL F 122 38.51 -5.04 19.66
N ASP F 123 39.07 -4.76 20.81
CA ASP F 123 38.46 -4.99 22.09
C ASP F 123 38.60 -6.42 22.67
N ARG F 124 39.14 -7.38 21.89
CA ARG F 124 39.39 -8.71 22.39
C ARG F 124 40.67 -8.78 23.18
N THR F 125 40.78 -9.76 24.04
CA THR F 125 41.93 -9.80 24.92
C THR F 125 43.28 -10.05 24.24
N ALA F 126 43.37 -11.15 23.51
CA ALA F 126 44.65 -11.51 22.91
C ALA F 126 44.90 -10.67 21.67
N GLY F 127 43.84 -10.30 20.97
CA GLY F 127 44.06 -9.52 19.78
C GLY F 127 44.28 -8.01 19.97
N TRP F 128 44.00 -7.48 21.15
CA TRP F 128 43.96 -6.04 21.28
C TRP F 128 44.31 -5.55 22.63
N ASN F 129 43.49 -5.88 23.61
CA ASN F 129 43.74 -5.33 24.91
C ASN F 129 45.08 -5.64 25.39
N ILE F 130 45.51 -6.88 25.36
CA ILE F 130 46.85 -7.15 25.93
C ILE F 130 47.98 -6.49 25.18
N PRO F 131 48.05 -6.72 23.88
CA PRO F 131 49.15 -6.17 23.09
C PRO F 131 49.00 -4.65 23.00
N MET F 132 47.80 -4.13 22.71
CA MET F 132 47.72 -2.65 22.56
C MET F 132 48.04 -1.93 23.86
N GLY F 133 47.55 -2.43 24.98
CA GLY F 133 47.87 -1.79 26.21
C GLY F 133 49.33 -1.85 26.57
N LEU F 134 50.02 -2.87 26.13
CA LEU F 134 51.40 -2.98 26.54
C LEU F 134 52.21 -2.06 25.62
N LEU F 135 51.73 -1.84 24.40
CA LEU F 135 52.37 -0.90 23.51
C LEU F 135 52.08 0.53 23.87
N TYR F 136 50.86 0.75 24.36
CA TYR F 136 50.42 2.06 24.75
C TYR F 136 51.34 2.58 25.81
N ASN F 137 51.61 1.73 26.81
CA ASN F 137 52.49 2.12 27.91
C ASN F 137 53.89 2.47 27.39
N ARG F 138 54.08 2.39 26.08
CA ARG F 138 55.37 2.65 25.49
C ARG F 138 55.32 3.88 24.62
N ILE F 139 54.25 4.05 23.86
CA ILE F 139 54.17 5.16 22.95
C ILE F 139 53.33 6.33 23.52
N ASN F 140 52.69 6.06 24.65
CA ASN F 140 51.86 7.03 25.34
C ASN F 140 50.95 7.94 24.52
N HIS F 141 50.42 7.42 23.42
CA HIS F 141 49.36 8.07 22.66
C HIS F 141 48.45 6.94 22.14
N CYS F 142 47.39 7.26 21.40
CA CYS F 142 46.40 6.24 21.00
C CYS F 142 46.20 6.04 19.50
N ARG F 143 47.12 6.49 18.68
CA ARG F 143 46.91 6.32 17.26
C ARG F 143 47.63 5.06 16.81
N PHE F 144 47.14 3.92 17.29
CA PHE F 144 47.75 2.65 16.96
C PHE F 144 47.81 2.46 15.46
N ASP F 145 46.90 3.12 14.76
CA ASP F 145 46.83 3.01 13.31
C ASP F 145 47.91 3.84 12.64
N GLU F 146 48.76 4.43 13.45
CA GLU F 146 49.88 5.21 12.97
C GLU F 146 51.18 4.60 13.45
N PHE F 147 51.08 3.69 14.39
CA PHE F 147 52.23 2.97 14.90
C PHE F 147 52.48 1.85 13.94
N PHE F 148 51.45 1.13 13.59
CA PHE F 148 51.63 0.06 12.63
C PHE F 148 51.38 0.81 11.39
N ARG F 149 51.90 0.32 10.28
CA ARG F 149 51.78 0.94 9.00
C ARG F 149 50.49 0.54 8.40
N GLN F 150 50.06 -0.66 8.71
CA GLN F 150 48.89 -1.16 8.08
C GLN F 150 48.43 -2.35 8.87
N GLY F 151 47.15 -2.75 8.74
CA GLY F 151 46.66 -3.87 9.49
C GLY F 151 45.28 -4.41 9.18
N CYS F 152 44.90 -5.44 9.95
CA CYS F 152 43.55 -5.94 9.95
C CYS F 152 43.10 -6.23 11.40
N ALA F 153 42.44 -5.26 11.99
CA ALA F 153 41.91 -5.32 13.32
C ALA F 153 40.44 -5.12 13.19
N PRO F 154 39.70 -6.16 12.85
CA PRO F 154 38.27 -6.08 12.69
C PRO F 154 37.59 -5.27 13.78
N GLY F 155 36.54 -4.55 13.39
CA GLY F 155 35.84 -3.66 14.29
C GLY F 155 36.48 -2.27 14.32
N SER F 156 37.53 -2.07 13.54
CA SER F 156 38.09 -0.75 13.48
C SER F 156 37.37 0.10 12.42
N GLN F 157 37.65 1.39 12.41
CA GLN F 157 37.09 2.28 11.38
C GLN F 157 37.36 1.88 9.95
N LYS F 158 36.30 1.60 9.21
CA LYS F 158 36.40 1.16 7.83
C LYS F 158 37.58 1.73 7.01
N ASN F 159 38.01 2.96 7.29
CA ASN F 159 39.05 3.59 6.47
C ASN F 159 40.34 3.92 7.17
N SER F 160 40.61 3.32 8.31
CA SER F 160 41.92 3.48 8.92
C SER F 160 42.86 2.47 8.29
N SER F 161 44.13 2.65 8.60
CA SER F 161 45.18 1.73 8.20
C SER F 161 44.81 0.32 8.64
N LEU F 162 44.37 0.21 9.90
CA LEU F 162 44.03 -1.05 10.51
C LEU F 162 42.91 -1.75 9.88
N CYS F 163 42.46 -1.33 8.72
CA CYS F 163 41.47 -2.16 8.08
C CYS F 163 41.98 -2.49 6.74
N GLU F 164 43.17 -2.05 6.45
CA GLU F 164 43.65 -2.24 5.10
C GLU F 164 44.01 -3.68 4.75
N LEU F 165 44.28 -4.57 5.71
CA LEU F 165 44.56 -5.96 5.35
C LEU F 165 43.37 -6.89 5.32
N CYS F 166 42.22 -6.40 5.79
CA CYS F 166 41.06 -7.29 5.93
C CYS F 166 40.55 -7.77 4.60
N VAL F 167 39.70 -8.77 4.60
CA VAL F 167 39.29 -9.31 3.32
C VAL F 167 37.87 -9.76 3.28
N GLY F 168 37.44 -10.50 4.29
CA GLY F 168 36.12 -11.12 4.33
C GLY F 168 35.14 -10.32 3.60
N PRO F 169 34.13 -10.95 3.04
CA PRO F 169 33.13 -10.21 2.29
C PRO F 169 32.88 -8.87 2.99
N SER F 170 32.33 -8.91 4.18
CA SER F 170 32.11 -7.69 4.90
C SER F 170 33.46 -7.24 5.40
N VAL F 171 34.05 -6.29 4.71
CA VAL F 171 35.35 -5.86 5.05
C VAL F 171 35.48 -5.13 6.36
N CYS F 172 36.12 -5.83 7.28
CA CYS F 172 36.56 -5.28 8.51
C CYS F 172 35.55 -5.40 9.57
N ALA F 173 34.50 -6.18 9.32
CA ALA F 173 33.47 -6.37 10.32
C ALA F 173 33.99 -7.14 11.52
N PRO F 174 33.45 -6.88 12.71
CA PRO F 174 33.82 -7.67 13.86
C PRO F 174 33.03 -8.93 13.91
N ASN F 175 33.03 -9.71 12.84
CA ASN F 175 32.37 -11.00 12.86
C ASN F 175 32.94 -11.92 11.79
N ASN F 176 32.33 -13.06 11.63
CA ASN F 176 32.79 -14.07 10.70
C ASN F 176 32.73 -13.68 9.23
N ARG F 177 31.99 -12.65 8.92
CA ARG F 177 31.93 -12.23 7.54
C ARG F 177 33.19 -11.48 7.17
N GLU F 178 34.10 -11.38 8.11
CA GLU F 178 35.44 -10.92 7.79
C GLU F 178 36.36 -12.15 7.95
N GLY F 179 37.10 -12.45 6.91
CA GLY F 179 37.91 -13.63 6.88
C GLY F 179 38.94 -13.68 7.96
N TYR F 180 39.57 -12.55 8.23
CA TYR F 180 40.65 -12.44 9.16
C TYR F 180 40.21 -12.14 10.56
N TYR F 181 38.95 -12.49 10.84
CA TYR F 181 38.35 -12.29 12.16
C TYR F 181 38.55 -13.49 13.09
N GLY F 182 38.93 -13.23 14.34
CA GLY F 182 39.08 -14.29 15.32
C GLY F 182 40.49 -14.82 15.44
N TYR F 183 40.67 -15.82 16.30
CA TYR F 183 41.99 -16.46 16.52
C TYR F 183 42.62 -17.05 15.19
N THR F 184 41.80 -17.85 14.52
CA THR F 184 42.13 -18.35 13.23
C THR F 184 42.31 -17.26 12.18
N GLY F 185 41.35 -16.34 12.06
CA GLY F 185 41.42 -15.31 11.01
C GLY F 185 42.71 -14.53 11.15
N ALA F 186 43.11 -14.29 12.38
CA ALA F 186 44.29 -13.46 12.58
C ALA F 186 45.49 -14.25 12.21
N PHE F 187 45.40 -15.58 12.33
CA PHE F 187 46.55 -16.38 11.98
C PHE F 187 46.72 -16.37 10.46
N ARG F 188 45.66 -16.66 9.76
CA ARG F 188 45.65 -16.60 8.31
C ARG F 188 46.14 -15.22 7.86
N CYS F 189 45.61 -14.20 8.46
CA CYS F 189 46.09 -12.87 8.11
C CYS F 189 47.60 -12.85 8.16
N LEU F 190 48.18 -13.51 9.16
CA LEU F 190 49.63 -13.55 9.33
C LEU F 190 50.28 -14.33 8.20
N VAL F 191 49.62 -15.39 7.83
CA VAL F 191 50.17 -16.26 6.87
C VAL F 191 50.27 -15.58 5.54
N GLU F 192 49.24 -14.78 5.23
CA GLU F 192 49.04 -14.19 3.91
C GLU F 192 49.47 -12.76 3.66
N LYS F 193 49.40 -11.91 4.68
CA LYS F 193 49.78 -10.51 4.51
C LYS F 193 50.46 -9.82 5.69
N GLY F 194 50.27 -10.26 6.93
CA GLY F 194 50.88 -9.50 8.00
C GLY F 194 52.26 -9.92 8.44
N ASP F 195 52.91 -9.13 9.28
CA ASP F 195 54.14 -9.47 9.93
C ASP F 195 53.95 -9.96 11.35
N VAL F 196 52.82 -9.63 12.00
CA VAL F 196 52.63 -10.06 13.38
C VAL F 196 51.21 -10.38 13.61
N ALA F 197 50.94 -11.43 14.36
CA ALA F 197 49.55 -11.73 14.68
C ALA F 197 49.45 -11.79 16.18
N PHE F 198 48.39 -11.23 16.77
CA PHE F 198 48.17 -11.30 18.23
C PHE F 198 47.03 -12.25 18.45
N VAL F 199 47.32 -13.38 19.09
CA VAL F 199 46.35 -14.45 19.24
C VAL F 199 46.63 -15.22 20.44
N LYS F 200 45.88 -16.26 20.67
CA LYS F 200 46.14 -17.12 21.84
C LYS F 200 47.27 -18.07 21.51
N SER F 201 47.93 -18.58 22.54
CA SER F 201 49.06 -19.48 22.40
C SER F 201 48.74 -20.75 21.67
N GLN F 202 47.59 -21.36 21.87
CA GLN F 202 47.30 -22.60 21.14
C GLN F 202 46.98 -22.44 19.64
N THR F 203 47.03 -21.23 19.15
CA THR F 203 46.56 -20.99 17.80
C THR F 203 47.39 -21.64 16.72
N VAL F 204 48.71 -21.56 16.85
CA VAL F 204 49.59 -22.12 15.84
C VAL F 204 49.34 -23.62 15.70
N LEU F 205 49.33 -24.33 16.79
CA LEU F 205 49.10 -25.73 16.79
C LEU F 205 47.77 -26.05 16.23
N GLN F 206 46.74 -25.27 16.50
CA GLN F 206 45.43 -25.68 16.02
C GLN F 206 45.32 -25.48 14.52
N ASN F 207 46.27 -24.77 13.95
CA ASN F 207 46.19 -24.48 12.53
C ASN F 207 47.36 -24.93 11.69
N THR F 208 48.27 -25.71 12.28
CA THR F 208 49.36 -26.30 11.52
C THR F 208 49.23 -27.81 11.59
N GLY F 209 50.06 -28.54 10.85
CA GLY F 209 50.12 -30.01 10.87
C GLY F 209 48.95 -30.73 10.25
N GLY F 210 48.34 -30.09 9.26
CA GLY F 210 47.08 -30.56 8.74
C GLY F 210 45.91 -30.56 9.70
N ARG F 211 46.09 -30.09 10.92
CA ARG F 211 44.93 -30.02 11.84
C ARG F 211 43.83 -29.07 11.30
N ASN F 212 44.25 -28.05 10.57
CA ASN F 212 43.37 -27.19 9.79
C ASN F 212 43.51 -27.51 8.27
N SER F 213 42.43 -28.00 7.68
CA SER F 213 42.45 -28.49 6.32
C SER F 213 42.13 -27.47 5.22
N GLU F 214 42.02 -26.21 5.57
CA GLU F 214 41.76 -25.23 4.53
C GLU F 214 43.04 -25.10 3.69
N PRO F 215 42.87 -24.87 2.40
CA PRO F 215 43.98 -24.66 1.50
C PRO F 215 45.13 -23.86 2.09
N TRP F 216 44.82 -22.73 2.74
CA TRP F 216 45.84 -21.81 3.23
C TRP F 216 46.66 -22.39 4.37
N ALA F 217 46.11 -23.35 5.10
CA ALA F 217 46.79 -23.89 6.27
C ALA F 217 47.18 -25.37 6.26
N LYS F 218 46.76 -26.12 5.24
CA LYS F 218 46.98 -27.56 5.20
C LYS F 218 48.43 -27.97 5.24
N ASP F 219 49.32 -27.21 4.60
CA ASP F 219 50.74 -27.55 4.56
C ASP F 219 51.62 -26.75 5.50
N LEU F 220 51.02 -25.98 6.36
CA LEU F 220 51.77 -25.14 7.27
C LEU F 220 52.41 -25.94 8.36
N LYS F 221 53.56 -25.48 8.78
CA LYS F 221 54.29 -26.17 9.82
C LYS F 221 54.65 -25.28 11.00
N GLU F 222 54.35 -25.82 12.16
CA GLU F 222 54.63 -25.22 13.42
C GLU F 222 56.00 -24.62 13.43
N GLU F 223 56.89 -25.20 12.67
CA GLU F 223 58.28 -24.75 12.72
C GLU F 223 58.50 -23.51 11.89
N ASP F 224 57.52 -23.17 11.07
CA ASP F 224 57.62 -21.97 10.26
C ASP F 224 57.37 -20.67 11.05
N PHE F 225 57.07 -20.74 12.36
CA PHE F 225 56.66 -19.57 13.14
C PHE F 225 57.44 -19.41 14.43
N GLU F 226 57.52 -18.16 14.93
CA GLU F 226 58.12 -17.94 16.24
C GLU F 226 57.24 -17.00 17.04
N LEU F 227 57.57 -16.82 18.30
CA LEU F 227 56.85 -15.92 19.16
C LEU F 227 57.75 -14.73 19.48
N LEU F 228 57.16 -13.59 19.81
CA LEU F 228 57.96 -12.44 20.26
C LEU F 228 57.93 -12.42 21.75
N CYS F 229 59.10 -12.43 22.39
CA CYS F 229 59.16 -12.33 23.83
C CYS F 229 59.31 -10.87 24.21
N LEU F 230 58.83 -10.53 25.40
CA LEU F 230 58.88 -9.16 25.83
C LEU F 230 60.29 -8.67 25.88
N ASP F 231 61.25 -9.53 26.18
CA ASP F 231 62.64 -9.09 26.28
C ASP F 231 63.32 -8.89 24.93
N GLY F 232 62.59 -8.96 23.82
CA GLY F 232 63.23 -8.67 22.56
C GLY F 232 63.66 -9.90 21.77
N THR F 233 63.77 -11.04 22.43
CA THR F 233 64.15 -12.29 21.73
C THR F 233 63.00 -12.97 20.99
N ARG F 234 63.31 -14.07 20.33
CA ARG F 234 62.33 -14.89 19.65
C ARG F 234 62.53 -16.35 20.06
N LYS F 235 61.43 -17.10 20.07
CA LYS F 235 61.45 -18.45 20.51
C LYS F 235 60.48 -19.25 19.70
N PRO F 236 60.67 -20.56 19.68
CA PRO F 236 59.74 -21.42 19.02
C PRO F 236 58.45 -21.36 19.76
N VAL F 237 57.42 -21.66 19.00
CA VAL F 237 56.05 -21.69 19.46
C VAL F 237 55.78 -22.66 20.54
N SER F 238 56.61 -23.65 20.70
CA SER F 238 56.42 -24.64 21.72
C SER F 238 56.81 -24.06 23.07
N GLU F 239 57.29 -22.82 23.05
CA GLU F 239 57.78 -22.14 24.25
C GLU F 239 56.88 -20.98 24.81
N ALA F 240 55.64 -20.89 24.37
CA ALA F 240 54.75 -19.84 24.86
C ALA F 240 54.92 -19.63 26.35
N HIS F 241 54.90 -20.74 27.06
CA HIS F 241 54.98 -20.71 28.49
C HIS F 241 56.03 -19.77 28.99
N ASN F 242 57.14 -19.67 28.31
CA ASN F 242 58.21 -18.78 28.73
C ASN F 242 58.31 -17.63 27.77
N CYS F 243 57.34 -17.45 26.91
CA CYS F 243 57.47 -16.39 25.93
C CYS F 243 56.11 -15.95 25.51
N HIS F 244 55.38 -15.40 26.46
CA HIS F 244 54.05 -14.85 26.21
C HIS F 244 53.93 -13.40 26.74
N LEU F 245 52.90 -12.70 26.27
CA LEU F 245 52.66 -11.29 26.62
C LEU F 245 52.01 -11.22 27.99
N ALA F 246 50.94 -12.00 28.17
CA ALA F 246 50.26 -12.07 29.46
C ALA F 246 49.23 -13.19 29.48
N LYS F 247 48.60 -13.34 30.64
CA LYS F 247 47.51 -14.29 30.78
C LYS F 247 46.24 -13.51 30.57
N ALA F 248 45.24 -14.18 30.10
CA ALA F 248 43.99 -13.68 29.63
C ALA F 248 42.90 -14.55 30.23
N PRO F 249 41.93 -13.92 30.89
CA PRO F 249 40.85 -14.68 31.51
C PRO F 249 40.10 -15.42 30.48
N ASN F 250 39.59 -16.59 30.82
CA ASN F 250 38.86 -17.39 29.86
C ASN F 250 37.60 -16.72 29.38
N HIS F 251 37.13 -17.12 28.22
CA HIS F 251 35.87 -16.56 27.73
C HIS F 251 34.85 -17.02 28.73
N ALA F 252 33.76 -16.26 28.88
CA ALA F 252 32.72 -16.54 29.87
C ALA F 252 31.39 -16.22 29.28
N VAL F 253 30.37 -16.92 29.74
CA VAL F 253 28.99 -16.69 29.36
C VAL F 253 28.39 -15.57 30.23
N VAL F 254 27.66 -14.66 29.59
CA VAL F 254 27.06 -13.56 30.31
C VAL F 254 25.58 -13.56 30.10
N SER F 255 24.89 -12.95 31.06
CA SER F 255 23.43 -12.70 31.07
C SER F 255 23.11 -11.49 31.97
N ARG F 256 21.82 -11.29 32.22
CA ARG F 256 21.40 -10.27 33.22
C ARG F 256 21.21 -10.95 34.55
N LYS F 257 21.34 -10.20 35.63
CA LYS F 257 21.06 -10.75 36.97
C LYS F 257 19.73 -11.46 36.94
N ASP F 258 18.70 -10.85 36.37
CA ASP F 258 17.43 -11.51 36.53
C ASP F 258 17.57 -12.94 36.09
N LYS F 259 18.14 -13.20 34.91
CA LYS F 259 18.16 -14.57 34.36
C LYS F 259 19.43 -15.45 34.54
N ALA F 260 20.38 -15.03 35.36
CA ALA F 260 21.63 -15.76 35.48
C ALA F 260 21.42 -17.24 35.82
N ALA F 261 20.69 -17.49 36.89
CA ALA F 261 20.37 -18.85 37.34
C ALA F 261 19.73 -19.68 36.24
N CYS F 262 18.63 -19.21 35.73
CA CYS F 262 17.99 -19.96 34.68
C CYS F 262 19.09 -20.39 33.72
N VAL F 263 19.85 -19.43 33.23
CA VAL F 263 20.86 -19.63 32.20
C VAL F 263 21.88 -20.69 32.55
N LYS F 264 22.42 -20.56 33.75
CA LYS F 264 23.33 -21.52 34.28
C LYS F 264 22.73 -22.93 34.10
N GLN F 265 21.87 -23.31 35.03
CA GLN F 265 21.18 -24.57 35.04
C GLN F 265 20.91 -25.18 33.64
N LYS F 266 20.31 -24.43 32.73
CA LYS F 266 20.04 -25.00 31.41
C LYS F 266 21.35 -25.28 30.66
N LEU F 267 22.39 -24.51 30.93
CA LEU F 267 23.65 -24.75 30.23
C LEU F 267 24.28 -25.98 30.85
N LEU F 268 24.39 -26.01 32.17
CA LEU F 268 24.97 -27.18 32.82
C LEU F 268 24.25 -28.47 32.36
N ASP F 269 22.94 -28.42 32.30
CA ASP F 269 22.21 -29.59 31.83
C ASP F 269 22.55 -29.88 30.38
N LEU F 270 22.48 -28.88 29.53
CA LEU F 270 22.65 -29.17 28.11
C LEU F 270 24.04 -29.75 27.85
N GLN F 271 24.99 -29.33 28.66
CA GLN F 271 26.35 -29.82 28.56
C GLN F 271 26.44 -31.34 28.73
N VAL F 272 25.55 -31.88 29.56
CA VAL F 272 25.51 -33.30 29.86
C VAL F 272 25.27 -34.11 28.60
N GLU F 273 24.46 -33.62 27.68
CA GLU F 273 24.21 -34.39 26.47
C GLU F 273 24.91 -33.84 25.25
N PHE F 274 25.58 -32.72 25.37
CA PHE F 274 26.09 -32.10 24.15
C PHE F 274 27.51 -31.58 24.27
N GLY F 275 28.14 -31.82 25.43
CA GLY F 275 29.52 -31.41 25.67
C GLY F 275 30.60 -32.40 25.25
N ASN F 276 31.77 -32.30 25.87
CA ASN F 276 32.91 -33.14 25.49
C ASN F 276 32.54 -34.62 25.24
N THR F 277 31.78 -35.19 26.17
CA THR F 277 31.22 -36.56 26.12
C THR F 277 30.73 -37.12 24.76
N VAL F 278 30.07 -36.33 23.93
CA VAL F 278 29.65 -36.78 22.61
C VAL F 278 30.82 -37.38 21.83
N ALA F 279 30.79 -38.69 21.56
CA ALA F 279 31.96 -39.32 20.92
C ALA F 279 32.11 -38.94 19.48
N ASP F 280 30.99 -38.81 18.79
CA ASP F 280 31.08 -38.37 17.41
C ASP F 280 30.25 -37.10 17.22
N CYS F 281 30.82 -36.08 16.60
CA CYS F 281 30.09 -34.83 16.42
C CYS F 281 29.38 -34.69 15.08
N SER F 282 29.66 -35.58 14.14
CA SER F 282 28.91 -35.52 12.89
C SER F 282 27.59 -36.27 12.98
N SER F 283 27.45 -37.13 13.99
CA SER F 283 26.21 -37.87 14.20
C SER F 283 25.27 -37.08 15.09
N LYS F 284 25.76 -36.75 16.28
CA LYS F 284 24.98 -36.01 17.29
C LYS F 284 25.50 -34.58 17.46
N PHE F 285 24.71 -33.72 18.09
CA PHE F 285 25.07 -32.31 18.25
C PHE F 285 26.10 -32.05 19.35
N CYS F 286 27.04 -31.15 18.99
CA CYS F 286 28.13 -30.74 19.84
C CYS F 286 28.24 -29.22 19.97
N MET F 287 28.09 -28.78 21.20
CA MET F 287 28.16 -27.39 21.55
C MET F 287 29.51 -26.81 21.20
N PHE F 288 30.55 -27.50 21.64
CA PHE F 288 31.89 -27.01 21.51
C PHE F 288 32.53 -27.40 20.20
N HIS F 289 31.74 -27.88 19.27
CA HIS F 289 32.29 -28.20 17.98
C HIS F 289 31.69 -27.29 16.96
N SER F 290 32.48 -26.78 16.05
CA SER F 290 31.94 -25.82 15.11
C SER F 290 32.23 -26.13 13.65
N LYS F 291 31.22 -25.96 12.81
CA LYS F 291 31.34 -26.25 11.41
C LYS F 291 32.52 -25.46 10.89
N THR F 292 32.55 -24.19 11.26
CA THR F 292 33.64 -23.29 10.86
C THR F 292 34.66 -23.21 12.01
N LYS F 293 34.93 -22.02 12.52
CA LYS F 293 35.80 -21.85 13.67
C LYS F 293 35.08 -21.02 14.73
N ASP F 294 35.04 -21.55 15.94
CA ASP F 294 34.66 -20.83 17.15
C ASP F 294 33.29 -20.20 17.17
N LEU F 295 32.29 -20.89 16.64
CA LEU F 295 30.93 -20.38 16.68
C LEU F 295 30.29 -20.57 18.06
N LEU F 296 29.76 -19.47 18.62
CA LEU F 296 29.16 -19.41 19.96
C LEU F 296 30.10 -19.72 21.06
N PHE F 297 30.89 -20.78 20.94
CA PHE F 297 31.95 -21.05 21.92
C PHE F 297 33.28 -21.21 21.24
N ARG F 298 34.35 -21.13 22.01
CA ARG F 298 35.66 -21.52 21.49
C ARG F 298 35.71 -23.07 21.28
N ASP F 299 36.09 -23.47 20.07
CA ASP F 299 36.24 -24.89 19.70
C ASP F 299 37.16 -25.68 20.58
N ASP F 300 38.06 -25.04 21.27
CA ASP F 300 38.84 -25.74 22.20
C ASP F 300 38.16 -25.75 23.52
N THR F 301 36.91 -25.37 23.60
CA THR F 301 36.25 -25.34 24.90
C THR F 301 36.01 -26.75 25.35
N LYS F 302 36.32 -27.02 26.60
CA LYS F 302 36.19 -28.36 27.16
C LYS F 302 34.99 -28.45 28.02
N CYS F 303 34.90 -27.57 29.01
CA CYS F 303 33.79 -27.52 29.95
C CYS F 303 33.29 -26.11 30.18
N LEU F 304 32.00 -25.97 30.50
CA LEU F 304 31.46 -24.72 31.05
C LEU F 304 31.41 -24.96 32.56
N VAL F 305 32.31 -24.31 33.29
CA VAL F 305 32.37 -24.48 34.73
C VAL F 305 31.83 -23.35 35.57
N ASP F 306 31.13 -23.70 36.63
CA ASP F 306 30.61 -22.78 37.60
C ASP F 306 31.72 -21.85 38.05
N LEU F 307 31.38 -20.60 38.41
CA LEU F 307 32.38 -19.58 38.72
C LEU F 307 32.81 -19.51 40.15
N ARG F 308 32.21 -20.34 40.98
CA ARG F 308 32.52 -20.41 42.41
C ARG F 308 32.69 -19.08 43.12
N GLY F 309 31.68 -18.23 43.02
CA GLY F 309 31.74 -16.96 43.73
C GLY F 309 32.25 -15.78 42.95
N LYS F 310 32.79 -16.03 41.77
CA LYS F 310 33.28 -14.92 40.96
C LYS F 310 32.14 -14.54 40.05
N ASN F 311 31.02 -14.14 40.66
CA ASN F 311 29.76 -13.87 39.96
C ASN F 311 29.68 -12.41 39.50
N THR F 312 30.80 -11.73 39.62
CA THR F 312 30.95 -10.37 39.19
C THR F 312 32.12 -10.20 38.24
N TYR F 313 31.88 -9.44 37.17
CA TYR F 313 32.90 -9.15 36.18
C TYR F 313 34.22 -8.61 36.73
N GLU F 314 34.18 -7.81 37.78
CA GLU F 314 35.43 -7.39 38.39
C GLU F 314 36.04 -8.60 39.07
N LYS F 315 35.20 -9.46 39.59
CA LYS F 315 35.65 -10.61 40.33
C LYS F 315 36.16 -11.67 39.40
N TYR F 316 35.44 -11.89 38.31
CA TYR F 316 35.87 -12.93 37.41
C TYR F 316 37.12 -12.52 36.62
N LEU F 317 37.12 -11.38 35.95
CA LEU F 317 38.29 -10.96 35.18
C LEU F 317 39.52 -10.77 35.99
N GLY F 318 39.35 -10.28 37.20
CA GLY F 318 40.43 -10.14 38.13
C GLY F 318 41.05 -8.78 38.05
N ALA F 319 41.70 -8.41 39.13
CA ALA F 319 42.27 -7.09 39.24
C ALA F 319 43.18 -6.75 38.12
N ASP F 320 44.23 -7.53 37.94
CA ASP F 320 45.24 -7.27 36.90
C ASP F 320 44.61 -6.97 35.56
N TYR F 321 43.64 -7.78 35.16
CA TYR F 321 43.05 -7.55 33.85
C TYR F 321 42.30 -6.25 33.84
N ILE F 322 41.55 -5.99 34.91
CA ILE F 322 40.79 -4.76 35.00
C ILE F 322 41.80 -3.65 34.90
N LYS F 323 42.88 -3.74 35.67
CA LYS F 323 43.78 -2.59 35.70
C LYS F 323 44.30 -2.34 34.30
N ALA F 324 44.58 -3.41 33.57
CA ALA F 324 45.10 -3.24 32.22
C ALA F 324 44.07 -2.62 31.24
N VAL F 325 42.87 -3.15 31.19
CA VAL F 325 41.88 -2.58 30.30
C VAL F 325 41.58 -1.08 30.63
N SER F 326 41.60 -0.74 31.91
CA SER F 326 41.32 0.62 32.32
C SER F 326 42.35 1.56 31.78
N ASN F 327 43.63 1.24 31.96
CA ASN F 327 44.67 2.05 31.36
C ASN F 327 44.44 2.35 29.89
N LEU F 328 43.70 1.51 29.19
CA LEU F 328 43.39 1.71 27.78
C LEU F 328 42.07 2.43 27.55
N ARG F 329 41.42 2.82 28.64
CA ARG F 329 40.08 3.40 28.55
C ARG F 329 40.06 4.59 27.64
N LYS F 330 41.08 5.41 27.77
CA LYS F 330 41.16 6.60 26.97
C LYS F 330 41.22 6.34 25.49
N CYS F 331 41.56 5.14 25.04
CA CYS F 331 41.56 4.88 23.59
C CYS F 331 40.29 4.16 23.11
N SER F 332 39.32 3.92 24.00
CA SER F 332 38.16 3.15 23.60
C SER F 332 37.55 3.86 22.43
N THR F 333 36.77 3.14 21.66
CA THR F 333 36.05 3.67 20.51
C THR F 333 34.77 2.88 20.51
N SER F 334 34.47 2.28 21.65
CA SER F 334 33.28 1.51 21.81
C SER F 334 32.07 2.44 22.11
N ARG F 335 31.14 2.43 21.18
CA ARG F 335 29.97 3.21 21.33
C ARG F 335 29.10 2.65 22.44
N LEU F 336 28.98 1.34 22.55
CA LEU F 336 28.21 0.77 23.65
C LEU F 336 28.77 1.10 25.05
N LEU F 337 30.08 1.15 25.21
CA LEU F 337 30.70 1.42 26.52
C LEU F 337 30.44 2.86 26.96
N GLU F 338 30.47 3.81 26.03
CA GLU F 338 30.20 5.20 26.41
C GLU F 338 28.72 5.33 26.87
N ALA F 339 27.83 4.70 26.11
CA ALA F 339 26.47 4.56 26.44
C ALA F 339 26.36 3.99 27.83
N CYS F 340 27.01 2.88 28.12
CA CYS F 340 26.81 2.30 29.43
C CYS F 340 27.41 3.07 30.53
N THR F 341 28.17 4.10 30.25
CA THR F 341 28.82 4.85 31.32
C THR F 341 28.32 6.30 31.41
N PHE F 342 27.24 6.60 30.70
CA PHE F 342 26.68 7.93 30.72
C PHE F 342 25.98 8.27 32.06
N HIS F 343 25.02 7.47 32.46
CA HIS F 343 24.31 7.77 33.68
C HIS F 343 25.15 8.04 34.92
N LYS F 344 24.85 9.09 35.65
CA LYS F 344 25.53 9.32 36.93
C LYS F 344 24.54 8.98 38.06
N HIS F 345 24.78 7.87 38.76
CA HIS F 345 23.90 7.48 39.86
C HIS F 345 24.41 7.88 41.23
C CO3 G . -13.01 38.41 -0.45
C CO3 G . -13.06 38.29 0.98
O1 CO3 G . -13.91 38.23 -1.32
O1 CO3 G . -13.10 38.54 -0.31
O2 CO3 G . -13.30 38.20 0.82
O2 CO3 G . -14.01 37.68 1.53
O3 CO3 G . -11.81 38.78 -0.82
O3 CO3 G . -12.07 38.68 1.70
FE FE H . -15.34 37.70 0.05
C CO3 I . 11.40 17.81 34.61
C CO3 I . 11.41 19.02 33.85
O1 CO3 I . 12.32 16.99 34.88
O1 CO3 I . 11.48 17.99 34.67
O2 CO3 I . 11.66 18.85 33.84
O2 CO3 I . 12.37 19.26 33.08
O3 CO3 I . 10.19 17.60 35.08
O3 CO3 I . 10.39 19.80 33.84
FE FE J . 13.74 18.03 33.81
C CO3 K . -40.73 11.94 -22.82
O1 CO3 K . -41.23 12.91 -23.57
O2 CO3 K . -41.42 11.54 -21.80
O3 CO3 K . -39.56 11.33 -23.04
FE FE L . -39.88 12.64 -24.84
C CO3 M . 40.80 -13.01 22.14
O1 CO3 M . 41.29 -13.20 23.37
O2 CO3 M . 41.48 -12.26 21.35
O3 CO3 M . 39.66 -13.53 21.68
FE FE N . 39.98 -14.52 23.67
#